data_6II9
#
_entry.id   6II9
#
_cell.length_a   178.457
_cell.length_b   184.906
_cell.length_c   188.990
_cell.angle_alpha   90.00
_cell.angle_beta   106.47
_cell.angle_gamma   90.00
#
_symmetry.space_group_name_H-M   'C 1 2 1'
#
loop_
_entity.id
_entity.type
_entity.pdbx_description
1 polymer Hemagglutinin
2 polymer Hemagglutinin
3 polymer 'Heavy chain of L3A-44 Fab'
4 polymer 'Light chain of L3A-44 Fab'
5 non-polymer 2-acetamido-2-deoxy-beta-D-glucopyranose
#
loop_
_entity_poly.entity_id
_entity_poly.type
_entity_poly.pdbx_seq_one_letter_code
_entity_poly.pdbx_strand_id
1 'polypeptide(L)'
;DKICLGHHAVSNGTKVNTLTERGVEVVNATETVERTNIPRICSKGKRTVDLGQCGLLGTITGPPQCDQFLEFSADLIIER
REGSDVCYPGKFVNEEALRQILRESGGIDKEAMGFTYSGIRTNGATSACRRSGSSFYAEMKWLLSNTDNAAFPQMTKSYK
NTRKSPALIVWGIHHSVSTAEQTKLYGSGNKLVTVGSSNYQQSFVPSPGARPQVNGLSGRIDFHWLMLNPNDTVTFSFNG
AFIAPDRASFLRGKSMGIQSGVQVDANCEGDCYHSGGTIISNLPFQNIDSRAVGKCPRYVKQRSLLLATGMKNVPEI
;
A,C,E
2 'polypeptide(L)'
;GLFGAIAGFIENGWEGLIDGWYGFRHQNAQGEGTAADYKSTQSAIDQITGKLNRLIEKTNQQFELIDNEFNEVEKQIGNV
INWTRDSITEVWSYNAELLVAMENQHTIDLADSEMDKLYERVKRQLRENAEEDGTGCFEIFHKCDDDCMASIRNNTYDHS
KYREEAMQNR
;
B,D,F
3 'polypeptide(L)'
;LQLQEWGAGLLKPSETLSLTCAVYGGSFSGYYWSWIRQPPGKGLEWIGEINHSGGTNYNPSLKSRVTISVDTSNNQFSLK
LSSVTAADTAVYYCARGVWEGSGSDNFDYWGQGTLVTVSSASTKGPSVFPLAPSSKSTSGGTAALGCLVKDYFPEPVTVS
WNSGALTSGVHTFPAVLQSSGLYSLSSVVTVPSSSLGTQTYICNVNHKPSNTKVDKKVEPK
;
H,M,P
4 'polypeptide(L)'
;ALTQPPSVSGAPGQRVTISCTGSSSNIGAGFDVHWYQQLPGTAPKLLIYGNSFRPSGVPDRFSGSKSGTSASLAIAGLQA
EDEADYYCQSYDSSLSGVVFGGGTKLTVLGQPKAAPSVTLFPPSSEELQANKATLVCLISDFYPGAVTVAWKADSSPVKA
GVETTTPSKQSNNKYAASSYLSLTPEQWKSHRSYSCQVTHEGSTVEKTVAPT
;
L,N,Q
#
# COMPACT_ATOMS: atom_id res chain seq x y z
N ASP A 1 71.93 -29.72 -54.02
CA ASP A 1 71.42 -31.08 -54.10
C ASP A 1 69.92 -31.13 -53.72
N LYS A 2 69.47 -30.33 -52.73
CA LYS A 2 68.11 -30.41 -52.20
C LYS A 2 67.53 -29.02 -51.94
N ILE A 3 66.23 -29.00 -51.63
CA ILE A 3 65.49 -27.79 -51.21
C ILE A 3 64.47 -28.19 -50.15
N CYS A 4 64.35 -27.36 -49.11
CA CYS A 4 63.56 -27.72 -47.96
C CYS A 4 62.47 -26.68 -47.73
N LEU A 5 61.32 -27.16 -47.25
CA LEU A 5 60.18 -26.32 -46.91
C LEU A 5 60.03 -26.29 -45.40
N GLY A 6 59.53 -25.16 -44.88
CA GLY A 6 59.39 -25.04 -43.43
C GLY A 6 58.78 -23.71 -43.04
N HIS A 7 58.54 -23.60 -41.74
CA HIS A 7 57.90 -22.47 -41.07
C HIS A 7 58.83 -21.91 -39.99
N HIS A 8 58.35 -20.87 -39.32
CA HIS A 8 59.15 -20.21 -38.29
C HIS A 8 58.70 -20.62 -36.87
N ALA A 9 59.45 -20.12 -35.90
CA ALA A 9 59.20 -20.40 -34.49
C ALA A 9 60.06 -19.45 -33.67
N VAL A 10 59.70 -19.29 -32.39
CA VAL A 10 60.41 -18.39 -31.49
C VAL A 10 60.72 -19.15 -30.20
N SER A 11 61.71 -18.64 -29.46
CA SER A 11 62.09 -19.24 -28.19
C SER A 11 61.18 -18.86 -27.03
N ASN A 12 60.36 -17.82 -27.18
CA ASN A 12 59.42 -17.39 -26.15
C ASN A 12 57.99 -17.60 -26.66
N GLY A 13 57.46 -18.80 -26.39
CA GLY A 13 56.11 -19.11 -26.82
C GLY A 13 55.06 -18.60 -25.85
N THR A 14 53.85 -18.39 -26.38
CA THR A 14 52.70 -17.94 -25.61
C THR A 14 51.65 -19.05 -25.61
N LYS A 15 51.20 -19.45 -24.43
CA LYS A 15 50.32 -20.61 -24.30
C LYS A 15 48.85 -20.22 -24.36
N VAL A 16 48.09 -20.92 -25.20
CA VAL A 16 46.64 -20.74 -25.32
C VAL A 16 45.96 -22.09 -25.11
N ASN A 17 44.63 -22.08 -25.12
CA ASN A 17 43.83 -23.28 -24.92
C ASN A 17 42.93 -23.52 -26.14
N THR A 18 42.79 -24.78 -26.52
CA THR A 18 42.00 -25.19 -27.68
C THR A 18 40.92 -26.18 -27.28
N LEU A 19 40.12 -26.58 -28.26
CA LEU A 19 39.09 -27.61 -28.05
C LEU A 19 39.72 -28.91 -27.59
N THR A 20 40.90 -29.23 -28.11
CA THR A 20 41.46 -30.56 -27.99
C THR A 20 42.65 -30.62 -27.06
N GLU A 21 43.21 -29.48 -26.66
CA GLU A 21 44.39 -29.48 -25.79
C GLU A 21 44.34 -28.25 -24.90
N ARG A 22 44.75 -28.42 -23.66
CA ARG A 22 44.93 -27.31 -22.73
C ARG A 22 46.40 -26.91 -22.74
N GLY A 23 46.64 -25.60 -22.90
CA GLY A 23 48.01 -25.09 -22.87
C GLY A 23 48.86 -25.48 -24.06
N VAL A 24 48.31 -25.41 -25.26
CA VAL A 24 49.11 -25.57 -26.48
C VAL A 24 49.85 -24.28 -26.75
N GLU A 25 51.15 -24.38 -27.04
CA GLU A 25 52.01 -23.21 -27.21
C GLU A 25 51.96 -22.72 -28.66
N VAL A 26 51.72 -21.43 -28.83
CA VAL A 26 51.69 -20.80 -30.15
C VAL A 26 52.64 -19.61 -30.15
N VAL A 27 52.75 -18.97 -31.32
CA VAL A 27 53.75 -17.92 -31.53
C VAL A 27 53.33 -16.64 -30.84
N ASN A 28 52.22 -16.03 -31.28
CA ASN A 28 51.77 -14.74 -30.80
C ASN A 28 50.26 -14.85 -30.60
N ALA A 29 49.78 -14.47 -29.42
CA ALA A 29 48.35 -14.45 -29.12
C ALA A 29 47.98 -13.08 -28.57
N THR A 30 46.69 -12.84 -28.41
CA THR A 30 46.19 -11.58 -27.87
C THR A 30 45.15 -11.83 -26.78
N GLU A 31 44.74 -10.74 -26.13
CA GLU A 31 43.82 -10.79 -25.01
C GLU A 31 42.43 -10.38 -25.47
N THR A 32 41.41 -11.11 -24.99
CA THR A 32 40.02 -10.84 -25.29
C THR A 32 39.22 -10.32 -24.11
N VAL A 33 39.80 -10.28 -22.91
CA VAL A 33 39.12 -9.93 -21.67
C VAL A 33 39.82 -8.69 -21.10
N GLU A 34 39.17 -7.54 -21.21
CA GLU A 34 39.80 -6.29 -20.80
C GLU A 34 39.84 -6.18 -19.28
N ARG A 35 41.02 -5.81 -18.74
CA ARG A 35 41.15 -5.47 -17.33
C ARG A 35 41.74 -4.08 -17.12
N THR A 36 42.14 -3.38 -18.17
CA THR A 36 42.71 -2.04 -18.05
C THR A 36 41.57 -1.07 -17.76
N ASN A 37 41.51 -0.61 -16.52
CA ASN A 37 40.53 0.33 -16.04
C ASN A 37 41.15 1.72 -15.96
N ILE A 38 40.34 2.75 -16.21
CA ILE A 38 40.72 4.13 -16.00
C ILE A 38 40.07 4.62 -14.70
N PRO A 39 40.85 4.99 -13.69
CA PRO A 39 40.27 5.34 -12.39
C PRO A 39 39.71 6.77 -12.33
N ARG A 40 38.90 7.12 -13.33
CA ARG A 40 38.26 8.42 -13.42
C ARG A 40 36.96 8.26 -14.20
N ILE A 41 36.13 9.30 -14.16
CA ILE A 41 34.92 9.38 -14.96
C ILE A 41 35.25 10.22 -16.19
N CYS A 42 35.29 9.58 -17.35
CA CYS A 42 35.68 10.24 -18.58
C CYS A 42 34.45 10.83 -19.26
N SER A 43 34.45 12.15 -19.44
CA SER A 43 33.23 12.87 -19.81
C SER A 43 33.48 13.84 -20.97
N LYS A 44 34.37 13.50 -21.90
CA LYS A 44 34.60 14.36 -23.03
C LYS A 44 33.33 14.47 -23.86
N GLY A 45 32.83 15.69 -24.02
CA GLY A 45 31.65 15.92 -24.85
C GLY A 45 30.35 15.53 -24.21
N LYS A 46 30.22 15.71 -22.89
CA LYS A 46 29.01 15.39 -22.15
C LYS A 46 28.79 16.42 -21.05
N ARG A 47 27.59 17.00 -21.02
CA ARG A 47 27.19 17.84 -19.90
C ARG A 47 27.04 16.97 -18.66
N THR A 48 27.94 17.13 -17.69
CA THR A 48 27.92 16.32 -16.48
C THR A 48 27.54 17.14 -15.27
N VAL A 49 26.87 16.48 -14.33
CA VAL A 49 26.46 17.07 -13.06
C VAL A 49 26.99 16.17 -11.96
N ASP A 50 28.01 16.64 -11.23
CA ASP A 50 28.54 15.89 -10.09
C ASP A 50 27.72 16.29 -8.87
N LEU A 51 26.68 15.51 -8.57
CA LEU A 51 25.74 15.92 -7.53
C LEU A 51 26.46 16.12 -6.20
N GLY A 52 27.37 15.23 -5.87
CA GLY A 52 28.03 15.36 -4.58
C GLY A 52 27.03 15.10 -3.47
N GLN A 53 27.02 16.00 -2.48
CA GLN A 53 26.18 15.82 -1.31
C GLN A 53 24.70 15.92 -1.63
N CYS A 54 24.35 16.55 -2.76
CA CYS A 54 22.96 16.62 -3.17
C CYS A 54 22.49 15.27 -3.70
N GLY A 55 21.40 14.75 -3.12
CA GLY A 55 20.80 13.54 -3.62
C GLY A 55 19.98 13.83 -4.86
N LEU A 56 19.78 12.78 -5.68
CA LEU A 56 19.09 13.01 -6.95
C LEU A 56 17.63 13.40 -6.73
N LEU A 57 16.96 12.76 -5.77
CA LEU A 57 15.57 13.11 -5.47
C LEU A 57 15.46 14.48 -4.84
N GLY A 58 16.48 14.92 -4.10
CA GLY A 58 16.48 16.25 -3.53
C GLY A 58 16.51 17.38 -4.55
N THR A 59 16.79 17.08 -5.81
CA THR A 59 16.65 18.09 -6.86
C THR A 59 15.19 18.44 -7.12
N ILE A 60 14.25 17.61 -6.67
CA ILE A 60 12.83 17.93 -6.77
C ILE A 60 12.35 18.73 -5.58
N THR A 61 12.60 18.22 -4.36
CA THR A 61 12.14 18.88 -3.14
C THR A 61 12.98 20.11 -2.79
N GLY A 62 14.29 20.03 -2.95
CA GLY A 62 15.16 21.16 -2.74
C GLY A 62 15.56 21.40 -1.30
N PRO A 63 16.25 20.45 -0.66
CA PRO A 63 16.96 20.76 0.57
C PRO A 63 18.14 21.66 0.30
N PRO A 64 18.79 22.20 1.34
CA PRO A 64 19.87 23.19 1.10
C PRO A 64 20.98 22.68 0.18
N GLN A 65 21.47 21.46 0.44
CA GLN A 65 22.55 20.90 -0.36
C GLN A 65 22.21 20.87 -1.85
N CYS A 66 20.94 20.90 -2.21
CA CYS A 66 20.51 20.77 -3.59
C CYS A 66 20.12 22.10 -4.22
N ASP A 67 20.35 23.22 -3.53
CA ASP A 67 20.00 24.51 -4.11
C ASP A 67 20.65 24.72 -5.47
N GLN A 68 21.89 24.26 -5.62
CA GLN A 68 22.65 24.48 -6.84
C GLN A 68 22.19 23.61 -7.99
N PHE A 69 21.26 22.69 -7.77
CA PHE A 69 20.83 21.78 -8.83
C PHE A 69 19.33 21.84 -9.10
N LEU A 70 18.66 22.89 -8.62
CA LEU A 70 17.20 22.91 -8.69
C LEU A 70 16.72 22.75 -10.13
N GLU A 71 17.42 23.38 -11.07
CA GLU A 71 17.05 23.28 -12.47
C GLU A 71 18.24 22.82 -13.28
N PHE A 72 18.92 21.77 -12.80
CA PHE A 72 20.09 21.31 -13.53
C PHE A 72 19.68 20.78 -14.90
N SER A 73 20.70 20.57 -15.73
CA SER A 73 20.51 20.03 -17.07
C SER A 73 21.81 19.30 -17.41
N ALA A 74 21.67 18.05 -17.84
CA ALA A 74 22.85 17.23 -18.09
C ALA A 74 22.52 16.12 -19.08
N ASP A 75 23.58 15.56 -19.68
CA ASP A 75 23.51 14.30 -20.41
C ASP A 75 24.03 13.12 -19.60
N LEU A 76 24.88 13.38 -18.60
CA LEU A 76 25.43 12.35 -17.72
C LEU A 76 25.28 12.83 -16.29
N ILE A 77 24.50 12.09 -15.49
CA ILE A 77 24.21 12.47 -14.10
C ILE A 77 24.99 11.54 -13.19
N ILE A 78 25.88 12.11 -12.37
CA ILE A 78 26.78 11.35 -11.51
C ILE A 78 26.30 11.47 -10.07
N GLU A 79 25.92 10.33 -9.48
CA GLU A 79 25.54 10.24 -8.07
C GLU A 79 26.76 9.91 -7.20
N ARG A 80 26.67 10.27 -5.93
CA ARG A 80 27.71 10.01 -4.96
C ARG A 80 27.12 9.32 -3.75
N ARG A 81 27.98 8.67 -2.96
CA ARG A 81 27.50 8.01 -1.76
C ARG A 81 27.06 9.00 -0.69
N GLU A 82 27.65 10.20 -0.68
CA GLU A 82 27.33 11.22 0.34
C GLU A 82 26.05 11.99 0.05
N GLY A 83 25.34 11.67 -1.03
CA GLY A 83 24.10 12.36 -1.34
C GLY A 83 23.05 12.15 -0.26
N SER A 84 22.21 13.16 -0.08
CA SER A 84 21.15 13.15 0.92
C SER A 84 19.90 13.74 0.29
N ASP A 85 18.92 12.89 -0.03
CA ASP A 85 17.71 13.37 -0.70
C ASP A 85 16.84 14.26 0.17
N VAL A 86 17.11 14.34 1.47
CA VAL A 86 16.23 15.04 2.41
C VAL A 86 17.06 15.88 3.38
N CYS A 87 16.40 16.90 3.93
CA CYS A 87 16.91 17.64 5.08
C CYS A 87 16.04 17.42 6.31
N TYR A 88 14.74 17.72 6.20
CA TYR A 88 13.77 17.16 7.14
C TYR A 88 13.58 15.67 6.80
N PRO A 89 13.73 14.77 7.77
CA PRO A 89 13.70 13.33 7.45
C PRO A 89 12.41 12.90 6.75
N GLY A 90 12.54 11.83 5.97
CA GLY A 90 11.42 11.28 5.22
C GLY A 90 11.94 10.38 4.11
N LYS A 91 10.99 9.92 3.28
CA LYS A 91 11.36 9.12 2.12
C LYS A 91 10.24 9.09 1.10
N PHE A 92 10.64 9.03 -0.18
CA PHE A 92 9.71 8.95 -1.29
C PHE A 92 9.12 7.56 -1.42
N VAL A 93 7.87 7.49 -1.80
CA VAL A 93 7.26 6.20 -2.14
C VAL A 93 7.65 5.85 -3.57
N ASN A 94 7.92 4.56 -3.82
CA ASN A 94 8.47 4.12 -5.11
C ASN A 94 9.66 4.98 -5.50
N GLU A 95 10.62 5.09 -4.58
CA GLU A 95 11.71 6.05 -4.76
C GLU A 95 12.67 5.59 -5.84
N GLU A 96 12.86 4.28 -5.98
CA GLU A 96 13.79 3.82 -7.00
C GLU A 96 13.20 4.01 -8.39
N ALA A 97 11.88 3.88 -8.53
CA ALA A 97 11.25 4.12 -9.82
C ALA A 97 11.44 5.58 -10.26
N LEU A 98 11.18 6.52 -9.35
CA LEU A 98 11.40 7.93 -9.68
C LEU A 98 12.87 8.22 -9.90
N ARG A 99 13.77 7.49 -9.22
CA ARG A 99 15.19 7.61 -9.51
C ARG A 99 15.51 7.20 -10.95
N GLN A 100 15.04 6.01 -11.35
CA GLN A 100 15.25 5.56 -12.72
C GLN A 100 14.64 6.52 -13.73
N ILE A 101 13.53 7.18 -13.37
CA ILE A 101 12.97 8.22 -14.24
C ILE A 101 13.92 9.39 -14.39
N LEU A 102 14.39 9.93 -13.26
CA LEU A 102 15.21 11.13 -13.30
C LEU A 102 16.61 10.87 -13.84
N ARG A 103 17.06 9.61 -13.84
CA ARG A 103 18.38 9.32 -14.39
C ARG A 103 18.41 9.49 -15.90
N GLU A 104 17.33 9.10 -16.58
CA GLU A 104 17.18 9.30 -18.02
C GLU A 104 16.33 10.53 -18.34
N SER A 105 16.44 11.59 -17.53
CA SER A 105 15.60 12.78 -17.66
C SER A 105 16.27 13.92 -18.41
N GLY A 106 17.60 13.95 -18.46
CA GLY A 106 18.30 15.04 -19.11
C GLY A 106 18.36 16.33 -18.32
N GLY A 107 17.92 16.30 -17.07
CA GLY A 107 17.73 17.50 -16.28
C GLY A 107 16.25 17.79 -16.05
N ILE A 108 16.01 18.84 -15.27
CA ILE A 108 14.65 19.26 -14.93
C ILE A 108 14.54 20.77 -15.09
N ASP A 109 13.36 21.20 -15.53
CA ASP A 109 12.96 22.60 -15.58
C ASP A 109 11.79 22.74 -14.63
N LYS A 110 11.88 23.68 -13.69
CA LYS A 110 10.82 23.91 -12.73
C LYS A 110 9.86 24.99 -13.21
N GLU A 111 8.63 24.93 -12.71
CA GLU A 111 7.62 25.92 -13.02
C GLU A 111 6.72 26.14 -11.81
N ALA A 112 6.44 27.40 -11.52
CA ALA A 112 5.61 27.70 -10.35
C ALA A 112 4.23 27.07 -10.50
N MET A 113 3.78 26.40 -9.43
CA MET A 113 2.43 25.89 -9.37
C MET A 113 1.41 27.02 -9.31
N GLY A 114 1.80 28.15 -8.73
CA GLY A 114 0.92 29.30 -8.66
C GLY A 114 -0.08 29.24 -7.52
N PHE A 115 0.26 28.54 -6.45
CA PHE A 115 -0.64 28.43 -5.32
C PHE A 115 -0.60 29.70 -4.46
N THR A 116 -1.75 30.03 -3.88
CA THR A 116 -1.96 31.24 -3.10
C THR A 116 -2.69 30.84 -1.83
N TYR A 117 -2.12 31.19 -0.67
CA TYR A 117 -2.71 30.77 0.60
C TYR A 117 -3.20 31.96 1.39
N SER A 118 -4.33 31.76 2.08
CA SER A 118 -4.95 32.80 2.88
C SER A 118 -5.43 32.22 4.21
N GLY A 119 -5.23 32.98 5.28
CA GLY A 119 -5.70 32.57 6.58
C GLY A 119 -4.96 31.41 7.21
N ILE A 120 -3.73 31.15 6.78
CA ILE A 120 -2.86 30.14 7.38
C ILE A 120 -1.43 30.69 7.41
N ARG A 121 -0.50 29.88 7.90
CA ARG A 121 0.92 30.17 7.85
C ARG A 121 1.58 29.32 6.77
N THR A 122 2.45 29.94 5.97
CA THR A 122 3.16 29.23 4.92
C THR A 122 4.67 29.26 5.13
N ASN A 123 5.10 29.46 6.37
CA ASN A 123 6.52 29.61 6.67
C ASN A 123 7.02 28.57 7.67
N GLY A 124 6.33 27.44 7.79
CA GLY A 124 6.83 26.36 8.62
C GLY A 124 8.23 26.02 8.18
N ALA A 125 9.18 26.02 9.11
CA ALA A 125 10.59 25.79 8.79
C ALA A 125 11.16 24.89 9.86
N THR A 126 12.48 24.66 9.77
CA THR A 126 13.17 23.82 10.74
C THR A 126 14.63 24.21 10.75
N SER A 127 15.31 23.85 11.84
CA SER A 127 16.75 24.04 11.94
C SER A 127 17.56 22.93 11.26
N ALA A 128 16.90 21.84 10.83
CA ALA A 128 17.61 20.79 10.11
C ALA A 128 17.87 21.16 8.66
N CYS A 129 17.22 22.20 8.15
CA CYS A 129 17.44 22.68 6.78
C CYS A 129 17.99 24.10 6.88
N ARG A 130 19.30 24.22 7.08
CA ARG A 130 19.88 25.51 7.43
C ARG A 130 20.13 26.37 6.18
N ARG A 131 19.58 27.58 6.18
CA ARG A 131 19.92 28.64 5.23
C ARG A 131 19.96 29.92 6.05
N SER A 132 21.14 30.24 6.60
CA SER A 132 21.31 31.37 7.51
C SER A 132 20.24 31.33 8.61
N GLY A 133 20.21 30.21 9.33
CA GLY A 133 19.14 29.93 10.27
C GLY A 133 18.07 29.04 9.65
N SER A 134 17.02 28.78 10.44
CA SER A 134 16.01 27.79 10.07
C SER A 134 15.35 28.11 8.73
N SER A 135 15.02 27.06 7.98
CA SER A 135 14.37 27.18 6.68
C SER A 135 13.85 25.78 6.32
N PHE A 136 13.32 25.64 5.11
CA PHE A 136 12.60 24.43 4.72
C PHE A 136 13.02 24.05 3.30
N TYR A 137 12.34 23.05 2.74
CA TYR A 137 12.58 22.67 1.35
C TYR A 137 12.31 23.84 0.43
N ALA A 138 13.15 23.97 -0.61
CA ALA A 138 13.07 25.13 -1.48
C ALA A 138 11.79 25.13 -2.29
N GLU A 139 11.37 23.97 -2.80
CA GLU A 139 10.24 23.88 -3.71
C GLU A 139 8.95 23.45 -3.01
N MET A 140 8.94 23.46 -1.69
CA MET A 140 7.76 23.10 -0.92
C MET A 140 7.49 24.17 0.12
N LYS A 141 6.30 24.08 0.72
CA LYS A 141 5.95 24.96 1.82
C LYS A 141 5.22 24.15 2.88
N TRP A 142 5.55 24.42 4.14
CA TRP A 142 5.02 23.70 5.29
C TRP A 142 3.75 24.43 5.75
N LEU A 143 2.58 23.87 5.43
CA LEU A 143 1.33 24.60 5.67
C LEU A 143 0.91 24.45 7.13
N LEU A 144 0.87 25.56 7.86
CA LEU A 144 0.62 25.63 9.28
C LEU A 144 -0.67 26.40 9.58
N SER A 145 -1.26 26.13 10.75
CA SER A 145 -2.41 26.94 11.17
C SER A 145 -1.93 28.34 11.56
N ASN A 146 -2.87 29.30 11.46
CA ASN A 146 -2.53 30.70 11.60
C ASN A 146 -2.01 31.02 13.00
N THR A 147 -2.42 30.24 14.00
CA THR A 147 -1.79 30.31 15.32
C THR A 147 -1.84 28.94 15.95
N ASP A 148 -0.96 28.72 16.93
CA ASP A 148 -0.80 27.40 17.52
C ASP A 148 -2.12 26.88 18.06
N ASN A 149 -2.39 25.61 17.77
CA ASN A 149 -3.57 24.82 18.15
C ASN A 149 -4.86 25.28 17.47
N ALA A 150 -4.82 26.34 16.67
CA ALA A 150 -6.04 26.82 16.01
C ALA A 150 -6.48 25.84 14.93
N ALA A 151 -7.79 25.81 14.69
CA ALA A 151 -8.33 24.90 13.68
C ALA A 151 -7.81 25.28 12.30
N PHE A 152 -7.37 24.27 11.56
CA PHE A 152 -6.91 24.47 10.20
C PHE A 152 -8.12 24.50 9.26
N PRO A 153 -8.32 25.59 8.52
CA PRO A 153 -9.46 25.64 7.57
C PRO A 153 -9.28 24.64 6.44
N GLN A 154 -10.34 23.86 6.18
CA GLN A 154 -10.30 22.94 5.04
C GLN A 154 -10.08 23.72 3.75
N MET A 155 -9.18 23.21 2.92
CA MET A 155 -8.75 23.93 1.72
C MET A 155 -8.83 23.00 0.54
N THR A 156 -8.79 23.60 -0.65
CA THR A 156 -8.68 22.86 -1.91
C THR A 156 -7.89 23.73 -2.89
N LYS A 157 -6.81 23.20 -3.43
CA LYS A 157 -6.01 23.91 -4.41
C LYS A 157 -5.85 23.03 -5.65
N SER A 158 -5.70 23.65 -6.81
CA SER A 158 -5.70 22.93 -8.08
C SER A 158 -4.69 23.53 -9.04
N TYR A 159 -4.17 22.68 -9.92
CA TYR A 159 -3.16 23.08 -10.90
C TYR A 159 -3.42 22.36 -12.20
N LYS A 160 -3.32 23.08 -13.31
CA LYS A 160 -3.43 22.49 -14.64
C LYS A 160 -2.06 22.46 -15.30
N ASN A 161 -1.77 21.36 -15.99
CA ASN A 161 -0.52 21.19 -16.74
C ASN A 161 -0.75 21.69 -18.17
N THR A 162 -0.37 22.94 -18.41
CA THR A 162 -0.55 23.53 -19.73
C THR A 162 0.49 23.04 -20.75
N ARG A 163 1.67 22.61 -20.29
CA ARG A 163 2.79 22.28 -21.16
C ARG A 163 2.57 20.93 -21.87
N LYS A 164 3.42 20.67 -22.86
CA LYS A 164 3.26 19.53 -23.76
C LYS A 164 3.85 18.22 -23.20
N SER A 165 4.85 18.30 -22.28
CA SER A 165 5.40 17.13 -21.60
C SER A 165 4.77 16.95 -20.23
N PRO A 166 4.70 15.72 -19.72
CA PRO A 166 4.10 15.50 -18.39
C PRO A 166 4.91 16.17 -17.28
N ALA A 167 4.22 16.42 -16.16
CA ALA A 167 4.78 17.13 -15.02
C ALA A 167 5.03 16.18 -13.84
N LEU A 168 6.02 16.53 -13.03
CA LEU A 168 6.36 15.76 -11.84
C LEU A 168 5.82 16.52 -10.63
N ILE A 169 4.68 16.07 -10.10
CA ILE A 169 4.06 16.67 -8.93
C ILE A 169 4.47 15.87 -7.70
N VAL A 170 5.11 16.53 -6.75
CA VAL A 170 5.56 15.89 -5.52
C VAL A 170 4.99 16.65 -4.34
N TRP A 171 4.29 15.96 -3.46
CA TRP A 171 3.80 16.56 -2.24
C TRP A 171 4.21 15.71 -1.05
N GLY A 172 3.95 16.22 0.14
CA GLY A 172 4.36 15.54 1.36
C GLY A 172 3.25 15.50 2.38
N ILE A 173 3.08 14.32 2.99
CA ILE A 173 2.24 14.13 4.17
C ILE A 173 3.14 14.20 5.40
N HIS A 174 2.77 15.02 6.37
CA HIS A 174 3.62 15.24 7.55
C HIS A 174 3.13 14.42 8.73
N HIS A 175 4.00 13.53 9.21
CA HIS A 175 3.75 12.71 10.40
C HIS A 175 4.49 13.35 11.57
N SER A 176 3.73 14.00 12.45
CA SER A 176 4.29 14.75 13.57
C SER A 176 4.76 13.79 14.67
N VAL A 177 5.67 14.30 15.50
CA VAL A 177 6.27 13.51 16.57
C VAL A 177 5.18 12.89 17.44
N SER A 178 4.26 13.72 17.92
CA SER A 178 3.20 13.31 18.82
C SER A 178 1.87 13.84 18.30
N THR A 179 0.79 13.19 18.71
CA THR A 179 -0.54 13.72 18.46
C THR A 179 -0.64 15.15 18.95
N ALA A 180 0.01 15.45 20.08
CA ALA A 180 0.02 16.79 20.64
C ALA A 180 0.67 17.79 19.66
N GLU A 181 1.84 17.44 19.13
CA GLU A 181 2.49 18.33 18.16
C GLU A 181 1.63 18.50 16.92
N GLN A 182 0.98 17.41 16.47
CA GLN A 182 0.10 17.51 15.31
C GLN A 182 -1.01 18.53 15.55
N THR A 183 -1.66 18.45 16.71
CA THR A 183 -2.69 19.46 17.01
C THR A 183 -2.10 20.83 17.30
N LYS A 184 -0.78 20.94 17.53
CA LYS A 184 -0.19 22.26 17.68
C LYS A 184 0.02 22.92 16.32
N LEU A 185 0.44 22.15 15.32
CA LEU A 185 0.76 22.73 14.02
C LEU A 185 -0.50 22.90 13.16
N TYR A 186 -1.43 21.96 13.26
CA TYR A 186 -2.57 21.91 12.35
C TYR A 186 -3.92 21.90 13.07
N GLY A 187 -3.94 22.11 14.38
CA GLY A 187 -5.18 22.09 15.13
C GLY A 187 -5.65 20.68 15.45
N SER A 188 -6.57 20.61 16.40
CA SER A 188 -7.08 19.32 16.86
C SER A 188 -7.94 18.66 15.78
N GLY A 189 -8.36 17.43 16.07
CA GLY A 189 -9.27 16.73 15.20
C GLY A 189 -8.57 15.90 14.15
N ASN A 190 -9.33 14.98 13.54
CA ASN A 190 -8.79 14.10 12.51
C ASN A 190 -8.33 14.91 11.30
N LYS A 191 -7.25 14.45 10.68
CA LYS A 191 -6.71 15.10 9.49
C LYS A 191 -6.80 14.18 8.29
N LEU A 192 -7.01 14.79 7.12
CA LEU A 192 -7.15 14.05 5.88
C LEU A 192 -6.66 14.93 4.74
N VAL A 193 -5.92 14.32 3.82
CA VAL A 193 -5.46 14.98 2.61
C VAL A 193 -5.79 14.06 1.44
N THR A 194 -6.64 14.55 0.53
CA THR A 194 -7.03 13.82 -0.67
C THR A 194 -6.40 14.47 -1.90
N VAL A 195 -5.93 13.65 -2.82
CA VAL A 195 -5.26 14.11 -4.03
C VAL A 195 -5.99 13.53 -5.24
N GLY A 196 -6.35 14.40 -6.18
CA GLY A 196 -7.18 14.00 -7.31
C GLY A 196 -6.63 14.39 -8.66
N SER A 197 -6.68 13.44 -9.60
CA SER A 197 -6.38 13.70 -11.00
C SER A 197 -7.24 12.75 -11.82
N SER A 198 -7.04 12.78 -13.14
CA SER A 198 -7.92 12.03 -14.03
C SER A 198 -7.81 10.53 -13.78
N ASN A 199 -6.61 10.04 -13.45
CA ASN A 199 -6.37 8.62 -13.19
C ASN A 199 -5.67 8.38 -11.85
N TYR A 200 -6.01 9.17 -10.84
CA TYR A 200 -5.39 8.98 -9.52
C TYR A 200 -6.34 9.58 -8.48
N GLN A 201 -6.65 8.82 -7.42
CA GLN A 201 -7.41 9.42 -6.33
C GLN A 201 -7.03 8.63 -5.07
N GLN A 202 -6.10 9.18 -4.28
CA GLN A 202 -5.71 8.60 -3.01
C GLN A 202 -5.88 9.63 -1.91
N SER A 203 -6.09 9.12 -0.70
CA SER A 203 -6.34 9.95 0.46
C SER A 203 -5.45 9.49 1.59
N PHE A 204 -4.74 10.42 2.21
CA PHE A 204 -3.73 10.09 3.19
C PHE A 204 -4.14 10.60 4.56
N VAL A 205 -3.94 9.76 5.57
CA VAL A 205 -4.17 10.11 6.97
C VAL A 205 -2.81 10.11 7.66
N PRO A 206 -2.43 11.18 8.36
CA PRO A 206 -1.12 11.18 9.02
C PRO A 206 -1.10 10.19 10.17
N SER A 207 0.01 9.44 10.25
CA SER A 207 0.31 8.54 11.36
C SER A 207 1.36 9.17 12.27
N PRO A 208 0.96 9.95 13.27
CA PRO A 208 1.94 10.55 14.18
C PRO A 208 2.48 9.52 15.16
N GLY A 209 3.64 9.83 15.71
CA GLY A 209 4.37 8.89 16.52
C GLY A 209 5.86 9.18 16.45
N ALA A 210 6.60 8.56 17.35
CA ALA A 210 8.03 8.81 17.45
C ALA A 210 8.82 7.87 16.54
N ARG A 211 9.73 8.44 15.76
CA ARG A 211 10.72 7.71 14.97
C ARG A 211 12.11 8.16 15.43
N PRO A 212 13.14 7.32 15.24
CA PRO A 212 14.46 7.63 15.82
C PRO A 212 15.02 8.93 15.26
N GLN A 213 15.91 9.55 16.05
CA GLN A 213 16.40 10.89 15.76
C GLN A 213 17.30 10.89 14.53
N VAL A 214 16.95 11.75 13.56
CA VAL A 214 17.69 11.92 12.32
C VAL A 214 17.70 13.40 11.99
N ASN A 215 18.89 13.97 11.82
CA ASN A 215 19.04 15.43 11.80
C ASN A 215 18.44 16.09 13.02
N GLY A 216 18.33 15.33 14.12
CA GLY A 216 17.78 15.84 15.35
C GLY A 216 16.27 15.90 15.40
N LEU A 217 15.58 15.12 14.58
CA LEU A 217 14.13 15.17 14.47
C LEU A 217 13.55 13.76 14.52
N SER A 218 12.30 13.67 14.97
CA SER A 218 11.63 12.39 15.18
C SER A 218 10.35 12.22 14.37
N GLY A 219 9.82 13.29 13.78
CA GLY A 219 8.72 13.17 12.85
C GLY A 219 9.19 13.02 11.41
N ARG A 220 8.35 12.41 10.59
CA ARG A 220 8.77 12.04 9.24
C ARG A 220 7.81 12.62 8.21
N ILE A 221 8.32 12.85 7.01
CA ILE A 221 7.52 13.34 5.90
C ILE A 221 7.45 12.22 4.86
N ASP A 222 6.24 11.78 4.52
CA ASP A 222 6.04 10.80 3.47
C ASP A 222 5.85 11.55 2.16
N PHE A 223 6.84 11.42 1.25
CA PHE A 223 6.81 12.09 -0.04
C PHE A 223 6.13 11.22 -1.07
N HIS A 224 5.04 11.72 -1.64
CA HIS A 224 4.41 11.09 -2.79
C HIS A 224 4.66 11.91 -4.04
N TRP A 225 4.56 11.24 -5.18
CA TRP A 225 4.83 11.86 -6.47
C TRP A 225 3.92 11.23 -7.51
N LEU A 226 3.52 12.03 -8.50
CA LEU A 226 2.91 11.43 -9.68
C LEU A 226 3.24 12.29 -10.89
N MET A 227 2.96 11.71 -12.05
CA MET A 227 3.13 12.39 -13.32
C MET A 227 1.77 12.91 -13.78
N LEU A 228 1.61 14.23 -13.85
CA LEU A 228 0.40 14.86 -14.37
C LEU A 228 0.50 14.99 -15.89
N ASN A 229 -0.45 14.38 -16.60
CA ASN A 229 -0.44 14.39 -18.04
C ASN A 229 -0.70 15.79 -18.59
N PRO A 230 -0.35 16.03 -19.86
CA PRO A 230 -0.67 17.32 -20.47
C PRO A 230 -2.16 17.58 -20.49
N ASN A 231 -2.53 18.85 -20.27
CA ASN A 231 -3.92 19.32 -20.22
C ASN A 231 -4.71 18.74 -19.05
N ASP A 232 -4.05 18.03 -18.14
CA ASP A 232 -4.71 17.45 -16.98
C ASP A 232 -4.66 18.39 -15.79
N THR A 233 -5.54 18.15 -14.81
CA THR A 233 -5.68 18.98 -13.63
C THR A 233 -5.51 18.11 -12.39
N VAL A 234 -4.68 18.56 -11.44
CA VAL A 234 -4.53 17.91 -10.15
C VAL A 234 -5.15 18.80 -9.09
N THR A 235 -5.66 18.19 -8.02
CA THR A 235 -6.43 18.89 -7.00
C THR A 235 -6.08 18.32 -5.63
N PHE A 236 -5.36 19.10 -4.82
CA PHE A 236 -5.08 18.74 -3.43
C PHE A 236 -6.15 19.37 -2.55
N SER A 237 -7.02 18.56 -1.98
CA SER A 237 -7.89 18.99 -0.90
C SER A 237 -7.25 18.57 0.42
N PHE A 238 -7.19 19.47 1.39
CA PHE A 238 -6.46 19.09 2.60
C PHE A 238 -7.00 19.79 3.83
N ASN A 239 -6.67 19.19 4.98
CA ASN A 239 -7.19 19.53 6.30
C ASN A 239 -6.09 20.05 7.21
N GLY A 240 -4.92 20.28 6.68
CA GLY A 240 -3.71 20.46 7.48
C GLY A 240 -2.80 19.25 7.36
N ALA A 241 -1.63 19.37 8.01
CA ALA A 241 -0.60 18.33 7.94
C ALA A 241 -0.14 18.12 6.50
N PHE A 242 -0.10 19.22 5.75
CA PHE A 242 0.22 19.17 4.33
C PHE A 242 1.53 19.90 4.08
N ILE A 243 2.47 19.19 3.46
CA ILE A 243 3.64 19.78 2.83
C ILE A 243 3.27 19.97 1.37
N ALA A 244 3.06 21.22 0.98
CA ALA A 244 2.50 21.53 -0.33
C ALA A 244 3.60 21.81 -1.34
N PRO A 245 3.43 21.34 -2.57
CA PRO A 245 4.36 21.72 -3.64
C PRO A 245 4.25 23.19 -3.98
N ASP A 246 5.33 23.73 -4.50
CA ASP A 246 5.32 25.09 -5.06
C ASP A 246 5.74 25.14 -6.50
N ARG A 247 6.47 24.13 -7.00
CA ARG A 247 6.91 24.09 -8.38
C ARG A 247 6.84 22.66 -8.89
N ALA A 248 6.32 22.51 -10.10
CA ALA A 248 6.32 21.24 -10.80
C ALA A 248 7.61 21.10 -11.61
N SER A 249 8.08 19.86 -11.70
CA SER A 249 9.29 19.55 -12.46
C SER A 249 8.90 18.94 -13.80
N PHE A 250 9.52 19.44 -14.87
CA PHE A 250 9.36 18.94 -16.22
C PHE A 250 10.70 18.41 -16.70
N LEU A 251 10.68 17.23 -17.33
CA LEU A 251 11.91 16.60 -17.76
C LEU A 251 12.38 17.20 -19.08
N ARG A 252 13.68 17.48 -19.16
CA ARG A 252 14.22 18.18 -20.32
C ARG A 252 14.46 17.29 -21.52
N GLY A 253 14.80 16.02 -21.32
CA GLY A 253 15.20 15.18 -22.44
C GLY A 253 15.72 13.82 -22.06
N LYS A 254 16.91 13.46 -22.56
CA LYS A 254 17.51 12.17 -22.27
C LYS A 254 18.85 12.37 -21.59
N SER A 255 19.23 11.40 -20.76
CA SER A 255 20.52 11.40 -20.06
C SER A 255 20.76 10.00 -19.52
N MET A 256 21.95 9.82 -18.94
CA MET A 256 22.31 8.55 -18.31
C MET A 256 22.83 8.83 -16.91
N GLY A 257 22.36 8.05 -15.94
CA GLY A 257 22.76 8.19 -14.55
C GLY A 257 23.64 7.03 -14.15
N ILE A 258 24.68 7.34 -13.37
CA ILE A 258 25.64 6.35 -12.87
C ILE A 258 25.90 6.64 -11.39
N GLN A 259 26.59 5.70 -10.74
CA GLN A 259 27.03 5.84 -9.36
C GLN A 259 28.53 5.61 -9.33
N SER A 260 29.29 6.57 -8.80
CA SER A 260 30.73 6.46 -8.83
C SER A 260 31.35 7.13 -7.61
N GLY A 261 32.61 6.79 -7.36
CA GLY A 261 33.33 7.43 -6.27
C GLY A 261 34.71 7.94 -6.67
N VAL A 262 34.88 8.31 -7.95
CA VAL A 262 36.16 8.78 -8.47
C VAL A 262 35.97 10.10 -9.21
N GLN A 263 37.08 10.83 -9.33
CA GLN A 263 37.04 12.18 -9.88
C GLN A 263 36.51 12.18 -11.31
N VAL A 264 36.05 13.34 -11.75
CA VAL A 264 35.64 13.53 -13.13
C VAL A 264 36.85 13.93 -13.95
N ASP A 265 36.93 13.40 -15.17
CA ASP A 265 37.97 13.73 -16.12
C ASP A 265 37.27 14.19 -17.40
N ALA A 266 37.53 15.43 -17.81
CA ALA A 266 36.91 15.95 -19.03
C ALA A 266 37.72 15.68 -20.28
N ASN A 267 39.03 15.48 -20.14
CA ASN A 267 39.87 15.25 -21.31
C ASN A 267 39.67 13.85 -21.87
N CYS A 268 39.66 12.85 -21.00
CA CYS A 268 39.44 11.47 -21.41
C CYS A 268 37.99 11.28 -21.88
N GLU A 269 37.79 10.37 -22.82
CA GLU A 269 36.50 10.17 -23.47
C GLU A 269 36.10 8.70 -23.35
N GLY A 270 34.90 8.45 -22.84
CA GLY A 270 34.45 7.09 -22.62
C GLY A 270 32.95 6.96 -22.81
N ASP A 271 32.49 5.69 -22.91
CA ASP A 271 31.07 5.40 -23.01
C ASP A 271 30.66 4.17 -22.20
N CYS A 272 31.43 3.81 -21.17
CA CYS A 272 31.10 2.67 -20.33
C CYS A 272 31.64 2.95 -18.93
N TYR A 273 30.75 3.11 -17.95
CA TYR A 273 31.14 3.55 -16.63
C TYR A 273 30.82 2.49 -15.59
N HIS A 274 31.43 2.65 -14.42
CA HIS A 274 31.10 1.86 -13.23
C HIS A 274 31.58 2.63 -12.00
N SER A 275 31.34 2.05 -10.82
CA SER A 275 31.67 2.75 -9.59
C SER A 275 33.16 3.08 -9.49
N GLY A 276 34.01 2.30 -10.16
CA GLY A 276 35.46 2.44 -10.09
C GLY A 276 36.12 3.23 -11.21
N GLY A 277 35.33 3.63 -12.21
CA GLY A 277 35.85 4.45 -13.29
C GLY A 277 35.20 4.25 -14.64
N THR A 278 36.04 4.18 -15.68
CA THR A 278 35.61 4.09 -17.07
C THR A 278 36.31 2.92 -17.75
N ILE A 279 35.57 2.20 -18.59
CA ILE A 279 36.09 1.07 -19.34
C ILE A 279 36.30 1.54 -20.78
N ILE A 280 37.52 1.93 -21.10
CA ILE A 280 37.90 2.23 -22.48
C ILE A 280 38.52 0.96 -23.04
N SER A 281 37.86 0.36 -24.05
CA SER A 281 38.34 -0.88 -24.62
C SER A 281 37.53 -1.24 -25.85
N ASN A 282 38.22 -1.81 -26.85
CA ASN A 282 37.57 -2.39 -28.02
C ASN A 282 37.32 -3.89 -27.87
N LEU A 283 37.94 -4.52 -26.89
CA LEU A 283 37.77 -5.95 -26.66
C LEU A 283 36.31 -6.29 -26.41
N PRO A 284 35.88 -7.53 -26.71
CA PRO A 284 34.47 -7.87 -26.55
C PRO A 284 34.06 -8.27 -25.14
N PHE A 285 35.02 -8.46 -24.22
CA PHE A 285 34.73 -8.92 -22.88
C PHE A 285 35.47 -8.05 -21.86
N GLN A 286 35.09 -8.22 -20.59
CA GLN A 286 35.70 -7.51 -19.48
C GLN A 286 35.50 -8.34 -18.22
N ASN A 287 36.41 -8.16 -17.26
CA ASN A 287 36.35 -8.79 -15.95
C ASN A 287 36.48 -7.75 -14.86
N ILE A 288 35.85 -6.59 -15.07
CA ILE A 288 35.98 -5.45 -14.17
C ILE A 288 34.76 -5.33 -13.25
N ASP A 289 33.58 -5.11 -13.82
CA ASP A 289 32.38 -4.90 -13.01
C ASP A 289 31.17 -5.45 -13.73
N SER A 290 30.45 -6.38 -13.09
CA SER A 290 29.31 -7.00 -13.74
C SER A 290 28.17 -6.01 -13.93
N ARG A 291 28.09 -4.99 -13.07
CA ARG A 291 27.00 -4.02 -13.08
C ARG A 291 27.28 -2.81 -13.95
N ALA A 292 28.37 -2.82 -14.73
CA ALA A 292 28.78 -1.62 -15.46
C ALA A 292 27.72 -1.21 -16.47
N VAL A 293 27.56 0.10 -16.66
CA VAL A 293 26.51 0.62 -17.51
C VAL A 293 27.12 1.43 -18.65
N GLY A 294 26.31 1.64 -19.67
CA GLY A 294 26.76 2.23 -20.91
C GLY A 294 26.97 1.17 -21.97
N LYS A 295 27.54 1.61 -23.09
CA LYS A 295 27.91 0.68 -24.15
C LYS A 295 29.14 -0.11 -23.73
N CYS A 296 28.93 -1.31 -23.17
CA CYS A 296 29.95 -2.02 -22.43
C CYS A 296 30.20 -3.41 -23.01
N PRO A 297 31.46 -3.85 -23.05
CA PRO A 297 31.74 -5.27 -23.31
C PRO A 297 31.11 -6.15 -22.25
N ARG A 298 30.66 -7.33 -22.67
CA ARG A 298 30.00 -8.25 -21.75
C ARG A 298 30.96 -8.74 -20.67
N TYR A 299 30.45 -8.81 -19.43
CA TYR A 299 31.23 -9.28 -18.29
C TYR A 299 31.26 -10.80 -18.25
N VAL A 300 32.48 -11.35 -18.09
CA VAL A 300 32.69 -12.79 -18.00
C VAL A 300 33.53 -13.10 -16.76
N LYS A 301 33.41 -14.34 -16.29
CA LYS A 301 34.11 -14.73 -15.07
C LYS A 301 35.62 -14.80 -15.25
N GLN A 302 36.09 -15.13 -16.46
CA GLN A 302 37.49 -15.47 -16.66
C GLN A 302 38.41 -14.25 -16.54
N ARG A 303 39.53 -14.45 -15.85
CA ARG A 303 40.54 -13.40 -15.75
C ARG A 303 41.14 -13.07 -17.11
N SER A 304 41.40 -14.09 -17.92
CA SER A 304 42.05 -13.91 -19.22
C SER A 304 41.58 -15.01 -20.16
N LEU A 305 41.30 -14.65 -21.41
CA LEU A 305 40.98 -15.60 -22.47
C LEU A 305 41.85 -15.27 -23.68
N LEU A 306 42.90 -16.06 -23.89
CA LEU A 306 43.93 -15.75 -24.88
C LEU A 306 43.53 -16.31 -26.24
N LEU A 307 43.42 -15.43 -27.23
CA LEU A 307 43.07 -15.79 -28.60
C LEU A 307 44.32 -15.89 -29.46
N ALA A 308 44.51 -17.04 -30.10
CA ALA A 308 45.74 -17.28 -30.84
C ALA A 308 45.76 -16.47 -32.12
N THR A 309 46.87 -15.77 -32.35
CA THR A 309 47.11 -15.02 -33.59
C THR A 309 48.39 -15.51 -34.29
N GLY A 310 48.63 -16.83 -34.26
CA GLY A 310 49.84 -17.39 -34.84
C GLY A 310 49.80 -18.90 -34.78
N MET A 311 50.77 -19.51 -35.46
CA MET A 311 50.83 -20.96 -35.58
C MET A 311 51.46 -21.59 -34.35
N LYS A 312 51.44 -22.92 -34.31
CA LYS A 312 52.01 -23.66 -33.19
C LYS A 312 53.52 -23.45 -33.14
N ASN A 313 54.03 -23.16 -31.96
CA ASN A 313 55.47 -22.91 -31.78
C ASN A 313 56.18 -24.24 -31.65
N VAL A 314 56.98 -24.59 -32.65
CA VAL A 314 57.71 -25.85 -32.67
C VAL A 314 59.21 -25.54 -32.76
N PRO A 315 59.90 -25.35 -31.62
CA PRO A 315 61.32 -24.98 -31.69
C PRO A 315 62.25 -26.18 -31.71
N GLU A 316 63.56 -25.95 -31.79
CA GLU A 316 64.53 -27.02 -31.69
C GLU A 316 64.60 -27.54 -30.25
N ILE A 317 64.66 -28.85 -30.10
CA ILE A 317 64.66 -29.48 -28.78
C ILE A 317 66.07 -29.42 -28.15
N GLY B 1 48.78 -30.62 -36.21
CA GLY B 1 47.39 -30.26 -36.43
C GLY B 1 46.65 -31.26 -37.31
N LEU B 2 45.59 -30.78 -37.99
CA LEU B 2 44.83 -31.67 -38.84
C LEU B 2 45.57 -32.07 -40.12
N PHE B 3 46.53 -31.27 -40.55
CA PHE B 3 47.20 -31.52 -41.83
C PHE B 3 48.58 -32.14 -41.66
N GLY B 4 49.02 -32.35 -40.42
CA GLY B 4 50.24 -33.09 -40.14
C GLY B 4 51.51 -32.52 -40.74
N ALA B 5 51.50 -31.24 -41.10
CA ALA B 5 52.72 -30.57 -41.57
C ALA B 5 53.47 -29.92 -40.40
N ILE B 6 52.82 -28.98 -39.73
CA ILE B 6 53.38 -28.38 -38.52
C ILE B 6 53.22 -29.36 -37.37
N ALA B 7 54.30 -29.58 -36.62
CA ALA B 7 54.39 -30.67 -35.64
C ALA B 7 54.10 -32.02 -36.31
N GLY B 8 54.34 -32.12 -37.61
CA GLY B 8 54.10 -33.33 -38.36
C GLY B 8 55.34 -33.81 -39.10
N PHE B 9 55.24 -34.01 -40.42
CA PHE B 9 56.42 -34.51 -41.15
C PHE B 9 57.52 -33.46 -41.25
N ILE B 10 57.20 -32.18 -41.08
CA ILE B 10 58.21 -31.17 -40.81
C ILE B 10 58.44 -31.15 -39.30
N GLU B 11 59.59 -31.70 -38.88
CA GLU B 11 59.82 -31.95 -37.45
C GLU B 11 59.70 -30.67 -36.63
N ASN B 12 60.40 -29.61 -37.03
CA ASN B 12 60.32 -28.35 -36.31
C ASN B 12 60.54 -27.19 -37.27
N GLY B 13 60.25 -25.99 -36.78
CA GLY B 13 60.42 -24.79 -37.56
C GLY B 13 61.75 -24.11 -37.25
N TRP B 14 62.06 -23.11 -38.06
CA TRP B 14 63.36 -22.44 -38.03
C TRP B 14 63.22 -21.16 -37.23
N GLU B 15 63.90 -21.10 -36.08
CA GLU B 15 63.85 -19.92 -35.24
C GLU B 15 64.52 -18.71 -35.89
N GLY B 16 65.25 -18.91 -36.99
CA GLY B 16 65.93 -17.82 -37.67
C GLY B 16 65.13 -17.14 -38.77
N LEU B 17 64.08 -17.81 -39.26
CA LEU B 17 63.26 -17.24 -40.32
C LEU B 17 62.44 -16.08 -39.75
N ILE B 18 62.89 -14.85 -40.00
CA ILE B 18 62.18 -13.66 -39.56
C ILE B 18 61.60 -12.86 -40.72
N ASP B 19 61.92 -13.22 -41.96
CA ASP B 19 61.38 -12.49 -43.11
C ASP B 19 59.86 -12.62 -43.18
N GLY B 20 59.34 -13.78 -42.82
CA GLY B 20 57.91 -14.04 -42.88
C GLY B 20 57.58 -15.28 -42.06
N TRP B 21 56.51 -15.97 -42.46
CA TRP B 21 56.02 -17.16 -41.75
C TRP B 21 56.55 -18.46 -42.34
N TYR B 22 56.31 -18.68 -43.63
CA TYR B 22 56.77 -19.87 -44.33
C TYR B 22 57.79 -19.50 -45.39
N GLY B 23 58.77 -20.38 -45.60
CA GLY B 23 59.78 -20.13 -46.61
C GLY B 23 60.53 -21.37 -47.00
N PHE B 24 61.49 -21.18 -47.92
CA PHE B 24 62.36 -22.25 -48.39
C PHE B 24 63.77 -22.06 -47.84
N ARG B 25 64.49 -23.17 -47.72
CA ARG B 25 65.89 -23.16 -47.32
C ARG B 25 66.60 -24.28 -48.07
N HIS B 26 67.43 -23.90 -49.05
CA HIS B 26 68.09 -24.83 -49.96
C HIS B 26 69.54 -25.06 -49.59
N GLN B 27 70.00 -26.28 -49.88
CA GLN B 27 71.41 -26.63 -49.88
C GLN B 27 71.77 -27.07 -51.30
N ASN B 28 72.79 -26.44 -51.88
CA ASN B 28 73.21 -26.76 -53.24
C ASN B 28 74.73 -26.58 -53.32
N ALA B 29 75.26 -26.70 -54.54
CA ALA B 29 76.71 -26.61 -54.74
C ALA B 29 77.27 -25.26 -54.26
N GLN B 30 76.45 -24.21 -54.30
CA GLN B 30 76.90 -22.86 -54.01
C GLN B 30 76.62 -22.42 -52.58
N GLY B 31 76.22 -23.33 -51.70
CA GLY B 31 76.04 -23.04 -50.30
C GLY B 31 74.58 -22.89 -49.90
N GLU B 32 74.38 -22.85 -48.58
CA GLU B 32 73.05 -22.82 -48.01
C GLU B 32 72.38 -21.46 -48.20
N GLY B 33 71.05 -21.46 -48.27
CA GLY B 33 70.30 -20.22 -48.33
C GLY B 33 68.84 -20.31 -47.90
N THR B 34 68.41 -19.41 -47.02
CA THR B 34 67.06 -19.41 -46.44
C THR B 34 66.34 -18.11 -46.76
N ALA B 35 65.13 -18.21 -47.29
CA ALA B 35 64.36 -17.03 -47.68
C ALA B 35 62.87 -17.38 -47.72
N ALA B 36 62.04 -16.44 -47.28
CA ALA B 36 60.63 -16.70 -47.01
C ALA B 36 59.80 -16.69 -48.29
N ASP B 37 58.53 -17.07 -48.15
CA ASP B 37 57.55 -17.02 -49.24
C ASP B 37 56.45 -16.05 -48.84
N TYR B 38 56.38 -14.92 -49.55
CA TYR B 38 55.41 -13.88 -49.22
C TYR B 38 53.98 -14.35 -49.45
N LYS B 39 53.76 -15.17 -50.49
CA LYS B 39 52.41 -15.50 -50.91
C LYS B 39 51.61 -16.15 -49.79
N SER B 40 52.11 -17.26 -49.24
CA SER B 40 51.37 -17.98 -48.20
C SER B 40 51.46 -17.29 -46.86
N THR B 41 52.59 -16.66 -46.53
CA THR B 41 52.68 -15.87 -45.31
C THR B 41 51.55 -14.83 -45.26
N GLN B 42 51.36 -14.08 -46.34
CA GLN B 42 50.24 -13.14 -46.39
C GLN B 42 48.90 -13.87 -46.40
N SER B 43 48.83 -15.05 -47.05
CA SER B 43 47.56 -15.78 -47.08
C SER B 43 47.10 -16.18 -45.68
N ALA B 44 48.04 -16.43 -44.78
CA ALA B 44 47.64 -16.77 -43.41
C ALA B 44 47.38 -15.51 -42.58
N ILE B 45 48.29 -14.53 -42.66
CA ILE B 45 48.13 -13.32 -41.85
C ILE B 45 46.82 -12.61 -42.18
N ASP B 46 46.45 -12.59 -43.47
CA ASP B 46 45.17 -11.97 -43.85
C ASP B 46 43.99 -12.66 -43.17
N GLN B 47 44.07 -13.98 -43.03
CA GLN B 47 42.99 -14.71 -42.37
C GLN B 47 42.97 -14.47 -40.86
N ILE B 48 44.14 -14.47 -40.21
CA ILE B 48 44.19 -14.20 -38.77
C ILE B 48 43.66 -12.80 -38.47
N THR B 49 44.11 -11.81 -39.23
CA THR B 49 43.60 -10.45 -39.04
C THR B 49 42.11 -10.36 -39.40
N GLY B 50 41.62 -11.24 -40.28
CA GLY B 50 40.18 -11.33 -40.48
C GLY B 50 39.45 -11.74 -39.23
N LYS B 51 39.93 -12.80 -38.56
CA LYS B 51 39.38 -13.18 -37.26
C LYS B 51 39.37 -12.00 -36.31
N LEU B 52 40.52 -11.32 -36.17
CA LEU B 52 40.62 -10.20 -35.23
C LEU B 52 39.62 -9.10 -35.55
N ASN B 53 39.69 -8.53 -36.76
CA ASN B 53 38.78 -7.45 -37.13
C ASN B 53 37.33 -7.84 -36.94
N ARG B 54 36.98 -9.10 -37.18
CA ARG B 54 35.60 -9.52 -36.97
C ARG B 54 35.27 -9.63 -35.50
N LEU B 55 36.26 -9.89 -34.66
CA LEU B 55 36.03 -10.14 -33.24
C LEU B 55 36.10 -8.86 -32.41
N ILE B 56 37.18 -8.09 -32.57
CA ILE B 56 37.37 -6.86 -31.80
C ILE B 56 36.61 -5.75 -32.50
N GLU B 57 35.32 -5.65 -32.19
CA GLU B 57 34.44 -4.62 -32.70
C GLU B 57 33.22 -4.60 -31.80
N LYS B 58 32.75 -3.39 -31.50
CA LYS B 58 31.80 -3.21 -30.41
C LYS B 58 30.37 -3.16 -30.94
N THR B 59 29.43 -3.60 -30.10
CA THR B 59 28.01 -3.49 -30.35
C THR B 59 27.47 -2.15 -29.82
N ASN B 60 26.33 -1.75 -30.38
CA ASN B 60 25.77 -0.44 -30.11
C ASN B 60 24.62 -0.48 -29.09
N GLN B 61 24.47 -1.59 -28.37
CA GLN B 61 23.41 -1.73 -27.37
C GLN B 61 23.88 -1.16 -26.04
N GLN B 62 23.22 -0.10 -25.60
CA GLN B 62 23.55 0.57 -24.34
C GLN B 62 22.59 0.09 -23.25
N PHE B 63 23.14 -0.26 -22.09
CA PHE B 63 22.37 -0.76 -20.96
C PHE B 63 22.33 0.28 -19.85
N GLU B 64 21.18 0.35 -19.19
CA GLU B 64 20.93 1.31 -18.13
C GLU B 64 21.08 0.60 -16.78
N LEU B 65 20.90 1.38 -15.71
CA LEU B 65 21.04 0.89 -14.36
C LEU B 65 19.66 0.52 -13.80
N ILE B 66 19.53 -0.70 -13.27
CA ILE B 66 18.23 -1.17 -12.77
C ILE B 66 18.18 -1.40 -11.25
N ASP B 67 19.30 -1.62 -10.58
CA ASP B 67 19.33 -1.67 -9.12
C ASP B 67 20.19 -0.52 -8.59
N ASN B 68 20.42 -0.49 -7.29
CA ASN B 68 21.10 0.63 -6.66
C ASN B 68 22.13 0.10 -5.69
N GLU B 69 23.27 0.79 -5.63
CA GLU B 69 24.39 0.44 -4.76
C GLU B 69 24.38 1.20 -3.44
N PHE B 70 24.12 2.51 -3.47
CA PHE B 70 24.10 3.32 -2.25
C PHE B 70 22.82 3.14 -1.43
N ASN B 71 21.68 2.87 -2.07
CA ASN B 71 20.40 2.73 -1.39
C ASN B 71 19.74 1.46 -1.92
N GLU B 72 20.05 0.33 -1.29
CA GLU B 72 19.67 -0.98 -1.82
C GLU B 72 18.18 -1.06 -2.10
N VAL B 73 17.82 -1.74 -3.19
CA VAL B 73 16.43 -1.88 -3.62
C VAL B 73 15.76 -2.99 -2.82
N GLU B 74 14.43 -3.11 -2.99
CA GLU B 74 13.65 -4.12 -2.28
C GLU B 74 14.23 -5.50 -2.50
N LYS B 75 13.97 -6.40 -1.55
CA LYS B 75 14.74 -7.64 -1.47
C LYS B 75 14.35 -8.63 -2.56
N GLN B 76 13.06 -8.72 -2.88
CA GLN B 76 12.61 -9.75 -3.82
C GLN B 76 13.04 -9.42 -5.24
N ILE B 77 12.84 -8.17 -5.66
CA ILE B 77 13.28 -7.76 -6.99
C ILE B 77 14.80 -7.73 -7.07
N GLY B 78 15.47 -7.53 -5.93
CA GLY B 78 16.93 -7.58 -5.93
C GLY B 78 17.44 -8.99 -6.14
N ASN B 79 16.85 -9.97 -5.45
CA ASN B 79 17.23 -11.35 -5.66
C ASN B 79 16.89 -11.82 -7.07
N VAL B 80 15.81 -11.30 -7.66
CA VAL B 80 15.49 -11.65 -9.03
C VAL B 80 16.49 -11.00 -10.01
N ILE B 81 16.83 -9.73 -9.78
CA ILE B 81 17.80 -9.06 -10.63
C ILE B 81 19.13 -9.80 -10.58
N ASN B 82 19.62 -10.06 -9.36
CA ASN B 82 20.90 -10.77 -9.18
C ASN B 82 20.87 -12.15 -9.82
N TRP B 83 19.76 -12.86 -9.66
CA TRP B 83 19.65 -14.19 -10.26
C TRP B 83 19.74 -14.10 -11.78
N THR B 84 18.99 -13.17 -12.37
CA THR B 84 19.03 -12.98 -13.81
C THR B 84 20.44 -12.64 -14.28
N ARG B 85 21.08 -11.67 -13.61
CA ARG B 85 22.41 -11.25 -14.03
C ARG B 85 23.43 -12.37 -13.90
N ASP B 86 23.32 -13.20 -12.86
CA ASP B 86 24.25 -14.32 -12.74
C ASP B 86 24.04 -15.35 -13.85
N SER B 87 22.78 -15.60 -14.22
CA SER B 87 22.53 -16.51 -15.34
C SER B 87 23.12 -15.97 -16.64
N ILE B 88 22.97 -14.67 -16.88
CA ILE B 88 23.53 -14.06 -18.09
C ILE B 88 25.05 -14.14 -18.07
N THR B 89 25.67 -13.74 -16.96
CA THR B 89 27.12 -13.81 -16.87
C THR B 89 27.64 -15.23 -17.07
N GLU B 90 26.88 -16.24 -16.61
CA GLU B 90 27.25 -17.63 -16.89
C GLU B 90 27.23 -17.92 -18.39
N VAL B 91 26.14 -17.53 -19.06
CA VAL B 91 26.05 -17.73 -20.51
C VAL B 91 27.25 -17.10 -21.21
N TRP B 92 27.52 -15.84 -20.93
CA TRP B 92 28.58 -15.14 -21.65
C TRP B 92 29.96 -15.72 -21.35
N SER B 93 30.22 -16.09 -20.09
CA SER B 93 31.50 -16.75 -19.79
C SER B 93 31.67 -18.01 -20.64
N TYR B 94 30.62 -18.82 -20.74
CA TYR B 94 30.70 -20.03 -21.57
C TYR B 94 30.91 -19.70 -23.05
N ASN B 95 30.12 -18.76 -23.59
CA ASN B 95 30.28 -18.37 -24.99
C ASN B 95 31.70 -17.90 -25.30
N ALA B 96 32.28 -17.14 -24.37
CA ALA B 96 33.62 -16.60 -24.58
C ALA B 96 34.65 -17.71 -24.59
N GLU B 97 34.63 -18.58 -23.58
CA GLU B 97 35.61 -19.67 -23.54
C GLU B 97 35.49 -20.57 -24.78
N LEU B 98 34.27 -21.00 -25.12
CA LEU B 98 34.10 -21.85 -26.30
C LEU B 98 34.57 -21.12 -27.56
N LEU B 99 34.28 -19.82 -27.66
CA LEU B 99 34.68 -19.05 -28.84
C LEU B 99 36.20 -19.03 -29.00
N VAL B 100 36.91 -18.57 -27.97
CA VAL B 100 38.36 -18.52 -28.03
C VAL B 100 38.93 -19.89 -28.36
N ALA B 101 38.42 -20.95 -27.71
CA ALA B 101 38.94 -22.29 -27.98
C ALA B 101 38.79 -22.67 -29.45
N MET B 102 37.59 -22.51 -30.00
CA MET B 102 37.38 -22.98 -31.37
C MET B 102 38.11 -22.09 -32.40
N GLU B 103 38.28 -20.79 -32.11
CA GLU B 103 39.04 -19.95 -33.02
C GLU B 103 40.54 -20.27 -32.96
N ASN B 104 41.02 -20.75 -31.82
CA ASN B 104 42.41 -21.20 -31.73
C ASN B 104 42.62 -22.52 -32.46
N GLN B 105 41.72 -23.48 -32.24
CA GLN B 105 41.80 -24.74 -32.97
C GLN B 105 41.80 -24.50 -34.48
N HIS B 106 40.87 -23.66 -34.96
CA HIS B 106 40.81 -23.39 -36.39
C HIS B 106 42.00 -22.57 -36.87
N THR B 107 42.59 -21.75 -36.01
CA THR B 107 43.78 -21.01 -36.40
C THR B 107 44.97 -21.95 -36.62
N ILE B 108 45.26 -22.83 -35.66
CA ILE B 108 46.36 -23.78 -35.83
C ILE B 108 46.12 -24.67 -37.04
N ASP B 109 44.93 -25.28 -37.11
CA ASP B 109 44.61 -26.12 -38.28
C ASP B 109 44.54 -25.31 -39.59
N LEU B 110 44.57 -23.98 -39.52
CA LEU B 110 44.63 -23.15 -40.72
C LEU B 110 46.06 -22.94 -41.17
N ALA B 111 46.96 -22.63 -40.22
CA ALA B 111 48.38 -22.47 -40.58
C ALA B 111 48.97 -23.78 -41.08
N ASP B 112 48.63 -24.89 -40.42
CA ASP B 112 49.00 -26.21 -40.92
C ASP B 112 48.56 -26.36 -42.37
N SER B 113 47.30 -26.00 -42.65
CA SER B 113 46.76 -26.07 -44.00
C SER B 113 47.61 -25.29 -45.00
N GLU B 114 47.93 -24.04 -44.67
CA GLU B 114 48.67 -23.21 -45.62
C GLU B 114 50.06 -23.77 -45.88
N MET B 115 50.71 -24.35 -44.86
CA MET B 115 51.98 -25.02 -45.07
C MET B 115 51.85 -26.18 -46.06
N ASP B 116 50.90 -27.09 -45.79
CA ASP B 116 50.71 -28.22 -46.71
C ASP B 116 50.38 -27.75 -48.12
N LYS B 117 49.69 -26.61 -48.26
CA LYS B 117 49.41 -26.06 -49.58
C LYS B 117 50.69 -25.62 -50.29
N LEU B 118 51.62 -25.00 -49.54
CA LEU B 118 52.88 -24.57 -50.15
C LEU B 118 53.72 -25.78 -50.60
N TYR B 119 53.98 -26.71 -49.68
CA TYR B 119 54.71 -27.92 -50.01
C TYR B 119 54.11 -28.64 -51.21
N GLU B 120 52.78 -28.77 -51.24
CA GLU B 120 52.12 -29.38 -52.40
C GLU B 120 52.04 -28.44 -53.61
N ARG B 121 52.53 -27.21 -53.51
CA ARG B 121 52.76 -26.45 -54.74
C ARG B 121 54.15 -26.68 -55.29
N VAL B 122 55.16 -26.71 -54.42
CA VAL B 122 56.51 -27.07 -54.85
C VAL B 122 56.52 -28.46 -55.48
N LYS B 123 55.82 -29.42 -54.85
CA LYS B 123 55.76 -30.77 -55.38
C LYS B 123 55.30 -30.80 -56.82
N ARG B 124 54.23 -30.06 -57.14
CA ARG B 124 53.75 -30.03 -58.50
C ARG B 124 54.62 -29.18 -59.42
N GLN B 125 55.48 -28.32 -58.85
CA GLN B 125 56.48 -27.63 -59.66
C GLN B 125 57.56 -28.59 -60.14
N LEU B 126 58.01 -29.49 -59.27
CA LEU B 126 59.18 -30.32 -59.51
C LEU B 126 58.82 -31.69 -60.08
N ARG B 127 57.88 -31.72 -61.03
CA ARG B 127 57.03 -32.88 -61.29
C ARG B 127 57.74 -34.23 -61.15
N GLU B 128 58.74 -34.48 -61.98
CA GLU B 128 59.49 -35.72 -61.88
C GLU B 128 60.97 -35.50 -61.67
N ASN B 129 61.40 -34.25 -61.54
CA ASN B 129 62.81 -33.89 -61.42
C ASN B 129 63.34 -34.02 -60.00
N ALA B 130 62.47 -34.31 -59.02
CA ALA B 130 62.86 -34.33 -57.62
C ALA B 130 61.96 -35.29 -56.85
N GLU B 131 62.51 -35.82 -55.75
CA GLU B 131 61.81 -36.81 -54.94
C GLU B 131 61.56 -36.28 -53.54
N GLU B 132 60.39 -36.64 -52.98
CA GLU B 132 60.06 -36.25 -51.61
C GLU B 132 61.00 -36.94 -50.63
N ASP B 133 61.86 -36.17 -49.97
CA ASP B 133 62.69 -36.72 -48.91
C ASP B 133 61.84 -37.35 -47.82
N GLY B 134 60.87 -36.60 -47.32
CA GLY B 134 60.04 -37.08 -46.23
C GLY B 134 59.97 -36.09 -45.09
N THR B 135 61.08 -35.40 -44.83
CA THR B 135 61.09 -34.32 -43.85
C THR B 135 60.82 -32.97 -44.51
N GLY B 136 59.80 -32.94 -45.37
CA GLY B 136 59.41 -31.72 -46.03
C GLY B 136 60.46 -31.17 -46.97
N CYS B 137 61.55 -31.91 -47.18
CA CYS B 137 62.60 -31.52 -48.10
C CYS B 137 62.40 -32.23 -49.44
N PHE B 138 62.81 -31.56 -50.51
CA PHE B 138 62.77 -32.12 -51.86
C PHE B 138 64.20 -32.38 -52.31
N GLU B 139 64.47 -33.60 -52.76
CA GLU B 139 65.80 -33.96 -53.26
C GLU B 139 65.79 -33.74 -54.77
N ILE B 140 66.51 -32.71 -55.21
CA ILE B 140 66.64 -32.38 -56.61
C ILE B 140 67.75 -33.22 -57.22
N PHE B 141 67.50 -33.78 -58.40
CA PHE B 141 68.51 -34.61 -59.03
C PHE B 141 69.49 -33.80 -59.86
N HIS B 142 68.99 -32.92 -60.73
CA HIS B 142 69.87 -32.10 -61.56
C HIS B 142 70.59 -31.04 -60.72
N LYS B 143 71.46 -30.29 -61.38
CA LYS B 143 72.25 -29.25 -60.72
C LYS B 143 71.41 -27.98 -60.64
N CYS B 144 70.96 -27.67 -59.43
CA CYS B 144 70.14 -26.48 -59.18
C CYS B 144 71.03 -25.49 -58.44
N ASP B 145 71.54 -24.51 -59.17
CA ASP B 145 72.39 -23.46 -58.63
C ASP B 145 71.53 -22.38 -57.97
N ASP B 146 72.21 -21.41 -57.34
CA ASP B 146 71.50 -20.39 -56.57
C ASP B 146 70.56 -19.53 -57.42
N ASP B 147 70.64 -19.62 -58.75
CA ASP B 147 69.64 -18.96 -59.59
C ASP B 147 68.50 -19.90 -59.97
N CYS B 148 68.75 -21.21 -60.00
CA CYS B 148 67.67 -22.17 -60.25
C CYS B 148 66.71 -22.23 -59.06
N MET B 149 67.25 -22.18 -57.83
CA MET B 149 66.39 -22.15 -56.65
C MET B 149 65.43 -20.98 -56.70
N ALA B 150 65.91 -19.82 -57.16
CA ALA B 150 65.04 -18.66 -57.33
C ALA B 150 63.92 -18.94 -58.31
N SER B 151 64.20 -19.71 -59.38
CA SER B 151 63.12 -20.12 -60.27
C SER B 151 62.13 -21.02 -59.55
N ILE B 152 62.61 -21.84 -58.60
CA ILE B 152 61.68 -22.65 -57.81
C ILE B 152 60.80 -21.76 -56.93
N ARG B 153 61.39 -20.71 -56.36
CA ARG B 153 60.61 -19.80 -55.50
C ARG B 153 59.57 -19.02 -56.30
N ASN B 154 60.01 -18.32 -57.35
CA ASN B 154 59.14 -17.44 -58.15
C ASN B 154 58.06 -18.18 -58.92
N ASN B 155 58.00 -19.52 -58.81
CA ASN B 155 57.11 -20.36 -59.60
C ASN B 155 57.39 -20.25 -61.11
N THR B 156 58.58 -19.78 -61.48
CA THR B 156 59.01 -19.66 -62.86
C THR B 156 59.79 -20.87 -63.35
N TYR B 157 60.16 -21.77 -62.43
CA TYR B 157 60.92 -22.97 -62.75
C TYR B 157 60.25 -23.78 -63.85
N ASP B 158 60.94 -23.89 -65.00
CA ASP B 158 60.52 -24.77 -66.08
C ASP B 158 61.19 -26.12 -65.89
N HIS B 159 60.39 -27.16 -65.68
CA HIS B 159 60.95 -28.48 -65.43
C HIS B 159 61.38 -29.18 -66.72
N SER B 160 60.86 -28.76 -67.87
CA SER B 160 61.16 -29.46 -69.11
C SER B 160 62.66 -29.44 -69.41
N LYS B 161 63.33 -28.34 -69.08
CA LYS B 161 64.76 -28.22 -69.36
C LYS B 161 65.55 -29.31 -68.63
N TYR B 162 65.33 -29.42 -67.32
CA TYR B 162 66.11 -30.29 -66.44
C TYR B 162 65.56 -31.71 -66.38
N ARG B 163 64.41 -31.95 -66.99
CA ARG B 163 63.78 -33.27 -66.92
C ARG B 163 64.67 -34.33 -67.56
N GLU B 164 65.31 -33.98 -68.69
CA GLU B 164 66.20 -34.92 -69.35
C GLU B 164 67.23 -35.50 -68.39
N GLU B 165 67.97 -34.62 -67.71
CA GLU B 165 68.99 -35.09 -66.77
C GLU B 165 68.38 -35.80 -65.58
N ALA B 166 67.48 -35.11 -64.86
CA ALA B 166 67.03 -35.63 -63.57
C ALA B 166 66.30 -36.97 -63.72
N MET B 167 65.52 -37.11 -64.80
CA MET B 167 64.89 -38.39 -65.09
C MET B 167 65.90 -39.52 -65.11
N GLN B 168 66.93 -39.36 -65.96
CA GLN B 168 67.97 -40.39 -66.08
C GLN B 168 68.68 -40.65 -64.77
N ASN B 169 68.86 -39.60 -63.94
CA ASN B 169 69.53 -39.77 -62.64
C ASN B 169 68.71 -40.59 -61.64
N ARG B 170 67.53 -41.07 -62.04
CA ARG B 170 66.73 -42.05 -61.31
C ARG B 170 67.53 -43.02 -60.42
N ASP C 1 54.96 -59.02 -50.68
CA ASP C 1 54.47 -58.39 -51.90
C ASP C 1 53.63 -57.12 -51.67
N LYS C 2 52.76 -57.10 -50.65
CA LYS C 2 51.88 -55.96 -50.40
C LYS C 2 51.82 -55.62 -48.93
N ILE C 3 51.43 -54.38 -48.65
CA ILE C 3 51.13 -53.92 -47.28
C ILE C 3 49.98 -52.92 -47.35
N CYS C 4 49.01 -53.07 -46.45
CA CYS C 4 47.80 -52.28 -46.50
C CYS C 4 47.61 -51.49 -45.21
N LEU C 5 46.94 -50.35 -45.34
CA LEU C 5 46.57 -49.50 -44.22
C LEU C 5 45.06 -49.59 -43.99
N GLY C 6 44.65 -49.35 -42.76
CA GLY C 6 43.24 -49.37 -42.42
C GLY C 6 43.01 -48.96 -40.99
N HIS C 7 41.73 -48.90 -40.64
CA HIS C 7 41.27 -48.50 -39.32
C HIS C 7 40.43 -49.62 -38.71
N HIS C 8 40.10 -49.46 -37.44
CA HIS C 8 39.28 -50.45 -36.75
C HIS C 8 37.79 -50.14 -36.95
N ALA C 9 36.95 -51.06 -36.49
CA ALA C 9 35.50 -50.91 -36.55
C ALA C 9 34.89 -51.99 -35.66
N VAL C 10 33.60 -51.83 -35.36
CA VAL C 10 32.85 -52.78 -34.55
C VAL C 10 31.50 -53.03 -35.21
N SER C 11 30.81 -54.08 -34.74
CA SER C 11 29.54 -54.47 -35.34
C SER C 11 28.38 -53.66 -34.77
N ASN C 12 28.29 -53.56 -33.44
CA ASN C 12 27.29 -52.74 -32.76
C ASN C 12 27.96 -51.42 -32.40
N GLY C 13 27.69 -50.39 -33.20
CA GLY C 13 28.21 -49.05 -32.96
C GLY C 13 27.26 -48.19 -32.15
N THR C 14 27.35 -46.88 -32.37
CA THR C 14 26.49 -45.93 -31.64
C THR C 14 26.21 -44.73 -32.54
N LYS C 15 24.94 -44.50 -32.86
CA LYS C 15 24.58 -43.41 -33.76
C LYS C 15 24.56 -42.07 -33.02
N VAL C 16 25.30 -41.10 -33.54
CA VAL C 16 25.37 -39.77 -32.94
C VAL C 16 24.96 -38.74 -33.98
N ASN C 17 24.98 -37.45 -33.60
CA ASN C 17 24.67 -36.35 -34.51
C ASN C 17 25.88 -35.47 -34.72
N THR C 18 25.95 -34.86 -35.90
CA THR C 18 27.04 -33.96 -36.30
C THR C 18 26.42 -32.67 -36.87
N LEU C 19 27.29 -31.79 -37.36
CA LEU C 19 26.83 -30.55 -37.99
C LEU C 19 26.08 -30.83 -39.29
N THR C 20 26.45 -31.90 -39.98
CA THR C 20 25.98 -32.13 -41.33
C THR C 20 25.08 -33.35 -41.48
N GLU C 21 25.19 -34.32 -40.59
CA GLU C 21 24.50 -35.59 -40.73
C GLU C 21 23.88 -35.95 -39.39
N ARG C 22 22.62 -36.36 -39.41
CA ARG C 22 21.90 -36.73 -38.20
C ARG C 22 21.73 -38.25 -38.18
N GLY C 23 22.37 -38.89 -37.21
CA GLY C 23 22.28 -40.34 -37.09
C GLY C 23 23.40 -41.07 -37.82
N VAL C 24 24.64 -40.61 -37.64
CA VAL C 24 25.81 -41.28 -38.22
C VAL C 24 26.50 -42.08 -37.13
N GLU C 25 26.80 -43.34 -37.42
CA GLU C 25 27.31 -44.24 -36.39
C GLU C 25 28.80 -44.03 -36.17
N VAL C 26 29.22 -44.17 -34.91
CA VAL C 26 30.62 -44.11 -34.52
C VAL C 26 30.91 -45.29 -33.60
N VAL C 27 32.18 -45.41 -33.21
CA VAL C 27 32.64 -46.55 -32.44
C VAL C 27 32.16 -46.50 -30.99
N ASN C 28 32.62 -45.50 -30.24
CA ASN C 28 32.24 -45.31 -28.85
C ASN C 28 31.73 -43.89 -28.69
N ALA C 29 30.80 -43.70 -27.77
CA ALA C 29 30.24 -42.39 -27.48
C ALA C 29 29.88 -42.34 -26.01
N THR C 30 29.79 -41.13 -25.47
CA THR C 30 29.41 -40.93 -24.08
C THR C 30 28.26 -39.94 -23.99
N GLU C 31 27.54 -40.02 -22.87
CA GLU C 31 26.35 -39.22 -22.63
C GLU C 31 26.72 -37.91 -21.94
N THR C 32 26.21 -36.79 -22.47
CA THR C 32 26.48 -35.48 -21.90
C THR C 32 25.36 -34.96 -21.01
N VAL C 33 24.14 -35.46 -21.18
CA VAL C 33 22.96 -35.01 -20.45
C VAL C 33 22.70 -35.97 -19.31
N GLU C 34 22.79 -35.47 -18.08
CA GLU C 34 22.60 -36.32 -16.91
C GLU C 34 21.12 -36.54 -16.66
N ARG C 35 20.75 -37.80 -16.41
CA ARG C 35 19.40 -38.16 -15.96
C ARG C 35 19.37 -39.00 -14.70
N THR C 36 20.47 -39.63 -14.32
CA THR C 36 20.51 -40.45 -13.11
C THR C 36 20.23 -39.60 -11.87
N ASN C 37 19.28 -40.05 -11.05
CA ASN C 37 18.84 -39.32 -9.88
C ASN C 37 19.10 -40.14 -8.62
N ILE C 38 19.42 -39.44 -7.54
CA ILE C 38 19.48 -40.03 -6.21
C ILE C 38 18.29 -39.48 -5.42
N PRO C 39 17.25 -40.29 -5.15
CA PRO C 39 16.05 -39.76 -4.48
C PRO C 39 16.20 -39.63 -2.97
N ARG C 40 17.33 -39.06 -2.54
CA ARG C 40 17.58 -38.70 -1.15
C ARG C 40 18.38 -37.41 -1.14
N ILE C 41 18.42 -36.75 0.01
CA ILE C 41 19.23 -35.54 0.15
C ILE C 41 20.58 -35.97 0.70
N CYS C 42 21.61 -35.90 -0.15
CA CYS C 42 22.95 -36.32 0.23
C CYS C 42 23.62 -35.22 1.02
N SER C 43 23.80 -35.44 2.32
CA SER C 43 24.10 -34.39 3.29
C SER C 43 25.48 -34.51 3.92
N LYS C 44 26.34 -35.40 3.42
CA LYS C 44 27.61 -35.67 4.08
C LYS C 44 28.50 -34.43 4.07
N GLY C 45 29.01 -34.06 5.25
CA GLY C 45 29.82 -32.89 5.41
C GLY C 45 29.05 -31.63 5.77
N LYS C 46 27.73 -31.68 5.76
CA LYS C 46 26.89 -30.51 5.96
C LYS C 46 25.94 -30.73 7.14
N ARG C 47 25.94 -29.78 8.08
CA ARG C 47 25.02 -29.82 9.20
C ARG C 47 23.60 -29.65 8.68
N THR C 48 22.80 -30.70 8.77
CA THR C 48 21.47 -30.71 8.17
C THR C 48 20.40 -30.51 9.24
N VAL C 49 19.47 -29.60 8.98
CA VAL C 49 18.25 -29.43 9.77
C VAL C 49 17.06 -29.66 8.84
N ASP C 50 16.22 -30.62 9.21
CA ASP C 50 15.00 -30.92 8.47
C ASP C 50 13.87 -30.28 9.27
N LEU C 51 13.42 -29.10 8.84
CA LEU C 51 12.40 -28.39 9.61
C LEU C 51 11.14 -29.22 9.80
N GLY C 52 10.80 -30.05 8.82
CA GLY C 52 9.70 -30.99 8.99
C GLY C 52 8.38 -30.26 9.18
N GLN C 53 7.78 -30.44 10.36
CA GLN C 53 6.55 -29.74 10.70
C GLN C 53 6.79 -28.29 11.11
N CYS C 54 8.04 -27.86 11.24
CA CYS C 54 8.32 -26.46 11.50
C CYS C 54 8.32 -25.69 10.19
N GLY C 55 7.84 -24.45 10.26
CA GLY C 55 7.91 -23.54 9.13
C GLY C 55 9.17 -22.69 9.22
N LEU C 56 9.78 -22.44 8.07
CA LEU C 56 11.10 -21.80 8.07
C LEU C 56 11.04 -20.38 8.65
N LEU C 57 9.92 -19.69 8.46
CA LEU C 57 9.73 -18.37 9.03
C LEU C 57 9.32 -18.44 10.49
N GLY C 58 8.85 -19.61 10.93
CA GLY C 58 8.50 -19.76 12.34
C GLY C 58 9.71 -19.68 13.26
N THR C 59 10.90 -20.00 12.73
CA THR C 59 12.11 -19.95 13.56
C THR C 59 12.30 -18.60 14.23
N ILE C 60 11.74 -17.55 13.66
CA ILE C 60 11.95 -16.21 14.18
C ILE C 60 10.76 -15.68 15.00
N THR C 61 9.57 -16.25 14.83
CA THR C 61 8.44 -15.91 15.68
C THR C 61 8.26 -16.89 16.84
N GLY C 62 8.50 -18.17 16.60
CA GLY C 62 8.44 -19.17 17.63
C GLY C 62 7.05 -19.71 17.90
N PRO C 63 6.45 -20.36 16.91
CA PRO C 63 5.28 -21.19 17.18
C PRO C 63 5.68 -22.45 17.92
N PRO C 64 4.72 -23.18 18.52
CA PRO C 64 5.09 -24.41 19.24
C PRO C 64 5.91 -25.39 18.42
N GLN C 65 5.61 -25.54 17.12
CA GLN C 65 6.33 -26.52 16.32
C GLN C 65 7.80 -26.17 16.13
N CYS C 66 8.15 -24.88 16.24
CA CYS C 66 9.51 -24.42 15.99
C CYS C 66 10.23 -24.05 17.28
N ASP C 67 9.92 -24.75 18.38
CA ASP C 67 10.63 -24.49 19.64
C ASP C 67 12.08 -24.96 19.56
N GLN C 68 12.32 -26.13 18.96
CA GLN C 68 13.66 -26.70 18.92
C GLN C 68 14.58 -25.99 17.93
N PHE C 69 14.04 -25.10 17.08
CA PHE C 69 14.85 -24.42 16.08
C PHE C 69 14.92 -22.92 16.31
N LEU C 70 14.53 -22.43 17.49
CA LEU C 70 14.54 -20.99 17.74
C LEU C 70 15.92 -20.39 17.54
N GLU C 71 16.96 -21.07 18.02
CA GLU C 71 18.35 -20.71 17.78
C GLU C 71 19.00 -21.93 17.14
N PHE C 72 18.88 -22.06 15.82
CA PHE C 72 19.50 -23.19 15.15
C PHE C 72 20.71 -22.72 14.36
N SER C 73 21.53 -23.69 13.98
CA SER C 73 22.69 -23.45 13.13
C SER C 73 22.76 -24.58 12.13
N ALA C 74 23.07 -24.25 10.88
CA ALA C 74 23.11 -25.29 9.84
C ALA C 74 23.83 -24.78 8.60
N ASP C 75 24.40 -25.73 7.85
CA ASP C 75 24.90 -25.52 6.51
C ASP C 75 23.84 -25.80 5.45
N LEU C 76 23.10 -26.89 5.62
CA LEU C 76 21.96 -27.21 4.77
C LEU C 76 20.68 -27.01 5.56
N ILE C 77 19.64 -26.53 4.87
CA ILE C 77 18.33 -26.28 5.47
C ILE C 77 17.29 -26.88 4.53
N ILE C 78 16.53 -27.85 5.01
CA ILE C 78 15.54 -28.53 4.21
C ILE C 78 14.16 -28.25 4.80
N GLU C 79 13.35 -27.48 4.09
CA GLU C 79 11.98 -27.25 4.51
C GLU C 79 11.04 -28.20 3.77
N ARG C 80 10.01 -28.66 4.48
CA ARG C 80 9.08 -29.65 3.97
C ARG C 80 7.75 -29.00 3.62
N ARG C 81 6.98 -29.71 2.78
CA ARG C 81 5.66 -29.23 2.41
C ARG C 81 4.76 -29.10 3.62
N GLU C 82 4.97 -29.93 4.64
CA GLU C 82 4.09 -29.97 5.80
C GLU C 82 4.38 -28.88 6.83
N GLY C 83 5.34 -27.99 6.57
CA GLY C 83 5.70 -26.96 7.52
C GLY C 83 4.57 -25.95 7.73
N SER C 84 4.82 -25.03 8.66
CA SER C 84 3.88 -23.95 8.94
C SER C 84 4.55 -22.86 9.75
N ASP C 85 4.50 -21.62 9.27
CA ASP C 85 5.20 -20.51 9.89
C ASP C 85 4.45 -19.92 11.08
N VAL C 86 3.25 -20.40 11.37
CA VAL C 86 2.37 -19.70 12.30
C VAL C 86 1.47 -20.71 13.00
N CYS C 87 1.04 -20.35 14.21
CA CYS C 87 0.00 -21.08 14.95
C CYS C 87 -1.33 -20.34 14.94
N TYR C 88 -1.34 -19.09 15.42
CA TYR C 88 -2.53 -18.25 15.27
C TYR C 88 -2.65 -17.83 13.81
N PRO C 89 -3.82 -18.04 13.19
CA PRO C 89 -3.95 -17.80 11.75
C PRO C 89 -3.39 -16.45 11.30
N GLY C 90 -2.68 -16.48 10.17
CA GLY C 90 -2.07 -15.29 9.64
C GLY C 90 -1.09 -15.65 8.55
N LYS C 91 -0.22 -14.70 8.22
CA LYS C 91 0.80 -14.91 7.19
C LYS C 91 1.91 -13.87 7.39
N PHE C 92 2.96 -14.00 6.58
CA PHE C 92 4.10 -13.10 6.61
C PHE C 92 4.03 -12.13 5.45
N VAL C 93 4.15 -10.84 5.76
CA VAL C 93 4.21 -9.82 4.73
C VAL C 93 5.58 -9.87 4.05
N ASN C 94 5.58 -9.89 2.72
CA ASN C 94 6.83 -9.98 1.95
C ASN C 94 7.58 -11.26 2.33
N GLU C 95 6.85 -12.38 2.29
CA GLU C 95 7.37 -13.58 2.93
C GLU C 95 8.49 -14.22 2.12
N GLU C 96 8.32 -14.32 0.79
CA GLU C 96 9.29 -15.09 0.02
C GLU C 96 10.67 -14.45 0.04
N ALA C 97 10.74 -13.12 0.14
CA ALA C 97 12.03 -12.47 0.30
C ALA C 97 12.71 -12.88 1.60
N LEU C 98 11.93 -13.01 2.68
CA LEU C 98 12.52 -13.43 3.94
C LEU C 98 12.97 -14.90 3.88
N ARG C 99 12.12 -15.79 3.33
CA ARG C 99 12.54 -17.17 3.10
C ARG C 99 13.86 -17.23 2.36
N GLN C 100 14.00 -16.41 1.30
CA GLN C 100 15.27 -16.36 0.57
C GLN C 100 16.39 -15.82 1.44
N ILE C 101 16.08 -14.93 2.40
CA ILE C 101 17.15 -14.39 3.25
C ILE C 101 17.72 -15.48 4.15
N LEU C 102 16.88 -16.14 4.91
CA LEU C 102 17.43 -17.07 5.88
C LEU C 102 17.65 -18.49 5.33
N ARG C 103 17.24 -18.77 4.09
CA ARG C 103 17.72 -19.99 3.47
C ARG C 103 19.24 -20.00 3.30
N GLU C 104 19.88 -18.82 3.31
CA GLU C 104 21.32 -18.69 3.11
C GLU C 104 21.95 -17.92 4.27
N SER C 105 21.52 -18.25 5.48
CA SER C 105 21.93 -17.52 6.67
C SER C 105 22.90 -18.28 7.57
N GLY C 106 23.12 -19.57 7.30
CA GLY C 106 23.95 -20.38 8.18
C GLY C 106 23.34 -20.69 9.53
N GLY C 107 22.11 -20.25 9.77
CA GLY C 107 21.48 -20.35 11.07
C GLY C 107 21.13 -18.99 11.64
N ILE C 108 20.58 -19.02 12.84
CA ILE C 108 20.05 -17.81 13.45
C ILE C 108 20.35 -17.84 14.94
N ASP C 109 20.97 -16.78 15.43
CA ASP C 109 21.30 -16.62 16.85
C ASP C 109 20.52 -15.41 17.37
N LYS C 110 19.74 -15.62 18.41
CA LYS C 110 18.84 -14.59 18.92
C LYS C 110 19.47 -13.80 20.05
N GLU C 111 18.98 -12.57 20.22
CA GLU C 111 19.39 -11.69 21.30
C GLU C 111 18.17 -10.90 21.76
N ALA C 112 17.99 -10.78 23.07
CA ALA C 112 16.85 -10.07 23.61
C ALA C 112 17.00 -8.57 23.40
N MET C 113 15.89 -7.92 23.00
CA MET C 113 15.87 -6.49 22.73
C MET C 113 15.48 -5.67 23.95
N GLY C 114 15.01 -6.32 25.02
CA GLY C 114 14.83 -5.64 26.28
C GLY C 114 13.73 -4.61 26.27
N PHE C 115 12.50 -5.08 26.08
CA PHE C 115 11.33 -4.22 26.15
C PHE C 115 10.65 -4.45 27.49
N THR C 116 10.50 -3.38 28.27
CA THR C 116 9.70 -3.40 29.48
C THR C 116 8.36 -2.72 29.22
N TYR C 117 7.34 -3.13 29.96
CA TYR C 117 6.02 -2.58 29.80
C TYR C 117 5.44 -2.22 31.15
N SER C 118 4.63 -1.16 31.18
CA SER C 118 3.95 -0.75 32.41
C SER C 118 2.65 -0.06 32.03
N GLY C 119 1.56 -0.44 32.69
CA GLY C 119 0.25 0.08 32.40
C GLY C 119 -0.56 -0.74 31.42
N ILE C 120 -0.01 -1.83 30.91
CA ILE C 120 -0.71 -2.70 29.97
C ILE C 120 -0.48 -4.14 30.40
N ARG C 121 -1.20 -5.04 29.76
CA ARG C 121 -1.00 -6.46 29.91
C ARG C 121 -0.09 -6.98 28.79
N THR C 122 0.71 -8.01 29.08
CA THR C 122 1.58 -8.59 28.05
C THR C 122 1.32 -10.07 27.83
N ASN C 123 0.30 -10.63 28.46
CA ASN C 123 0.14 -12.08 28.51
C ASN C 123 -0.95 -12.59 27.57
N GLY C 124 -1.16 -11.94 26.43
CA GLY C 124 -2.14 -12.46 25.47
C GLY C 124 -1.78 -13.87 25.07
N ALA C 125 -2.80 -14.71 24.87
CA ALA C 125 -2.55 -16.09 24.50
C ALA C 125 -3.73 -16.64 23.71
N THR C 126 -3.53 -17.81 23.12
CA THR C 126 -4.53 -18.37 22.23
C THR C 126 -4.47 -19.89 22.28
N SER C 127 -5.63 -20.51 22.00
CA SER C 127 -5.69 -21.96 21.93
C SER C 127 -5.09 -22.51 20.64
N ALA C 128 -4.55 -21.65 19.77
CA ALA C 128 -3.92 -22.11 18.54
C ALA C 128 -2.42 -22.32 18.70
N CYS C 129 -1.79 -21.59 19.62
CA CYS C 129 -0.39 -21.85 19.99
C CYS C 129 -0.41 -22.64 21.30
N ARG C 130 -0.66 -23.94 21.18
CA ARG C 130 -0.98 -24.81 22.30
C ARG C 130 0.30 -25.42 22.87
N ARG C 131 0.76 -24.90 24.01
CA ARG C 131 1.90 -25.45 24.74
C ARG C 131 1.43 -25.87 26.12
N SER C 132 0.90 -27.10 26.22
CA SER C 132 0.33 -27.61 27.47
C SER C 132 -0.63 -26.59 28.08
N GLY C 133 -1.60 -26.19 27.28
CA GLY C 133 -2.50 -25.10 27.59
C GLY C 133 -2.48 -24.08 26.47
N SER C 134 -3.07 -22.92 26.74
CA SER C 134 -3.10 -21.83 25.76
C SER C 134 -1.86 -20.97 25.95
N SER C 135 -1.05 -20.88 24.90
CA SER C 135 0.15 -20.05 24.93
C SER C 135 0.22 -19.19 23.67
N PHE C 136 1.33 -18.49 23.48
CA PHE C 136 1.46 -17.59 22.35
C PHE C 136 2.79 -17.85 21.65
N TYR C 137 3.18 -16.97 20.73
CA TYR C 137 4.50 -17.09 20.11
C TYR C 137 5.60 -16.88 21.15
N ALA C 138 6.72 -17.57 20.93
CA ALA C 138 7.79 -17.63 21.92
C ALA C 138 8.58 -16.33 21.96
N GLU C 139 8.96 -15.82 20.80
CA GLU C 139 9.78 -14.62 20.72
C GLU C 139 8.94 -13.33 20.69
N MET C 140 7.61 -13.45 20.76
CA MET C 140 6.70 -12.32 20.67
C MET C 140 5.90 -12.21 21.95
N LYS C 141 5.41 -10.99 22.22
CA LYS C 141 4.50 -10.72 23.33
C LYS C 141 3.26 -10.03 22.78
N TRP C 142 2.09 -10.56 23.15
CA TRP C 142 0.81 -10.01 22.72
C TRP C 142 0.37 -8.95 23.73
N LEU C 143 0.63 -7.68 23.41
CA LEU C 143 0.29 -6.59 24.31
C LEU C 143 -1.21 -6.32 24.24
N LEU C 144 -1.83 -6.25 25.41
CA LEU C 144 -3.26 -6.03 25.60
C LEU C 144 -3.46 -4.83 26.52
N SER C 145 -4.72 -4.51 26.80
CA SER C 145 -5.01 -3.48 27.78
C SER C 145 -5.41 -4.12 29.11
N ASN C 146 -5.15 -3.40 30.22
CA ASN C 146 -5.31 -3.95 31.56
C ASN C 146 -6.64 -4.68 31.75
N THR C 147 -7.74 -3.95 31.63
CA THR C 147 -9.05 -4.55 31.72
C THR C 147 -9.76 -4.42 30.37
N ASP C 148 -10.79 -5.24 30.18
CA ASP C 148 -11.54 -5.21 28.92
C ASP C 148 -12.16 -3.85 28.69
N ASN C 149 -11.93 -3.32 27.47
CA ASN C 149 -12.40 -2.02 26.98
C ASN C 149 -11.64 -0.83 27.58
N ALA C 150 -10.60 -1.07 28.37
CA ALA C 150 -9.82 0.03 28.93
C ALA C 150 -8.97 0.69 27.84
N ALA C 151 -8.44 1.87 28.18
CA ALA C 151 -7.67 2.64 27.21
C ALA C 151 -6.24 2.11 27.12
N PHE C 152 -5.79 1.85 25.89
CA PHE C 152 -4.39 1.52 25.65
C PHE C 152 -3.56 2.80 25.55
N PRO C 153 -2.54 2.98 26.38
CA PRO C 153 -1.75 4.22 26.34
C PRO C 153 -0.69 4.16 25.26
N GLN C 154 -0.46 5.28 24.60
CA GLN C 154 0.47 5.28 23.49
C GLN C 154 1.91 5.17 24.01
N MET C 155 2.64 4.19 23.49
CA MET C 155 3.98 3.90 23.99
C MET C 155 5.00 4.04 22.87
N THR C 156 6.26 4.13 23.29
CA THR C 156 7.38 4.27 22.37
C THR C 156 8.54 3.45 22.93
N LYS C 157 9.05 2.49 22.14
CA LYS C 157 10.09 1.57 22.59
C LYS C 157 11.15 1.44 21.51
N SER C 158 12.42 1.66 21.86
CA SER C 158 13.51 1.63 20.91
C SER C 158 14.44 0.44 21.17
N TYR C 159 15.20 0.07 20.14
CA TYR C 159 16.23 -0.95 20.26
C TYR C 159 17.41 -0.57 19.37
N LYS C 160 18.62 -0.61 19.94
CA LYS C 160 19.85 -0.25 19.24
C LYS C 160 20.63 -1.53 18.95
N ASN C 161 20.92 -1.75 17.67
CA ASN C 161 21.67 -2.93 17.27
C ASN C 161 23.13 -2.71 17.59
N THR C 162 23.55 -3.20 18.76
CA THR C 162 24.89 -3.02 19.31
C THR C 162 25.93 -3.97 18.71
N ARG C 163 25.57 -4.73 17.66
CA ARG C 163 26.43 -5.78 17.15
C ARG C 163 27.04 -5.38 15.80
N LYS C 164 27.74 -6.33 15.19
CA LYS C 164 28.48 -6.08 13.96
C LYS C 164 27.80 -6.65 12.72
N SER C 165 27.01 -7.71 12.87
CA SER C 165 26.15 -8.22 11.81
C SER C 165 24.83 -7.42 11.78
N PRO C 166 24.15 -7.39 10.64
CA PRO C 166 22.81 -6.77 10.60
C PRO C 166 21.79 -7.59 11.38
N ALA C 167 20.85 -6.86 11.99
CA ALA C 167 19.80 -7.42 12.84
C ALA C 167 18.49 -7.61 12.06
N LEU C 168 17.69 -8.58 12.51
CA LEU C 168 16.40 -8.88 11.88
C LEU C 168 15.29 -8.63 12.88
N ILE C 169 14.55 -7.53 12.70
CA ILE C 169 13.47 -7.16 13.60
C ILE C 169 12.15 -7.61 12.98
N VAL C 170 11.32 -8.26 13.78
CA VAL C 170 10.06 -8.85 13.34
C VAL C 170 8.97 -8.47 14.33
N TRP C 171 7.85 -7.98 13.82
CA TRP C 171 6.72 -7.63 14.67
C TRP C 171 5.44 -8.07 13.97
N GLY C 172 4.32 -7.88 14.66
CA GLY C 172 3.05 -8.33 14.14
C GLY C 172 1.96 -7.30 14.34
N ILE C 173 0.89 -7.47 13.56
CA ILE C 173 -0.33 -6.69 13.65
C ILE C 173 -1.48 -7.64 13.92
N HIS C 174 -2.37 -7.26 14.84
CA HIS C 174 -3.52 -8.09 15.21
C HIS C 174 -4.78 -7.55 14.55
N HIS C 175 -5.32 -8.34 13.62
CA HIS C 175 -6.56 -8.02 12.93
C HIS C 175 -7.69 -8.72 13.67
N SER C 176 -8.41 -7.94 14.50
CA SER C 176 -9.51 -8.44 15.31
C SER C 176 -10.68 -8.86 14.40
N VAL C 177 -11.66 -9.54 14.99
CA VAL C 177 -12.77 -10.03 14.19
C VAL C 177 -13.80 -8.92 13.93
N SER C 178 -13.89 -7.93 14.82
CA SER C 178 -14.82 -6.85 14.61
C SER C 178 -14.26 -5.58 15.22
N THR C 179 -14.92 -4.47 14.91
CA THR C 179 -14.60 -3.19 15.54
C THR C 179 -14.85 -3.23 17.04
N ALA C 180 -15.68 -4.17 17.52
CA ALA C 180 -15.96 -4.31 18.94
C ALA C 180 -14.86 -5.06 19.68
N GLU C 181 -14.38 -6.17 19.10
CA GLU C 181 -13.33 -6.93 19.76
C GLU C 181 -12.05 -6.12 19.90
N GLN C 182 -11.75 -5.28 18.90
CA GLN C 182 -10.60 -4.40 19.00
C GLN C 182 -10.73 -3.46 20.20
N THR C 183 -11.92 -2.88 20.42
CA THR C 183 -12.12 -2.08 21.63
C THR C 183 -12.07 -2.94 22.89
N LYS C 184 -12.46 -4.22 22.80
CA LYS C 184 -12.34 -5.10 23.97
C LYS C 184 -10.88 -5.26 24.37
N LEU C 185 -10.00 -5.52 23.39
CA LEU C 185 -8.60 -5.84 23.71
C LEU C 185 -7.78 -4.59 24.00
N TYR C 186 -7.94 -3.54 23.20
CA TYR C 186 -7.09 -2.37 23.34
C TYR C 186 -7.85 -1.10 23.69
N GLY C 187 -9.17 -1.10 23.57
CA GLY C 187 -9.95 0.08 23.85
C GLY C 187 -10.46 0.77 22.59
N SER C 188 -11.48 1.59 22.78
CA SER C 188 -11.98 2.44 21.69
C SER C 188 -10.87 3.33 21.15
N GLY C 189 -11.06 3.80 19.93
CA GLY C 189 -10.06 4.61 19.27
C GLY C 189 -9.39 3.86 18.12
N ASN C 190 -8.81 4.64 17.21
CA ASN C 190 -8.12 4.08 16.05
C ASN C 190 -6.75 3.58 16.46
N LYS C 191 -6.42 2.33 16.16
CA LYS C 191 -5.16 1.75 16.61
C LYS C 191 -4.11 1.87 15.52
N LEU C 192 -2.90 2.24 15.92
CA LEU C 192 -1.89 2.62 14.94
C LEU C 192 -0.50 2.27 15.43
N VAL C 193 0.25 1.54 14.59
CA VAL C 193 1.63 1.17 14.85
C VAL C 193 2.52 1.90 13.85
N THR C 194 3.62 2.47 14.34
CA THR C 194 4.56 3.22 13.51
C THR C 194 5.96 2.65 13.73
N VAL C 195 6.58 2.17 12.66
CA VAL C 195 7.92 1.61 12.71
C VAL C 195 8.86 2.52 11.92
N GLY C 196 10.10 2.63 12.40
CA GLY C 196 11.06 3.51 11.76
C GLY C 196 12.51 3.32 12.18
N SER C 197 13.39 3.26 11.19
CA SER C 197 14.83 3.23 11.41
C SER C 197 15.49 4.27 10.51
N SER C 198 16.82 4.20 10.35
CA SER C 198 17.52 5.21 9.56
C SER C 198 17.27 5.08 8.07
N ASN C 199 16.69 3.97 7.61
CA ASN C 199 16.32 3.81 6.21
C ASN C 199 14.91 3.24 6.00
N TYR C 200 14.17 2.97 7.07
CA TYR C 200 12.82 2.40 7.01
C TYR C 200 11.82 3.41 7.53
N GLN C 201 10.67 3.51 6.88
CA GLN C 201 9.66 4.48 7.27
C GLN C 201 8.30 3.97 6.80
N GLN C 202 7.58 3.32 7.70
CA GLN C 202 6.27 2.76 7.40
C GLN C 202 5.37 2.95 8.60
N SER C 203 4.13 2.51 8.45
CA SER C 203 3.11 2.59 9.49
C SER C 203 2.06 1.53 9.17
N PHE C 204 1.42 1.02 10.21
CA PHE C 204 0.52 -0.10 10.07
C PHE C 204 -0.77 0.15 10.84
N VAL C 205 -1.89 -0.25 10.24
CA VAL C 205 -3.20 -0.11 10.87
C VAL C 205 -3.92 -1.46 10.74
N PRO C 206 -4.57 -1.94 11.80
CA PRO C 206 -5.28 -3.21 11.68
C PRO C 206 -6.54 -3.06 10.84
N SER C 207 -6.97 -4.19 10.29
CA SER C 207 -8.16 -4.21 9.46
C SER C 207 -9.28 -5.00 10.13
N PRO C 208 -9.90 -4.49 11.19
CA PRO C 208 -10.89 -5.28 11.91
C PRO C 208 -12.16 -5.46 11.08
N GLY C 209 -12.57 -6.70 10.91
CA GLY C 209 -13.78 -6.99 10.17
C GLY C 209 -13.99 -8.48 10.05
N ALA C 210 -15.18 -8.84 9.61
CA ALA C 210 -15.59 -10.24 9.55
C ALA C 210 -14.72 -11.06 8.59
N ARG C 211 -14.54 -12.33 8.94
CA ARG C 211 -13.76 -13.29 8.16
C ARG C 211 -14.40 -14.66 8.31
N PRO C 212 -13.91 -15.65 7.57
CA PRO C 212 -14.24 -17.05 7.88
C PRO C 212 -13.35 -17.56 9.01
N GLN C 213 -13.59 -18.80 9.41
CA GLN C 213 -12.87 -19.42 10.51
C GLN C 213 -11.70 -20.23 9.98
N VAL C 214 -10.56 -20.10 10.63
CA VAL C 214 -9.32 -20.79 10.25
C VAL C 214 -8.70 -21.36 11.51
N ASN C 215 -8.71 -22.69 11.64
CA ASN C 215 -8.47 -23.37 12.90
C ASN C 215 -9.49 -22.93 13.95
N GLY C 216 -10.74 -22.73 13.50
CA GLY C 216 -11.80 -22.30 14.40
C GLY C 216 -11.73 -20.85 14.86
N LEU C 217 -10.82 -20.06 14.33
CA LEU C 217 -10.70 -18.66 14.70
C LEU C 217 -10.90 -17.77 13.47
N SER C 218 -11.48 -16.60 13.72
CA SER C 218 -11.67 -15.62 12.66
C SER C 218 -10.69 -14.46 12.76
N GLY C 219 -9.90 -14.39 13.82
CA GLY C 219 -8.85 -13.39 13.89
C GLY C 219 -7.69 -13.70 12.96
N ARG C 220 -6.85 -12.68 12.76
CA ARG C 220 -5.61 -12.88 12.03
C ARG C 220 -4.50 -12.13 12.75
N ILE C 221 -3.27 -12.64 12.62
CA ILE C 221 -2.06 -11.94 13.07
C ILE C 221 -1.04 -12.03 11.96
N ASP C 222 -0.69 -10.87 11.37
CA ASP C 222 0.18 -10.83 10.20
C ASP C 222 1.49 -10.17 10.57
N PHE C 223 2.60 -10.66 9.99
CA PHE C 223 3.93 -10.33 10.46
C PHE C 223 4.69 -9.49 9.46
N HIS C 224 5.44 -8.50 9.97
CA HIS C 224 6.30 -7.65 9.17
C HIS C 224 7.72 -7.67 9.72
N TRP C 225 8.69 -7.38 8.85
CA TRP C 225 10.10 -7.49 9.22
C TRP C 225 10.93 -6.44 8.50
N LEU C 226 12.01 -6.03 9.18
CA LEU C 226 12.98 -5.13 8.57
C LEU C 226 14.36 -5.49 9.10
N MET C 227 15.37 -5.25 8.30
CA MET C 227 16.74 -5.51 8.71
C MET C 227 17.34 -4.21 9.24
N LEU C 228 17.61 -4.17 10.54
CA LEU C 228 18.24 -3.03 11.19
C LEU C 228 19.75 -3.09 11.00
N ASN C 229 20.33 -2.02 10.45
CA ASN C 229 21.76 -2.00 10.20
C ASN C 229 22.53 -2.02 11.52
N PRO C 230 23.76 -2.53 11.51
CA PRO C 230 24.60 -2.44 12.72
C PRO C 230 24.82 -0.99 13.13
N ASN C 231 24.76 -0.76 14.44
CA ASN C 231 24.88 0.58 15.03
C ASN C 231 23.70 1.47 14.62
N ASP C 232 22.56 0.87 14.31
CA ASP C 232 21.34 1.61 14.01
C ASP C 232 20.37 1.48 15.17
N THR C 233 19.25 2.20 15.09
CA THR C 233 18.22 2.22 16.13
C THR C 233 16.85 2.09 15.48
N VAL C 234 16.11 1.04 15.85
CA VAL C 234 14.70 0.89 15.48
C VAL C 234 13.86 1.48 16.61
N THR C 235 12.75 2.12 16.26
CA THR C 235 11.89 2.74 17.27
C THR C 235 10.43 2.51 16.91
N PHE C 236 9.70 1.89 17.84
CA PHE C 236 8.28 1.66 17.69
C PHE C 236 7.49 2.70 18.48
N SER C 237 6.44 3.20 17.87
CA SER C 237 5.39 3.92 18.57
C SER C 237 4.11 3.16 18.30
N PHE C 238 3.28 2.96 19.33
CA PHE C 238 2.06 2.24 19.06
C PHE C 238 0.94 2.63 20.02
N ASN C 239 -0.27 2.52 19.49
CA ASN C 239 -1.53 2.79 20.17
C ASN C 239 -2.28 1.51 20.55
N GLY C 240 -1.78 0.35 20.16
CA GLY C 240 -2.45 -0.91 20.43
C GLY C 240 -2.36 -1.82 19.22
N ALA C 241 -3.04 -2.97 19.30
CA ALA C 241 -3.11 -3.98 18.23
C ALA C 241 -1.72 -4.37 17.72
N PHE C 242 -0.73 -4.31 18.60
CA PHE C 242 0.66 -4.50 18.25
C PHE C 242 1.15 -5.80 18.88
N ILE C 243 1.66 -6.71 18.05
CA ILE C 243 2.31 -7.94 18.51
C ILE C 243 3.79 -7.62 18.62
N ALA C 244 4.25 -7.30 19.83
CA ALA C 244 5.60 -6.81 20.05
C ALA C 244 6.63 -7.93 19.99
N PRO C 245 7.86 -7.62 19.60
CA PRO C 245 8.94 -8.62 19.64
C PRO C 245 9.69 -8.58 20.96
N ASP C 246 10.28 -9.73 21.30
CA ASP C 246 11.13 -9.83 22.47
C ASP C 246 12.58 -10.12 22.13
N ARG C 247 12.85 -10.62 20.93
CA ARG C 247 14.17 -11.09 20.55
C ARG C 247 14.43 -10.76 19.08
N ALA C 248 15.44 -9.95 18.83
CA ALA C 248 15.97 -9.78 17.49
C ALA C 248 16.80 -11.00 17.09
N SER C 249 16.86 -11.26 15.80
CA SER C 249 17.59 -12.41 15.27
C SER C 249 18.79 -11.94 14.50
N PHE C 250 19.83 -12.78 14.48
CA PHE C 250 21.05 -12.51 13.72
C PHE C 250 21.43 -13.72 12.90
N LEU C 251 22.06 -13.45 11.77
CA LEU C 251 22.46 -14.51 10.85
C LEU C 251 23.82 -15.05 11.27
N ARG C 252 23.97 -16.38 11.23
CA ARG C 252 25.21 -17.00 11.69
C ARG C 252 26.30 -17.05 10.62
N GLY C 253 25.92 -17.13 9.35
CA GLY C 253 26.90 -17.34 8.31
C GLY C 253 26.32 -17.67 6.96
N LYS C 254 26.78 -18.76 6.36
CA LYS C 254 26.37 -19.18 5.03
C LYS C 254 25.67 -20.53 5.09
N SER C 255 24.68 -20.71 4.21
CA SER C 255 23.94 -21.96 4.15
C SER C 255 23.20 -22.06 2.82
N MET C 256 22.74 -23.27 2.54
CA MET C 256 21.85 -23.57 1.43
C MET C 256 20.46 -23.90 1.97
N GLY C 257 19.44 -23.66 1.15
CA GLY C 257 18.09 -23.99 1.52
C GLY C 257 17.32 -24.58 0.37
N ILE C 258 16.75 -25.78 0.57
CA ILE C 258 16.05 -26.47 -0.50
C ILE C 258 14.67 -26.88 0.00
N GLN C 259 13.84 -27.29 -0.95
CA GLN C 259 12.51 -27.81 -0.66
C GLN C 259 12.43 -29.22 -1.24
N SER C 260 12.11 -30.20 -0.40
CA SER C 260 12.05 -31.56 -0.91
C SER C 260 11.08 -32.40 -0.10
N GLY C 261 10.78 -33.57 -0.65
CA GLY C 261 9.95 -34.56 0.01
C GLY C 261 10.62 -35.92 0.04
N VAL C 262 11.94 -35.94 0.22
CA VAL C 262 12.70 -37.19 0.36
C VAL C 262 13.56 -37.07 1.61
N GLN C 263 14.06 -38.21 2.06
CA GLN C 263 14.78 -38.26 3.33
C GLN C 263 16.21 -37.76 3.17
N VAL C 264 16.78 -37.34 4.31
CA VAL C 264 18.19 -37.00 4.34
C VAL C 264 19.01 -38.28 4.22
N ASP C 265 20.30 -38.11 3.93
CA ASP C 265 21.23 -39.24 3.89
C ASP C 265 22.63 -38.70 4.18
N ALA C 266 23.14 -38.98 5.38
CA ALA C 266 24.47 -38.53 5.76
C ALA C 266 25.59 -39.39 5.17
N ASN C 267 25.25 -40.53 4.58
CA ASN C 267 26.24 -41.36 3.90
C ASN C 267 26.65 -40.74 2.56
N CYS C 268 25.69 -40.56 1.66
CA CYS C 268 25.95 -40.04 0.33
C CYS C 268 26.32 -38.55 0.39
N GLU C 269 26.99 -38.07 -0.66
CA GLU C 269 27.57 -36.73 -0.67
C GLU C 269 27.36 -36.08 -2.04
N GLY C 270 26.71 -34.91 -2.05
CA GLY C 270 26.41 -34.22 -3.30
C GLY C 270 26.25 -32.72 -3.10
N ASP C 271 26.16 -31.99 -4.22
CA ASP C 271 26.04 -30.53 -4.19
C ASP C 271 24.97 -29.96 -5.10
N CYS C 272 24.29 -30.78 -5.89
CA CYS C 272 23.15 -30.33 -6.70
C CYS C 272 21.89 -30.98 -6.15
N TYR C 273 20.98 -30.17 -5.62
CA TYR C 273 19.79 -30.68 -4.97
C TYR C 273 18.53 -30.21 -5.69
N HIS C 274 17.45 -30.95 -5.48
CA HIS C 274 16.13 -30.54 -5.94
C HIS C 274 15.07 -31.30 -5.16
N SER C 275 13.81 -30.97 -5.44
CA SER C 275 12.69 -31.55 -4.69
C SER C 275 12.59 -33.06 -4.85
N GLY C 276 13.14 -33.61 -5.94
CA GLY C 276 13.18 -35.05 -6.10
C GLY C 276 14.40 -35.76 -5.52
N GLY C 277 15.40 -35.00 -5.07
CA GLY C 277 16.61 -35.60 -4.54
C GLY C 277 17.91 -34.90 -4.89
N THR C 278 18.90 -35.68 -5.35
CA THR C 278 20.26 -35.21 -5.56
C THR C 278 20.79 -35.64 -6.92
N ILE C 279 21.53 -34.73 -7.56
CA ILE C 279 22.15 -34.96 -8.86
C ILE C 279 23.66 -34.94 -8.65
N ILE C 280 24.26 -36.11 -8.51
CA ILE C 280 25.70 -36.24 -8.46
C ILE C 280 26.16 -36.55 -9.87
N SER C 281 26.92 -35.63 -10.47
CA SER C 281 27.31 -35.79 -11.85
C SER C 281 28.49 -34.89 -12.15
N ASN C 282 29.33 -35.35 -13.10
CA ASN C 282 30.40 -34.54 -13.65
C ASN C 282 30.02 -33.91 -14.98
N LEU C 283 29.03 -34.47 -15.67
CA LEU C 283 28.54 -33.98 -16.96
C LEU C 283 28.20 -32.49 -16.86
N PRO C 284 28.13 -31.79 -17.99
CA PRO C 284 27.82 -30.35 -17.95
C PRO C 284 26.33 -30.01 -18.07
N PHE C 285 25.49 -30.98 -18.43
CA PHE C 285 24.06 -30.74 -18.64
C PHE C 285 23.24 -31.75 -17.86
N GLN C 286 22.00 -31.36 -17.54
CA GLN C 286 21.08 -32.21 -16.82
C GLN C 286 19.66 -32.00 -17.34
N ASN C 287 18.84 -33.04 -17.20
CA ASN C 287 17.46 -33.05 -17.67
C ASN C 287 16.49 -33.46 -16.57
N ILE C 288 16.85 -33.21 -15.31
CA ILE C 288 16.06 -33.74 -14.21
C ILE C 288 15.03 -32.71 -13.75
N ASP C 289 15.49 -31.56 -13.27
CA ASP C 289 14.60 -30.53 -12.73
C ASP C 289 15.14 -29.15 -13.09
N SER C 290 14.34 -28.37 -13.81
CA SER C 290 14.78 -27.06 -14.27
C SER C 290 15.09 -26.08 -13.14
N ARG C 291 14.76 -26.42 -11.89
CA ARG C 291 14.91 -25.49 -10.78
C ARG C 291 15.93 -25.95 -9.75
N ALA C 292 16.76 -26.95 -10.08
CA ALA C 292 17.74 -27.43 -9.11
C ALA C 292 18.73 -26.32 -8.76
N VAL C 293 19.19 -26.31 -7.51
CA VAL C 293 20.04 -25.24 -7.01
C VAL C 293 21.33 -25.81 -6.45
N GLY C 294 22.27 -24.91 -6.15
CA GLY C 294 23.62 -25.27 -5.75
C GLY C 294 24.60 -25.21 -6.92
N LYS C 295 25.53 -26.15 -6.96
CA LYS C 295 26.44 -26.26 -8.09
C LYS C 295 25.90 -27.36 -8.99
N CYS C 296 25.07 -26.96 -9.97
CA CYS C 296 24.35 -27.88 -10.85
C CYS C 296 24.80 -27.79 -12.31
N PRO C 297 24.68 -28.88 -13.06
CA PRO C 297 24.75 -28.77 -14.52
C PRO C 297 23.62 -27.91 -15.02
N ARG C 298 23.84 -27.28 -16.18
CA ARG C 298 22.78 -26.45 -16.76
C ARG C 298 21.66 -27.33 -17.30
N TYR C 299 20.42 -27.00 -16.93
CA TYR C 299 19.28 -27.75 -17.44
C TYR C 299 19.16 -27.56 -18.96
N VAL C 300 18.79 -28.64 -19.65
CA VAL C 300 18.53 -28.59 -21.10
C VAL C 300 17.24 -29.35 -21.37
N LYS C 301 16.71 -29.15 -22.58
CA LYS C 301 15.44 -29.78 -22.94
C LYS C 301 15.59 -31.25 -23.32
N GLN C 302 16.74 -31.65 -23.87
CA GLN C 302 16.86 -32.95 -24.52
C GLN C 302 17.10 -34.07 -23.51
N ARG C 303 16.55 -35.24 -23.82
CA ARG C 303 16.81 -36.43 -23.01
C ARG C 303 18.28 -36.81 -23.05
N SER C 304 18.84 -36.88 -24.26
CA SER C 304 20.19 -37.36 -24.45
C SER C 304 20.87 -36.53 -25.53
N LEU C 305 22.12 -36.18 -25.28
CA LEU C 305 23.01 -35.59 -26.29
C LEU C 305 24.28 -36.43 -26.30
N LEU C 306 24.45 -37.23 -27.35
CA LEU C 306 25.57 -38.15 -27.45
C LEU C 306 26.79 -37.44 -28.00
N LEU C 307 27.88 -37.46 -27.23
CA LEU C 307 29.18 -36.96 -27.68
C LEU C 307 30.02 -38.13 -28.21
N ALA C 308 30.56 -37.95 -29.42
CA ALA C 308 31.35 -38.99 -30.05
C ALA C 308 32.74 -39.05 -29.41
N THR C 309 33.19 -40.27 -29.10
CA THR C 309 34.51 -40.53 -28.52
C THR C 309 35.26 -41.58 -29.33
N GLY C 310 35.07 -41.56 -30.64
CA GLY C 310 35.74 -42.51 -31.52
C GLY C 310 35.44 -42.17 -32.97
N MET C 311 36.13 -42.85 -33.86
CA MET C 311 36.01 -42.58 -35.29
C MET C 311 34.68 -43.09 -35.82
N LYS C 312 34.40 -42.78 -37.09
CA LYS C 312 33.23 -43.35 -37.73
C LYS C 312 33.39 -44.87 -37.81
N ASN C 313 32.36 -45.59 -37.40
CA ASN C 313 32.34 -47.04 -37.49
C ASN C 313 31.93 -47.42 -38.90
N VAL C 314 32.88 -47.90 -39.70
CA VAL C 314 32.62 -48.41 -41.04
C VAL C 314 32.92 -49.91 -41.04
N PRO C 315 31.90 -50.77 -41.12
CA PRO C 315 32.14 -52.22 -41.02
C PRO C 315 32.24 -52.91 -42.38
N GLU C 316 32.55 -54.21 -42.36
CA GLU C 316 32.69 -55.04 -43.58
C GLU C 316 31.42 -55.16 -44.40
N ILE C 317 31.53 -54.88 -45.70
N GLY D 1 34.34 -38.25 -44.52
CA GLY D 1 34.73 -37.08 -43.75
C GLY D 1 35.39 -36.02 -44.61
N LEU D 2 36.10 -35.10 -43.96
CA LEU D 2 36.79 -34.03 -44.69
C LEU D 2 38.04 -34.53 -45.40
N PHE D 3 38.62 -35.64 -44.95
CA PHE D 3 39.88 -36.13 -45.49
C PHE D 3 39.75 -37.35 -46.38
N GLY D 4 38.56 -37.95 -46.44
CA GLY D 4 38.30 -39.03 -47.39
C GLY D 4 39.19 -40.25 -47.22
N ALA D 5 39.67 -40.51 -46.00
CA ALA D 5 40.38 -41.75 -45.70
C ALA D 5 39.46 -42.77 -45.03
N ILE D 6 38.86 -42.40 -43.90
CA ILE D 6 37.86 -43.23 -43.25
C ILE D 6 36.53 -43.03 -43.97
N ALA D 7 35.94 -44.13 -44.45
CA ALA D 7 34.75 -44.09 -45.32
C ALA D 7 35.02 -43.34 -46.61
N GLY D 8 36.27 -43.35 -47.08
CA GLY D 8 36.64 -42.74 -48.34
C GLY D 8 37.18 -43.74 -49.35
N PHE D 9 38.48 -43.67 -49.65
CA PHE D 9 39.08 -44.68 -50.52
C PHE D 9 39.40 -45.96 -49.75
N ILE D 10 39.70 -45.86 -48.46
CA ILE D 10 39.79 -47.05 -47.63
C ILE D 10 38.36 -47.57 -47.45
N GLU D 11 38.08 -48.72 -48.07
CA GLU D 11 36.69 -49.20 -48.21
C GLU D 11 35.99 -49.28 -46.87
N ASN D 12 36.66 -49.84 -45.87
CA ASN D 12 36.07 -50.04 -44.55
C ASN D 12 37.19 -50.35 -43.57
N GLY D 13 36.79 -50.66 -42.34
CA GLY D 13 37.71 -51.01 -41.29
C GLY D 13 37.75 -52.50 -41.02
N TRP D 14 38.53 -52.86 -40.01
CA TRP D 14 38.83 -54.25 -39.70
C TRP D 14 38.31 -54.56 -38.30
N GLU D 15 37.18 -55.27 -38.23
CA GLU D 15 36.63 -55.64 -36.93
C GLU D 15 37.57 -56.56 -36.17
N GLY D 16 38.41 -57.31 -36.89
CA GLY D 16 39.38 -58.18 -36.24
C GLY D 16 40.42 -57.44 -35.46
N LEU D 17 40.72 -56.20 -35.86
CA LEU D 17 41.72 -55.39 -35.17
C LEU D 17 41.20 -54.91 -33.83
N ILE D 18 41.79 -55.41 -32.74
CA ILE D 18 41.44 -55.01 -31.40
C ILE D 18 42.64 -54.48 -30.61
N ASP D 19 43.79 -54.36 -31.27
CA ASP D 19 45.01 -53.92 -30.58
C ASP D 19 45.04 -52.40 -30.43
N GLY D 20 44.71 -51.68 -31.49
CA GLY D 20 44.68 -50.23 -31.49
C GLY D 20 43.58 -49.74 -32.41
N TRP D 21 43.75 -48.52 -32.92
CA TRP D 21 42.75 -47.92 -33.81
C TRP D 21 43.10 -48.14 -35.28
N TYR D 22 44.28 -47.68 -35.70
CA TYR D 22 44.77 -47.83 -37.06
C TYR D 22 45.92 -48.84 -37.08
N GLY D 23 46.07 -49.54 -38.21
CA GLY D 23 47.11 -50.54 -38.26
C GLY D 23 47.51 -50.91 -39.67
N PHE D 24 48.39 -51.90 -39.75
CA PHE D 24 48.90 -52.45 -41.00
C PHE D 24 48.47 -53.91 -41.15
N ARG D 25 48.20 -54.30 -42.40
CA ARG D 25 47.82 -55.66 -42.74
C ARG D 25 48.53 -56.03 -44.03
N HIS D 26 49.49 -56.95 -43.94
CA HIS D 26 50.33 -57.34 -45.07
C HIS D 26 50.13 -58.80 -45.44
N GLN D 27 50.31 -59.08 -46.73
CA GLN D 27 50.20 -60.42 -47.30
C GLN D 27 51.42 -60.66 -48.19
N ASN D 28 52.44 -61.30 -47.63
CA ASN D 28 53.68 -61.58 -48.35
C ASN D 28 53.86 -63.10 -48.45
N ALA D 29 55.04 -63.50 -48.98
CA ALA D 29 55.32 -64.91 -49.22
C ALA D 29 55.14 -65.76 -47.97
N GLN D 30 55.47 -65.21 -46.80
CA GLN D 30 55.40 -65.94 -45.55
C GLN D 30 54.04 -65.82 -44.89
N GLY D 31 52.98 -65.61 -45.68
CA GLY D 31 51.63 -65.59 -45.18
C GLY D 31 51.20 -64.22 -44.68
N GLU D 32 49.90 -64.11 -44.40
CA GLU D 32 49.33 -62.86 -43.95
C GLU D 32 49.70 -62.57 -42.50
N GLY D 33 49.87 -61.29 -42.19
CA GLY D 33 50.11 -60.84 -40.83
C GLY D 33 49.63 -59.40 -40.66
N THR D 34 48.99 -59.10 -39.54
CA THR D 34 48.44 -57.77 -39.32
C THR D 34 48.59 -57.36 -37.87
N ALA D 35 48.94 -56.10 -37.64
CA ALA D 35 49.14 -55.56 -36.30
C ALA D 35 49.00 -54.04 -36.36
N ALA D 36 48.77 -53.45 -35.18
CA ALA D 36 48.33 -52.07 -35.10
C ALA D 36 49.50 -51.10 -34.92
N ASP D 37 49.25 -49.84 -35.29
CA ASP D 37 50.22 -48.76 -35.17
C ASP D 37 49.88 -47.89 -33.96
N TYR D 38 50.86 -47.71 -33.06
CA TYR D 38 50.61 -47.11 -31.75
C TYR D 38 50.65 -45.59 -31.74
N LYS D 39 51.50 -44.96 -32.56
CA LYS D 39 51.67 -43.52 -32.48
C LYS D 39 50.39 -42.78 -32.88
N SER D 40 49.79 -43.17 -34.00
CA SER D 40 48.54 -42.55 -34.45
C SER D 40 47.41 -42.81 -33.45
N THR D 41 47.27 -44.08 -33.04
CA THR D 41 46.28 -44.43 -32.03
C THR D 41 46.38 -43.52 -30.81
N GLN D 42 47.58 -43.41 -30.23
CA GLN D 42 47.72 -42.59 -29.03
C GLN D 42 47.55 -41.10 -29.32
N SER D 43 47.82 -40.65 -30.54
CA SER D 43 47.53 -39.27 -30.89
C SER D 43 46.03 -38.99 -30.86
N ALA D 44 45.25 -39.71 -31.69
CA ALA D 44 43.81 -39.49 -31.72
C ALA D 44 43.19 -39.68 -30.34
N ILE D 45 43.64 -40.69 -29.59
CA ILE D 45 43.08 -40.94 -28.28
C ILE D 45 43.36 -39.77 -27.34
N ASP D 46 44.60 -39.27 -27.33
CA ASP D 46 44.92 -38.17 -26.43
C ASP D 46 44.17 -36.90 -26.80
N GLN D 47 43.84 -36.72 -28.08
CA GLN D 47 43.04 -35.56 -28.47
C GLN D 47 41.58 -35.69 -28.02
N ILE D 48 40.95 -36.84 -28.30
CA ILE D 48 39.55 -37.02 -27.89
C ILE D 48 39.41 -36.92 -26.37
N THR D 49 40.34 -37.53 -25.63
CA THR D 49 40.29 -37.35 -24.18
C THR D 49 40.57 -35.91 -23.77
N GLY D 50 41.30 -35.14 -24.60
CA GLY D 50 41.40 -33.71 -24.35
C GLY D 50 40.06 -33.00 -24.42
N LYS D 51 39.26 -33.32 -25.45
CA LYS D 51 37.89 -32.79 -25.51
C LYS D 51 37.10 -33.16 -24.27
N LEU D 52 37.14 -34.43 -23.86
CA LEU D 52 36.40 -34.85 -22.67
C LEU D 52 36.84 -34.08 -21.44
N ASN D 53 38.15 -33.92 -21.24
CA ASN D 53 38.64 -33.15 -20.09
C ASN D 53 38.10 -31.73 -20.11
N ARG D 54 38.03 -31.11 -21.29
CA ARG D 54 37.50 -29.75 -21.34
C ARG D 54 35.99 -29.73 -21.03
N LEU D 55 35.27 -30.79 -21.39
CA LEU D 55 33.83 -30.84 -21.14
C LEU D 55 33.48 -31.37 -19.75
N ILE D 56 34.01 -32.54 -19.38
CA ILE D 56 33.62 -33.18 -18.13
C ILE D 56 34.34 -32.45 -16.99
N GLU D 57 33.67 -31.42 -16.48
CA GLU D 57 34.03 -30.63 -15.31
C GLU D 57 32.85 -29.67 -15.07
N LYS D 58 32.63 -29.25 -13.83
CA LYS D 58 31.47 -28.45 -13.49
C LYS D 58 31.88 -27.08 -12.95
N THR D 59 30.99 -26.11 -13.15
CA THR D 59 31.19 -24.78 -12.63
C THR D 59 31.03 -24.75 -11.12
N ASN D 60 31.78 -23.86 -10.48
CA ASN D 60 31.62 -23.60 -9.07
C ASN D 60 30.53 -22.58 -8.77
N GLN D 61 29.94 -21.97 -9.80
CA GLN D 61 28.96 -20.91 -9.57
C GLN D 61 27.65 -21.49 -9.05
N GLN D 62 27.15 -20.91 -7.97
CA GLN D 62 26.04 -21.44 -7.21
C GLN D 62 24.81 -20.56 -7.41
N PHE D 63 23.68 -21.20 -7.62
CA PHE D 63 22.42 -20.51 -7.82
C PHE D 63 21.49 -20.77 -6.64
N GLU D 64 20.80 -19.73 -6.19
CA GLU D 64 19.87 -19.83 -5.08
C GLU D 64 18.48 -20.12 -5.61
N LEU D 65 17.51 -20.15 -4.70
CA LEU D 65 16.11 -20.33 -5.05
C LEU D 65 15.41 -18.97 -5.12
N ILE D 66 14.74 -18.69 -6.23
CA ILE D 66 13.98 -17.44 -6.38
C ILE D 66 12.47 -17.64 -6.39
N ASP D 67 11.98 -18.89 -6.42
CA ASP D 67 10.54 -19.11 -6.28
C ASP D 67 10.26 -20.14 -5.19
N ASN D 68 9.03 -20.64 -5.15
CA ASN D 68 8.60 -21.57 -4.11
C ASN D 68 7.70 -22.64 -4.75
N GLU D 69 7.95 -23.89 -4.39
CA GLU D 69 7.19 -25.01 -4.94
C GLU D 69 5.91 -25.29 -4.17
N PHE D 70 5.91 -25.05 -2.86
CA PHE D 70 4.76 -25.30 -2.00
C PHE D 70 3.77 -24.15 -1.98
N ASN D 71 4.28 -22.92 -1.90
CA ASN D 71 3.45 -21.72 -1.79
C ASN D 71 3.83 -20.77 -2.93
N GLU D 72 3.07 -20.83 -4.03
CA GLU D 72 3.37 -20.08 -5.24
C GLU D 72 3.56 -18.59 -4.94
N VAL D 73 4.51 -17.97 -5.65
CA VAL D 73 4.85 -16.56 -5.48
C VAL D 73 3.78 -15.67 -6.09
N GLU D 74 3.88 -14.36 -5.85
CA GLU D 74 3.00 -13.38 -6.48
C GLU D 74 2.95 -13.60 -7.99
N LYS D 75 1.79 -13.33 -8.60
CA LYS D 75 1.54 -13.81 -9.95
C LYS D 75 2.42 -13.11 -10.99
N GLN D 76 2.56 -11.78 -10.90
CA GLN D 76 3.29 -11.06 -11.93
C GLN D 76 4.78 -11.40 -11.89
N ILE D 77 5.40 -11.27 -10.71
CA ILE D 77 6.82 -11.59 -10.58
C ILE D 77 7.08 -13.06 -10.87
N GLY D 78 6.12 -13.93 -10.58
CA GLY D 78 6.26 -15.33 -10.94
C GLY D 78 6.26 -15.54 -12.44
N ASN D 79 5.42 -14.80 -13.16
CA ASN D 79 5.43 -14.92 -14.62
C ASN D 79 6.69 -14.32 -15.24
N VAL D 80 7.26 -13.29 -14.61
CA VAL D 80 8.54 -12.76 -15.08
C VAL D 80 9.65 -13.75 -14.82
N ILE D 81 9.65 -14.39 -13.65
CA ILE D 81 10.66 -15.38 -13.31
C ILE D 81 10.58 -16.56 -14.29
N ASN D 82 9.39 -17.13 -14.46
CA ASN D 82 9.23 -18.26 -15.38
C ASN D 82 9.60 -17.87 -16.81
N TRP D 83 9.33 -16.63 -17.19
CA TRP D 83 9.71 -16.20 -18.53
C TRP D 83 11.23 -16.15 -18.68
N THR D 84 11.92 -15.58 -17.68
CA THR D 84 13.38 -15.55 -17.70
C THR D 84 13.98 -16.95 -17.72
N ARG D 85 13.53 -17.82 -16.81
CA ARG D 85 14.07 -19.17 -16.74
C ARG D 85 13.81 -19.95 -18.03
N ASP D 86 12.62 -19.81 -18.61
CA ASP D 86 12.37 -20.46 -19.89
C ASP D 86 13.33 -19.96 -20.96
N SER D 87 13.58 -18.64 -21.00
CA SER D 87 14.48 -18.12 -22.03
C SER D 87 15.91 -18.64 -21.84
N ILE D 88 16.38 -18.70 -20.59
CA ILE D 88 17.71 -19.22 -20.33
C ILE D 88 17.78 -20.70 -20.68
N THR D 89 16.84 -21.50 -20.18
CA THR D 89 16.78 -22.91 -20.53
C THR D 89 16.83 -23.11 -22.04
N GLU D 90 16.09 -22.30 -22.79
CA GLU D 90 16.16 -22.37 -24.25
C GLU D 90 17.58 -22.14 -24.74
N VAL D 91 18.23 -21.09 -24.21
CA VAL D 91 19.61 -20.76 -24.64
C VAL D 91 20.55 -21.93 -24.38
N TRP D 92 20.53 -22.49 -23.17
CA TRP D 92 21.45 -23.57 -22.85
C TRP D 92 21.18 -24.82 -23.68
N SER D 93 19.91 -25.09 -24.01
CA SER D 93 19.62 -26.20 -24.91
C SER D 93 20.26 -25.99 -26.29
N TYR D 94 20.13 -24.78 -26.83
CA TYR D 94 20.77 -24.49 -28.11
C TYR D 94 22.29 -24.63 -28.03
N ASN D 95 22.90 -24.02 -27.00
CA ASN D 95 24.36 -24.10 -26.85
C ASN D 95 24.83 -25.54 -26.73
N ALA D 96 24.08 -26.36 -26.00
CA ALA D 96 24.45 -27.76 -25.83
C ALA D 96 24.38 -28.50 -27.16
N GLU D 97 23.26 -28.39 -27.87
CA GLU D 97 23.11 -29.11 -29.13
C GLU D 97 24.18 -28.70 -30.13
N LEU D 98 24.41 -27.40 -30.27
CA LEU D 98 25.45 -26.93 -31.19
C LEU D 98 26.82 -27.46 -30.77
N LEU D 99 27.15 -27.38 -29.47
CA LEU D 99 28.44 -27.85 -29.00
C LEU D 99 28.66 -29.31 -29.36
N VAL D 100 27.70 -30.17 -29.03
CA VAL D 100 27.88 -31.60 -29.28
C VAL D 100 27.98 -31.86 -30.77
N ALA D 101 27.12 -31.23 -31.58
CA ALA D 101 27.17 -31.46 -33.02
C ALA D 101 28.52 -31.09 -33.61
N MET D 102 29.09 -29.96 -33.18
CA MET D 102 30.37 -29.55 -33.75
C MET D 102 31.53 -30.39 -33.18
N GLU D 103 31.47 -30.78 -31.91
CA GLU D 103 32.52 -31.65 -31.37
C GLU D 103 32.52 -33.01 -32.05
N ASN D 104 31.35 -33.50 -32.46
CA ASN D 104 31.29 -34.76 -33.20
C ASN D 104 31.85 -34.59 -34.60
N GLN D 105 31.39 -33.57 -35.33
CA GLN D 105 31.95 -33.30 -36.66
C GLN D 105 33.49 -33.24 -36.60
N HIS D 106 34.00 -32.43 -35.68
CA HIS D 106 35.45 -32.26 -35.58
C HIS D 106 36.13 -33.56 -35.19
N THR D 107 35.55 -34.32 -34.25
CA THR D 107 36.13 -35.60 -33.85
C THR D 107 36.28 -36.53 -35.04
N ILE D 108 35.19 -36.74 -35.80
CA ILE D 108 35.21 -37.61 -36.96
C ILE D 108 36.28 -37.16 -37.96
N ASP D 109 36.26 -35.87 -38.31
CA ASP D 109 37.25 -35.36 -39.26
C ASP D 109 38.68 -35.46 -38.73
N LEU D 110 38.85 -35.51 -37.41
CA LEU D 110 40.17 -35.62 -36.82
C LEU D 110 40.70 -37.05 -36.92
N ALA D 111 39.85 -38.04 -36.69
CA ALA D 111 40.29 -39.42 -36.88
C ALA D 111 40.60 -39.70 -38.35
N ASP D 112 39.70 -39.25 -39.23
CA ASP D 112 39.99 -39.23 -40.67
C ASP D 112 41.36 -38.64 -40.92
N SER D 113 41.64 -37.49 -40.31
CA SER D 113 42.91 -36.81 -40.48
C SER D 113 44.09 -37.69 -40.06
N GLU D 114 44.01 -38.32 -38.88
CA GLU D 114 45.13 -39.13 -38.40
C GLU D 114 45.38 -40.33 -39.31
N MET D 115 44.31 -40.90 -39.86
CA MET D 115 44.47 -41.95 -40.87
C MET D 115 45.25 -41.45 -42.06
N ASP D 116 44.81 -40.33 -42.66
CA ASP D 116 45.54 -39.77 -43.79
C ASP D 116 47.00 -39.49 -43.44
N LYS D 117 47.27 -39.11 -42.18
CA LYS D 117 48.65 -38.83 -41.78
C LYS D 117 49.49 -40.09 -41.69
N LEU D 118 48.90 -41.21 -41.29
CA LEU D 118 49.66 -42.47 -41.29
C LEU D 118 49.93 -42.95 -42.71
N TYR D 119 48.88 -42.98 -43.55
CA TYR D 119 49.05 -43.40 -44.94
C TYR D 119 50.11 -42.54 -45.64
N GLU D 120 50.03 -41.23 -45.48
CA GLU D 120 51.03 -40.35 -46.09
C GLU D 120 52.40 -40.45 -45.41
N ARG D 121 52.48 -41.00 -44.20
CA ARG D 121 53.80 -41.27 -43.62
C ARG D 121 54.46 -42.44 -44.33
N VAL D 122 53.75 -43.56 -44.43
CA VAL D 122 54.33 -44.74 -45.09
C VAL D 122 54.62 -44.45 -46.56
N LYS D 123 53.70 -43.75 -47.23
CA LYS D 123 53.91 -43.38 -48.64
C LYS D 123 55.23 -42.66 -48.85
N ARG D 124 55.71 -41.94 -47.82
CA ARG D 124 57.01 -41.29 -47.90
C ARG D 124 58.15 -42.13 -47.35
N GLN D 125 57.86 -43.19 -46.57
CA GLN D 125 58.92 -44.16 -46.26
C GLN D 125 59.32 -44.96 -47.50
N LEU D 126 58.33 -45.34 -48.33
CA LEU D 126 58.55 -46.21 -49.49
C LEU D 126 58.69 -45.39 -50.77
N ARG D 127 59.73 -44.55 -50.81
CA ARG D 127 59.78 -43.46 -51.80
C ARG D 127 59.48 -43.94 -53.22
N GLU D 128 60.33 -44.79 -53.78
CA GLU D 128 60.05 -45.32 -55.12
C GLU D 128 60.02 -46.83 -55.14
N ASN D 129 59.95 -47.47 -53.98
CA ASN D 129 59.96 -48.93 -53.86
C ASN D 129 58.56 -49.53 -53.85
N ALA D 130 57.51 -48.73 -54.08
CA ALA D 130 56.14 -49.22 -54.06
C ALA D 130 55.28 -48.33 -54.95
N GLU D 131 54.06 -48.77 -55.21
CA GLU D 131 53.12 -47.99 -56.00
C GLU D 131 51.75 -47.94 -55.34
N GLU D 132 51.03 -46.84 -55.61
CA GLU D 132 49.78 -46.55 -54.92
C GLU D 132 48.67 -47.46 -55.45
N ASP D 133 48.13 -48.30 -54.56
CA ASP D 133 47.01 -49.16 -54.90
C ASP D 133 45.81 -48.36 -55.37
N GLY D 134 45.29 -47.50 -54.50
CA GLY D 134 44.02 -46.81 -54.70
C GLY D 134 42.99 -47.16 -53.64
N THR D 135 43.19 -48.25 -52.92
CA THR D 135 42.36 -48.67 -51.80
C THR D 135 43.17 -48.71 -50.51
N GLY D 136 44.19 -47.87 -50.41
CA GLY D 136 44.96 -47.76 -49.19
C GLY D 136 45.96 -48.87 -48.99
N CYS D 137 46.36 -49.55 -50.06
CA CYS D 137 47.42 -50.53 -50.00
C CYS D 137 48.63 -50.02 -50.77
N PHE D 138 49.78 -50.61 -50.47
CA PHE D 138 51.05 -50.21 -51.06
C PHE D 138 51.65 -51.42 -51.77
N GLU D 139 51.58 -51.41 -53.10
CA GLU D 139 52.12 -52.52 -53.90
C GLU D 139 53.63 -52.40 -53.92
N ILE D 140 54.30 -53.16 -53.05
CA ILE D 140 55.75 -53.23 -53.08
C ILE D 140 56.21 -54.03 -54.29
N PHE D 141 57.44 -53.77 -54.73
CA PHE D 141 58.01 -54.50 -55.85
C PHE D 141 59.12 -55.45 -55.46
N HIS D 142 59.86 -55.15 -54.40
CA HIS D 142 60.90 -56.07 -53.96
C HIS D 142 60.33 -57.07 -52.94
N LYS D 143 61.12 -58.11 -52.68
CA LYS D 143 60.69 -59.24 -51.87
C LYS D 143 60.82 -58.87 -50.39
N CYS D 144 59.79 -58.24 -49.85
CA CYS D 144 59.81 -57.83 -48.46
C CYS D 144 59.19 -58.93 -47.61
N ASP D 145 59.98 -59.44 -46.67
CA ASP D 145 59.61 -60.53 -45.80
C ASP D 145 58.95 -60.01 -44.51
N ASP D 146 58.66 -60.93 -43.59
CA ASP D 146 58.05 -60.55 -42.32
C ASP D 146 59.02 -59.83 -41.38
N ASP D 147 60.26 -59.60 -41.78
CA ASP D 147 61.17 -58.76 -41.02
C ASP D 147 61.35 -57.37 -41.65
N CYS D 148 61.35 -57.30 -42.98
CA CYS D 148 61.34 -56.01 -43.64
C CYS D 148 60.03 -55.25 -43.40
N MET D 149 58.91 -55.99 -43.28
CA MET D 149 57.65 -55.35 -42.89
C MET D 149 57.76 -54.73 -41.50
N ALA D 150 58.29 -55.48 -40.53
CA ALA D 150 58.50 -54.94 -39.19
C ALA D 150 59.51 -53.80 -39.18
N SER D 151 60.33 -53.68 -40.22
CA SER D 151 61.16 -52.50 -40.36
C SER D 151 60.38 -51.33 -40.98
N ILE D 152 59.28 -51.61 -41.69
CA ILE D 152 58.37 -50.54 -42.06
C ILE D 152 57.65 -49.99 -40.83
N ARG D 153 57.00 -50.87 -40.07
CA ARG D 153 56.19 -50.46 -38.94
C ARG D 153 56.99 -49.89 -37.78
N ASN D 154 58.33 -49.90 -37.86
CA ASN D 154 59.17 -49.16 -36.95
C ASN D 154 59.78 -47.93 -37.62
N ASN D 155 59.45 -47.69 -38.88
CA ASN D 155 60.05 -46.67 -39.74
C ASN D 155 61.55 -46.89 -39.96
N THR D 156 62.11 -48.01 -39.47
CA THR D 156 63.52 -48.32 -39.70
C THR D 156 63.81 -48.73 -41.13
N TYR D 157 62.79 -48.75 -41.99
CA TYR D 157 62.95 -49.17 -43.38
C TYR D 157 63.87 -48.23 -44.14
N ASP D 158 64.93 -48.81 -44.71
CA ASP D 158 65.84 -48.08 -45.59
C ASP D 158 65.42 -48.36 -47.03
N HIS D 159 65.09 -47.31 -47.78
CA HIS D 159 64.64 -47.51 -49.15
C HIS D 159 65.78 -47.65 -50.14
N SER D 160 66.98 -47.20 -49.78
CA SER D 160 68.12 -47.27 -50.68
C SER D 160 68.64 -48.69 -50.83
N LYS D 161 68.58 -49.50 -49.76
CA LYS D 161 68.96 -50.91 -49.85
C LYS D 161 68.14 -51.63 -50.91
N TYR D 162 66.82 -51.50 -50.84
CA TYR D 162 65.92 -52.26 -51.70
C TYR D 162 65.47 -51.44 -52.91
N ARG D 163 66.22 -50.40 -53.28
CA ARG D 163 65.80 -49.54 -54.38
C ARG D 163 66.03 -50.19 -55.74
N GLU D 164 67.19 -50.82 -55.92
CA GLU D 164 67.55 -51.39 -57.23
C GLU D 164 66.47 -52.33 -57.75
N GLU D 165 66.12 -53.34 -56.94
CA GLU D 165 65.17 -54.37 -57.35
C GLU D 165 63.83 -53.76 -57.73
N ALA D 166 63.22 -53.04 -56.78
CA ALA D 166 61.90 -52.48 -56.99
C ALA D 166 61.88 -51.51 -58.16
N MET D 167 62.96 -50.75 -58.35
CA MET D 167 63.05 -49.86 -59.50
C MET D 167 63.00 -50.65 -60.79
N GLN D 168 63.89 -51.64 -60.92
CA GLN D 168 63.98 -52.43 -62.15
C GLN D 168 62.68 -53.15 -62.46
N ASN D 169 62.01 -53.70 -61.42
CA ASN D 169 60.74 -54.43 -61.58
C ASN D 169 59.57 -53.52 -61.93
N ARG D 170 59.82 -52.23 -62.19
CA ARG D 170 58.79 -51.24 -62.50
C ARG D 170 57.60 -51.79 -63.28
N ASP E 1 45.10 -36.09 -75.19
CA ASP E 1 46.45 -35.88 -74.66
C ASP E 1 46.41 -35.74 -73.13
N LYS E 2 45.31 -35.19 -72.59
CA LYS E 2 45.21 -34.91 -71.16
C LYS E 2 43.74 -34.86 -70.75
N ILE E 3 43.53 -34.75 -69.43
CA ILE E 3 42.20 -34.60 -68.83
C ILE E 3 42.30 -33.67 -67.62
N CYS E 4 41.27 -32.85 -67.43
CA CYS E 4 41.29 -31.78 -66.43
C CYS E 4 40.15 -31.92 -65.44
N LEU E 5 40.45 -31.62 -64.17
CA LEU E 5 39.48 -31.56 -63.08
C LEU E 5 39.09 -30.12 -62.81
N GLY E 6 37.89 -29.94 -62.25
CA GLY E 6 37.44 -28.60 -61.91
C GLY E 6 36.07 -28.62 -61.26
N HIS E 7 35.60 -27.42 -60.94
CA HIS E 7 34.33 -27.20 -60.27
C HIS E 7 33.52 -26.17 -61.05
N HIS E 8 32.26 -26.03 -60.68
CA HIS E 8 31.37 -25.10 -61.39
C HIS E 8 31.41 -23.71 -60.74
N ALA E 9 30.72 -22.77 -61.38
CA ALA E 9 30.68 -21.39 -60.94
C ALA E 9 29.48 -20.72 -61.60
N VAL E 10 29.20 -19.50 -61.13
CA VAL E 10 28.06 -18.72 -61.60
C VAL E 10 28.57 -17.32 -61.94
N SER E 11 27.87 -16.67 -62.87
CA SER E 11 28.24 -15.32 -63.26
C SER E 11 28.02 -14.33 -62.11
N ASN E 12 26.95 -14.53 -61.33
CA ASN E 12 26.58 -13.61 -60.26
C ASN E 12 26.36 -14.43 -58.98
N GLY E 13 27.31 -14.33 -58.04
CA GLY E 13 27.21 -15.02 -56.77
C GLY E 13 26.73 -14.11 -55.66
N THR E 14 26.45 -14.73 -54.51
CA THR E 14 25.91 -14.05 -53.34
C THR E 14 26.96 -14.04 -52.24
N LYS E 15 27.18 -12.88 -51.62
CA LYS E 15 28.25 -12.71 -50.65
C LYS E 15 27.77 -12.99 -49.23
N VAL E 16 28.47 -13.90 -48.54
CA VAL E 16 28.21 -14.28 -47.16
C VAL E 16 29.42 -13.91 -46.32
N ASN E 17 29.37 -14.18 -45.02
CA ASN E 17 30.49 -13.95 -44.11
C ASN E 17 30.95 -15.25 -43.46
N THR E 18 32.23 -15.30 -43.09
CA THR E 18 32.84 -16.46 -42.44
C THR E 18 33.59 -16.00 -41.20
N LEU E 19 34.13 -16.97 -40.45
CA LEU E 19 34.95 -16.67 -39.28
C LEU E 19 36.19 -15.89 -39.67
N THR E 20 36.71 -16.13 -40.87
CA THR E 20 38.03 -15.66 -41.27
C THR E 20 37.99 -14.53 -42.29
N GLU E 21 36.85 -14.30 -42.93
CA GLU E 21 36.75 -13.33 -44.02
C GLU E 21 35.34 -12.80 -44.09
N ARG E 22 35.21 -11.53 -44.48
CA ARG E 22 33.92 -10.88 -44.65
C ARG E 22 33.64 -10.68 -46.13
N GLY E 23 32.37 -10.80 -46.51
CA GLY E 23 31.94 -10.56 -47.87
C GLY E 23 32.59 -11.46 -48.91
N VAL E 24 32.64 -12.78 -48.63
CA VAL E 24 33.14 -13.76 -49.58
C VAL E 24 32.00 -14.20 -50.48
N GLU E 25 32.26 -14.36 -51.76
CA GLU E 25 31.20 -14.69 -52.72
C GLU E 25 31.07 -16.21 -52.80
N VAL E 26 29.83 -16.68 -52.82
CA VAL E 26 29.55 -18.10 -52.98
C VAL E 26 28.45 -18.28 -54.02
N VAL E 27 28.32 -19.53 -54.46
CA VAL E 27 27.39 -19.88 -55.54
C VAL E 27 25.96 -19.54 -55.13
N ASN E 28 25.47 -20.21 -54.09
CA ASN E 28 24.07 -20.26 -53.72
C ASN E 28 23.99 -19.94 -52.24
N ALA E 29 22.94 -19.22 -51.83
CA ALA E 29 22.80 -18.88 -50.43
C ALA E 29 21.32 -18.80 -50.08
N THR E 30 21.05 -18.87 -48.79
CA THR E 30 19.69 -18.68 -48.28
C THR E 30 19.72 -17.85 -47.00
N GLU E 31 18.62 -17.15 -46.76
CA GLU E 31 18.48 -16.27 -45.61
C GLU E 31 18.16 -17.07 -44.34
N THR E 32 18.59 -16.53 -43.19
CA THR E 32 18.27 -17.12 -41.90
C THR E 32 17.45 -16.21 -40.98
N VAL E 33 17.37 -14.92 -41.26
CA VAL E 33 16.61 -13.97 -40.46
C VAL E 33 15.29 -13.67 -41.17
N GLU E 34 14.18 -14.03 -40.54
CA GLU E 34 12.87 -13.87 -41.18
C GLU E 34 12.39 -12.43 -41.06
N ARG E 35 11.98 -11.86 -42.20
CA ARG E 35 11.36 -10.53 -42.22
C ARG E 35 9.96 -10.55 -42.84
N THR E 36 9.50 -11.69 -43.33
CA THR E 36 8.21 -11.83 -43.99
C THR E 36 7.10 -11.83 -42.94
N ASN E 37 6.50 -10.66 -42.75
CA ASN E 37 5.34 -10.51 -41.90
C ASN E 37 4.08 -10.80 -42.71
N ILE E 38 3.05 -11.26 -42.01
CA ILE E 38 1.71 -11.40 -42.59
C ILE E 38 0.75 -10.52 -41.80
N PRO E 39 0.29 -9.40 -42.36
CA PRO E 39 -0.49 -8.44 -41.56
C PRO E 39 -1.91 -8.89 -41.23
N ARG E 40 -2.03 -10.14 -40.78
CA ARG E 40 -3.30 -10.73 -40.39
C ARG E 40 -3.06 -11.68 -39.24
N ILE E 41 -4.05 -11.83 -38.38
CA ILE E 41 -3.97 -12.75 -37.25
C ILE E 41 -4.44 -14.12 -37.74
N CYS E 42 -3.51 -15.02 -37.98
CA CYS E 42 -3.82 -16.33 -38.54
C CYS E 42 -4.36 -17.23 -37.43
N SER E 43 -5.69 -17.38 -37.39
CA SER E 43 -6.38 -18.02 -36.27
C SER E 43 -7.01 -19.36 -36.64
N LYS E 44 -6.59 -19.97 -37.77
CA LYS E 44 -7.20 -21.21 -38.21
C LYS E 44 -7.05 -22.29 -37.13
N GLY E 45 -8.14 -23.01 -36.88
CA GLY E 45 -8.10 -24.10 -35.92
C GLY E 45 -7.96 -23.65 -34.49
N LYS E 46 -8.25 -22.39 -34.20
CA LYS E 46 -8.27 -21.88 -32.85
C LYS E 46 -9.58 -21.14 -32.60
N ARG E 47 -10.18 -21.39 -31.45
CA ARG E 47 -11.34 -20.62 -31.04
C ARG E 47 -10.89 -19.21 -30.70
N THR E 48 -11.30 -18.24 -31.51
CA THR E 48 -10.83 -16.86 -31.39
C THR E 48 -11.93 -15.95 -30.90
N VAL E 49 -11.57 -15.01 -30.02
CA VAL E 49 -12.47 -14.01 -29.49
C VAL E 49 -11.80 -12.65 -29.70
N ASP E 50 -12.36 -11.84 -30.59
CA ASP E 50 -11.88 -10.48 -30.82
C ASP E 50 -12.72 -9.55 -29.96
N LEU E 51 -12.14 -9.07 -28.85
CA LEU E 51 -12.88 -8.23 -27.92
C LEU E 51 -13.23 -6.89 -28.55
N GLY E 52 -12.35 -6.35 -29.38
CA GLY E 52 -12.63 -5.07 -30.01
C GLY E 52 -12.65 -3.99 -28.95
N GLN E 53 -13.71 -3.19 -28.95
CA GLN E 53 -13.83 -2.07 -28.01
C GLN E 53 -14.06 -2.52 -26.58
N CYS E 54 -14.28 -3.82 -26.35
CA CYS E 54 -14.38 -4.35 -25.00
C CYS E 54 -12.99 -4.61 -24.43
N GLY E 55 -12.65 -3.91 -23.35
CA GLY E 55 -11.42 -4.18 -22.64
C GLY E 55 -11.47 -5.50 -21.90
N LEU E 56 -10.30 -6.07 -21.66
CA LEU E 56 -10.24 -7.44 -21.15
C LEU E 56 -10.81 -7.55 -19.74
N LEU E 57 -10.50 -6.59 -18.87
CA LEU E 57 -11.01 -6.66 -17.51
C LEU E 57 -12.52 -6.42 -17.46
N GLY E 58 -13.04 -5.58 -18.38
CA GLY E 58 -14.48 -5.38 -18.44
C GLY E 58 -15.27 -6.68 -18.52
N THR E 59 -14.72 -7.70 -19.18
CA THR E 59 -15.39 -8.98 -19.31
C THR E 59 -15.87 -9.55 -17.98
N ILE E 60 -15.30 -9.12 -16.86
CA ILE E 60 -15.73 -9.61 -15.57
C ILE E 60 -16.55 -8.58 -14.77
N THR E 61 -16.44 -7.28 -15.06
CA THR E 61 -17.33 -6.31 -14.41
C THR E 61 -18.61 -6.10 -15.20
N GLY E 62 -18.52 -6.12 -16.54
CA GLY E 62 -19.66 -6.06 -17.43
C GLY E 62 -20.17 -4.66 -17.74
N PRO E 63 -19.34 -3.82 -18.33
CA PRO E 63 -19.82 -2.54 -18.86
C PRO E 63 -20.56 -2.79 -20.17
N PRO E 64 -21.21 -1.77 -20.76
CA PRO E 64 -21.99 -2.04 -21.99
C PRO E 64 -21.20 -2.79 -23.05
N GLN E 65 -20.01 -2.29 -23.40
CA GLN E 65 -19.26 -2.82 -24.54
C GLN E 65 -18.96 -4.31 -24.41
N CYS E 66 -19.00 -4.86 -23.20
CA CYS E 66 -18.61 -6.24 -22.97
C CYS E 66 -19.79 -7.17 -22.75
N ASP E 67 -21.02 -6.70 -22.97
CA ASP E 67 -22.19 -7.57 -22.79
C ASP E 67 -22.07 -8.87 -23.57
N GLN E 68 -21.29 -8.86 -24.67
CA GLN E 68 -21.15 -10.03 -25.52
C GLN E 68 -20.28 -11.13 -24.89
N PHE E 69 -19.29 -10.74 -24.09
CA PHE E 69 -18.24 -11.67 -23.66
C PHE E 69 -18.33 -12.00 -22.17
N LEU E 70 -19.54 -12.03 -21.61
CA LEU E 70 -19.69 -12.20 -20.16
C LEU E 70 -19.29 -13.61 -19.72
N GLU E 71 -19.59 -14.61 -20.54
CA GLU E 71 -19.16 -15.97 -20.28
C GLU E 71 -18.42 -16.51 -21.49
N PHE E 72 -17.50 -15.70 -22.01
CA PHE E 72 -16.85 -16.03 -23.27
C PHE E 72 -15.90 -17.22 -23.09
N SER E 73 -15.59 -17.86 -24.22
CA SER E 73 -14.70 -19.01 -24.22
C SER E 73 -13.84 -18.94 -25.47
N ALA E 74 -12.56 -19.27 -25.33
CA ALA E 74 -11.63 -19.08 -26.43
C ALA E 74 -10.33 -19.84 -26.16
N ASP E 75 -9.65 -20.23 -27.24
CA ASP E 75 -8.27 -20.69 -27.20
C ASP E 75 -7.28 -19.56 -27.44
N LEU E 76 -7.73 -18.46 -28.05
CA LEU E 76 -6.90 -17.32 -28.40
C LEU E 76 -7.69 -16.04 -28.18
N ILE E 77 -7.12 -15.13 -27.38
CA ILE E 77 -7.78 -13.88 -27.00
C ILE E 77 -6.99 -12.72 -27.58
N ILE E 78 -7.68 -11.82 -28.28
CA ILE E 78 -7.05 -10.72 -29.00
C ILE E 78 -7.54 -9.41 -28.38
N GLU E 79 -6.69 -8.79 -27.55
CA GLU E 79 -6.98 -7.45 -27.06
C GLU E 79 -6.81 -6.41 -28.16
N ARG E 80 -7.53 -5.30 -28.05
CA ARG E 80 -7.39 -4.19 -28.98
C ARG E 80 -7.08 -2.91 -28.22
N ARG E 81 -6.27 -2.04 -28.84
CA ARG E 81 -5.95 -0.75 -28.24
C ARG E 81 -7.21 0.05 -27.95
N GLU E 82 -8.19 -0.03 -28.84
CA GLU E 82 -9.44 0.71 -28.69
C GLU E 82 -10.21 0.28 -27.45
N GLY E 83 -9.96 -0.92 -26.93
CA GLY E 83 -10.74 -1.43 -25.82
C GLY E 83 -10.55 -0.61 -24.55
N SER E 84 -11.62 -0.59 -23.75
CA SER E 84 -11.62 0.07 -22.44
C SER E 84 -12.24 -0.88 -21.43
N ASP E 85 -11.59 -1.02 -20.28
CA ASP E 85 -12.08 -1.96 -19.27
C ASP E 85 -13.29 -1.45 -18.48
N VAL E 86 -13.68 -0.20 -18.64
CA VAL E 86 -14.70 0.40 -17.79
C VAL E 86 -15.61 1.32 -18.58
N CYS E 87 -16.74 1.67 -17.96
CA CYS E 87 -17.60 2.75 -18.42
C CYS E 87 -17.64 3.91 -17.43
N TYR E 88 -18.03 3.65 -16.18
CA TYR E 88 -17.90 4.67 -15.14
C TYR E 88 -16.43 4.85 -14.79
N PRO E 89 -15.90 6.07 -14.87
CA PRO E 89 -14.44 6.28 -14.74
C PRO E 89 -13.85 5.57 -13.53
N GLY E 90 -12.71 4.94 -13.76
CA GLY E 90 -12.04 4.17 -12.73
C GLY E 90 -11.02 3.25 -13.35
N LYS E 91 -10.25 2.63 -12.47
CA LYS E 91 -9.22 1.68 -12.87
C LYS E 91 -9.39 0.40 -12.08
N PHE E 92 -8.73 -0.64 -12.55
CA PHE E 92 -8.55 -1.85 -11.76
C PHE E 92 -7.30 -1.68 -10.93
N VAL E 93 -7.41 -2.00 -9.65
CA VAL E 93 -6.25 -2.06 -8.80
C VAL E 93 -5.56 -3.40 -9.02
N ASN E 94 -4.24 -3.37 -9.21
CA ASN E 94 -3.47 -4.58 -9.52
C ASN E 94 -3.99 -5.20 -10.82
N GLU E 95 -3.92 -4.40 -11.88
CA GLU E 95 -4.62 -4.72 -13.12
C GLU E 95 -3.83 -5.67 -14.02
N GLU E 96 -2.52 -5.44 -14.15
CA GLU E 96 -1.77 -6.24 -15.11
C GLU E 96 -1.69 -7.70 -14.66
N ALA E 97 -1.61 -7.95 -13.35
CA ALA E 97 -1.64 -9.32 -12.86
C ALA E 97 -2.92 -10.02 -13.31
N LEU E 98 -4.06 -9.37 -13.10
CA LEU E 98 -5.33 -9.99 -13.48
C LEU E 98 -5.40 -10.17 -14.99
N ARG E 99 -4.87 -9.21 -15.77
CA ARG E 99 -4.84 -9.36 -17.22
C ARG E 99 -4.06 -10.60 -17.63
N GLN E 100 -2.85 -10.75 -17.05
CA GLN E 100 -2.04 -11.92 -17.35
C GLN E 100 -2.75 -13.22 -16.93
N ILE E 101 -3.55 -13.17 -15.86
CA ILE E 101 -4.28 -14.36 -15.43
C ILE E 101 -5.36 -14.71 -16.44
N LEU E 102 -6.14 -13.72 -16.87
CA LEU E 102 -7.25 -13.99 -17.77
C LEU E 102 -6.79 -14.36 -19.16
N ARG E 103 -5.67 -13.80 -19.62
CA ARG E 103 -5.20 -14.10 -20.97
C ARG E 103 -5.03 -15.61 -21.19
N GLU E 104 -4.66 -16.36 -20.14
CA GLU E 104 -4.46 -17.81 -20.25
C GLU E 104 -5.58 -18.60 -19.58
N SER E 105 -6.77 -18.02 -19.48
CA SER E 105 -7.88 -18.61 -18.74
C SER E 105 -8.81 -19.45 -19.60
N GLY E 106 -8.65 -19.43 -20.93
CA GLY E 106 -9.58 -20.15 -21.78
C GLY E 106 -11.00 -19.60 -21.75
N GLY E 107 -11.18 -18.38 -21.28
CA GLY E 107 -12.50 -17.81 -21.07
C GLY E 107 -12.97 -17.98 -19.64
N ILE E 108 -14.07 -17.32 -19.33
CA ILE E 108 -14.62 -17.32 -17.98
C ILE E 108 -16.02 -17.89 -18.01
N ASP E 109 -16.40 -18.48 -16.88
CA ASP E 109 -17.72 -19.05 -16.66
C ASP E 109 -18.21 -18.51 -15.33
N LYS E 110 -19.29 -17.73 -15.38
CA LYS E 110 -19.77 -17.01 -14.20
C LYS E 110 -20.82 -17.81 -13.44
N GLU E 111 -20.76 -17.72 -12.11
CA GLU E 111 -21.73 -18.31 -11.20
C GLU E 111 -22.19 -17.22 -10.25
N ALA E 112 -23.50 -17.18 -9.95
CA ALA E 112 -24.06 -16.13 -9.12
C ALA E 112 -23.74 -16.35 -7.64
N MET E 113 -23.40 -15.25 -6.96
CA MET E 113 -23.06 -15.34 -5.54
C MET E 113 -24.26 -15.24 -4.62
N GLY E 114 -25.43 -14.87 -5.16
CA GLY E 114 -26.67 -14.99 -4.42
C GLY E 114 -26.92 -13.93 -3.39
N PHE E 115 -26.38 -12.73 -3.57
CA PHE E 115 -26.56 -11.68 -2.58
C PHE E 115 -27.95 -11.07 -2.71
N THR E 116 -28.73 -11.16 -1.63
CA THR E 116 -30.02 -10.49 -1.51
C THR E 116 -29.88 -9.32 -0.55
N TYR E 117 -30.68 -8.28 -0.76
CA TYR E 117 -30.54 -7.05 0.01
C TYR E 117 -31.91 -6.56 0.46
N SER E 118 -31.89 -5.74 1.52
CA SER E 118 -33.13 -5.18 2.06
C SER E 118 -32.79 -3.97 2.93
N GLY E 119 -33.61 -2.94 2.82
CA GLY E 119 -33.37 -1.71 3.55
C GLY E 119 -32.50 -0.70 2.82
N ILE E 120 -31.99 -1.06 1.64
CA ILE E 120 -31.20 -0.17 0.83
C ILE E 120 -31.76 -0.17 -0.59
N ARG E 121 -31.09 0.56 -1.46
CA ARG E 121 -31.45 0.67 -2.87
C ARG E 121 -30.36 -0.02 -3.69
N THR E 122 -30.76 -0.87 -4.64
CA THR E 122 -29.80 -1.58 -5.49
C THR E 122 -29.78 -1.08 -6.93
N ASN E 123 -30.59 -0.08 -7.26
CA ASN E 123 -30.79 0.37 -8.63
C ASN E 123 -29.84 1.50 -9.03
N GLY E 124 -28.87 1.84 -8.18
CA GLY E 124 -27.90 2.87 -8.50
C GLY E 124 -27.35 2.63 -9.89
N ALA E 125 -27.55 3.59 -10.79
CA ALA E 125 -27.11 3.45 -12.18
C ALA E 125 -26.59 4.81 -12.63
N THR E 126 -25.94 4.82 -13.79
CA THR E 126 -25.22 6.01 -14.25
C THR E 126 -25.44 6.24 -15.75
N SER E 127 -25.24 7.49 -16.16
CA SER E 127 -25.38 7.87 -17.56
C SER E 127 -24.14 7.55 -18.39
N ALA E 128 -23.08 7.03 -17.78
CA ALA E 128 -21.90 6.67 -18.57
C ALA E 128 -21.99 5.25 -19.11
N CYS E 129 -22.68 4.37 -18.41
CA CYS E 129 -22.92 3.01 -18.90
C CYS E 129 -24.34 3.00 -19.46
N ARG E 130 -24.46 3.38 -20.74
CA ARG E 130 -25.76 3.54 -21.38
C ARG E 130 -26.23 2.23 -22.01
N ARG E 131 -27.45 1.83 -21.66
CA ARG E 131 -28.14 0.68 -22.27
C ARG E 131 -29.61 1.09 -22.38
N SER E 132 -29.98 1.68 -23.52
CA SER E 132 -31.34 2.19 -23.73
C SER E 132 -31.79 2.97 -22.48
N GLY E 133 -31.01 4.00 -22.17
CA GLY E 133 -31.14 4.72 -20.92
C GLY E 133 -29.93 4.48 -20.03
N SER E 134 -30.00 5.04 -18.83
CA SER E 134 -28.90 4.97 -17.88
C SER E 134 -28.89 3.60 -17.19
N SER E 135 -27.72 2.97 -17.18
CA SER E 135 -27.56 1.64 -16.59
C SER E 135 -26.20 1.61 -15.87
N PHE E 136 -25.76 0.40 -15.51
CA PHE E 136 -24.57 0.23 -14.69
C PHE E 136 -23.78 -0.95 -15.24
N TYR E 137 -22.84 -1.45 -14.46
CA TYR E 137 -22.17 -2.70 -14.77
C TYR E 137 -23.16 -3.85 -14.65
N ALA E 138 -22.98 -4.85 -15.52
CA ALA E 138 -23.94 -5.94 -15.63
C ALA E 138 -23.77 -6.98 -14.53
N GLU E 139 -22.59 -7.06 -13.92
CA GLU E 139 -22.34 -8.01 -12.85
C GLU E 139 -22.30 -7.35 -11.49
N MET E 140 -22.38 -6.03 -11.44
CA MET E 140 -22.29 -5.30 -10.19
C MET E 140 -23.62 -4.59 -9.93
N LYS E 141 -23.90 -4.35 -8.65
CA LYS E 141 -25.06 -3.58 -8.23
C LYS E 141 -24.57 -2.42 -7.39
N TRP E 142 -25.06 -1.22 -7.70
CA TRP E 142 -24.62 0.00 -7.02
C TRP E 142 -25.55 0.23 -5.84
N LEU E 143 -25.09 -0.15 -4.65
CA LEU E 143 -25.93 -0.09 -3.46
C LEU E 143 -25.95 1.35 -2.94
N LEU E 144 -27.15 1.91 -2.84
CA LEU E 144 -27.37 3.25 -2.30
C LEU E 144 -28.30 3.16 -1.11
N SER E 145 -28.31 4.22 -0.31
CA SER E 145 -29.19 4.27 0.84
C SER E 145 -30.65 4.38 0.36
N ASN E 146 -31.57 4.04 1.27
CA ASN E 146 -32.99 3.94 0.90
C ASN E 146 -33.50 5.27 0.34
N THR E 147 -33.14 6.38 0.96
CA THR E 147 -33.50 7.71 0.46
C THR E 147 -32.29 8.62 0.60
N ASP E 148 -32.35 9.77 -0.06
CA ASP E 148 -31.23 10.72 -0.01
C ASP E 148 -30.88 11.10 1.43
N ASN E 149 -29.58 11.18 1.71
CA ASN E 149 -28.97 11.56 2.98
C ASN E 149 -29.28 10.60 4.13
N ALA E 150 -30.05 9.55 3.88
CA ALA E 150 -30.38 8.61 4.95
C ALA E 150 -29.16 7.76 5.30
N ALA E 151 -29.22 7.15 6.48
CA ALA E 151 -28.10 6.36 6.98
C ALA E 151 -28.08 4.99 6.33
N PHE E 152 -26.92 4.60 5.81
CA PHE E 152 -26.72 3.27 5.28
C PHE E 152 -26.51 2.29 6.42
N PRO E 153 -27.21 1.16 6.44
CA PRO E 153 -27.02 0.17 7.51
C PRO E 153 -25.78 -0.67 7.27
N GLN E 154 -24.97 -0.84 8.32
CA GLN E 154 -23.81 -1.73 8.26
C GLN E 154 -24.24 -3.13 7.85
N MET E 155 -23.62 -3.65 6.81
CA MET E 155 -24.06 -4.91 6.22
C MET E 155 -22.90 -5.88 6.11
N THR E 156 -23.24 -7.16 6.01
CA THR E 156 -22.25 -8.21 5.85
C THR E 156 -22.90 -9.33 5.05
N LYS E 157 -22.28 -9.68 3.91
CA LYS E 157 -22.74 -10.77 3.05
C LYS E 157 -21.55 -11.62 2.66
N SER E 158 -21.76 -12.92 2.49
CA SER E 158 -20.66 -13.86 2.28
C SER E 158 -20.97 -14.86 1.17
N TYR E 159 -19.91 -15.34 0.52
CA TYR E 159 -20.01 -16.31 -0.57
C TYR E 159 -18.97 -17.41 -0.38
N LYS E 160 -19.42 -18.67 -0.41
CA LYS E 160 -18.54 -19.82 -0.28
C LYS E 160 -18.33 -20.45 -1.65
N ASN E 161 -17.07 -20.65 -2.01
CA ASN E 161 -16.69 -21.28 -3.27
C ASN E 161 -17.03 -22.76 -3.19
N THR E 162 -18.15 -23.14 -3.78
CA THR E 162 -18.59 -24.53 -3.73
C THR E 162 -17.83 -25.43 -4.72
N ARG E 163 -17.09 -24.85 -5.66
CA ARG E 163 -16.59 -25.58 -6.82
C ARG E 163 -15.15 -26.04 -6.61
N LYS E 164 -14.67 -26.83 -7.57
CA LYS E 164 -13.39 -27.51 -7.44
C LYS E 164 -12.21 -26.60 -7.73
N SER E 165 -12.38 -25.58 -8.60
CA SER E 165 -11.34 -24.66 -9.05
C SER E 165 -11.43 -23.33 -8.32
N PRO E 166 -10.34 -22.55 -8.29
CA PRO E 166 -10.38 -21.25 -7.60
C PRO E 166 -11.31 -20.27 -8.29
N ALA E 167 -11.95 -19.43 -7.47
CA ALA E 167 -12.88 -18.40 -7.92
C ALA E 167 -12.22 -17.04 -8.01
N LEU E 168 -12.79 -16.18 -8.84
CA LEU E 168 -12.31 -14.82 -9.03
C LEU E 168 -13.37 -13.88 -8.46
N ILE E 169 -13.01 -13.16 -7.41
CA ILE E 169 -13.93 -12.27 -6.72
C ILE E 169 -13.53 -10.83 -7.02
N VAL E 170 -14.48 -10.04 -7.51
CA VAL E 170 -14.26 -8.64 -7.84
C VAL E 170 -15.32 -7.82 -7.14
N TRP E 171 -14.92 -6.67 -6.60
CA TRP E 171 -15.86 -5.69 -6.10
C TRP E 171 -15.33 -4.31 -6.45
N GLY E 172 -16.09 -3.28 -6.11
CA GLY E 172 -15.74 -1.92 -6.46
C GLY E 172 -15.92 -0.99 -5.28
N ILE E 173 -15.16 0.10 -5.32
CA ILE E 173 -15.26 1.19 -4.36
C ILE E 173 -15.60 2.46 -5.12
N HIS E 174 -16.69 3.13 -4.71
CA HIS E 174 -17.13 4.35 -5.36
C HIS E 174 -16.56 5.55 -4.60
N HIS E 175 -15.52 6.15 -5.16
CA HIS E 175 -14.96 7.39 -4.63
C HIS E 175 -15.77 8.56 -5.18
N SER E 176 -16.52 9.20 -4.29
CA SER E 176 -17.53 10.17 -4.66
C SER E 176 -16.92 11.55 -4.92
N VAL E 177 -17.73 12.46 -5.49
CA VAL E 177 -17.26 13.78 -5.93
C VAL E 177 -16.86 14.65 -4.74
N SER E 178 -17.54 14.49 -3.62
CA SER E 178 -17.27 15.27 -2.43
C SER E 178 -17.91 14.54 -1.26
N THR E 179 -17.54 14.97 -0.04
CA THR E 179 -18.20 14.44 1.15
C THR E 179 -19.70 14.64 1.10
N ALA E 180 -20.16 15.72 0.45
CA ALA E 180 -21.59 15.99 0.39
C ALA E 180 -22.32 14.95 -0.45
N GLU E 181 -21.75 14.56 -1.61
CA GLU E 181 -22.42 13.53 -2.41
C GLU E 181 -22.33 12.16 -1.74
N GLN E 182 -21.23 11.91 -1.01
CA GLN E 182 -21.11 10.66 -0.29
C GLN E 182 -22.18 10.56 0.79
N THR E 183 -22.46 11.66 1.49
CA THR E 183 -23.57 11.64 2.44
C THR E 183 -24.93 11.65 1.73
N LYS E 184 -24.99 12.11 0.48
CA LYS E 184 -26.27 12.05 -0.23
C LYS E 184 -26.61 10.61 -0.62
N LEU E 185 -25.60 9.81 -0.96
CA LEU E 185 -25.88 8.45 -1.44
C LEU E 185 -25.93 7.42 -0.33
N TYR E 186 -25.12 7.59 0.72
CA TYR E 186 -25.06 6.60 1.80
C TYR E 186 -25.27 7.19 3.17
N GLY E 187 -25.24 8.51 3.32
CA GLY E 187 -25.38 9.11 4.63
C GLY E 187 -24.04 9.56 5.20
N SER E 188 -24.14 10.38 6.24
CA SER E 188 -22.96 10.94 6.89
C SER E 188 -22.19 9.84 7.62
N GLY E 189 -21.10 10.23 8.26
CA GLY E 189 -20.30 9.29 9.01
C GLY E 189 -19.35 8.51 8.10
N ASN E 190 -18.19 8.15 8.64
CA ASN E 190 -17.14 7.54 7.84
C ASN E 190 -17.63 6.27 7.17
N LYS E 191 -17.06 5.99 6.01
CA LYS E 191 -17.38 4.76 5.31
C LYS E 191 -16.21 3.80 5.41
N LEU E 192 -16.51 2.52 5.21
CA LEU E 192 -15.52 1.47 5.38
C LEU E 192 -16.03 0.16 4.80
N VAL E 193 -15.20 -0.51 4.00
CA VAL E 193 -15.54 -1.78 3.37
C VAL E 193 -14.42 -2.76 3.68
N THR E 194 -14.69 -3.76 4.49
CA THR E 194 -13.70 -4.80 4.80
C THR E 194 -14.00 -6.07 4.02
N VAL E 195 -12.97 -6.63 3.40
CA VAL E 195 -13.06 -7.87 2.64
C VAL E 195 -12.15 -8.90 3.30
N GLY E 196 -12.71 -10.05 3.61
CA GLY E 196 -11.95 -11.06 4.35
C GLY E 196 -12.11 -12.48 3.85
N SER E 197 -11.01 -13.21 3.84
CA SER E 197 -10.99 -14.64 3.56
C SER E 197 -9.89 -15.28 4.40
N SER E 198 -9.65 -16.57 4.17
CA SER E 198 -8.63 -17.26 4.95
C SER E 198 -7.22 -16.76 4.63
N ASN E 199 -6.98 -16.32 3.40
CA ASN E 199 -5.67 -15.85 2.96
C ASN E 199 -5.62 -14.35 2.72
N TYR E 200 -6.74 -13.64 2.89
CA TYR E 200 -6.86 -12.23 2.55
C TYR E 200 -7.71 -11.55 3.60
N GLN E 201 -7.32 -10.32 3.94
CA GLN E 201 -8.20 -9.43 4.71
C GLN E 201 -7.68 -8.01 4.51
N GLN E 202 -8.54 -7.11 4.08
CA GLN E 202 -8.13 -5.73 3.83
C GLN E 202 -9.30 -4.80 4.03
N SER E 203 -8.97 -3.54 4.31
CA SER E 203 -9.94 -2.49 4.54
C SER E 203 -9.85 -1.45 3.44
N PHE E 204 -11.00 -0.97 2.99
CA PHE E 204 -11.11 0.00 1.91
C PHE E 204 -11.96 1.18 2.37
N VAL E 205 -11.40 2.37 2.34
CA VAL E 205 -12.12 3.60 2.65
C VAL E 205 -12.27 4.35 1.33
N PRO E 206 -13.44 4.93 1.04
CA PRO E 206 -13.56 5.79 -0.13
C PRO E 206 -12.73 7.04 0.08
N SER E 207 -12.41 7.70 -1.03
CA SER E 207 -11.59 8.91 -1.01
C SER E 207 -12.37 10.03 -1.67
N PRO E 208 -13.40 10.56 -1.02
CA PRO E 208 -14.20 11.62 -1.63
C PRO E 208 -13.40 12.91 -1.69
N GLY E 209 -13.64 13.66 -2.75
CA GLY E 209 -12.92 14.90 -3.00
C GLY E 209 -12.96 15.27 -4.46
N ALA E 210 -12.50 16.49 -4.72
CA ALA E 210 -12.60 17.08 -6.06
C ALA E 210 -11.46 16.60 -6.96
N ARG E 211 -11.81 16.36 -8.23
CA ARG E 211 -10.89 15.87 -9.26
C ARG E 211 -11.54 16.11 -10.61
N PRO E 212 -10.75 16.27 -11.67
CA PRO E 212 -11.32 16.69 -12.96
C PRO E 212 -12.30 15.68 -13.53
N GLN E 213 -13.08 16.16 -14.50
CA GLN E 213 -14.12 15.35 -15.13
C GLN E 213 -13.53 14.37 -16.14
N VAL E 214 -14.19 13.22 -16.24
CA VAL E 214 -13.86 12.18 -17.20
C VAL E 214 -15.17 11.54 -17.65
N ASN E 215 -15.44 11.57 -18.97
CA ASN E 215 -16.77 11.24 -19.47
C ASN E 215 -17.82 12.12 -18.81
N GLY E 216 -17.47 13.40 -18.62
CA GLY E 216 -18.33 14.35 -17.95
C GLY E 216 -18.49 14.16 -16.46
N LEU E 217 -17.94 13.10 -15.89
CA LEU E 217 -18.15 12.75 -14.48
C LEU E 217 -16.89 12.95 -13.67
N SER E 218 -17.05 13.41 -12.43
CA SER E 218 -15.95 13.55 -11.50
C SER E 218 -15.85 12.40 -10.52
N GLY E 219 -16.88 11.58 -10.39
CA GLY E 219 -16.80 10.41 -9.54
C GLY E 219 -15.90 9.33 -10.13
N ARG E 220 -15.54 8.35 -9.30
CA ARG E 220 -14.75 7.22 -9.76
C ARG E 220 -15.24 5.95 -9.09
N ILE E 221 -15.05 4.83 -9.77
CA ILE E 221 -15.34 3.51 -9.22
C ILE E 221 -14.15 2.64 -9.56
N ASP E 222 -13.31 2.34 -8.57
CA ASP E 222 -12.14 1.53 -8.80
C ASP E 222 -12.42 0.11 -8.34
N PHE E 223 -11.94 -0.86 -9.10
CA PHE E 223 -12.26 -2.26 -8.83
C PHE E 223 -11.10 -2.98 -8.19
N HIS E 224 -11.41 -3.84 -7.22
CA HIS E 224 -10.43 -4.71 -6.58
C HIS E 224 -10.86 -6.16 -6.76
N TRP E 225 -9.91 -7.06 -6.50
CA TRP E 225 -10.13 -8.47 -6.73
C TRP E 225 -9.26 -9.31 -5.81
N LEU E 226 -9.67 -10.57 -5.65
CA LEU E 226 -8.84 -11.62 -5.06
C LEU E 226 -9.29 -12.97 -5.58
N MET E 227 -8.41 -13.95 -5.44
CA MET E 227 -8.74 -15.34 -5.76
C MET E 227 -9.20 -16.06 -4.49
N LEU E 228 -10.34 -16.72 -4.59
CA LEU E 228 -11.00 -17.40 -3.47
C LEU E 228 -10.85 -18.91 -3.66
N ASN E 229 -10.11 -19.56 -2.78
CA ASN E 229 -9.82 -20.98 -2.93
C ASN E 229 -11.08 -21.83 -2.74
N PRO E 230 -11.07 -23.09 -3.21
CA PRO E 230 -12.23 -23.95 -3.01
C PRO E 230 -12.57 -24.15 -1.54
N ASN E 231 -13.88 -24.30 -1.29
CA ASN E 231 -14.45 -24.46 0.06
C ASN E 231 -14.10 -23.30 0.98
N ASP E 232 -13.66 -22.17 0.43
CA ASP E 232 -13.29 -21.01 1.24
C ASP E 232 -14.30 -19.90 1.04
N THR E 233 -14.61 -19.19 2.11
CA THR E 233 -15.63 -18.15 2.13
C THR E 233 -15.00 -16.77 2.05
N VAL E 234 -15.59 -15.90 1.24
CA VAL E 234 -15.25 -14.48 1.21
C VAL E 234 -16.39 -13.70 1.87
N THR E 235 -16.03 -12.75 2.73
CA THR E 235 -17.00 -12.01 3.53
C THR E 235 -16.79 -10.53 3.30
N PHE E 236 -17.87 -9.85 2.91
CA PHE E 236 -17.90 -8.40 2.75
C PHE E 236 -18.66 -7.79 3.90
N SER E 237 -18.09 -6.75 4.52
CA SER E 237 -18.87 -5.87 5.38
C SER E 237 -18.75 -4.45 4.84
N PHE E 238 -19.88 -3.77 4.66
CA PHE E 238 -19.87 -2.48 4.01
C PHE E 238 -20.85 -1.52 4.66
N ASN E 239 -20.42 -0.25 4.67
CA ASN E 239 -21.12 0.88 5.24
C ASN E 239 -21.70 1.80 4.18
N GLY E 240 -21.35 1.57 2.91
CA GLY E 240 -21.61 2.47 1.80
C GLY E 240 -20.45 2.44 0.82
N ALA E 241 -20.51 3.24 -0.24
CA ALA E 241 -19.42 3.38 -1.22
C ALA E 241 -18.96 2.03 -1.78
N PHE E 242 -19.78 0.99 -1.59
CA PHE E 242 -19.45 -0.39 -1.94
C PHE E 242 -20.23 -0.80 -3.17
N ILE E 243 -19.52 -1.18 -4.23
CA ILE E 243 -20.12 -1.73 -5.44
C ILE E 243 -20.19 -3.23 -5.28
N ALA E 244 -21.40 -3.77 -5.11
CA ALA E 244 -21.37 -5.18 -4.75
C ALA E 244 -21.40 -6.07 -5.99
N PRO E 245 -20.76 -7.24 -5.91
CA PRO E 245 -20.76 -8.18 -7.04
C PRO E 245 -21.97 -9.11 -7.03
N ASP E 246 -22.46 -9.41 -8.23
CA ASP E 246 -23.57 -10.32 -8.39
C ASP E 246 -23.12 -11.72 -8.79
N ARG E 247 -21.91 -11.86 -9.32
CA ARG E 247 -21.50 -13.06 -10.02
C ARG E 247 -20.00 -13.20 -9.84
N ALA E 248 -19.57 -14.33 -9.28
CA ALA E 248 -18.17 -14.72 -9.30
C ALA E 248 -17.82 -15.40 -10.62
N SER E 249 -16.53 -15.56 -10.88
CA SER E 249 -16.05 -16.08 -12.15
C SER E 249 -15.05 -17.20 -11.94
N PHE E 250 -15.15 -18.24 -12.76
CA PHE E 250 -14.23 -19.36 -12.75
C PHE E 250 -13.59 -19.50 -14.12
N LEU E 251 -12.28 -19.72 -14.14
CA LEU E 251 -11.56 -19.85 -15.40
C LEU E 251 -11.91 -21.17 -16.06
N ARG E 252 -12.11 -21.14 -17.39
CA ARG E 252 -12.56 -22.33 -18.10
C ARG E 252 -11.43 -23.34 -18.30
N GLY E 253 -10.34 -22.90 -18.95
CA GLY E 253 -9.31 -23.82 -19.41
C GLY E 253 -8.01 -23.12 -19.79
N LYS E 254 -7.44 -23.51 -20.93
CA LYS E 254 -6.19 -22.94 -21.41
C LYS E 254 -6.45 -22.02 -22.60
N SER E 255 -5.69 -20.93 -22.67
CA SER E 255 -5.70 -20.03 -23.82
C SER E 255 -4.40 -19.23 -23.84
N MET E 256 -4.28 -18.36 -24.84
CA MET E 256 -3.19 -17.41 -24.93
C MET E 256 -3.74 -16.09 -25.44
N GLY E 257 -3.30 -15.00 -24.84
CA GLY E 257 -3.77 -13.67 -25.17
C GLY E 257 -2.68 -12.88 -25.89
N ILE E 258 -3.07 -12.13 -26.91
CA ILE E 258 -2.15 -11.32 -27.69
C ILE E 258 -2.75 -9.92 -27.84
N GLN E 259 -1.91 -8.99 -28.33
CA GLN E 259 -2.32 -7.61 -28.58
C GLN E 259 -1.91 -7.27 -30.00
N SER E 260 -2.90 -7.02 -30.86
CA SER E 260 -2.62 -6.79 -32.27
C SER E 260 -3.44 -5.60 -32.76
N GLY E 261 -3.22 -5.23 -34.01
CA GLY E 261 -3.95 -4.13 -34.62
C GLY E 261 -4.37 -4.42 -36.04
N VAL E 262 -4.49 -5.70 -36.38
CA VAL E 262 -4.85 -6.14 -37.72
C VAL E 262 -6.01 -7.10 -37.62
N GLN E 263 -6.57 -7.43 -38.79
CA GLN E 263 -7.78 -8.22 -38.85
C GLN E 263 -7.50 -9.70 -38.58
N VAL E 264 -8.57 -10.42 -38.22
CA VAL E 264 -8.50 -11.86 -38.08
C VAL E 264 -8.60 -12.52 -39.45
N ASP E 265 -8.11 -13.75 -39.53
CA ASP E 265 -8.11 -14.49 -40.79
C ASP E 265 -8.14 -15.97 -40.45
N ALA E 266 -9.33 -16.57 -40.49
CA ALA E 266 -9.43 -18.00 -40.23
C ALA E 266 -8.90 -18.84 -41.38
N ASN E 267 -8.60 -18.23 -42.53
CA ASN E 267 -8.01 -18.97 -43.65
C ASN E 267 -6.59 -19.38 -43.35
N CYS E 268 -5.73 -18.40 -43.06
CA CYS E 268 -4.32 -18.66 -42.75
C CYS E 268 -4.17 -19.29 -41.37
N GLU E 269 -3.17 -20.15 -41.23
CA GLU E 269 -2.91 -20.87 -39.99
C GLU E 269 -1.50 -20.53 -39.49
N GLY E 270 -1.43 -20.09 -38.24
CA GLY E 270 -0.15 -19.69 -37.67
C GLY E 270 -0.07 -20.03 -36.20
N ASP E 271 1.14 -19.85 -35.65
CA ASP E 271 1.37 -20.14 -34.24
C ASP E 271 2.30 -19.12 -33.58
N CYS E 272 2.64 -18.03 -34.25
CA CYS E 272 3.45 -16.98 -33.65
C CYS E 272 2.90 -15.64 -34.08
N TYR E 273 2.47 -14.82 -33.11
CA TYR E 273 1.82 -13.55 -33.40
C TYR E 273 2.57 -12.40 -32.76
N HIS E 274 2.30 -11.20 -33.28
CA HIS E 274 2.75 -9.94 -32.68
C HIS E 274 1.74 -8.86 -33.02
N SER E 275 2.02 -7.63 -32.57
CA SER E 275 1.03 -6.57 -32.75
C SER E 275 0.85 -6.22 -34.21
N GLY E 276 1.83 -6.53 -35.07
CA GLY E 276 1.78 -6.19 -36.48
C GLY E 276 1.24 -7.25 -37.40
N GLY E 277 1.07 -8.47 -36.89
CA GLY E 277 0.49 -9.55 -37.66
C GLY E 277 0.93 -10.90 -37.13
N THR E 278 1.24 -11.80 -38.05
CA THR E 278 1.64 -13.16 -37.73
C THR E 278 2.95 -13.46 -38.44
N ILE E 279 3.82 -14.21 -37.76
CA ILE E 279 5.10 -14.64 -38.32
C ILE E 279 4.97 -16.10 -38.71
N ILE E 280 5.01 -16.38 -40.01
CA ILE E 280 5.08 -17.73 -40.51
C ILE E 280 6.47 -17.92 -41.11
N SER E 281 7.18 -18.93 -40.62
CA SER E 281 8.57 -19.14 -41.00
C SER E 281 9.07 -20.44 -40.38
N ASN E 282 10.03 -21.06 -41.06
CA ASN E 282 10.81 -22.17 -40.52
C ASN E 282 12.19 -21.74 -40.03
N LEU E 283 12.60 -20.51 -40.33
CA LEU E 283 13.92 -20.02 -40.00
C LEU E 283 14.10 -19.97 -38.48
N PRO E 284 15.34 -20.09 -37.99
CA PRO E 284 15.57 -19.99 -36.54
C PRO E 284 15.44 -18.58 -36.00
N PHE E 285 15.64 -17.55 -36.82
CA PHE E 285 15.76 -16.18 -36.35
C PHE E 285 14.79 -15.26 -37.08
N GLN E 286 14.46 -14.15 -36.44
CA GLN E 286 13.56 -13.16 -37.01
C GLN E 286 13.94 -11.78 -36.50
N ASN E 287 13.70 -10.77 -37.35
CA ASN E 287 13.97 -9.37 -37.01
C ASN E 287 12.71 -8.53 -36.99
N ILE E 288 11.54 -9.17 -36.82
CA ILE E 288 10.27 -8.44 -36.94
C ILE E 288 9.96 -7.68 -35.66
N ASP E 289 9.79 -8.40 -34.55
CA ASP E 289 9.38 -7.78 -33.31
C ASP E 289 9.87 -8.61 -32.13
N SER E 290 10.59 -7.97 -31.22
CA SER E 290 11.20 -8.70 -30.11
C SER E 290 10.14 -9.18 -29.10
N ARG E 291 9.02 -8.48 -28.99
CA ARG E 291 7.96 -8.84 -28.05
C ARG E 291 6.97 -9.85 -28.62
N ALA E 292 7.24 -10.41 -29.80
CA ALA E 292 6.34 -11.38 -30.40
C ALA E 292 6.24 -12.62 -29.51
N VAL E 293 5.07 -13.25 -29.50
CA VAL E 293 4.81 -14.36 -28.59
C VAL E 293 4.15 -15.51 -29.34
N GLY E 294 4.10 -16.65 -28.67
CA GLY E 294 3.73 -17.91 -29.29
C GLY E 294 4.93 -18.84 -29.37
N LYS E 295 5.07 -19.54 -30.49
CA LYS E 295 6.23 -20.39 -30.75
C LYS E 295 7.00 -19.74 -31.89
N CYS E 296 7.86 -18.80 -31.54
CA CYS E 296 8.46 -17.89 -32.49
C CYS E 296 9.95 -18.19 -32.69
N PRO E 297 10.49 -17.80 -33.85
CA PRO E 297 11.95 -17.80 -34.01
C PRO E 297 12.59 -16.73 -33.12
N ARG E 298 13.72 -17.08 -32.52
CA ARG E 298 14.33 -16.19 -31.55
C ARG E 298 14.78 -14.90 -32.24
N TYR E 299 14.50 -13.77 -31.59
CA TYR E 299 14.76 -12.47 -32.18
C TYR E 299 16.25 -12.13 -32.23
N VAL E 300 16.68 -11.53 -33.34
CA VAL E 300 18.05 -11.08 -33.54
C VAL E 300 18.04 -9.65 -34.04
N LYS E 301 19.15 -8.94 -33.78
CA LYS E 301 19.27 -7.54 -34.22
C LYS E 301 19.41 -7.42 -35.72
N GLN E 302 20.17 -8.32 -36.35
CA GLN E 302 20.61 -8.11 -37.71
C GLN E 302 19.46 -8.26 -38.70
N ARG E 303 19.52 -7.44 -39.77
CA ARG E 303 18.51 -7.51 -40.82
C ARG E 303 18.59 -8.82 -41.60
N SER E 304 19.80 -9.33 -41.80
CA SER E 304 20.02 -10.50 -42.63
C SER E 304 21.30 -11.21 -42.19
N LEU E 305 21.22 -12.54 -42.12
CA LEU E 305 22.39 -13.38 -41.92
C LEU E 305 22.32 -14.51 -42.94
N LEU E 306 23.29 -14.56 -43.85
CA LEU E 306 23.22 -15.41 -45.02
C LEU E 306 23.98 -16.71 -44.76
N LEU E 307 23.26 -17.83 -44.84
CA LEU E 307 23.84 -19.16 -44.75
C LEU E 307 24.13 -19.67 -46.16
N ALA E 308 25.35 -20.15 -46.37
CA ALA E 308 25.81 -20.58 -47.67
C ALA E 308 25.34 -22.00 -47.98
N THR E 309 24.73 -22.19 -49.15
CA THR E 309 24.33 -23.50 -49.64
C THR E 309 25.08 -23.88 -50.93
N GLY E 310 26.32 -23.40 -51.07
CA GLY E 310 27.13 -23.65 -52.25
C GLY E 310 28.58 -23.33 -51.98
N MET E 311 29.43 -23.73 -52.92
CA MET E 311 30.87 -23.56 -52.77
C MET E 311 31.27 -22.12 -53.08
N LYS E 312 32.57 -21.85 -52.98
CA LYS E 312 33.06 -20.52 -53.33
C LYS E 312 32.89 -20.30 -54.84
N ASN E 313 32.34 -19.15 -55.20
CA ASN E 313 32.18 -18.78 -56.59
C ASN E 313 33.49 -18.19 -57.09
N VAL E 314 34.14 -18.88 -58.03
CA VAL E 314 35.38 -18.42 -58.62
C VAL E 314 35.13 -18.16 -60.10
N PRO E 315 35.22 -16.90 -60.57
CA PRO E 315 34.89 -16.62 -61.98
C PRO E 315 36.13 -16.59 -62.88
N GLU E 316 35.90 -16.45 -64.19
CA GLU E 316 36.99 -16.36 -65.16
C GLU E 316 37.95 -15.21 -64.85
N GLY F 1 40.66 -21.95 -49.51
CA GLY F 1 40.16 -22.92 -48.54
C GLY F 1 41.27 -23.62 -47.78
N LEU F 2 40.88 -24.62 -46.97
CA LEU F 2 41.87 -25.34 -46.19
C LEU F 2 42.65 -26.34 -47.04
N PHE F 3 42.00 -26.96 -48.02
CA PHE F 3 42.64 -28.01 -48.82
C PHE F 3 43.34 -27.50 -50.07
N GLY F 4 43.09 -26.25 -50.47
CA GLY F 4 43.82 -25.61 -51.55
C GLY F 4 43.41 -26.02 -52.95
N ALA F 5 42.21 -26.60 -53.11
CA ALA F 5 41.75 -27.00 -54.44
C ALA F 5 40.91 -25.90 -55.09
N ILE F 6 39.81 -25.50 -54.44
CA ILE F 6 38.99 -24.41 -54.95
C ILE F 6 39.70 -23.09 -54.68
N ALA F 7 39.78 -22.25 -55.72
CA ALA F 7 40.60 -21.02 -55.68
C ALA F 7 41.98 -21.31 -55.10
N GLY F 8 42.50 -22.50 -55.41
CA GLY F 8 43.84 -22.91 -55.03
C GLY F 8 44.69 -23.18 -56.26
N PHE F 9 45.14 -24.43 -56.45
CA PHE F 9 45.86 -24.73 -57.68
C PHE F 9 44.92 -24.80 -58.87
N ILE F 10 43.62 -24.93 -58.64
CA ILE F 10 42.64 -24.77 -59.72
C ILE F 10 42.37 -23.29 -59.89
N GLU F 11 42.67 -22.76 -61.07
CA GLU F 11 42.64 -21.32 -61.29
C GLU F 11 41.25 -20.76 -61.03
N ASN F 12 40.26 -21.21 -61.81
CA ASN F 12 38.89 -20.73 -61.64
C ASN F 12 37.94 -21.86 -62.02
N GLY F 13 36.64 -21.54 -62.04
CA GLY F 13 35.59 -22.51 -62.28
C GLY F 13 35.00 -22.38 -63.67
N TRP F 14 34.24 -23.42 -64.04
CA TRP F 14 33.65 -23.54 -65.38
C TRP F 14 32.20 -23.08 -65.30
N GLU F 15 31.94 -21.86 -65.78
CA GLU F 15 30.60 -21.27 -65.65
C GLU F 15 29.55 -22.09 -66.38
N GLY F 16 29.94 -22.80 -67.44
CA GLY F 16 28.97 -23.56 -68.22
C GLY F 16 28.52 -24.86 -67.60
N LEU F 17 29.20 -25.33 -66.53
CA LEU F 17 28.94 -26.64 -65.96
C LEU F 17 27.64 -26.63 -65.15
N ILE F 18 26.52 -26.51 -65.86
CA ILE F 18 25.20 -26.62 -65.23
C ILE F 18 24.77 -28.05 -65.02
N ASP F 19 25.57 -29.02 -65.48
CA ASP F 19 25.24 -30.43 -65.32
C ASP F 19 25.41 -30.90 -63.87
N GLY F 20 26.29 -30.24 -63.12
CA GLY F 20 26.56 -30.61 -61.74
C GLY F 20 27.41 -29.59 -61.02
N TRP F 21 28.17 -30.03 -60.03
CA TRP F 21 29.08 -29.15 -59.29
C TRP F 21 30.52 -29.30 -59.74
N TYR F 22 31.06 -30.52 -59.66
CA TYR F 22 32.39 -30.82 -60.16
C TYR F 22 32.28 -31.58 -61.48
N GLY F 23 33.41 -31.81 -62.12
CA GLY F 23 33.37 -32.54 -63.38
C GLY F 23 34.72 -32.67 -64.03
N PHE F 24 34.73 -33.41 -65.14
CA PHE F 24 35.91 -33.65 -65.94
C PHE F 24 35.85 -32.89 -67.25
N ARG F 25 36.99 -32.36 -67.68
CA ARG F 25 37.13 -31.76 -69.00
C ARG F 25 38.33 -32.42 -69.67
N HIS F 26 38.09 -33.02 -70.84
CA HIS F 26 39.12 -33.78 -71.55
C HIS F 26 39.44 -33.13 -72.89
N GLN F 27 40.71 -33.25 -73.28
CA GLN F 27 41.22 -32.75 -74.55
C GLN F 27 42.06 -33.85 -75.19
N ASN F 28 41.59 -34.38 -76.31
CA ASN F 28 42.28 -35.47 -77.00
C ASN F 28 42.10 -35.31 -78.50
N ALA F 29 42.58 -36.29 -79.27
CA ALA F 29 42.53 -36.22 -80.72
C ALA F 29 41.13 -35.97 -81.25
N GLN F 30 40.11 -36.47 -80.56
CA GLN F 30 38.74 -36.37 -81.00
C GLN F 30 38.01 -35.13 -80.49
N GLY F 31 38.69 -34.25 -79.75
CA GLY F 31 38.13 -32.97 -79.37
C GLY F 31 38.23 -32.58 -77.90
N GLU F 32 37.26 -31.81 -77.43
CA GLU F 32 37.19 -31.33 -76.06
C GLU F 32 35.80 -31.60 -75.49
N GLY F 33 35.75 -32.13 -74.28
CA GLY F 33 34.47 -32.46 -73.66
C GLY F 33 34.43 -32.05 -72.20
N THR F 34 33.20 -31.81 -71.72
CA THR F 34 32.95 -31.51 -70.31
C THR F 34 31.79 -32.36 -69.83
N ALA F 35 32.01 -33.10 -68.74
CA ALA F 35 30.97 -33.89 -68.11
C ALA F 35 31.02 -33.67 -66.59
N ALA F 36 29.97 -34.11 -65.91
CA ALA F 36 29.85 -33.91 -64.47
C ALA F 36 30.21 -35.20 -63.72
N ASP F 37 30.12 -35.13 -62.39
CA ASP F 37 30.35 -36.30 -61.53
C ASP F 37 29.27 -36.32 -60.46
N TYR F 38 28.37 -37.30 -60.56
CA TYR F 38 27.25 -37.41 -59.62
C TYR F 38 27.71 -37.78 -58.21
N LYS F 39 28.77 -38.57 -58.09
CA LYS F 39 29.19 -39.09 -56.79
C LYS F 39 29.57 -37.96 -55.83
N SER F 40 30.47 -37.08 -56.27
CA SER F 40 30.96 -36.01 -55.39
C SER F 40 29.94 -34.90 -55.23
N THR F 41 29.30 -34.47 -56.33
CA THR F 41 28.23 -33.48 -56.22
C THR F 41 27.16 -33.93 -55.25
N GLN F 42 26.78 -35.20 -55.31
CA GLN F 42 25.75 -35.71 -54.39
C GLN F 42 26.28 -35.79 -52.97
N SER F 43 27.49 -36.33 -52.79
CA SER F 43 28.04 -36.42 -51.43
C SER F 43 28.26 -35.03 -50.81
N ALA F 44 28.24 -33.97 -51.61
CA ALA F 44 28.29 -32.61 -51.08
C ALA F 44 26.88 -32.08 -50.75
N ILE F 45 25.99 -32.11 -51.74
CA ILE F 45 24.67 -31.54 -51.55
C ILE F 45 23.92 -32.29 -50.47
N ASP F 46 24.17 -33.58 -50.31
CA ASP F 46 23.66 -34.27 -49.13
C ASP F 46 24.11 -33.61 -47.87
N GLN F 47 25.28 -32.98 -47.90
CA GLN F 47 25.79 -32.66 -46.58
C GLN F 47 25.17 -31.27 -46.25
N ILE F 48 25.15 -30.48 -47.28
CA ILE F 48 24.60 -29.11 -47.19
C ILE F 48 23.13 -29.14 -46.81
N THR F 49 22.30 -29.91 -47.54
CA THR F 49 20.93 -30.07 -47.07
C THR F 49 20.87 -30.76 -45.71
N GLY F 50 21.91 -31.50 -45.30
CA GLY F 50 21.98 -31.94 -43.92
C GLY F 50 22.04 -30.78 -42.94
N LYS F 51 22.92 -29.80 -43.20
CA LYS F 51 22.97 -28.59 -42.39
C LYS F 51 21.62 -27.90 -42.36
N LEU F 52 21.06 -27.59 -43.55
CA LEU F 52 19.77 -26.94 -43.61
C LEU F 52 18.73 -27.69 -42.80
N ASN F 53 18.69 -29.01 -42.95
CA ASN F 53 17.71 -29.83 -42.22
C ASN F 53 17.93 -29.76 -40.72
N ARG F 54 19.18 -29.54 -40.27
CA ARG F 54 19.44 -29.43 -38.84
C ARG F 54 19.10 -28.05 -38.29
N LEU F 55 19.19 -27.00 -39.12
CA LEU F 55 18.91 -25.65 -38.66
C LEU F 55 17.48 -25.19 -38.94
N ILE F 56 16.93 -25.55 -40.09
CA ILE F 56 15.60 -25.07 -40.49
C ILE F 56 14.59 -26.05 -39.87
N GLU F 57 14.26 -25.76 -38.62
CA GLU F 57 13.21 -26.36 -37.82
C GLU F 57 13.14 -25.57 -36.51
N LYS F 58 11.93 -25.32 -36.01
CA LYS F 58 11.72 -24.41 -34.92
C LYS F 58 11.55 -25.16 -33.59
N THR F 59 11.64 -24.41 -32.49
CA THR F 59 11.44 -24.96 -31.16
C THR F 59 9.97 -25.00 -30.81
N ASN F 60 9.63 -25.91 -29.91
CA ASN F 60 8.26 -26.09 -29.45
C ASN F 60 7.98 -25.32 -28.17
N GLN F 61 8.89 -24.46 -27.73
CA GLN F 61 8.69 -23.70 -26.50
C GLN F 61 7.80 -22.49 -26.80
N GLN F 62 6.77 -22.31 -25.98
CA GLN F 62 5.85 -21.20 -26.13
C GLN F 62 6.08 -20.18 -25.03
N PHE F 63 6.08 -18.90 -25.41
CA PHE F 63 6.20 -17.79 -24.48
C PHE F 63 4.87 -17.09 -24.32
N GLU F 64 4.79 -16.24 -23.31
CA GLU F 64 3.59 -15.48 -22.99
C GLU F 64 3.96 -14.00 -22.92
N LEU F 65 2.93 -13.15 -22.95
CA LEU F 65 3.14 -11.73 -22.70
C LEU F 65 3.41 -11.51 -21.21
N ILE F 66 4.44 -10.73 -20.89
CA ILE F 66 4.70 -10.39 -19.50
C ILE F 66 4.76 -8.89 -19.25
N ASP F 67 4.49 -8.07 -20.27
CA ASP F 67 4.28 -6.64 -20.09
C ASP F 67 3.07 -6.26 -20.93
N ASN F 68 2.86 -4.96 -21.12
CA ASN F 68 1.66 -4.49 -21.80
C ASN F 68 2.03 -3.35 -22.75
N GLU F 69 1.37 -3.33 -23.91
CA GLU F 69 1.68 -2.39 -24.99
C GLU F 69 0.84 -1.12 -24.95
N PHE F 70 -0.43 -1.24 -24.57
CA PHE F 70 -1.34 -0.09 -24.53
C PHE F 70 -1.37 0.59 -23.17
N ASN F 71 -1.19 -0.16 -22.09
CA ASN F 71 -1.15 0.36 -20.73
C ASN F 71 0.18 -0.07 -20.12
N GLU F 72 1.18 0.82 -20.20
CA GLU F 72 2.53 0.47 -19.75
C GLU F 72 2.53 0.07 -18.27
N VAL F 73 3.26 -1.00 -17.96
CA VAL F 73 3.35 -1.55 -16.61
C VAL F 73 4.16 -0.63 -15.70
N GLU F 74 4.15 -0.92 -14.40
CA GLU F 74 4.93 -0.15 -13.43
C GLU F 74 6.37 0.06 -13.92
N LYS F 75 6.92 1.23 -13.57
CA LYS F 75 8.22 1.63 -14.12
C LYS F 75 9.33 0.66 -13.75
N GLN F 76 9.44 0.30 -12.47
CA GLN F 76 10.61 -0.49 -12.04
C GLN F 76 10.60 -1.87 -12.67
N ILE F 77 9.47 -2.59 -12.56
CA ILE F 77 9.37 -3.93 -13.14
C ILE F 77 9.45 -3.89 -14.66
N GLY F 78 9.01 -2.79 -15.27
CA GLY F 78 9.16 -2.66 -16.71
C GLY F 78 10.60 -2.45 -17.13
N ASN F 79 11.37 -1.69 -16.34
CA ASN F 79 12.78 -1.53 -16.64
C ASN F 79 13.56 -2.83 -16.43
N VAL F 80 13.18 -3.60 -15.42
CA VAL F 80 13.79 -4.91 -15.24
C VAL F 80 13.47 -5.83 -16.41
N ILE F 81 12.19 -5.89 -16.80
CA ILE F 81 11.77 -6.72 -17.93
C ILE F 81 12.53 -6.32 -19.19
N ASN F 82 12.61 -5.01 -19.46
CA ASN F 82 13.30 -4.52 -20.64
C ASN F 82 14.77 -4.92 -20.63
N TRP F 83 15.45 -4.68 -19.51
CA TRP F 83 16.86 -5.03 -19.39
C TRP F 83 17.09 -6.52 -19.65
N THR F 84 16.22 -7.36 -19.10
CA THR F 84 16.34 -8.80 -19.35
C THR F 84 16.11 -9.14 -20.82
N ARG F 85 15.05 -8.58 -21.41
CA ARG F 85 14.76 -8.92 -22.80
C ARG F 85 15.87 -8.46 -23.74
N ASP F 86 16.36 -7.23 -23.54
CA ASP F 86 17.44 -6.72 -24.37
C ASP F 86 18.70 -7.57 -24.19
N SER F 87 18.96 -8.05 -22.96
CA SER F 87 20.09 -8.94 -22.75
C SER F 87 19.93 -10.25 -23.55
N ILE F 88 18.74 -10.85 -23.50
CA ILE F 88 18.48 -12.04 -24.30
C ILE F 88 18.70 -11.78 -25.78
N THR F 89 18.15 -10.67 -26.27
CA THR F 89 18.32 -10.29 -27.67
C THR F 89 19.79 -10.19 -28.05
N GLU F 90 20.62 -9.60 -27.18
CA GLU F 90 22.06 -9.53 -27.43
C GLU F 90 22.67 -10.92 -27.56
N VAL F 91 22.34 -11.81 -26.60
CA VAL F 91 22.88 -13.17 -26.63
C VAL F 91 22.51 -13.87 -27.94
N TRP F 92 21.22 -13.87 -28.28
CA TRP F 92 20.78 -14.58 -29.48
C TRP F 92 21.36 -13.98 -30.75
N SER F 93 21.53 -12.66 -30.80
CA SER F 93 22.24 -12.06 -31.93
C SER F 93 23.66 -12.62 -32.03
N TYR F 94 24.37 -12.70 -30.91
CA TYR F 94 25.74 -13.20 -30.95
C TYR F 94 25.79 -14.66 -31.42
N ASN F 95 24.97 -15.53 -30.81
CA ASN F 95 24.95 -16.94 -31.20
C ASN F 95 24.59 -17.11 -32.67
N ALA F 96 23.64 -16.31 -33.17
CA ALA F 96 23.26 -16.37 -34.59
C ALA F 96 24.43 -15.99 -35.48
N GLU F 97 25.04 -14.83 -35.22
CA GLU F 97 26.17 -14.36 -36.02
C GLU F 97 27.28 -15.40 -36.08
N LEU F 98 27.68 -15.93 -34.92
CA LEU F 98 28.76 -16.91 -34.91
C LEU F 98 28.34 -18.22 -35.54
N LEU F 99 27.06 -18.58 -35.44
CA LEU F 99 26.55 -19.77 -36.11
C LEU F 99 26.70 -19.66 -37.62
N VAL F 100 26.18 -18.58 -38.21
CA VAL F 100 26.28 -18.40 -39.64
C VAL F 100 27.74 -18.37 -40.06
N ALA F 101 28.57 -17.62 -39.32
CA ALA F 101 29.99 -17.50 -39.68
C ALA F 101 30.67 -18.87 -39.70
N MET F 102 30.58 -19.61 -38.60
CA MET F 102 31.31 -20.87 -38.50
C MET F 102 30.68 -21.98 -39.34
N GLU F 103 29.41 -21.87 -39.69
CA GLU F 103 28.81 -22.84 -40.60
C GLU F 103 29.17 -22.55 -42.04
N ASN F 104 29.34 -21.27 -42.39
CA ASN F 104 29.79 -20.94 -43.74
C ASN F 104 31.24 -21.34 -43.96
N GLN F 105 32.11 -21.03 -42.99
CA GLN F 105 33.51 -21.43 -43.11
C GLN F 105 33.62 -22.94 -43.36
N HIS F 106 32.88 -23.74 -42.59
CA HIS F 106 32.94 -25.19 -42.74
C HIS F 106 32.23 -25.64 -44.02
N THR F 107 31.26 -24.88 -44.51
CA THR F 107 30.67 -25.19 -45.81
C THR F 107 31.73 -25.13 -46.91
N ILE F 108 32.44 -23.98 -46.99
CA ILE F 108 33.41 -23.79 -48.06
C ILE F 108 34.56 -24.79 -47.94
N ASP F 109 35.10 -24.95 -46.72
CA ASP F 109 36.15 -25.96 -46.53
C ASP F 109 35.65 -27.36 -46.88
N LEU F 110 34.35 -27.60 -46.74
CA LEU F 110 33.80 -28.89 -47.13
C LEU F 110 33.85 -29.06 -48.66
N ALA F 111 33.47 -28.00 -49.40
CA ALA F 111 33.53 -28.07 -50.86
C ALA F 111 34.95 -28.30 -51.35
N ASP F 112 35.90 -27.53 -50.81
CA ASP F 112 37.31 -27.77 -51.06
C ASP F 112 37.65 -29.24 -50.84
N SER F 113 37.23 -29.79 -49.70
CA SER F 113 37.47 -31.21 -49.41
C SER F 113 36.99 -32.11 -50.55
N GLU F 114 35.72 -31.96 -50.98
CA GLU F 114 35.20 -32.88 -51.98
C GLU F 114 35.96 -32.78 -53.30
N MET F 115 36.34 -31.55 -53.69
CA MET F 115 37.17 -31.40 -54.88
C MET F 115 38.50 -32.15 -54.76
N ASP F 116 39.23 -31.93 -53.66
CA ASP F 116 40.51 -32.61 -53.49
C ASP F 116 40.33 -34.14 -53.43
N LYS F 117 39.23 -34.63 -52.86
CA LYS F 117 38.98 -36.07 -52.83
C LYS F 117 38.79 -36.63 -54.24
N LEU F 118 38.06 -35.92 -55.09
CA LEU F 118 37.91 -36.34 -56.48
C LEU F 118 39.28 -36.35 -57.18
N TYR F 119 40.00 -35.23 -57.12
CA TYR F 119 41.29 -35.13 -57.80
C TYR F 119 42.31 -36.14 -57.27
N GLU F 120 42.12 -36.71 -56.08
CA GLU F 120 43.01 -37.79 -55.67
C GLU F 120 42.50 -39.16 -56.10
N ARG F 121 41.18 -39.33 -56.17
CA ARG F 121 40.63 -40.56 -56.74
C ARG F 121 41.08 -40.76 -58.17
N VAL F 122 41.01 -39.70 -58.98
CA VAL F 122 41.35 -39.81 -60.40
C VAL F 122 42.83 -40.15 -60.57
N LYS F 123 43.69 -39.69 -59.67
CA LYS F 123 45.10 -40.06 -59.71
C LYS F 123 45.31 -41.53 -59.37
N ARG F 124 44.71 -41.99 -58.26
CA ARG F 124 44.89 -43.38 -57.87
C ARG F 124 44.33 -44.34 -58.90
N GLN F 125 43.29 -43.94 -59.63
CA GLN F 125 42.94 -44.66 -60.86
C GLN F 125 44.07 -44.55 -61.88
N LEU F 126 44.46 -43.30 -62.17
CA LEU F 126 45.43 -42.95 -63.20
C LEU F 126 46.86 -43.08 -62.70
N ARG F 127 47.22 -44.26 -62.19
CA ARG F 127 48.59 -44.58 -61.80
C ARG F 127 49.55 -44.36 -62.96
N GLU F 128 50.86 -44.58 -62.73
CA GLU F 128 51.96 -43.87 -63.41
C GLU F 128 51.82 -43.64 -64.91
N ASN F 129 50.79 -44.21 -65.52
CA ASN F 129 50.46 -43.89 -66.91
C ASN F 129 50.14 -42.41 -67.14
N ALA F 130 50.10 -41.58 -66.09
CA ALA F 130 49.84 -40.15 -66.24
C ALA F 130 50.54 -39.38 -65.14
N GLU F 131 50.83 -38.10 -65.41
CA GLU F 131 51.51 -37.22 -64.47
C GLU F 131 50.65 -36.00 -64.18
N GLU F 132 50.90 -35.41 -63.01
CA GLU F 132 50.14 -34.24 -62.55
C GLU F 132 50.56 -33.00 -63.31
N ASP F 133 49.59 -32.38 -63.99
CA ASP F 133 49.86 -31.15 -64.72
C ASP F 133 50.34 -30.05 -63.77
N GLY F 134 49.48 -29.65 -62.83
CA GLY F 134 49.79 -28.57 -61.91
C GLY F 134 48.63 -27.62 -61.77
N THR F 135 47.85 -27.47 -62.84
CA THR F 135 46.62 -26.69 -62.84
C THR F 135 45.39 -27.55 -62.56
N GLY F 136 45.58 -28.72 -61.95
CA GLY F 136 44.49 -29.63 -61.68
C GLY F 136 44.17 -30.58 -62.81
N CYS F 137 45.04 -30.69 -63.81
CA CYS F 137 44.84 -31.57 -64.95
C CYS F 137 45.76 -32.78 -64.84
N PHE F 138 45.45 -33.79 -65.64
CA PHE F 138 46.26 -35.00 -65.71
C PHE F 138 46.77 -35.16 -67.14
N GLU F 139 48.08 -35.15 -67.31
CA GLU F 139 48.70 -35.36 -68.61
C GLU F 139 48.95 -36.84 -68.79
N ILE F 140 48.30 -37.45 -69.77
CA ILE F 140 48.42 -38.87 -70.05
C ILE F 140 49.39 -39.07 -71.21
N PHE F 141 50.33 -39.99 -71.03
CA PHE F 141 51.32 -40.25 -72.06
C PHE F 141 50.78 -41.13 -73.18
N HIS F 142 49.86 -42.05 -72.86
CA HIS F 142 49.29 -42.90 -73.89
C HIS F 142 48.10 -42.20 -74.54
N LYS F 143 47.41 -42.91 -75.43
CA LYS F 143 46.29 -42.36 -76.18
C LYS F 143 44.99 -42.74 -75.50
N CYS F 144 44.19 -41.73 -75.13
CA CYS F 144 42.84 -41.95 -74.62
C CYS F 144 41.85 -41.32 -75.60
N ASP F 145 40.96 -42.15 -76.14
CA ASP F 145 39.84 -41.68 -76.93
C ASP F 145 38.69 -41.29 -76.00
N ASP F 146 37.50 -41.05 -76.57
CA ASP F 146 36.36 -40.69 -75.74
C ASP F 146 35.94 -41.83 -74.83
N ASP F 147 36.01 -43.08 -75.33
CA ASP F 147 35.65 -44.22 -74.51
C ASP F 147 36.65 -44.41 -73.36
N CYS F 148 37.91 -44.05 -73.58
CA CYS F 148 38.91 -44.06 -72.52
C CYS F 148 38.52 -43.13 -71.37
N MET F 149 38.22 -41.88 -71.71
CA MET F 149 37.82 -40.90 -70.69
C MET F 149 36.56 -41.36 -69.96
N ALA F 150 35.53 -41.75 -70.72
CA ALA F 150 34.31 -42.27 -70.11
C ALA F 150 34.59 -43.50 -69.25
N SER F 151 35.70 -44.20 -69.47
CA SER F 151 36.11 -45.26 -68.56
C SER F 151 36.84 -44.73 -67.34
N ILE F 152 37.45 -43.55 -67.43
CA ILE F 152 38.03 -42.91 -66.24
C ILE F 152 36.92 -42.39 -65.34
N ARG F 153 35.91 -41.76 -65.93
CA ARG F 153 34.81 -41.15 -65.17
C ARG F 153 33.88 -42.18 -64.54
N ASN F 154 34.03 -43.47 -64.87
CA ASN F 154 33.25 -44.55 -64.27
C ASN F 154 34.06 -45.37 -63.29
N ASN F 155 35.27 -44.94 -62.95
CA ASN F 155 36.22 -45.72 -62.13
C ASN F 155 36.48 -47.10 -62.74
N THR F 156 36.32 -47.21 -64.06
CA THR F 156 36.53 -48.48 -64.76
C THR F 156 37.91 -48.56 -65.42
N TYR F 157 38.63 -47.45 -65.51
CA TYR F 157 39.98 -47.42 -66.08
C TYR F 157 40.90 -48.44 -65.40
N ASP F 158 41.52 -49.29 -66.23
CA ASP F 158 42.58 -50.18 -65.78
C ASP F 158 43.92 -49.63 -66.26
N HIS F 159 44.86 -49.48 -65.33
CA HIS F 159 46.16 -48.91 -65.68
C HIS F 159 47.07 -49.92 -66.36
N SER F 160 46.90 -51.22 -66.09
CA SER F 160 47.81 -52.22 -66.68
C SER F 160 47.67 -52.26 -68.20
N LYS F 161 46.44 -52.24 -68.70
CA LYS F 161 46.19 -52.29 -70.15
C LYS F 161 46.61 -51.01 -70.86
N TYR F 162 47.22 -50.07 -70.15
CA TYR F 162 47.87 -48.93 -70.78
C TYR F 162 49.23 -48.66 -70.14
N ARG F 163 49.74 -49.63 -69.38
CA ARG F 163 50.97 -49.43 -68.62
C ARG F 163 52.17 -49.24 -69.54
N GLU F 164 52.37 -50.18 -70.47
CA GLU F 164 53.58 -50.16 -71.30
C GLU F 164 53.63 -48.90 -72.15
N GLU F 165 52.62 -48.73 -73.02
CA GLU F 165 52.59 -47.63 -73.99
C GLU F 165 53.02 -46.30 -73.38
N ALA F 166 52.51 -45.99 -72.18
CA ALA F 166 52.77 -44.70 -71.55
C ALA F 166 54.11 -44.69 -70.81
N MET F 167 54.47 -45.80 -70.16
CA MET F 167 55.69 -45.81 -69.38
C MET F 167 56.90 -45.55 -70.26
N GLN F 168 56.96 -46.20 -71.43
CA GLN F 168 58.04 -45.95 -72.38
C GLN F 168 58.07 -44.49 -72.82
N ASN F 169 56.91 -43.82 -72.80
CA ASN F 169 56.78 -42.42 -73.17
C ASN F 169 57.22 -41.45 -72.08
N ARG F 170 57.91 -41.94 -71.04
CA ARG F 170 58.46 -41.09 -69.98
C ARG F 170 59.19 -39.87 -70.55
N LEU G 1 27.52 37.27 18.94
CA LEU G 1 26.14 37.79 18.88
C LEU G 1 25.71 38.53 20.16
N GLN G 2 25.64 39.86 20.06
CA GLN G 2 25.27 40.72 21.18
C GLN G 2 23.75 40.91 21.20
N LEU G 3 23.22 41.21 22.39
CA LEU G 3 21.79 41.32 22.57
C LEU G 3 21.52 42.19 23.80
N GLN G 4 21.00 43.41 23.60
CA GLN G 4 20.78 44.31 24.73
C GLN G 4 19.51 45.13 24.54
N GLU G 5 18.71 45.19 25.60
CA GLU G 5 17.38 45.78 25.57
C GLU G 5 17.34 47.01 26.46
N TRP G 6 16.60 48.02 26.03
CA TRP G 6 16.43 49.23 26.81
C TRP G 6 14.98 49.69 26.77
N GLY G 7 14.65 50.61 27.66
CA GLY G 7 13.33 51.18 27.70
C GLY G 7 12.98 51.62 29.11
N ALA G 8 11.67 51.75 29.33
CA ALA G 8 11.13 52.27 30.58
C ALA G 8 11.56 51.43 31.77
N GLY G 9 11.83 52.11 32.88
CA GLY G 9 12.19 51.49 34.14
C GLY G 9 11.00 51.46 35.07
N LEU G 10 10.91 52.44 35.96
CA LEU G 10 9.76 52.61 36.83
C LEU G 10 8.57 53.18 36.07
N LEU G 11 7.41 52.55 36.24
CA LEU G 11 6.14 53.10 35.75
C LEU G 11 5.03 52.66 36.68
N LYS G 12 3.99 53.52 36.83
CA LYS G 12 2.91 53.26 37.77
C LYS G 12 1.81 52.44 37.11
N PRO G 13 1.00 51.72 37.90
CA PRO G 13 -0.03 50.84 37.33
C PRO G 13 -0.96 51.50 36.33
N SER G 14 -1.63 50.68 35.52
CA SER G 14 -2.54 51.07 34.45
C SER G 14 -1.86 51.84 33.32
N GLU G 15 -0.53 51.86 33.29
CA GLU G 15 0.21 52.50 32.21
C GLU G 15 0.52 51.46 31.14
N THR G 16 1.41 51.80 30.21
CA THR G 16 1.74 50.95 29.06
C THR G 16 3.26 50.72 28.99
N LEU G 17 3.72 49.61 29.58
CA LEU G 17 5.11 49.17 29.46
C LEU G 17 5.55 49.07 28.00
N SER G 18 6.60 49.79 27.64
CA SER G 18 7.15 49.73 26.28
C SER G 18 8.65 49.49 26.38
N LEU G 19 9.12 48.43 25.75
CA LEU G 19 10.54 48.10 25.72
C LEU G 19 11.00 47.93 24.27
N THR G 20 12.31 47.89 24.07
CA THR G 20 12.84 47.68 22.72
C THR G 20 14.26 47.13 22.82
N CYS G 21 14.56 46.10 22.05
CA CYS G 21 15.78 45.32 22.18
C CYS G 21 16.55 45.32 20.86
N ALA G 22 17.87 45.57 20.95
CA ALA G 22 18.73 45.66 19.78
C ALA G 22 19.70 44.48 19.73
N VAL G 23 20.03 44.09 18.51
CA VAL G 23 20.86 42.94 18.20
C VAL G 23 22.13 43.39 17.49
N TYR G 24 23.20 42.64 17.68
CA TYR G 24 24.46 42.87 16.97
C TYR G 24 25.03 41.53 16.55
N GLY G 25 25.40 41.42 15.28
CA GLY G 25 26.12 40.26 14.79
C GLY G 25 25.30 39.23 14.05
N GLY G 26 23.98 39.40 14.02
CA GLY G 26 23.12 38.43 13.35
C GLY G 26 22.15 39.07 12.38
N SER G 27 21.06 38.37 12.08
CA SER G 27 20.04 38.94 11.21
C SER G 27 18.74 38.19 11.43
N PHE G 28 17.62 38.91 11.32
CA PHE G 28 16.30 38.33 11.46
C PHE G 28 16.04 37.32 10.35
N SER G 29 14.88 36.67 10.43
CA SER G 29 14.34 35.69 9.50
C SER G 29 15.04 34.33 9.59
N GLY G 30 16.16 34.22 10.30
CA GLY G 30 16.72 32.90 10.52
C GLY G 30 16.01 32.21 11.66
N TYR G 31 15.57 32.98 12.63
CA TYR G 31 15.06 32.45 13.88
C TYR G 31 13.86 33.30 14.31
N TYR G 32 13.32 32.96 15.48
CA TYR G 32 12.28 33.74 16.15
C TYR G 32 12.92 34.63 17.21
N TRP G 33 12.19 35.67 17.62
CA TRP G 33 12.68 36.69 18.52
C TRP G 33 11.67 36.90 19.63
N SER G 34 12.08 36.61 20.86
CA SER G 34 11.16 36.39 21.95
C SER G 34 11.50 37.31 23.11
N TRP G 35 10.48 37.64 23.91
CA TRP G 35 10.64 38.35 25.18
C TRP G 35 10.26 37.40 26.30
N ILE G 36 11.16 37.22 27.26
CA ILE G 36 10.95 36.31 28.38
C ILE G 36 11.21 37.07 29.67
N ARG G 37 10.24 37.06 30.58
CA ARG G 37 10.34 37.79 31.83
C ARG G 37 10.44 36.84 33.02
N GLN G 38 10.97 37.39 34.11
CA GLN G 38 11.29 36.71 35.35
C GLN G 38 10.95 37.61 36.54
N PRO G 39 9.92 37.29 37.31
CA PRO G 39 9.64 38.05 38.55
C PRO G 39 10.86 38.08 39.45
N PRO G 40 10.96 39.07 40.34
CA PRO G 40 12.17 39.17 41.17
C PRO G 40 12.36 37.99 42.11
N GLY G 41 11.27 37.32 42.49
CA GLY G 41 11.39 36.20 43.39
C GLY G 41 11.69 34.87 42.71
N LYS G 42 10.81 34.45 41.82
CA LYS G 42 10.87 33.08 41.30
C LYS G 42 10.04 32.99 40.02
N GLY G 43 10.49 32.13 39.11
CA GLY G 43 9.73 31.81 37.91
C GLY G 43 10.39 32.37 36.66
N LEU G 44 9.77 32.01 35.53
CA LEU G 44 10.24 32.42 34.20
C LEU G 44 9.09 32.26 33.22
N GLU G 45 8.66 33.36 32.59
CA GLU G 45 7.46 33.36 31.77
C GLU G 45 7.79 33.84 30.37
N TRP G 46 7.27 33.12 29.38
CA TRP G 46 7.43 33.48 27.97
C TRP G 46 6.24 34.32 27.53
N ILE G 47 6.50 35.56 27.15
CA ILE G 47 5.37 36.44 26.84
C ILE G 47 5.04 36.47 25.35
N GLY G 48 6.01 36.22 24.48
CA GLY G 48 5.70 36.18 23.05
C GLY G 48 6.93 36.33 22.20
N GLU G 49 6.74 36.09 20.90
CA GLU G 49 7.83 36.14 19.93
C GLU G 49 7.32 36.57 18.56
N ILE G 50 8.28 36.80 17.65
CA ILE G 50 7.94 37.28 16.31
C ILE G 50 9.10 36.92 15.38
N ASN G 51 8.79 36.81 14.09
CA ASN G 51 9.78 36.52 13.05
C ASN G 51 9.95 37.75 12.17
N HIS G 52 10.84 37.62 11.18
CA HIS G 52 11.10 38.73 10.25
C HIS G 52 9.81 39.21 9.59
N SER G 53 8.96 38.27 9.18
CA SER G 53 7.76 38.58 8.42
C SER G 53 6.70 39.30 9.25
N GLY G 54 6.99 39.63 10.50
CA GLY G 54 5.97 40.08 11.42
C GLY G 54 5.08 38.99 11.97
N GLY G 55 5.38 37.74 11.65
CA GLY G 55 4.58 36.63 12.15
C GLY G 55 4.82 36.44 13.63
N THR G 56 3.78 36.59 14.44
CA THR G 56 3.91 36.57 15.88
C THR G 56 3.53 35.20 16.42
N ASN G 57 3.87 34.98 17.69
CA ASN G 57 3.44 33.81 18.46
C ASN G 57 3.28 34.29 19.91
N TYR G 58 2.02 34.51 20.33
CA TYR G 58 1.73 35.16 21.60
C TYR G 58 1.25 34.17 22.66
N ASN G 59 1.58 34.47 23.92
CA ASN G 59 1.06 33.71 25.05
C ASN G 59 -0.44 33.99 25.20
N PRO G 60 -1.31 32.98 25.14
CA PRO G 60 -2.75 33.29 25.23
C PRO G 60 -3.15 33.99 26.51
N SER G 61 -2.52 33.67 27.64
CA SER G 61 -2.87 34.30 28.90
C SER G 61 -2.48 35.77 28.95
N LEU G 62 -1.67 36.23 28.00
CA LEU G 62 -1.30 37.63 27.93
C LEU G 62 -1.74 38.27 26.61
N LYS G 63 -2.37 37.52 25.72
CA LYS G 63 -3.01 38.12 24.57
C LYS G 63 -4.11 39.08 25.06
N SER G 64 -4.53 39.98 24.15
CA SER G 64 -5.40 41.10 24.44
C SER G 64 -4.78 42.08 25.41
N ARG G 65 -3.51 41.88 25.74
CA ARG G 65 -2.77 42.77 26.61
C ARG G 65 -1.35 43.02 26.12
N VAL G 66 -0.91 42.34 25.05
CA VAL G 66 0.47 42.35 24.60
C VAL G 66 0.50 42.58 23.09
N THR G 67 1.49 43.33 22.63
CA THR G 67 1.76 43.51 21.20
C THR G 67 3.26 43.61 21.01
N ILE G 68 3.79 42.75 20.14
CA ILE G 68 5.22 42.74 19.84
C ILE G 68 5.40 43.15 18.38
N SER G 69 6.19 44.19 18.16
CA SER G 69 6.51 44.65 16.82
C SER G 69 7.96 44.31 16.49
N VAL G 70 8.30 44.45 15.21
CA VAL G 70 9.65 44.14 14.75
C VAL G 70 10.10 45.23 13.78
N ASP G 71 11.25 45.83 14.06
CA ASP G 71 11.87 46.78 13.14
C ASP G 71 12.92 45.99 12.38
N THR G 72 12.50 45.40 11.25
CA THR G 72 13.38 44.59 10.43
C THR G 72 14.61 45.39 10.00
N SER G 73 14.43 46.69 9.74
CA SER G 73 15.51 47.52 9.24
C SER G 73 16.56 47.77 10.32
N ASN G 74 16.15 48.32 11.46
CA ASN G 74 17.09 48.80 12.48
C ASN G 74 17.66 47.70 13.36
N ASN G 75 17.37 46.43 13.08
CA ASN G 75 17.92 45.31 13.85
C ASN G 75 17.54 45.41 15.32
N GLN G 76 16.27 45.70 15.55
CA GLN G 76 15.72 45.79 16.89
C GLN G 76 14.23 45.43 16.82
N PHE G 77 13.72 44.90 17.92
CA PHE G 77 12.32 44.52 18.01
C PHE G 77 11.76 44.99 19.35
N SER G 78 10.50 45.39 19.34
CA SER G 78 9.90 46.14 20.44
C SER G 78 9.03 45.23 21.33
N LEU G 79 8.34 45.85 22.29
CA LEU G 79 7.42 45.18 23.20
C LEU G 79 6.43 46.23 23.71
N LYS G 80 5.14 45.94 23.60
CA LYS G 80 4.07 46.80 24.13
C LYS G 80 3.17 45.96 25.04
N LEU G 81 3.15 46.28 26.33
CA LEU G 81 2.23 45.70 27.30
C LEU G 81 1.37 46.84 27.86
N SER G 82 0.04 46.65 27.89
CA SER G 82 -0.89 47.78 27.71
C SER G 82 -1.56 48.28 28.98
N SER G 83 -1.94 47.40 29.92
CA SER G 83 -2.58 47.85 31.16
C SER G 83 -1.85 47.13 32.28
N VAL G 84 -0.77 47.75 32.73
CA VAL G 84 0.19 47.06 33.58
C VAL G 84 -0.29 47.09 35.02
N THR G 85 -0.37 45.91 35.63
CA THR G 85 -0.70 45.78 37.04
C THR G 85 0.60 45.76 37.85
N ALA G 86 0.49 45.53 39.16
CA ALA G 86 1.67 45.35 39.98
C ALA G 86 2.29 43.97 39.80
N ALA G 87 1.55 43.03 39.17
CA ALA G 87 2.09 41.71 38.91
C ALA G 87 3.12 41.70 37.79
N ASP G 88 3.27 42.81 37.08
CA ASP G 88 4.21 42.90 35.98
C ASP G 88 5.58 43.41 36.41
N THR G 89 5.78 43.67 37.70
CA THR G 89 7.11 44.02 38.20
C THR G 89 8.01 42.81 38.06
N ALA G 90 9.01 42.89 37.19
CA ALA G 90 9.88 41.75 36.91
C ALA G 90 11.03 42.21 36.03
N VAL G 91 11.99 41.30 35.83
CA VAL G 91 13.08 41.47 34.88
C VAL G 91 12.62 40.99 33.52
N TYR G 92 12.91 41.78 32.49
CA TYR G 92 12.51 41.48 31.13
C TYR G 92 13.76 41.25 30.29
N TYR G 93 13.82 40.09 29.66
CA TYR G 93 14.88 39.70 28.75
C TYR G 93 14.32 39.64 27.33
N CYS G 94 15.20 39.89 26.36
CA CYS G 94 14.97 39.49 24.98
C CYS G 94 15.94 38.36 24.64
N ALA G 95 15.48 37.41 23.82
CA ALA G 95 16.30 36.27 23.46
C ALA G 95 15.94 35.78 22.06
N ARG G 96 16.93 35.21 21.37
CA ARG G 96 16.71 34.57 20.09
C ARG G 96 16.30 33.12 20.32
N GLY G 97 15.24 32.70 19.63
CA GLY G 97 14.72 31.35 19.77
C GLY G 97 14.89 30.58 18.46
N VAL G 98 15.38 29.35 18.58
CA VAL G 98 15.64 28.52 17.40
C VAL G 98 14.32 28.10 16.79
N TRP G 99 14.07 28.55 15.57
CA TRP G 99 12.85 28.22 14.84
C TRP G 99 12.86 26.74 14.47
N GLU G 100 11.87 25.99 14.97
CA GLU G 100 11.91 24.55 14.68
C GLU G 100 10.71 24.01 13.92
N GLY G 101 9.52 24.51 14.20
CA GLY G 101 8.34 24.09 13.49
C GLY G 101 7.52 25.31 13.15
N SER G 102 6.37 25.35 13.82
CA SER G 102 5.82 26.57 14.39
C SER G 102 6.86 27.18 15.33
N GLY G 103 6.51 28.23 16.06
CA GLY G 103 7.48 28.99 16.84
C GLY G 103 8.52 28.25 17.68
N SER G 104 9.49 29.01 18.20
CA SER G 104 10.78 28.51 18.65
C SER G 104 10.75 27.29 19.59
N ASP G 105 11.88 26.61 19.68
CA ASP G 105 12.03 25.38 20.43
C ASP G 105 12.84 25.58 21.70
N ASN G 106 14.05 26.12 21.59
CA ASN G 106 14.81 26.60 22.73
C ASN G 106 15.30 28.01 22.43
N PHE G 107 16.07 28.57 23.36
CA PHE G 107 16.59 29.93 23.22
C PHE G 107 18.11 29.90 23.39
N ASP G 108 18.81 30.44 22.41
CA ASP G 108 20.25 30.62 22.50
C ASP G 108 20.55 32.10 22.44
N TYR G 109 21.66 32.51 23.05
CA TYR G 109 22.11 33.90 23.01
C TYR G 109 21.02 34.84 23.58
N TRP G 110 20.78 34.68 24.89
CA TRP G 110 19.88 35.58 25.60
C TRP G 110 20.45 37.00 25.65
N GLY G 111 19.56 37.97 25.87
CA GLY G 111 19.97 39.34 26.10
C GLY G 111 20.53 39.53 27.50
N GLN G 112 20.58 40.78 27.98
CA GLN G 112 21.12 41.04 29.32
C GLN G 112 20.04 41.18 30.38
N GLY G 113 18.95 41.87 30.09
CA GLY G 113 17.88 42.03 31.04
C GLY G 113 17.78 43.45 31.55
N THR G 114 16.55 43.95 31.61
CA THR G 114 16.28 45.24 32.24
C THR G 114 15.18 45.05 33.28
N LEU G 115 15.30 45.75 34.40
CA LEU G 115 14.32 45.66 35.47
C LEU G 115 13.17 46.62 35.19
N VAL G 116 11.94 46.14 35.34
CA VAL G 116 10.76 46.98 35.24
C VAL G 116 9.98 46.79 36.53
N THR G 117 10.14 47.73 37.44
CA THR G 117 9.31 47.83 38.64
C THR G 117 8.07 48.64 38.31
N VAL G 118 6.90 48.06 38.49
CA VAL G 118 5.62 48.76 38.29
C VAL G 118 4.92 48.82 39.64
N SER G 119 5.14 49.93 40.35
CA SER G 119 4.47 50.21 41.60
C SER G 119 4.04 51.66 41.58
N SER G 120 3.15 52.02 42.50
CA SER G 120 2.48 53.31 42.42
C SER G 120 3.32 54.44 43.00
N ALA G 121 3.82 54.28 44.22
CA ALA G 121 4.28 55.41 45.01
C ALA G 121 4.96 54.83 46.24
N SER G 122 5.48 55.68 47.16
CA SER G 122 6.10 57.01 47.04
C SER G 122 6.84 57.17 48.36
N THR G 123 7.36 58.37 48.64
CA THR G 123 8.11 58.60 49.87
C THR G 123 7.17 58.62 51.09
N LYS G 124 6.87 57.44 51.63
CA LYS G 124 6.00 57.24 52.77
C LYS G 124 6.82 56.96 54.04
N GLY G 125 6.15 57.05 55.19
CA GLY G 125 6.76 56.76 56.45
C GLY G 125 6.23 55.48 57.06
N PRO G 126 6.93 54.96 58.07
CA PRO G 126 6.59 53.65 58.62
C PRO G 126 5.62 53.65 59.79
N SER G 127 4.77 52.62 59.81
CA SER G 127 4.01 52.28 61.01
C SER G 127 4.81 51.22 61.75
N VAL G 128 5.04 51.42 63.05
CA VAL G 128 5.95 50.57 63.80
C VAL G 128 5.23 50.00 65.02
N PHE G 129 5.28 48.67 65.16
CA PHE G 129 4.54 47.98 66.20
C PHE G 129 5.46 47.16 67.10
N PRO G 130 5.07 46.94 68.35
CA PRO G 130 5.93 46.16 69.26
C PRO G 130 5.76 44.65 69.14
N LEU G 131 6.89 43.96 69.13
CA LEU G 131 6.96 42.50 69.06
C LEU G 131 7.27 41.99 70.46
N ALA G 132 6.22 41.62 71.19
CA ALA G 132 6.35 41.25 72.58
C ALA G 132 6.97 39.86 72.73
N PRO G 133 7.74 39.63 73.80
CA PRO G 133 8.31 38.31 74.06
C PRO G 133 7.33 37.39 74.79
N SER G 134 7.58 36.09 74.65
CA SER G 134 6.76 35.04 75.24
C SER G 134 7.44 33.71 74.98
N SER G 135 7.20 32.73 75.87
CA SER G 135 6.35 32.88 77.05
C SER G 135 7.17 33.16 78.30
N GLY G 141 15.19 29.44 78.78
CA GLY G 141 16.40 30.15 79.14
C GLY G 141 16.32 31.66 78.96
N THR G 142 16.41 32.10 77.71
CA THR G 142 16.25 33.51 77.34
C THR G 142 15.15 33.62 76.28
N ALA G 143 14.71 34.85 76.03
CA ALA G 143 13.57 35.10 75.15
C ALA G 143 13.97 36.05 74.01
N ALA G 144 13.03 36.23 73.10
CA ALA G 144 13.21 37.11 71.95
C ALA G 144 12.07 38.11 71.88
N LEU G 145 12.41 39.37 71.60
CA LEU G 145 11.42 40.44 71.42
C LEU G 145 11.99 41.44 70.44
N GLY G 146 11.11 42.11 69.70
CA GLY G 146 11.59 43.06 68.71
C GLY G 146 10.65 44.19 68.34
N CYS G 147 10.92 44.81 67.20
CA CYS G 147 10.07 45.85 66.63
C CYS G 147 9.69 45.47 65.21
N LEU G 148 8.58 46.04 64.73
CA LEU G 148 8.08 45.75 63.38
C LEU G 148 7.87 47.08 62.64
N VAL G 149 8.86 47.44 61.84
CA VAL G 149 8.69 48.55 60.89
C VAL G 149 7.89 48.02 59.71
N LYS G 150 6.80 48.72 59.37
CA LYS G 150 5.82 48.20 58.42
C LYS G 150 5.39 49.29 57.46
N ASP G 151 5.39 48.96 56.17
CA ASP G 151 4.86 49.79 55.08
C ASP G 151 5.56 51.16 55.03
N TYR G 152 6.85 51.11 54.71
CA TYR G 152 7.67 52.31 54.52
C TYR G 152 8.37 52.27 53.17
N PHE G 153 8.82 53.45 52.72
CA PHE G 153 9.48 53.58 51.43
C PHE G 153 10.10 54.97 51.28
N PRO G 154 11.29 55.09 50.66
CA PRO G 154 12.24 54.04 50.25
C PRO G 154 13.33 53.80 51.29
N GLU G 155 14.07 52.70 51.17
CA GLU G 155 15.10 52.41 52.16
C GLU G 155 16.14 53.53 52.21
N PRO G 156 16.93 53.62 53.30
CA PRO G 156 17.00 52.77 54.50
C PRO G 156 16.39 53.37 55.78
N VAL G 157 16.56 52.63 56.89
CA VAL G 157 16.05 53.02 58.21
C VAL G 157 16.98 52.48 59.29
N THR G 158 17.14 53.25 60.36
CA THR G 158 17.94 52.84 61.51
C THR G 158 17.05 52.22 62.58
N VAL G 159 17.51 51.12 63.18
CA VAL G 159 16.66 50.34 64.08
C VAL G 159 17.29 50.24 65.47
N SER G 160 17.95 51.31 65.91
CA SER G 160 18.70 51.30 67.17
C SER G 160 17.84 50.82 68.33
N TRP G 161 18.50 50.27 69.35
CA TRP G 161 17.83 49.81 70.57
C TRP G 161 18.38 50.60 71.76
N ASN G 162 17.52 51.42 72.37
CA ASN G 162 17.88 52.33 73.46
C ASN G 162 18.90 53.37 72.98
N SER G 163 18.61 53.97 71.82
CA SER G 163 19.38 55.05 71.21
C SER G 163 20.80 54.65 70.86
N GLY G 164 21.12 53.36 70.83
CA GLY G 164 22.47 52.90 70.56
C GLY G 164 23.20 52.45 71.81
N ALA G 165 22.50 51.69 72.66
CA ALA G 165 23.04 51.26 73.95
C ALA G 165 22.95 49.76 74.17
N LEU G 166 22.41 49.01 73.20
CA LEU G 166 22.35 47.55 73.32
C LEU G 166 22.45 46.96 71.91
N THR G 167 23.65 46.50 71.53
CA THR G 167 23.84 45.75 70.30
C THR G 167 24.00 44.26 70.53
N SER G 168 24.48 43.86 71.70
CA SER G 168 24.71 42.45 72.01
C SER G 168 23.38 41.71 72.08
N GLY G 169 23.08 40.93 71.04
CA GLY G 169 21.83 40.23 70.92
C GLY G 169 20.92 40.74 69.82
N VAL G 170 21.26 41.87 69.19
CA VAL G 170 20.46 42.47 68.14
C VAL G 170 20.62 41.67 66.85
N HIS G 171 19.55 41.65 66.04
CA HIS G 171 19.58 41.01 64.73
C HIS G 171 18.60 41.78 63.84
N THR G 172 19.12 42.78 63.12
CA THR G 172 18.29 43.52 62.18
C THR G 172 18.14 42.71 60.90
N PHE G 173 16.90 42.47 60.50
CA PHE G 173 16.61 41.68 59.32
C PHE G 173 16.54 42.56 58.09
N PRO G 174 16.68 41.97 56.90
CA PRO G 174 16.60 42.75 55.67
C PRO G 174 15.15 43.04 55.29
N ALA G 175 14.98 44.12 54.53
CA ALA G 175 13.66 44.55 54.11
C ALA G 175 13.03 43.53 53.15
N VAL G 176 11.74 43.72 52.89
CA VAL G 176 11.00 42.92 51.92
C VAL G 176 10.21 43.87 51.04
N LEU G 177 10.45 43.82 49.73
CA LEU G 177 9.69 44.61 48.77
C LEU G 177 8.39 43.86 48.49
N GLN G 178 7.30 44.26 49.15
CA GLN G 178 6.04 43.58 48.94
C GLN G 178 5.35 44.09 47.68
N SER G 179 4.25 43.44 47.34
CA SER G 179 3.54 43.75 46.09
C SER G 179 3.06 45.19 46.04
N SER G 180 2.80 45.80 47.20
CA SER G 180 2.35 47.18 47.24
C SER G 180 3.47 48.18 46.90
N GLY G 181 4.70 47.70 46.72
CA GLY G 181 5.82 48.58 46.46
C GLY G 181 6.51 49.13 47.69
N LEU G 182 5.90 49.02 48.87
CA LEU G 182 6.46 49.48 50.12
C LEU G 182 7.37 48.41 50.73
N TYR G 183 8.22 48.83 51.66
CA TYR G 183 9.15 47.94 52.34
C TYR G 183 8.65 47.63 53.76
N SER G 184 9.36 46.72 54.43
CA SER G 184 9.01 46.29 55.78
C SER G 184 10.16 45.45 56.33
N LEU G 185 10.53 45.70 57.58
CA LEU G 185 11.54 44.87 58.24
C LEU G 185 11.11 44.58 59.67
N SER G 186 11.94 43.82 60.38
CA SER G 186 11.66 43.51 61.78
C SER G 186 12.97 43.12 62.46
N SER G 187 13.45 43.99 63.35
CA SER G 187 14.69 43.76 64.10
C SER G 187 14.37 43.22 65.49
N VAL G 188 14.98 42.09 65.82
CA VAL G 188 14.68 41.36 67.04
C VAL G 188 15.93 41.29 67.90
N VAL G 189 15.72 41.08 69.20
CA VAL G 189 16.78 40.96 70.20
C VAL G 189 16.41 39.85 71.18
N THR G 190 17.36 38.95 71.43
CA THR G 190 17.22 37.91 72.47
C THR G 190 17.95 38.35 73.72
N VAL G 191 17.27 38.25 74.86
CA VAL G 191 17.80 38.74 76.13
C VAL G 191 17.33 37.81 77.24
N PRO G 192 18.00 37.83 78.41
CA PRO G 192 17.66 36.86 79.45
C PRO G 192 16.21 37.00 79.90
N SER G 193 15.55 35.84 80.06
CA SER G 193 14.13 35.82 80.41
C SER G 193 13.88 36.14 81.87
N SER G 194 14.89 36.02 82.73
CA SER G 194 14.71 36.32 84.15
C SER G 194 14.60 37.81 84.39
N SER G 195 15.35 38.62 83.66
CA SER G 195 15.27 40.07 83.76
C SER G 195 14.28 40.65 82.75
N LEU G 196 13.07 40.08 82.74
CA LEU G 196 12.01 40.49 81.81
C LEU G 196 10.62 40.62 82.48
N GLY G 197 10.53 41.27 83.63
CA GLY G 197 11.61 41.84 84.41
C GLY G 197 11.63 43.33 84.63
N THR G 198 12.85 43.86 84.65
CA THR G 198 13.13 45.20 85.13
C THR G 198 13.61 46.16 84.05
N GLN G 199 14.58 45.73 83.24
CA GLN G 199 15.11 46.60 82.20
C GLN G 199 14.03 46.93 81.18
N THR G 200 14.18 48.10 80.54
CA THR G 200 13.25 48.57 79.53
C THR G 200 13.97 48.67 78.18
N TYR G 201 13.22 48.43 77.11
CA TYR G 201 13.79 48.37 75.77
C TYR G 201 12.99 49.28 74.83
N ILE G 202 13.66 50.32 74.33
CA ILE G 202 13.09 51.24 73.36
C ILE G 202 13.81 51.01 72.05
N CYS G 203 13.07 50.69 70.99
CA CYS G 203 13.66 50.72 69.65
C CYS G 203 13.35 52.07 69.02
N ASN G 204 14.37 52.68 68.42
CA ASN G 204 14.29 54.05 67.92
C ASN G 204 14.52 53.98 66.42
N VAL G 205 13.44 53.72 65.69
CA VAL G 205 13.50 53.71 64.24
C VAL G 205 13.70 55.13 63.73
N ASN G 206 14.55 55.28 62.72
CA ASN G 206 14.78 56.57 62.10
C ASN G 206 14.71 56.41 60.59
N HIS G 207 13.99 57.32 59.94
CA HIS G 207 13.77 57.32 58.49
C HIS G 207 14.07 58.73 57.99
N LYS G 208 15.31 58.97 57.57
CA LYS G 208 15.70 60.25 57.01
C LYS G 208 15.06 60.54 55.64
N PRO G 209 14.79 59.52 54.82
CA PRO G 209 14.03 59.80 53.59
C PRO G 209 12.68 60.46 53.81
N SER G 210 11.89 59.99 54.78
CA SER G 210 10.60 60.61 55.11
C SER G 210 10.67 61.49 56.35
N ASN G 211 11.88 61.84 56.82
CA ASN G 211 12.18 62.79 57.89
C ASN G 211 11.70 62.33 59.26
N THR G 212 11.07 61.16 59.37
CA THR G 212 10.39 60.81 60.61
C THR G 212 11.27 60.00 61.54
N LYS G 213 11.02 60.13 62.84
CA LYS G 213 11.70 59.36 63.86
C LYS G 213 10.65 58.80 64.81
N VAL G 214 10.88 57.58 65.28
CA VAL G 214 9.94 56.91 66.17
C VAL G 214 10.73 56.22 67.28
N ASP G 215 10.16 56.21 68.49
CA ASP G 215 10.76 55.58 69.66
C ASP G 215 9.66 54.76 70.33
N LYS G 216 9.56 53.49 69.99
CA LYS G 216 8.52 52.63 70.55
C LYS G 216 9.15 51.67 71.56
N LYS G 217 8.47 51.45 72.68
CA LYS G 217 9.02 50.60 73.73
C LYS G 217 8.31 49.26 73.76
N VAL G 218 9.07 48.20 74.03
CA VAL G 218 8.56 46.83 74.08
C VAL G 218 8.44 46.39 75.53
N GLU G 219 7.34 45.73 75.86
CA GLU G 219 7.08 45.19 77.19
C GLU G 219 6.32 43.89 77.04
N PRO G 220 6.44 42.98 78.01
CA PRO G 220 5.65 41.74 77.94
C PRO G 220 4.17 41.93 78.23
N LYS G 221 3.39 40.86 78.13
CA LYS G 221 1.95 40.90 78.32
C LYS G 221 1.54 41.22 79.77
N ALA H 1 4.12 24.58 34.45
CA ALA H 1 3.73 23.22 34.83
C ALA H 1 4.95 22.27 34.88
N LEU H 2 6.12 22.83 35.24
CA LEU H 2 7.36 22.08 35.35
C LEU H 2 7.88 22.19 36.79
N THR H 3 7.61 21.18 37.60
CA THR H 3 7.88 21.22 39.05
C THR H 3 9.32 20.78 39.30
N GLN H 4 10.18 21.74 39.73
CA GLN H 4 11.57 21.50 40.11
C GLN H 4 11.74 21.59 41.62
N PRO H 5 12.73 20.90 42.20
CA PRO H 5 13.08 21.15 43.59
C PRO H 5 13.68 22.54 43.73
N PRO H 6 13.48 23.20 44.87
CA PRO H 6 14.02 24.57 45.03
C PRO H 6 15.49 24.60 45.42
N SER H 7 16.04 23.52 45.97
CA SER H 7 17.40 23.51 46.50
C SER H 7 18.07 22.16 46.23
N VAL H 8 19.38 22.19 46.03
CA VAL H 8 20.22 20.99 45.98
C VAL H 8 21.57 21.31 46.62
N SER H 9 22.04 20.39 47.47
CA SER H 9 23.30 20.51 48.18
C SER H 9 24.44 20.04 47.28
N GLY H 10 25.61 19.80 47.87
CA GLY H 10 26.68 19.14 47.15
C GLY H 10 28.08 19.55 47.57
N ALA H 11 28.96 18.53 47.75
CA ALA H 11 30.39 18.74 47.92
C ALA H 11 31.08 18.71 46.57
N PRO H 12 32.17 19.46 46.40
CA PRO H 12 32.82 19.52 45.08
C PRO H 12 33.14 18.13 44.52
N GLY H 13 32.96 17.99 43.20
CA GLY H 13 33.16 16.72 42.55
C GLY H 13 31.90 15.87 42.47
N GLN H 14 31.31 15.57 43.64
CA GLN H 14 30.18 14.65 43.73
C GLN H 14 29.11 14.96 42.68
N ARG H 15 28.54 13.90 42.11
CA ARG H 15 27.43 14.05 41.18
C ARG H 15 26.16 14.45 41.94
N VAL H 16 25.36 15.31 41.33
CA VAL H 16 24.12 15.79 41.93
C VAL H 16 23.04 15.84 40.85
N THR H 17 21.81 15.51 41.23
CA THR H 17 20.70 15.36 40.33
C THR H 17 19.68 16.48 40.52
N ILE H 18 19.13 16.98 39.41
CA ILE H 18 18.05 17.96 39.41
C ILE H 18 16.87 17.34 38.70
N SER H 19 15.74 17.24 39.39
CA SER H 19 14.52 16.72 38.78
C SER H 19 13.79 17.82 38.00
N CYS H 20 13.09 17.41 36.95
CA CYS H 20 12.18 18.30 36.22
C CYS H 20 10.91 17.48 35.95
N THR H 21 9.95 17.60 36.85
CA THR H 21 8.73 16.80 36.80
C THR H 21 7.63 17.58 36.07
N GLY H 22 7.02 16.94 35.08
CA GLY H 22 6.02 17.58 34.26
C GLY H 22 4.80 16.68 34.07
N SER H 23 3.80 17.25 33.40
CA SER H 23 2.51 16.60 33.22
C SER H 23 2.44 15.93 31.85
N SER H 24 1.31 15.25 31.61
CA SER H 24 1.08 14.51 30.38
C SER H 24 0.94 15.41 29.16
N SER H 25 0.90 16.73 29.36
CA SER H 25 0.69 17.68 28.28
C SER H 25 1.95 18.43 27.87
N ASN H 26 3.03 18.35 28.64
CA ASN H 26 4.27 19.04 28.29
C ASN H 26 5.40 18.08 27.97
N ILE H 27 5.80 17.22 28.92
CA ILE H 27 6.80 16.19 28.63
C ILE H 27 6.13 14.85 28.36
N GLY H 28 4.86 14.69 28.72
CA GLY H 28 4.07 13.54 28.35
C GLY H 28 3.63 13.63 26.89
N ALA H 29 4.28 14.51 26.14
CA ALA H 29 4.18 14.55 24.70
C ALA H 29 5.59 14.65 24.12
N GLY H 30 5.68 14.79 22.81
CA GLY H 30 6.95 14.63 22.15
C GLY H 30 7.88 15.82 22.33
N PHE H 31 7.50 16.72 23.24
CA PHE H 31 8.21 17.98 23.39
C PHE H 31 9.50 17.75 24.17
N ASP H 32 10.62 18.09 23.54
CA ASP H 32 11.91 18.01 24.20
C ASP H 32 11.94 18.95 25.40
N VAL H 33 12.83 18.64 26.34
CA VAL H 33 13.08 19.47 27.51
C VAL H 33 14.54 19.91 27.45
N HIS H 34 14.77 21.21 27.63
CA HIS H 34 16.08 21.81 27.63
C HIS H 34 16.36 22.44 28.99
N TRP H 35 17.59 22.88 29.18
CA TRP H 35 17.99 23.47 30.45
C TRP H 35 18.78 24.74 30.18
N TYR H 36 18.75 25.64 31.17
CA TYR H 36 19.43 26.91 31.10
C TYR H 36 20.08 27.20 32.45
N GLN H 37 21.28 27.77 32.40
CA GLN H 37 22.08 28.09 33.59
C GLN H 37 22.10 29.60 33.81
N GLN H 38 21.53 30.04 34.92
CA GLN H 38 21.52 31.44 35.31
C GLN H 38 22.52 31.62 36.45
N LEU H 39 23.69 32.17 36.11
CA LEU H 39 24.64 32.59 37.13
C LEU H 39 24.15 33.89 37.76
N PRO H 40 24.39 34.08 39.07
CA PRO H 40 23.89 35.27 39.75
C PRO H 40 24.29 36.56 39.03
N GLY H 41 23.32 37.48 38.91
CA GLY H 41 23.55 38.76 38.30
C GLY H 41 23.69 38.75 36.80
N THR H 42 23.70 37.57 36.18
CA THR H 42 23.90 37.44 34.75
C THR H 42 22.62 36.95 34.07
N ALA H 43 22.65 37.01 32.74
CA ALA H 43 21.61 36.37 31.93
C ALA H 43 21.74 34.84 32.02
N PRO H 44 20.68 34.11 31.66
CA PRO H 44 20.83 32.67 31.48
C PRO H 44 21.64 32.35 30.23
N LYS H 45 22.32 31.20 30.28
CA LYS H 45 23.01 30.62 29.13
C LYS H 45 22.36 29.29 28.81
N LEU H 46 22.43 28.90 27.54
CA LEU H 46 21.83 27.64 27.13
C LEU H 46 22.70 26.48 27.57
N LEU H 47 22.13 25.60 28.39
CA LEU H 47 22.68 24.30 28.74
C LEU H 47 22.12 23.27 27.76
N ILE H 48 22.10 22.00 28.16
CA ILE H 48 21.56 20.89 27.37
C ILE H 48 20.27 21.23 26.62
N TYR H 49 20.26 20.97 25.31
CA TYR H 49 19.08 20.96 24.46
C TYR H 49 18.83 19.56 23.96
N GLY H 50 17.64 19.34 23.41
CA GLY H 50 17.28 18.04 22.87
C GLY H 50 17.50 16.91 23.87
N ASN H 51 17.33 17.24 25.16
CA ASN H 51 17.30 16.35 26.33
C ASN H 51 18.67 15.79 26.73
N SER H 52 19.65 15.78 25.82
CA SER H 52 21.02 15.40 26.15
C SER H 52 22.09 16.22 25.45
N PHE H 53 21.79 16.86 24.32
CA PHE H 53 22.81 17.48 23.48
C PHE H 53 23.25 18.80 24.08
N ARG H 54 24.54 18.92 24.39
CA ARG H 54 25.10 20.12 24.99
C ARG H 54 25.76 21.00 23.92
N PRO H 55 25.66 22.31 24.01
CA PRO H 55 26.26 23.19 23.01
C PRO H 55 27.76 23.40 23.27
N SER H 56 28.35 24.24 22.42
CA SER H 56 29.80 24.49 22.41
C SER H 56 30.19 25.37 23.60
N GLY H 57 30.87 24.78 24.57
CA GLY H 57 31.26 25.50 25.77
C GLY H 57 30.90 24.72 27.01
N VAL H 58 30.05 23.71 26.86
CA VAL H 58 29.57 22.91 27.97
C VAL H 58 30.48 21.72 28.20
N PRO H 59 30.98 21.51 29.42
CA PRO H 59 31.89 20.39 29.67
C PRO H 59 31.16 19.06 29.68
N ASP H 60 31.96 17.99 29.66
CA ASP H 60 31.45 16.63 29.80
C ASP H 60 30.59 16.47 31.03
N ARG H 61 30.80 17.32 32.05
CA ARG H 61 30.12 17.18 33.34
C ARG H 61 28.61 17.17 33.17
N PHE H 62 28.10 18.17 32.47
CA PHE H 62 26.66 18.37 32.32
C PHE H 62 26.05 17.29 31.43
N SER H 63 25.13 16.52 31.99
CA SER H 63 24.54 15.37 31.31
C SER H 63 23.07 15.25 31.70
N GLY H 64 22.19 15.20 30.69
CA GLY H 64 20.76 15.22 30.93
C GLY H 64 20.05 14.03 30.28
N SER H 65 18.77 13.90 30.58
CA SER H 65 17.95 12.81 30.07
C SER H 65 16.49 13.19 30.17
N LYS H 66 15.66 12.41 29.47
CA LYS H 66 14.20 12.53 29.52
C LYS H 66 13.58 11.14 29.54
N SER H 67 12.59 10.94 30.40
CA SER H 67 11.99 9.62 30.57
C SER H 67 10.56 9.77 31.06
N GLY H 68 9.63 9.21 30.31
CA GLY H 68 8.23 9.29 30.67
C GLY H 68 7.77 10.75 30.75
N THR H 69 7.37 11.16 31.95
CA THR H 69 6.80 12.48 32.18
C THR H 69 7.76 13.41 32.90
N SER H 70 9.06 13.15 32.83
CA SER H 70 10.02 13.96 33.60
C SER H 70 11.40 13.85 32.98
N ALA H 71 12.26 14.81 33.32
CA ALA H 71 13.65 14.88 32.91
C ALA H 71 14.53 14.99 34.15
N SER H 72 15.84 14.81 33.94
CA SER H 72 16.78 14.84 35.07
C SER H 72 18.14 15.31 34.57
N LEU H 73 18.63 16.40 35.16
CA LEU H 73 19.97 16.89 34.89
C LEU H 73 20.94 16.31 35.91
N ALA H 74 22.19 16.10 35.48
CA ALA H 74 23.22 15.54 36.33
C ALA H 74 24.48 16.40 36.25
N ILE H 75 24.90 16.95 37.40
CA ILE H 75 26.14 17.69 37.51
C ILE H 75 27.13 16.80 38.26
N ALA H 76 28.00 16.12 37.51
CA ALA H 76 29.12 15.38 38.09
C ALA H 76 30.38 16.21 37.90
N GLY H 77 31.17 16.35 38.96
CA GLY H 77 32.38 17.13 38.89
C GLY H 77 32.14 18.56 39.34
N LEU H 78 31.48 18.70 40.49
CA LEU H 78 31.09 20.02 40.99
C LEU H 78 32.30 20.91 41.22
N GLN H 79 32.42 21.95 40.41
CA GLN H 79 33.43 22.99 40.62
C GLN H 79 32.84 24.07 41.54
N ALA H 80 33.69 25.03 41.89
CA ALA H 80 33.20 26.16 42.67
C ALA H 80 32.25 27.01 41.83
N GLU H 81 32.61 27.25 40.58
CA GLU H 81 31.93 28.12 39.61
C GLU H 81 30.60 27.58 39.14
N ASP H 82 30.08 26.49 39.70
CA ASP H 82 28.76 25.99 39.33
C ASP H 82 27.63 26.55 40.20
N GLU H 83 27.93 27.49 41.10
CA GLU H 83 26.90 28.14 41.90
C GLU H 83 25.99 28.95 41.00
N ALA H 84 24.77 28.48 40.78
CA ALA H 84 23.84 29.15 39.88
C ALA H 84 22.46 28.54 40.09
N ASP H 85 21.48 29.11 39.40
CA ASP H 85 20.12 28.60 39.35
C ASP H 85 19.89 27.94 38.00
N TYR H 86 19.31 26.76 38.01
CA TYR H 86 19.09 25.99 36.79
C TYR H 86 17.59 25.83 36.53
N TYR H 87 17.20 26.04 35.27
CA TYR H 87 15.80 25.93 34.86
C TYR H 87 15.67 24.94 33.71
N CYS H 88 14.60 24.13 33.73
CA CYS H 88 14.23 23.34 32.56
C CYS H 88 13.14 24.05 31.78
N GLN H 89 12.87 23.56 30.57
CA GLN H 89 11.98 24.26 29.65
C GLN H 89 11.49 23.30 28.58
N SER H 90 10.22 23.42 28.21
CA SER H 90 9.65 22.59 27.15
C SER H 90 8.41 23.31 26.61
N TYR H 91 7.54 22.58 25.91
CA TYR H 91 6.32 23.15 25.36
C TYR H 91 5.09 22.46 25.95
N ASP H 92 4.20 23.25 26.53
CA ASP H 92 2.93 22.75 27.02
C ASP H 92 1.82 23.12 26.02
N SER H 93 1.07 22.12 25.58
CA SER H 93 -0.01 22.35 24.64
C SER H 93 -1.25 22.93 25.32
N SER H 94 -1.44 22.68 26.62
CA SER H 94 -2.61 23.24 27.29
C SER H 94 -2.50 24.76 27.39
N LEU H 95 -1.30 25.28 27.63
CA LEU H 95 -1.06 26.72 27.57
C LEU H 95 -0.76 27.21 26.17
N SER H 96 -0.64 26.30 25.21
CA SER H 96 -0.29 26.64 23.83
C SER H 96 0.98 27.50 23.78
N GLY H 97 2.01 27.08 24.50
CA GLY H 97 3.23 27.87 24.54
C GLY H 97 4.33 27.19 25.33
N VAL H 98 5.46 27.90 25.43
CA VAL H 98 6.66 27.31 26.03
C VAL H 98 6.63 27.60 27.54
N VAL H 99 7.02 26.60 28.32
CA VAL H 99 6.97 26.67 29.78
C VAL H 99 8.36 26.41 30.35
N PHE H 100 8.69 27.11 31.43
CA PHE H 100 9.90 26.87 32.20
C PHE H 100 9.55 26.22 33.53
N GLY H 101 10.60 25.87 34.27
CA GLY H 101 10.42 25.42 35.64
C GLY H 101 10.56 26.55 36.65
N GLY H 102 10.22 26.23 37.90
CA GLY H 102 10.38 27.22 38.96
C GLY H 102 11.83 27.56 39.19
N GLY H 103 12.71 26.56 39.08
CA GLY H 103 14.13 26.76 39.24
C GLY H 103 14.69 25.97 40.41
N THR H 104 15.95 25.55 40.28
CA THR H 104 16.65 24.91 41.40
C THR H 104 17.92 25.70 41.69
N LYS H 105 18.20 25.87 42.98
CA LYS H 105 19.38 26.60 43.44
C LYS H 105 20.50 25.62 43.73
N LEU H 106 21.62 25.77 43.03
CA LEU H 106 22.77 24.89 43.21
C LEU H 106 23.72 25.50 44.23
N THR H 107 23.92 24.80 45.35
CA THR H 107 24.79 25.24 46.42
C THR H 107 25.89 24.21 46.65
N VAL H 108 27.12 24.69 46.86
CA VAL H 108 28.28 23.83 47.07
C VAL H 108 28.89 24.13 48.44
N LEU H 109 29.94 23.40 48.80
CA LEU H 109 30.64 23.53 50.07
C LEU H 109 31.15 24.99 50.28
N GLY H 110 31.64 25.31 51.49
CA GLY H 110 32.09 24.37 52.52
C GLY H 110 31.63 24.47 53.95
N GLN H 111 31.04 25.58 54.33
CA GLN H 111 30.49 25.67 55.66
C GLN H 111 29.48 24.53 55.82
N PRO H 112 29.62 23.68 56.84
CA PRO H 112 28.75 22.50 56.95
C PRO H 112 27.27 22.87 57.08
N LYS H 113 26.43 21.84 57.02
CA LYS H 113 24.98 22.01 57.14
C LYS H 113 24.63 22.70 58.46
N ALA H 114 23.90 23.80 58.37
CA ALA H 114 23.50 24.58 59.53
C ALA H 114 21.98 24.63 59.60
N ALA H 115 21.41 24.12 60.69
CA ALA H 115 19.98 24.13 60.89
C ALA H 115 19.49 25.54 61.26
N PRO H 116 18.31 25.93 60.78
CA PRO H 116 17.86 27.32 60.96
C PRO H 116 17.39 27.60 62.39
N SER H 117 17.22 28.89 62.64
CA SER H 117 16.72 29.43 63.91
C SER H 117 15.45 30.20 63.60
N VAL H 118 14.31 29.67 64.01
CA VAL H 118 13.00 30.22 63.66
C VAL H 118 12.38 30.82 64.92
N THR H 119 12.08 32.11 64.87
CA THR H 119 11.34 32.80 65.93
C THR H 119 10.11 33.42 65.30
N LEU H 120 8.94 32.95 65.71
CA LEU H 120 7.65 33.41 65.21
C LEU H 120 7.04 34.45 66.16
N PHE H 121 6.26 35.37 65.59
CA PHE H 121 5.69 36.50 66.34
C PHE H 121 4.23 36.71 65.94
N PRO H 122 3.31 36.72 66.90
CA PRO H 122 1.89 36.91 66.60
C PRO H 122 1.56 38.39 66.46
N PRO H 123 0.38 38.73 65.93
CA PRO H 123 0.06 40.13 65.69
C PRO H 123 0.14 40.96 66.97
N SER H 124 0.67 42.16 66.84
CA SER H 124 0.77 43.06 67.99
C SER H 124 -0.62 43.55 68.39
N SER H 125 -0.84 43.69 69.70
CA SER H 125 -2.11 44.20 70.20
C SER H 125 -2.42 45.57 69.59
N GLU H 126 -1.39 46.37 69.30
CA GLU H 126 -1.60 47.67 68.68
C GLU H 126 -2.08 47.53 67.24
N GLU H 127 -1.60 46.49 66.54
CA GLU H 127 -1.93 46.35 65.12
C GLU H 127 -3.35 45.85 64.94
N LEU H 128 -3.80 44.93 65.81
CA LEU H 128 -5.17 44.46 65.73
C LEU H 128 -6.17 45.59 65.94
N GLN H 129 -5.75 46.67 66.59
CA GLN H 129 -6.58 47.86 66.78
C GLN H 129 -6.40 48.87 65.66
N ALA H 130 -5.88 48.45 64.52
CA ALA H 130 -5.95 49.21 63.28
C ALA H 130 -6.66 48.42 62.19
N ASN H 131 -7.30 47.31 62.57
CA ASN H 131 -7.99 46.38 61.67
C ASN H 131 -7.02 45.63 60.76
N LYS H 132 -5.75 45.54 61.14
CA LYS H 132 -4.74 44.75 60.42
C LYS H 132 -4.21 43.66 61.34
N ALA H 133 -3.55 42.66 60.73
CA ALA H 133 -2.86 41.62 61.49
C ALA H 133 -1.66 41.15 60.68
N THR H 134 -0.50 41.05 61.33
CA THR H 134 0.71 40.65 60.64
C THR H 134 1.47 39.66 61.51
N LEU H 135 1.53 38.40 61.07
CA LEU H 135 2.38 37.38 61.69
C LEU H 135 3.77 37.46 61.07
N VAL H 136 4.80 37.32 61.91
CA VAL H 136 6.17 37.55 61.45
C VAL H 136 7.02 36.33 61.79
N CYS H 137 7.58 35.68 60.76
CA CYS H 137 8.43 34.51 60.89
C CYS H 137 9.88 34.90 60.59
N LEU H 138 10.76 34.70 61.57
CA LEU H 138 12.15 35.12 61.46
C LEU H 138 13.06 33.91 61.38
N ILE H 139 13.91 33.88 60.35
CA ILE H 139 14.76 32.73 60.03
C ILE H 139 16.21 33.20 60.02
N SER H 140 17.01 32.63 60.93
CA SER H 140 18.42 33.01 61.07
C SER H 140 19.29 31.77 61.01
N ASP H 141 20.59 32.00 60.73
CA ASP H 141 21.67 31.04 61.01
C ASP H 141 21.40 29.67 60.36
N PHE H 142 21.41 29.66 59.03
CA PHE H 142 21.29 28.42 58.28
C PHE H 142 22.23 28.45 57.09
N TYR H 143 22.59 27.26 56.61
CA TYR H 143 23.45 27.11 55.44
C TYR H 143 23.10 25.80 54.75
N PRO H 144 22.94 25.80 53.42
CA PRO H 144 23.13 26.94 52.50
C PRO H 144 21.97 27.93 52.49
N GLY H 145 22.07 28.94 51.62
CA GLY H 145 21.05 29.96 51.52
C GLY H 145 19.85 29.54 50.69
N ALA H 146 19.12 28.52 51.15
CA ALA H 146 18.00 27.97 50.38
C ALA H 146 17.00 27.36 51.36
N VAL H 147 15.92 28.10 51.61
CA VAL H 147 14.84 27.64 52.47
C VAL H 147 13.50 27.92 51.80
N THR H 148 12.50 27.14 52.17
CA THR H 148 11.15 27.29 51.63
C THR H 148 10.18 27.34 52.80
N VAL H 149 9.49 28.47 52.96
CA VAL H 149 8.56 28.64 54.07
C VAL H 149 7.17 28.16 53.69
N ALA H 150 6.48 27.56 54.65
CA ALA H 150 5.12 27.09 54.47
C ALA H 150 4.31 27.52 55.68
N TRP H 151 3.22 28.26 55.45
CA TRP H 151 2.34 28.70 56.52
C TRP H 151 1.14 27.77 56.58
N LYS H 152 0.68 27.50 57.79
CA LYS H 152 -0.45 26.60 57.98
C LYS H 152 -1.33 27.15 59.10
N ALA H 153 -2.54 27.63 58.74
CA ALA H 153 -3.63 27.63 59.70
C ALA H 153 -3.79 26.19 60.17
N ASP H 154 -4.47 25.96 61.29
CA ASP H 154 -4.22 24.79 62.13
C ASP H 154 -3.87 23.51 61.35
N SER H 155 -4.64 23.19 60.31
CA SER H 155 -4.26 22.12 59.37
C SER H 155 -4.02 22.64 57.97
N SER H 156 -4.94 23.45 57.44
CA SER H 156 -4.87 23.87 56.05
C SER H 156 -3.73 24.85 55.84
N PRO H 157 -2.97 24.70 54.76
CA PRO H 157 -1.92 25.69 54.45
C PRO H 157 -2.51 26.98 53.92
N VAL H 158 -1.81 28.07 54.18
CA VAL H 158 -2.23 29.41 53.79
C VAL H 158 -1.58 29.74 52.46
N LYS H 159 -2.39 30.07 51.46
CA LYS H 159 -1.84 30.34 50.13
C LYS H 159 -1.37 31.79 50.00
N ALA H 160 -2.24 32.75 50.29
CA ALA H 160 -2.02 34.15 49.99
C ALA H 160 -1.70 34.94 51.25
N GLY H 161 -1.05 36.08 51.05
CA GLY H 161 -0.58 36.92 52.12
C GLY H 161 0.91 36.84 52.38
N VAL H 162 1.58 35.79 51.88
CA VAL H 162 2.99 35.56 52.18
C VAL H 162 3.85 36.52 51.38
N GLU H 163 4.94 36.99 52.01
CA GLU H 163 5.87 37.93 51.38
C GLU H 163 7.33 37.53 51.71
N THR H 164 7.66 36.26 51.50
CA THR H 164 9.00 35.75 51.81
C THR H 164 10.07 36.53 51.04
N THR H 165 11.29 36.54 51.61
CA THR H 165 12.40 37.30 51.05
C THR H 165 13.52 36.36 50.59
N THR H 166 14.46 36.93 49.81
CA THR H 166 15.63 36.21 49.33
C THR H 166 16.69 36.16 50.43
N PRO H 167 17.19 34.98 50.77
CA PRO H 167 18.22 34.89 51.83
C PRO H 167 19.44 35.73 51.47
N SER H 168 20.14 36.21 52.50
CA SER H 168 21.32 37.05 52.31
C SER H 168 22.35 36.71 53.38
N LYS H 169 23.59 37.11 53.10
CA LYS H 169 24.70 36.78 53.99
C LYS H 169 24.57 37.53 55.30
N GLN H 170 24.59 36.79 56.40
CA GLN H 170 24.69 37.40 57.72
C GLN H 170 26.12 37.90 57.93
N SER H 171 26.40 38.36 59.15
CA SER H 171 27.78 38.62 59.54
C SER H 171 28.57 37.31 59.67
N ASN H 172 27.93 36.27 60.23
CA ASN H 172 28.51 34.93 60.44
C ASN H 172 28.72 34.18 59.16
N ASN H 173 28.53 34.83 58.01
CA ASN H 173 28.57 34.22 56.69
C ASN H 173 27.57 33.07 56.55
N LYS H 174 26.58 33.01 57.44
CA LYS H 174 25.41 32.16 57.27
C LYS H 174 24.37 32.95 56.48
N TYR H 175 23.15 32.41 56.38
CA TYR H 175 22.10 33.10 55.65
C TYR H 175 20.91 33.33 56.56
N ALA H 176 20.11 34.33 56.20
CA ALA H 176 18.94 34.70 56.98
C ALA H 176 17.87 35.26 56.06
N ALA H 177 16.63 35.14 56.51
CA ALA H 177 15.48 35.61 55.74
C ALA H 177 14.28 35.72 56.67
N SER H 178 13.33 36.57 56.27
CA SER H 178 12.09 36.77 56.99
C SER H 178 10.89 36.47 56.08
N SER H 179 9.77 36.11 56.70
CA SER H 179 8.54 35.83 55.99
C SER H 179 7.38 36.46 56.76
N TYR H 180 6.45 37.10 56.05
CA TYR H 180 5.40 37.89 56.68
C TYR H 180 4.04 37.40 56.19
N LEU H 181 3.20 36.92 57.10
CA LEU H 181 1.83 36.54 56.78
C LEU H 181 0.89 37.69 57.10
N SER H 182 0.21 38.20 56.07
CA SER H 182 -0.76 39.28 56.26
C SER H 182 -2.14 38.66 56.46
N LEU H 183 -2.75 38.95 57.61
CA LEU H 183 -4.03 38.41 58.00
C LEU H 183 -4.97 39.52 58.42
N THR H 184 -6.27 39.28 58.23
CA THR H 184 -7.29 40.13 58.81
C THR H 184 -7.54 39.69 60.25
N PRO H 185 -7.93 40.63 61.13
CA PRO H 185 -8.06 40.25 62.56
C PRO H 185 -9.08 39.17 62.79
N GLU H 186 -10.20 39.19 62.05
CA GLU H 186 -11.19 38.13 62.18
C GLU H 186 -10.67 36.80 61.63
N GLN H 187 -9.71 36.83 60.69
CA GLN H 187 -9.05 35.60 60.28
C GLN H 187 -8.12 35.08 61.37
N TRP H 188 -7.46 35.99 62.08
CA TRP H 188 -6.58 35.59 63.18
C TRP H 188 -7.36 35.02 64.35
N LYS H 189 -8.56 35.54 64.62
CA LYS H 189 -9.35 35.05 65.74
C LYS H 189 -10.12 33.79 65.41
N SER H 190 -10.51 33.60 64.16
CA SER H 190 -11.38 32.50 63.77
C SER H 190 -10.64 31.20 63.49
N HIS H 191 -9.41 31.06 63.97
CA HIS H 191 -8.65 29.82 63.83
C HIS H 191 -7.99 29.48 65.16
N ARG H 192 -7.75 28.18 65.38
CA ARG H 192 -7.10 27.73 66.61
C ARG H 192 -5.73 28.37 66.76
N SER H 193 -4.83 28.11 65.79
CA SER H 193 -3.45 28.54 65.89
C SER H 193 -2.73 28.46 64.55
N TYR H 194 -2.00 29.51 64.19
CA TYR H 194 -1.26 29.54 62.94
C TYR H 194 0.18 29.11 63.19
N SER H 195 0.75 28.40 62.21
CA SER H 195 2.10 27.86 62.29
C SER H 195 2.92 28.30 61.10
N CYS H 196 4.20 28.56 61.35
CA CYS H 196 5.21 28.80 60.33
C CYS H 196 6.20 27.64 60.35
N GLN H 197 6.30 26.92 59.23
CA GLN H 197 7.26 25.82 59.11
C GLN H 197 8.23 26.14 57.97
N VAL H 198 9.48 26.40 58.33
CA VAL H 198 10.56 26.65 57.36
C VAL H 198 11.19 25.30 57.02
N THR H 199 11.36 25.04 55.73
CA THR H 199 11.96 23.80 55.25
C THR H 199 13.37 24.08 54.74
N HIS H 200 14.31 23.25 55.19
CA HIS H 200 15.72 23.25 54.84
C HIS H 200 16.11 21.80 54.66
N GLU H 201 17.33 21.56 54.16
CA GLU H 201 17.65 20.31 53.46
C GLU H 201 16.91 19.09 53.98
N GLY H 202 17.02 18.82 55.28
CA GLY H 202 16.26 17.74 55.87
C GLY H 202 15.36 18.22 56.98
N SER H 203 15.69 19.39 57.54
CA SER H 203 15.02 19.92 58.71
C SER H 203 13.76 20.69 58.31
N THR H 204 12.69 20.53 59.09
CA THR H 204 11.45 21.26 58.90
C THR H 204 11.05 21.83 60.25
N VAL H 205 11.35 23.10 60.47
CA VAL H 205 11.13 23.77 61.75
C VAL H 205 9.72 24.33 61.77
N GLU H 206 8.91 23.90 62.73
CA GLU H 206 7.52 24.34 62.85
C GLU H 206 7.31 25.12 64.14
N LYS H 207 7.48 26.45 64.07
CA LYS H 207 7.07 27.31 65.18
C LYS H 207 5.60 27.64 65.06
N THR H 208 4.96 27.89 66.20
CA THR H 208 3.50 27.97 66.26
C THR H 208 3.09 29.08 67.21
N VAL H 209 2.06 29.84 66.83
CA VAL H 209 1.52 30.90 67.67
C VAL H 209 -0.01 30.86 67.65
N ALA H 210 -0.60 31.27 68.77
CA ALA H 210 -2.03 31.21 69.03
C ALA H 210 -2.46 32.50 69.72
N PRO H 211 -3.76 32.85 69.65
CA PRO H 211 -4.25 34.11 70.23
C PRO H 211 -4.45 34.01 71.74
N THR H 212 -3.57 34.68 72.49
CA THR H 212 -3.68 34.72 73.95
C THR H 212 -3.62 36.14 74.47
N LEU I 1 -9.44 -35.11 34.81
CA LEU I 1 -9.36 -33.84 35.51
C LEU I 1 -10.23 -33.82 36.79
N GLN I 2 -9.69 -33.23 37.86
CA GLN I 2 -10.42 -33.06 39.11
C GLN I 2 -10.72 -31.58 39.32
N LEU I 3 -11.92 -31.27 39.81
CA LEU I 3 -12.30 -29.89 40.06
C LEU I 3 -13.21 -29.86 41.28
N GLN I 4 -12.68 -29.50 42.45
CA GLN I 4 -13.41 -29.62 43.72
C GLN I 4 -13.67 -28.25 44.34
N GLU I 5 -14.95 -27.94 44.54
CA GLU I 5 -15.38 -26.71 45.19
C GLU I 5 -15.85 -26.99 46.60
N TRP I 6 -15.49 -26.10 47.53
CA TRP I 6 -15.88 -26.28 48.92
C TRP I 6 -15.92 -24.90 49.59
N GLY I 7 -16.70 -24.81 50.67
CA GLY I 7 -16.80 -23.57 51.41
C GLY I 7 -18.15 -23.44 52.11
N ALA I 8 -18.30 -22.32 52.81
CA ALA I 8 -19.51 -21.97 53.54
C ALA I 8 -20.76 -22.18 52.69
N GLY I 9 -21.64 -23.08 53.13
CA GLY I 9 -22.81 -23.39 52.33
C GLY I 9 -24.14 -22.81 52.81
N LEU I 10 -24.17 -22.32 54.05
CA LEU I 10 -25.43 -21.94 54.69
C LEU I 10 -25.20 -20.65 55.48
N LEU I 11 -25.46 -19.51 54.83
CA LEU I 11 -25.30 -18.20 55.45
C LEU I 11 -26.57 -17.38 55.25
N LYS I 12 -26.64 -16.25 55.95
CA LYS I 12 -27.76 -15.32 55.92
C LYS I 12 -27.29 -13.99 55.37
N PRO I 13 -28.23 -13.11 54.93
CA PRO I 13 -27.81 -11.87 54.23
C PRO I 13 -26.79 -11.03 54.99
N SER I 14 -26.04 -10.22 54.25
CA SER I 14 -25.01 -9.30 54.70
C SER I 14 -23.72 -10.01 55.09
N GLU I 15 -23.68 -11.35 55.09
CA GLU I 15 -22.44 -12.07 55.35
C GLU I 15 -21.57 -12.09 54.09
N THR I 16 -20.46 -12.84 54.11
CA THR I 16 -19.48 -12.86 53.03
C THR I 16 -19.29 -14.30 52.55
N LEU I 17 -19.83 -14.60 51.37
CA LEU I 17 -19.63 -15.89 50.71
C LEU I 17 -18.16 -16.06 50.35
N SER I 18 -17.49 -17.02 51.00
CA SER I 18 -16.14 -17.41 50.67
C SER I 18 -16.17 -18.85 50.21
N LEU I 19 -15.73 -19.10 48.98
CA LEU I 19 -15.54 -20.45 48.48
C LEU I 19 -14.10 -20.63 48.02
N THR I 20 -13.76 -21.88 47.71
CA THR I 20 -12.49 -22.14 47.02
C THR I 20 -12.58 -23.48 46.29
N CYS I 21 -11.70 -23.64 45.30
CA CYS I 21 -11.78 -24.76 44.36
C CYS I 21 -10.36 -25.19 44.01
N ALA I 22 -10.10 -26.50 44.06
CA ALA I 22 -8.80 -27.09 43.77
C ALA I 22 -8.90 -28.02 42.56
N VAL I 23 -7.75 -28.49 42.09
CA VAL I 23 -7.61 -29.09 40.75
C VAL I 23 -6.76 -30.35 40.82
N TYR I 24 -6.65 -31.03 39.67
CA TYR I 24 -5.68 -32.07 39.39
C TYR I 24 -4.93 -31.75 38.11
N GLY I 25 -3.60 -32.00 38.11
CA GLY I 25 -2.77 -31.88 36.93
C GLY I 25 -3.02 -30.59 36.18
N GLY I 26 -3.01 -30.65 34.84
CA GLY I 26 -3.52 -29.62 33.94
C GLY I 26 -3.28 -28.19 34.38
N SER I 27 -2.16 -27.97 35.05
CA SER I 27 -2.01 -26.90 36.02
C SER I 27 -2.22 -25.52 35.38
N PHE I 28 -2.28 -24.53 36.27
CA PHE I 28 -2.45 -23.12 35.99
C PHE I 28 -1.49 -22.63 34.90
N SER I 29 -1.77 -21.48 34.32
CA SER I 29 -1.04 -20.82 33.23
C SER I 29 -1.36 -21.46 31.89
N GLY I 30 -2.10 -22.56 31.85
CA GLY I 30 -2.59 -23.07 30.59
C GLY I 30 -3.95 -22.49 30.29
N TYR I 31 -4.68 -22.11 31.34
CA TYR I 31 -6.08 -21.80 31.18
C TYR I 31 -6.44 -20.67 32.12
N TYR I 32 -7.65 -20.13 31.91
CA TYR I 32 -8.26 -19.17 32.80
C TYR I 32 -9.24 -19.92 33.70
N TRP I 33 -9.16 -19.65 35.01
CA TRP I 33 -9.97 -20.35 36.00
C TRP I 33 -11.09 -19.44 36.45
N SER I 34 -12.31 -19.95 36.38
CA SER I 34 -13.49 -19.10 36.43
C SER I 34 -14.47 -19.57 37.50
N TRP I 35 -15.25 -18.62 38.00
CA TRP I 35 -16.36 -18.85 38.92
C TRP I 35 -17.65 -18.47 38.20
N ILE I 36 -18.58 -19.43 38.11
CA ILE I 36 -19.85 -19.32 37.40
C ILE I 36 -20.95 -19.84 38.30
N ARG I 37 -21.90 -18.99 38.66
CA ARG I 37 -22.98 -19.39 39.55
C ARG I 37 -24.25 -19.72 38.76
N GLN I 38 -25.21 -20.29 39.48
CA GLN I 38 -26.47 -20.69 38.84
C GLN I 38 -27.58 -20.78 39.88
N PRO I 39 -28.44 -19.76 39.97
CA PRO I 39 -29.59 -19.83 40.89
C PRO I 39 -30.40 -21.08 40.67
N PRO I 40 -30.91 -21.69 41.75
CA PRO I 40 -31.54 -23.01 41.63
C PRO I 40 -32.78 -23.01 40.77
N GLY I 41 -33.43 -21.86 40.60
CA GLY I 41 -34.56 -21.79 39.70
C GLY I 41 -34.13 -22.00 38.25
N LYS I 42 -33.39 -21.04 37.72
CA LYS I 42 -33.11 -21.02 36.28
C LYS I 42 -32.01 -20.02 36.01
N GLY I 43 -31.14 -20.35 35.07
CA GLY I 43 -30.16 -19.42 34.56
C GLY I 43 -28.73 -19.91 34.77
N LEU I 44 -27.80 -19.14 34.21
CA LEU I 44 -26.38 -19.44 34.30
C LEU I 44 -25.63 -18.12 34.19
N GLU I 45 -24.97 -17.72 35.27
CA GLU I 45 -24.36 -16.39 35.37
C GLU I 45 -22.86 -16.53 35.56
N TRP I 46 -22.10 -15.87 34.69
CA TRP I 46 -20.66 -15.79 34.83
C TRP I 46 -20.31 -14.69 35.81
N ILE I 47 -19.41 -14.98 36.75
CA ILE I 47 -19.13 -14.00 37.77
C ILE I 47 -17.68 -13.58 37.81
N GLY I 48 -16.75 -14.43 37.36
CA GLY I 48 -15.39 -13.91 37.25
C GLY I 48 -14.39 -14.97 36.85
N GLU I 49 -13.15 -14.53 36.66
CA GLU I 49 -12.09 -15.49 36.35
C GLU I 49 -10.73 -14.86 36.66
N ILE I 50 -9.71 -15.71 36.62
CA ILE I 50 -8.35 -15.33 37.01
C ILE I 50 -7.40 -16.37 36.45
N ASN I 51 -6.18 -15.95 36.13
CA ASN I 51 -5.13 -16.79 35.54
C ASN I 51 -4.07 -17.09 36.59
N HIS I 52 -3.04 -17.84 36.19
CA HIS I 52 -1.96 -18.16 37.12
C HIS I 52 -1.27 -16.90 37.63
N SER I 53 -1.20 -15.86 36.79
CA SER I 53 -0.50 -14.64 37.16
C SER I 53 -1.25 -13.80 38.17
N GLY I 54 -2.50 -14.15 38.48
CA GLY I 54 -3.32 -13.35 39.36
C GLY I 54 -4.10 -12.25 38.66
N GLY I 55 -4.00 -12.15 37.34
CA GLY I 55 -4.78 -11.17 36.60
C GLY I 55 -6.25 -11.56 36.59
N THR I 56 -7.10 -10.60 36.90
CA THR I 56 -8.53 -10.85 37.05
C THR I 56 -9.29 -10.44 35.80
N ASN I 57 -10.49 -11.00 35.66
CA ASN I 57 -11.45 -10.62 34.63
C ASN I 57 -12.82 -10.76 35.31
N TYR I 58 -13.34 -9.65 35.81
CA TYR I 58 -14.55 -9.68 36.60
C TYR I 58 -15.77 -9.33 35.75
N ASN I 59 -16.93 -9.77 36.23
CA ASN I 59 -18.20 -9.25 35.76
C ASN I 59 -18.39 -7.87 36.38
N PRO I 60 -18.56 -6.80 35.59
CA PRO I 60 -18.77 -5.47 36.19
C PRO I 60 -20.09 -5.37 36.94
N SER I 61 -21.10 -6.18 36.61
CA SER I 61 -22.33 -6.21 37.39
C SER I 61 -22.03 -6.49 38.86
N LEU I 62 -21.20 -7.51 39.11
CA LEU I 62 -20.91 -7.96 40.45
C LEU I 62 -19.58 -7.43 40.98
N LYS I 63 -18.83 -6.66 40.19
CA LYS I 63 -17.62 -6.01 40.68
C LYS I 63 -17.99 -5.02 41.80
N SER I 64 -16.97 -4.65 42.58
CA SER I 64 -17.08 -3.94 43.85
C SER I 64 -17.70 -4.84 44.92
N ARG I 65 -18.10 -6.04 44.55
CA ARG I 65 -18.48 -7.13 45.43
C ARG I 65 -17.55 -8.33 45.29
N VAL I 66 -17.17 -8.68 44.05
CA VAL I 66 -16.39 -9.89 43.78
C VAL I 66 -14.92 -9.59 44.05
N THR I 67 -14.24 -10.50 44.72
CA THR I 67 -12.79 -10.48 44.77
C THR I 67 -12.30 -11.91 44.60
N ILE I 68 -11.51 -12.15 43.56
CA ILE I 68 -11.06 -13.49 43.22
C ILE I 68 -9.55 -13.54 43.35
N SER I 69 -9.05 -14.60 44.00
CA SER I 69 -7.64 -14.76 44.30
C SER I 69 -7.19 -16.17 43.95
N VAL I 70 -5.88 -16.37 43.92
CA VAL I 70 -5.32 -17.63 43.44
C VAL I 70 -4.17 -18.08 44.33
N ASP I 71 -4.30 -19.26 44.92
CA ASP I 71 -3.19 -19.94 45.59
C ASP I 71 -2.54 -20.83 44.54
N THR I 72 -1.53 -20.27 43.87
CA THR I 72 -0.86 -21.00 42.80
C THR I 72 0.02 -22.11 43.34
N SER I 73 0.56 -21.94 44.54
CA SER I 73 1.45 -22.94 45.13
C SER I 73 0.69 -24.21 45.50
N ASN I 74 -0.53 -24.08 46.01
CA ASN I 74 -1.38 -25.22 46.33
C ASN I 74 -2.31 -25.62 45.19
N ASN I 75 -2.25 -24.93 44.06
CA ASN I 75 -3.08 -25.21 42.88
C ASN I 75 -4.58 -25.19 43.23
N GLN I 76 -5.03 -24.01 43.67
CA GLN I 76 -6.44 -23.77 43.96
C GLN I 76 -6.68 -22.27 43.89
N PHE I 77 -7.96 -21.88 43.83
CA PHE I 77 -8.27 -20.46 43.76
C PHE I 77 -9.59 -20.21 44.50
N SER I 78 -9.73 -18.99 45.02
CA SER I 78 -10.79 -18.68 45.96
C SER I 78 -11.64 -17.51 45.49
N LEU I 79 -12.91 -17.58 45.91
CA LEU I 79 -13.93 -16.59 45.60
C LEU I 79 -14.36 -15.90 46.88
N LYS I 80 -14.34 -14.57 46.89
CA LYS I 80 -14.75 -13.76 48.03
C LYS I 80 -15.79 -12.74 47.57
N LEU I 81 -17.08 -13.04 47.76
CA LEU I 81 -18.11 -12.01 47.67
C LEU I 81 -19.17 -12.38 48.68
N SER I 82 -19.84 -11.40 49.27
CA SER I 82 -19.71 -9.96 49.07
C SER I 82 -20.38 -9.43 50.31
N SER I 83 -20.86 -8.19 50.25
CA SER I 83 -21.96 -7.79 51.13
C SER I 83 -23.22 -8.49 50.62
N VAL I 84 -23.33 -9.78 50.93
CA VAL I 84 -24.26 -10.68 50.23
C VAL I 84 -25.72 -10.27 50.46
N THR I 85 -26.54 -10.53 49.46
CA THR I 85 -27.98 -10.40 49.51
C THR I 85 -28.61 -11.79 49.38
N ALA I 86 -29.94 -11.82 49.32
CA ALA I 86 -30.66 -13.08 49.27
C ALA I 86 -30.71 -13.67 47.87
N ALA I 87 -30.56 -12.85 46.84
CA ALA I 87 -30.67 -13.35 45.48
C ALA I 87 -29.36 -13.97 44.99
N ASP I 88 -28.40 -14.19 45.88
CA ASP I 88 -27.17 -14.87 45.53
C ASP I 88 -27.25 -16.38 45.81
N THR I 89 -28.36 -16.85 46.37
CA THR I 89 -28.61 -18.28 46.51
C THR I 89 -28.44 -18.98 45.17
N ALA I 90 -27.46 -19.87 45.09
CA ALA I 90 -27.14 -20.47 43.80
C ALA I 90 -26.24 -21.67 43.99
N VAL I 91 -26.22 -22.54 42.98
CA VAL I 91 -25.20 -23.57 42.84
C VAL I 91 -23.97 -22.93 42.21
N TYR I 92 -22.85 -22.98 42.90
CA TYR I 92 -21.64 -22.31 42.43
C TYR I 92 -20.67 -23.33 41.86
N TYR I 93 -20.37 -23.19 40.57
CA TYR I 93 -19.38 -24.02 39.90
C TYR I 93 -18.11 -23.23 39.68
N CYS I 94 -16.97 -23.87 39.91
CA CYS I 94 -15.73 -23.41 39.30
C CYS I 94 -15.54 -24.18 37.99
N ALA I 95 -14.94 -23.51 37.01
CA ALA I 95 -14.80 -24.13 35.69
C ALA I 95 -13.51 -23.66 35.03
N ARG I 96 -12.94 -24.56 34.23
CA ARG I 96 -11.77 -24.24 33.43
C ARG I 96 -12.24 -23.64 32.12
N GLY I 97 -11.98 -22.36 31.92
CA GLY I 97 -12.22 -21.69 30.66
C GLY I 97 -10.94 -21.57 29.87
N VAL I 98 -11.04 -21.83 28.56
CA VAL I 98 -9.87 -21.89 27.69
C VAL I 98 -9.44 -20.48 27.31
N TRP I 99 -8.14 -20.21 27.46
CA TRP I 99 -7.60 -18.86 27.35
C TRP I 99 -7.58 -18.44 25.88
N GLU I 100 -8.56 -17.64 25.49
CA GLU I 100 -8.58 -16.99 24.18
C GLU I 100 -8.82 -15.51 24.40
N GLY I 101 -7.92 -14.67 23.90
CA GLY I 101 -7.93 -13.31 24.38
C GLY I 101 -6.63 -13.13 25.16
N SER I 102 -6.61 -12.61 26.39
CA SER I 102 -7.57 -11.76 27.10
C SER I 102 -8.88 -12.29 27.69
N GLY I 103 -9.28 -13.52 27.40
CA GLY I 103 -10.64 -13.90 27.75
C GLY I 103 -10.83 -15.35 28.11
N SER I 104 -12.04 -15.88 27.93
CA SER I 104 -12.32 -17.25 28.34
C SER I 104 -13.23 -17.96 27.34
N ASP I 105 -12.95 -17.84 26.04
CA ASP I 105 -13.94 -18.06 24.98
C ASP I 105 -14.99 -19.14 25.31
N ASN I 106 -14.57 -20.35 25.67
CA ASN I 106 -15.50 -21.39 26.13
C ASN I 106 -14.97 -22.04 27.41
N PHE I 107 -15.83 -22.79 28.08
CA PHE I 107 -15.48 -23.50 29.31
C PHE I 107 -15.60 -25.00 29.09
N ASP I 108 -14.51 -25.74 29.30
CA ASP I 108 -14.53 -27.20 29.23
C ASP I 108 -14.23 -27.80 30.61
N TYR I 109 -14.93 -28.88 30.93
CA TYR I 109 -14.81 -29.59 32.22
C TYR I 109 -15.10 -28.65 33.39
N TRP I 110 -16.37 -28.33 33.53
CA TRP I 110 -16.85 -27.67 34.73
C TRP I 110 -16.60 -28.53 35.98
N GLY I 111 -16.68 -27.89 37.14
CA GLY I 111 -16.71 -28.60 38.40
C GLY I 111 -18.07 -29.21 38.65
N GLN I 112 -18.39 -29.60 39.90
CA GLN I 112 -19.68 -30.19 40.21
C GLN I 112 -20.64 -29.25 40.95
N GLY I 113 -20.16 -28.09 41.40
CA GLY I 113 -21.01 -27.09 42.03
C GLY I 113 -21.30 -27.37 43.48
N THR I 114 -21.25 -26.34 44.31
CA THR I 114 -21.68 -26.43 45.70
C THR I 114 -22.84 -25.46 45.92
N LEU I 115 -23.92 -25.96 46.50
CA LEU I 115 -25.08 -25.12 46.75
C LEU I 115 -24.79 -24.13 47.87
N VAL I 116 -25.19 -22.88 47.67
CA VAL I 116 -25.08 -21.85 48.70
C VAL I 116 -26.44 -21.21 48.85
N THR I 117 -27.03 -21.35 50.04
CA THR I 117 -28.34 -20.80 50.34
C THR I 117 -28.19 -19.63 51.32
N VAL I 118 -28.67 -18.46 50.91
CA VAL I 118 -28.50 -17.22 51.65
C VAL I 118 -29.87 -16.73 52.12
N SER I 119 -30.76 -17.67 52.45
CA SER I 119 -32.07 -17.29 52.96
C SER I 119 -31.97 -16.60 54.33
N SER I 120 -33.11 -16.11 54.81
CA SER I 120 -33.18 -15.47 56.10
C SER I 120 -34.03 -16.31 57.05
N ALA I 121 -33.73 -16.15 58.35
CA ALA I 121 -34.44 -16.84 59.43
C ALA I 121 -35.94 -16.64 59.28
N SER I 122 -36.80 -17.44 59.91
CA SER I 122 -36.52 -18.45 60.94
C SER I 122 -37.65 -19.46 60.92
N THR I 123 -37.56 -20.49 61.78
CA THR I 123 -38.67 -21.43 61.88
C THR I 123 -39.95 -20.67 62.26
N LYS I 124 -40.90 -20.57 61.32
CA LYS I 124 -42.03 -19.67 61.49
C LYS I 124 -43.35 -20.41 61.68
N GLY I 125 -43.76 -21.24 60.72
CA GLY I 125 -45.06 -21.87 60.82
C GLY I 125 -46.12 -21.13 60.01
N PRO I 126 -47.07 -21.89 59.47
CA PRO I 126 -47.95 -21.36 58.42
C PRO I 126 -49.18 -20.62 58.96
N SER I 127 -49.87 -19.97 58.02
CA SER I 127 -51.27 -19.62 58.17
C SER I 127 -52.02 -20.38 57.08
N VAL I 128 -53.21 -20.84 57.39
CA VAL I 128 -53.94 -21.76 56.52
C VAL I 128 -55.30 -21.16 56.17
N PHE I 129 -55.55 -20.96 54.89
CA PHE I 129 -56.86 -20.44 54.55
C PHE I 129 -57.61 -21.46 53.71
N PRO I 130 -58.93 -21.50 53.80
CA PRO I 130 -59.70 -22.48 53.02
C PRO I 130 -59.87 -22.05 51.56
N LEU I 131 -60.20 -23.04 50.72
CA LEU I 131 -60.36 -22.86 49.29
C LEU I 131 -61.79 -23.20 48.90
N ALA I 132 -62.55 -22.18 48.48
CA ALA I 132 -63.98 -22.34 48.24
C ALA I 132 -64.22 -22.91 46.84
N PRO I 133 -65.02 -23.99 46.72
CA PRO I 133 -65.38 -24.61 45.44
C PRO I 133 -66.39 -23.78 44.62
N THR I 142 -67.00 -32.41 38.00
CA THR I 142 -67.68 -32.11 39.25
C THR I 142 -67.15 -30.81 39.87
N ALA I 143 -66.40 -30.92 40.96
CA ALA I 143 -65.78 -29.76 41.61
C ALA I 143 -64.72 -30.25 42.58
N ALA I 144 -64.00 -29.30 43.18
CA ALA I 144 -62.87 -29.61 44.03
C ALA I 144 -62.59 -28.44 44.96
N LEU I 145 -62.11 -28.75 46.17
CA LEU I 145 -61.78 -27.75 47.16
C LEU I 145 -60.51 -28.16 47.88
N GLY I 146 -59.84 -27.19 48.49
CA GLY I 146 -58.59 -27.50 49.14
C GLY I 146 -58.26 -26.52 50.24
N CYS I 147 -57.02 -26.60 50.70
CA CYS I 147 -56.48 -25.71 51.72
C CYS I 147 -55.35 -24.90 51.12
N LEU I 148 -54.88 -23.90 51.86
CA LEU I 148 -53.81 -23.01 51.40
C LEU I 148 -52.86 -22.81 52.57
N VAL I 149 -51.77 -23.56 52.58
CA VAL I 149 -50.74 -23.46 53.59
C VAL I 149 -49.73 -22.42 53.12
N LYS I 150 -49.79 -21.24 53.73
CA LYS I 150 -49.05 -20.09 53.24
C LYS I 150 -48.09 -19.59 54.31
N ASP I 151 -46.97 -19.04 53.85
CA ASP I 151 -46.03 -18.30 54.70
C ASP I 151 -45.52 -19.14 55.89
N TYR I 152 -44.86 -20.26 55.55
CA TYR I 152 -44.23 -21.11 56.55
C TYR I 152 -42.78 -21.37 56.17
N PHE I 153 -41.98 -21.76 57.16
CA PHE I 153 -40.55 -22.00 56.97
C PHE I 153 -39.99 -22.66 58.22
N PRO I 154 -39.09 -23.66 58.08
CA PRO I 154 -38.69 -24.30 56.83
C PRO I 154 -39.62 -25.46 56.46
N GLU I 155 -39.34 -26.10 55.33
CA GLU I 155 -40.14 -27.24 54.92
C GLU I 155 -39.81 -28.44 55.79
N PRO I 156 -40.62 -29.51 55.72
CA PRO I 156 -41.87 -29.73 54.98
C PRO I 156 -43.12 -29.66 55.87
N VAL I 157 -44.28 -29.98 55.30
CA VAL I 157 -45.56 -29.91 56.01
C VAL I 157 -46.45 -31.08 55.60
N THR I 158 -47.11 -31.68 56.58
CA THR I 158 -48.09 -32.72 56.34
C THR I 158 -49.46 -32.12 56.04
N VAL I 159 -50.15 -32.68 55.06
CA VAL I 159 -51.51 -32.26 54.73
C VAL I 159 -52.40 -33.50 54.82
N SER I 160 -53.06 -33.67 55.96
CA SER I 160 -54.04 -34.72 56.12
C SER I 160 -55.43 -34.20 55.72
N TRP I 161 -56.34 -35.13 55.42
CA TRP I 161 -57.72 -34.78 55.12
C TRP I 161 -58.65 -35.74 55.85
N ASN I 162 -59.62 -35.18 56.60
CA ASN I 162 -60.42 -35.94 57.56
C ASN I 162 -59.53 -36.67 58.55
N SER I 163 -58.42 -36.02 58.91
CA SER I 163 -57.37 -36.53 59.80
C SER I 163 -56.68 -37.78 59.26
N GLY I 164 -56.87 -38.11 57.99
CA GLY I 164 -56.28 -39.30 57.38
C GLY I 164 -57.27 -40.26 56.76
N ALA I 165 -58.58 -39.92 56.75
CA ALA I 165 -59.63 -40.80 56.28
C ALA I 165 -60.09 -40.46 54.87
N LEU I 166 -59.21 -39.88 54.05
CA LEU I 166 -59.51 -39.64 52.64
C LEU I 166 -58.19 -39.52 51.90
N THR I 167 -57.91 -40.48 51.02
CA THR I 167 -56.65 -40.53 50.28
C THR I 167 -56.81 -40.28 48.79
N SER I 168 -57.82 -40.87 48.16
CA SER I 168 -58.04 -40.67 46.73
C SER I 168 -58.55 -39.25 46.47
N GLY I 169 -57.94 -38.58 45.50
CA GLY I 169 -58.28 -37.22 45.14
C GLY I 169 -57.22 -36.20 45.55
N VAL I 170 -56.50 -36.46 46.65
CA VAL I 170 -55.53 -35.49 47.14
C VAL I 170 -54.43 -35.27 46.11
N HIS I 171 -54.05 -34.01 45.94
CA HIS I 171 -52.96 -33.66 45.03
C HIS I 171 -52.07 -32.60 45.67
N THR I 172 -51.65 -32.84 46.91
CA THR I 172 -50.76 -31.92 47.63
C THR I 172 -49.59 -31.50 46.75
N PHE I 173 -49.53 -30.21 46.41
CA PHE I 173 -48.63 -29.65 45.42
C PHE I 173 -47.25 -29.36 46.01
N PRO I 174 -46.23 -29.21 45.16
CA PRO I 174 -44.94 -28.73 45.65
C PRO I 174 -45.03 -27.28 46.09
N ALA I 175 -44.31 -26.97 47.17
CA ALA I 175 -44.31 -25.62 47.70
C ALA I 175 -43.48 -24.69 46.82
N VAL I 176 -43.74 -23.40 46.95
CA VAL I 176 -42.95 -22.39 46.27
C VAL I 176 -42.20 -21.58 47.31
N LEU I 177 -41.00 -21.16 46.96
CA LEU I 177 -40.23 -20.23 47.80
C LEU I 177 -40.60 -18.82 47.37
N GLN I 178 -41.25 -18.08 48.26
CA GLN I 178 -41.63 -16.72 47.90
C GLN I 178 -40.42 -15.79 47.93
N SER I 179 -40.59 -14.62 47.32
CA SER I 179 -39.61 -13.56 47.45
C SER I 179 -39.37 -13.19 48.91
N SER I 180 -40.36 -13.45 49.79
CA SER I 180 -40.21 -13.25 51.23
C SER I 180 -39.31 -14.30 51.88
N GLY I 181 -38.82 -15.28 51.12
CA GLY I 181 -38.02 -16.34 51.70
C GLY I 181 -38.79 -17.40 52.45
N LEU I 182 -40.12 -17.28 52.49
CA LEU I 182 -40.99 -18.24 53.16
C LEU I 182 -41.71 -19.09 52.12
N TYR I 183 -41.90 -20.37 52.44
CA TYR I 183 -42.55 -21.29 51.52
C TYR I 183 -44.07 -21.16 51.61
N SER I 184 -44.74 -21.60 50.55
CA SER I 184 -46.19 -21.65 50.52
C SER I 184 -46.63 -22.76 49.58
N LEU I 185 -47.71 -23.44 49.94
CA LEU I 185 -48.25 -24.49 49.10
C LEU I 185 -49.76 -24.57 49.28
N SER I 186 -50.40 -25.37 48.42
CA SER I 186 -51.82 -25.63 48.54
C SER I 186 -52.08 -27.09 48.20
N SER I 187 -53.00 -27.70 48.96
CA SER I 187 -53.55 -29.01 48.64
C SER I 187 -54.86 -28.84 47.87
N VAL I 188 -55.41 -29.96 47.39
CA VAL I 188 -56.66 -29.93 46.63
C VAL I 188 -57.25 -31.32 46.62
N VAL I 189 -58.58 -31.40 46.65
CA VAL I 189 -59.32 -32.65 46.60
C VAL I 189 -60.49 -32.48 45.64
N THR I 190 -60.59 -33.38 44.68
CA THR I 190 -61.76 -33.45 43.80
C THR I 190 -62.81 -34.34 44.44
N VAL I 191 -64.07 -33.91 44.37
CA VAL I 191 -65.17 -34.69 44.95
C VAL I 191 -66.39 -34.55 44.05
N PRO I 192 -67.35 -35.47 44.18
CA PRO I 192 -68.58 -35.35 43.36
C PRO I 192 -69.34 -34.06 43.66
N SER I 193 -69.98 -33.52 42.62
CA SER I 193 -70.47 -32.14 42.66
C SER I 193 -71.72 -32.01 43.52
N SER I 194 -72.79 -32.72 43.15
CA SER I 194 -74.05 -32.61 43.89
C SER I 194 -74.00 -33.29 45.25
N SER I 195 -72.89 -33.94 45.61
CA SER I 195 -72.75 -34.57 46.91
C SER I 195 -72.34 -33.58 47.99
N LEU I 196 -72.09 -32.32 47.66
CA LEU I 196 -71.53 -31.37 48.61
C LEU I 196 -72.61 -30.79 49.52
N GLY I 197 -72.15 -30.06 50.54
CA GLY I 197 -73.02 -29.56 51.59
C GLY I 197 -73.53 -30.61 52.54
N THR I 198 -73.32 -31.89 52.24
CA THR I 198 -73.85 -32.97 53.03
C THR I 198 -72.77 -33.67 53.86
N GLN I 199 -71.55 -33.18 53.87
CA GLN I 199 -70.50 -33.93 54.52
C GLN I 199 -69.33 -32.96 54.70
N THR I 200 -68.55 -33.18 55.77
CA THR I 200 -67.50 -32.26 56.20
C THR I 200 -66.16 -32.67 55.61
N TYR I 201 -65.23 -31.72 55.57
CA TYR I 201 -63.88 -31.96 55.06
C TYR I 201 -62.92 -31.13 55.89
N ILE I 202 -62.33 -31.75 56.90
CA ILE I 202 -61.25 -31.15 57.68
C ILE I 202 -59.94 -31.36 56.94
N CYS I 203 -59.05 -30.37 56.97
CA CYS I 203 -57.67 -30.56 56.53
C CYS I 203 -56.76 -30.29 57.72
N ASN I 204 -55.92 -31.27 58.03
CA ASN I 204 -55.01 -31.23 59.18
C ASN I 204 -53.63 -30.88 58.66
N VAL I 205 -53.26 -29.62 58.78
CA VAL I 205 -51.93 -29.17 58.43
C VAL I 205 -50.99 -29.41 59.60
N ASN I 206 -49.77 -29.84 59.31
CA ASN I 206 -48.80 -30.09 60.36
C ASN I 206 -47.45 -29.56 59.94
N HIS I 207 -46.83 -28.77 60.82
CA HIS I 207 -45.50 -28.20 60.59
C HIS I 207 -44.71 -28.49 61.86
N LYS I 208 -43.93 -29.56 61.83
CA LYS I 208 -43.14 -29.98 62.98
C LYS I 208 -41.98 -29.05 63.33
N PRO I 209 -41.29 -28.43 62.35
CA PRO I 209 -40.15 -27.56 62.71
C PRO I 209 -40.50 -26.37 63.58
N SER I 210 -41.75 -25.90 63.57
CA SER I 210 -42.21 -24.87 64.50
C SER I 210 -43.33 -25.39 65.41
N ASN I 211 -43.59 -26.69 65.37
CA ASN I 211 -44.46 -27.41 66.30
C ASN I 211 -45.93 -27.02 66.19
N THR I 212 -46.34 -26.46 65.06
CA THR I 212 -47.72 -26.00 64.91
C THR I 212 -48.56 -27.04 64.15
N LYS I 213 -49.83 -27.11 64.53
CA LYS I 213 -50.81 -27.97 63.90
C LYS I 213 -52.08 -27.18 63.70
N VAL I 214 -52.81 -27.50 62.62
CA VAL I 214 -54.10 -26.89 62.35
C VAL I 214 -55.05 -27.98 61.88
N ASP I 215 -56.34 -27.79 62.19
CA ASP I 215 -57.40 -28.69 61.74
C ASP I 215 -58.45 -27.88 61.00
N LYS I 216 -58.02 -27.04 60.07
CA LYS I 216 -58.93 -26.08 59.46
C LYS I 216 -59.92 -26.79 58.55
N LYS I 217 -61.20 -26.48 58.69
CA LYS I 217 -62.24 -27.14 57.92
C LYS I 217 -62.66 -26.25 56.74
N VAL I 218 -63.26 -26.90 55.74
CA VAL I 218 -63.66 -26.23 54.50
C VAL I 218 -65.11 -26.53 54.21
N GLU I 219 -65.85 -25.49 53.84
CA GLU I 219 -67.24 -25.53 53.44
C GLU I 219 -67.38 -24.79 52.12
N PRO I 220 -68.38 -25.13 51.31
CA PRO I 220 -68.65 -24.33 50.09
C PRO I 220 -69.18 -22.93 50.42
N LYS I 221 -69.46 -22.14 49.38
CA LYS I 221 -69.96 -20.78 49.57
C LYS I 221 -71.47 -20.75 49.78
N ALA J 1 -28.24 -10.76 27.39
CA ALA J 1 -29.12 -10.54 26.25
C ALA J 1 -29.03 -11.70 25.24
N LEU J 2 -29.39 -12.90 25.68
CA LEU J 2 -29.46 -14.09 24.82
C LEU J 2 -30.76 -14.83 25.11
N THR J 3 -31.61 -14.95 24.09
CA THR J 3 -32.94 -15.51 24.24
C THR J 3 -32.99 -16.91 23.63
N GLN J 4 -33.36 -17.89 24.45
CA GLN J 4 -33.63 -19.24 24.00
C GLN J 4 -35.06 -19.62 24.35
N PRO J 5 -35.69 -20.47 23.55
CA PRO J 5 -37.04 -20.94 23.90
C PRO J 5 -37.02 -21.71 25.20
N PRO J 6 -38.15 -21.78 25.91
CA PRO J 6 -38.20 -22.60 27.13
C PRO J 6 -38.09 -24.10 26.86
N SER J 7 -38.89 -24.63 25.94
CA SER J 7 -39.04 -26.08 25.81
C SER J 7 -39.09 -26.47 24.34
N VAL J 8 -38.64 -27.69 24.04
CA VAL J 8 -38.80 -28.32 22.74
C VAL J 8 -39.00 -29.82 22.95
N SER J 9 -39.95 -30.39 22.22
CA SER J 9 -40.28 -31.81 22.28
C SER J 9 -39.56 -32.55 21.15
N GLY J 10 -39.90 -33.82 20.97
CA GLY J 10 -39.34 -34.62 19.90
C GLY J 10 -39.31 -36.11 20.18
N ALA J 11 -39.68 -36.90 19.17
CA ALA J 11 -39.67 -38.35 19.29
C ALA J 11 -38.25 -38.90 19.14
N PRO J 12 -37.97 -40.06 19.72
CA PRO J 12 -36.65 -40.67 19.55
C PRO J 12 -36.26 -40.77 18.08
N GLY J 13 -35.06 -40.30 17.77
CA GLY J 13 -34.54 -40.35 16.43
C GLY J 13 -34.82 -39.12 15.59
N GLN J 14 -35.93 -38.44 15.82
CA GLN J 14 -36.23 -37.25 15.03
C GLN J 14 -35.23 -36.12 15.31
N ARG J 15 -35.22 -35.14 14.41
CA ARG J 15 -34.32 -33.99 14.48
C ARG J 15 -35.05 -32.80 15.08
N VAL J 16 -34.35 -32.06 15.94
CA VAL J 16 -34.93 -30.91 16.63
C VAL J 16 -33.92 -29.77 16.66
N THR J 17 -34.44 -28.54 16.62
CA THR J 17 -33.64 -27.33 16.55
C THR J 17 -33.86 -26.48 17.80
N ILE J 18 -32.77 -25.93 18.33
CA ILE J 18 -32.81 -25.01 19.45
C ILE J 18 -32.16 -23.69 19.01
N SER J 19 -32.87 -22.59 19.19
CA SER J 19 -32.46 -21.30 18.68
C SER J 19 -31.84 -20.46 19.78
N CYS J 20 -30.74 -19.78 19.45
CA CYS J 20 -30.08 -18.86 20.35
C CYS J 20 -30.12 -17.48 19.69
N THR J 21 -31.16 -16.72 20.02
CA THR J 21 -31.36 -15.39 19.46
C THR J 21 -30.56 -14.36 20.24
N GLY J 22 -29.72 -13.60 19.54
CA GLY J 22 -28.84 -12.65 20.16
C GLY J 22 -28.96 -11.29 19.51
N SER J 23 -28.33 -10.30 20.16
CA SER J 23 -28.31 -8.93 19.70
C SER J 23 -27.02 -8.65 18.92
N SER J 24 -26.87 -7.39 18.50
CA SER J 24 -25.70 -6.98 17.74
C SER J 24 -24.48 -6.74 18.63
N SER J 25 -24.67 -6.69 19.94
CA SER J 25 -23.57 -6.50 20.88
C SER J 25 -22.90 -7.80 21.28
N ASN J 26 -23.53 -8.95 21.02
CA ASN J 26 -22.93 -10.24 21.38
C ASN J 26 -22.60 -11.10 20.19
N ILE J 27 -23.58 -11.51 19.37
CA ILE J 27 -23.29 -12.42 18.27
C ILE J 27 -23.09 -11.59 17.01
N GLY J 28 -23.71 -10.39 16.98
CA GLY J 28 -23.53 -9.48 15.86
C GLY J 28 -22.10 -9.00 15.72
N ALA J 29 -21.39 -8.84 16.83
CA ALA J 29 -19.95 -8.63 16.77
C ALA J 29 -19.26 -9.95 16.39
N GLY J 30 -17.93 -9.92 16.31
CA GLY J 30 -17.21 -11.08 15.84
C GLY J 30 -17.17 -12.26 16.80
N PHE J 31 -17.95 -12.22 17.88
CA PHE J 31 -17.83 -13.20 18.95
C PHE J 31 -18.53 -14.50 18.59
N ASP J 32 -17.89 -15.61 18.99
CA ASP J 32 -18.38 -16.95 18.71
C ASP J 32 -19.37 -17.39 19.77
N VAL J 33 -20.23 -18.35 19.41
CA VAL J 33 -21.26 -18.90 20.29
C VAL J 33 -20.96 -20.38 20.53
N HIS J 34 -21.00 -20.79 21.79
CA HIS J 34 -20.80 -22.16 22.21
C HIS J 34 -22.08 -22.69 22.85
N TRP J 35 -22.11 -24.00 23.09
CA TRP J 35 -23.25 -24.65 23.70
C TRP J 35 -22.81 -25.60 24.80
N TYR J 36 -23.70 -25.84 25.76
CA TYR J 36 -23.42 -26.64 26.94
C TYR J 36 -24.64 -27.49 27.26
N GLN J 37 -24.38 -28.74 27.65
CA GLN J 37 -25.42 -29.71 27.97
C GLN J 37 -25.37 -30.03 29.45
N GLN J 38 -26.51 -29.86 30.13
CA GLN J 38 -26.62 -30.06 31.56
C GLN J 38 -27.69 -31.14 31.79
N LEU J 39 -27.22 -32.36 32.06
CA LEU J 39 -28.10 -33.47 32.43
C LEU J 39 -28.53 -33.33 33.89
N PRO J 40 -29.65 -33.96 34.28
CA PRO J 40 -30.21 -33.71 35.62
C PRO J 40 -29.23 -33.93 36.75
N GLY J 41 -29.02 -32.89 37.56
CA GLY J 41 -28.13 -32.96 38.69
C GLY J 41 -26.69 -32.82 38.31
N THR J 42 -26.33 -33.36 37.15
CA THR J 42 -24.98 -33.22 36.64
C THR J 42 -24.69 -31.76 36.31
N ALA J 43 -23.39 -31.44 36.29
CA ALA J 43 -22.94 -30.14 35.83
C ALA J 43 -22.83 -30.12 34.31
N PRO J 44 -22.85 -28.94 33.69
CA PRO J 44 -22.79 -28.89 32.22
C PRO J 44 -21.49 -29.46 31.68
N LYS J 45 -21.63 -30.30 30.65
CA LYS J 45 -20.51 -30.71 29.80
C LYS J 45 -20.38 -29.73 28.65
N LEU J 46 -19.15 -29.53 28.20
CA LEU J 46 -18.94 -28.73 27.01
C LEU J 46 -19.52 -29.46 25.80
N LEU J 47 -20.29 -28.72 25.01
CA LEU J 47 -20.86 -29.19 23.75
C LEU J 47 -20.23 -28.32 22.66
N ILE J 48 -20.90 -28.19 21.51
CA ILE J 48 -20.41 -27.37 20.41
C ILE J 48 -19.70 -26.10 20.87
N TYR J 49 -18.47 -25.89 20.38
CA TYR J 49 -17.67 -24.68 20.57
C TYR J 49 -17.28 -24.12 19.22
N GLY J 50 -16.97 -22.82 19.18
CA GLY J 50 -16.64 -22.20 17.90
C GLY J 50 -17.76 -22.25 16.87
N ASN J 51 -19.00 -22.37 17.34
CA ASN J 51 -20.26 -22.32 16.60
C ASN J 51 -20.54 -23.58 15.79
N SER J 52 -19.52 -24.39 15.52
CA SER J 52 -19.75 -25.63 14.78
C SER J 52 -18.91 -26.80 15.26
N PHE J 53 -17.85 -26.55 16.02
CA PHE J 53 -16.88 -27.57 16.40
C PHE J 53 -17.33 -28.27 17.67
N ARG J 54 -17.15 -29.58 17.72
CA ARG J 54 -17.53 -30.34 18.90
C ARG J 54 -16.32 -31.06 19.48
N PRO J 55 -16.16 -31.05 20.82
CA PRO J 55 -14.97 -31.67 21.41
C PRO J 55 -15.03 -33.19 21.40
N SER J 56 -13.97 -33.82 21.88
CA SER J 56 -13.87 -35.27 21.83
C SER J 56 -15.06 -35.91 22.54
N GLY J 57 -15.52 -37.04 22.00
CA GLY J 57 -16.60 -37.77 22.65
C GLY J 57 -17.98 -37.18 22.52
N VAL J 58 -18.18 -36.23 21.62
CA VAL J 58 -19.49 -35.66 21.32
C VAL J 58 -19.94 -36.23 19.99
N PRO J 59 -21.14 -36.80 19.90
CA PRO J 59 -21.56 -37.45 18.65
C PRO J 59 -21.81 -36.45 17.53
N ASP J 60 -21.86 -36.99 16.30
CA ASP J 60 -22.24 -36.19 15.15
C ASP J 60 -23.67 -35.69 15.25
N ARG J 61 -24.51 -36.37 16.03
CA ARG J 61 -25.90 -35.99 16.23
C ARG J 61 -26.02 -34.51 16.52
N PHE J 62 -25.21 -34.03 17.45
CA PHE J 62 -25.17 -32.61 17.81
C PHE J 62 -24.40 -31.84 16.75
N SER J 63 -25.05 -30.84 16.15
CA SER J 63 -24.43 -30.03 15.12
C SER J 63 -24.81 -28.57 15.35
N GLY J 64 -23.81 -27.71 15.44
CA GLY J 64 -24.02 -26.29 15.71
C GLY J 64 -23.81 -25.46 14.47
N SER J 65 -24.47 -24.31 14.42
CA SER J 65 -24.28 -23.33 13.38
C SER J 65 -24.58 -21.94 13.93
N LYS J 66 -24.28 -20.94 13.11
CA LYS J 66 -24.42 -19.54 13.48
C LYS J 66 -24.66 -18.71 12.23
N SER J 67 -25.63 -17.81 12.31
CA SER J 67 -26.01 -16.98 11.16
C SER J 67 -26.36 -15.59 11.67
N GLY J 68 -25.57 -14.60 11.23
CA GLY J 68 -25.85 -13.21 11.57
C GLY J 68 -25.87 -12.92 13.06
N THR J 69 -27.05 -12.66 13.62
CA THR J 69 -27.22 -12.33 15.03
C THR J 69 -27.82 -13.48 15.84
N SER J 70 -27.95 -14.67 15.25
CA SER J 70 -28.50 -15.82 15.96
C SER J 70 -27.61 -17.04 15.73
N ALA J 71 -27.83 -18.05 16.57
CA ALA J 71 -27.14 -19.32 16.46
C ALA J 71 -28.16 -20.43 16.58
N SER J 72 -27.76 -21.64 16.21
CA SER J 72 -28.70 -22.74 16.29
C SER J 72 -27.97 -24.05 16.54
N LEU J 73 -28.57 -24.84 17.42
CA LEU J 73 -28.12 -26.19 17.74
C LEU J 73 -29.11 -27.19 17.16
N ALA J 74 -28.61 -28.33 16.68
CA ALA J 74 -29.43 -29.32 16.01
C ALA J 74 -29.10 -30.69 16.60
N ILE J 75 -30.16 -31.42 17.01
CA ILE J 75 -29.99 -32.77 17.55
C ILE J 75 -30.77 -33.74 16.66
N ALA J 76 -30.06 -34.69 16.08
CA ALA J 76 -30.65 -35.72 15.24
C ALA J 76 -30.29 -37.09 15.82
N GLY J 77 -31.29 -37.94 16.00
CA GLY J 77 -31.04 -39.23 16.62
C GLY J 77 -31.24 -39.17 18.11
N LEU J 78 -32.39 -38.64 18.52
CA LEU J 78 -32.66 -38.43 19.93
C LEU J 78 -32.65 -39.75 20.69
N GLN J 79 -32.04 -39.72 21.87
CA GLN J 79 -32.00 -40.85 22.79
C GLN J 79 -32.35 -40.34 24.19
N ALA J 80 -32.50 -41.27 25.12
CA ALA J 80 -32.82 -40.89 26.49
C ALA J 80 -31.67 -40.12 27.11
N GLU J 81 -30.43 -40.50 26.79
CA GLU J 81 -29.28 -39.80 27.33
C GLU J 81 -29.17 -38.36 26.83
N ASP J 82 -30.03 -37.94 25.91
CA ASP J 82 -30.04 -36.57 25.40
C ASP J 82 -31.02 -35.65 26.10
N GLU J 83 -31.99 -36.21 26.85
CA GLU J 83 -32.93 -35.38 27.60
C GLU J 83 -32.16 -34.61 28.68
N ALA J 84 -32.08 -33.29 28.52
CA ALA J 84 -31.33 -32.44 29.45
C ALA J 84 -31.69 -30.98 29.16
N ASP J 85 -31.07 -30.08 29.93
CA ASP J 85 -31.14 -28.64 29.67
C ASP J 85 -29.96 -28.27 28.79
N TYR J 86 -30.18 -27.32 27.87
CA TYR J 86 -29.11 -26.89 26.96
C TYR J 86 -28.98 -25.38 27.01
N TYR J 87 -27.75 -24.89 27.07
CA TYR J 87 -27.48 -23.46 27.21
C TYR J 87 -26.55 -23.03 26.10
N CYS J 88 -26.85 -21.90 25.45
CA CYS J 88 -25.89 -21.26 24.57
C CYS J 88 -25.17 -20.15 25.32
N GLN J 89 -23.93 -19.88 24.90
CA GLN J 89 -23.08 -18.96 25.64
C GLN J 89 -22.16 -18.24 24.67
N SER J 90 -22.05 -16.94 24.80
CA SER J 90 -21.21 -16.13 23.93
C SER J 90 -20.60 -15.03 24.79
N TYR J 91 -20.08 -13.98 24.15
CA TYR J 91 -19.52 -12.83 24.84
C TYR J 91 -20.21 -11.57 24.37
N ASP J 92 -20.47 -10.66 25.31
CA ASP J 92 -21.09 -9.38 25.02
C ASP J 92 -20.12 -8.24 25.33
N SER J 93 -20.06 -7.27 24.42
CA SER J 93 -19.13 -6.15 24.53
C SER J 93 -19.71 -4.97 25.32
N SER J 94 -20.97 -4.60 25.06
CA SER J 94 -21.57 -3.47 25.78
C SER J 94 -21.70 -3.76 27.27
N LEU J 95 -21.73 -5.03 27.67
CA LEU J 95 -21.69 -5.41 29.08
C LEU J 95 -20.30 -5.84 29.55
N SER J 96 -19.35 -6.01 28.63
CA SER J 96 -17.96 -6.34 28.92
C SER J 96 -17.85 -7.63 29.73
N GLY J 97 -18.35 -8.71 29.14
CA GLY J 97 -18.27 -10.00 29.81
C GLY J 97 -19.03 -11.06 29.06
N VAL J 98 -18.82 -12.31 29.48
CA VAL J 98 -19.50 -13.40 28.78
C VAL J 98 -20.94 -13.50 29.27
N VAL J 99 -21.76 -14.17 28.47
CA VAL J 99 -23.19 -14.21 28.68
C VAL J 99 -23.71 -15.59 28.29
N PHE J 100 -24.60 -16.13 29.10
CA PHE J 100 -25.25 -17.39 28.80
C PHE J 100 -26.69 -17.13 28.40
N GLY J 101 -27.37 -18.20 27.99
CA GLY J 101 -28.78 -18.12 27.66
C GLY J 101 -29.68 -18.45 28.84
N GLY J 102 -30.99 -18.46 28.56
CA GLY J 102 -31.93 -18.89 29.59
C GLY J 102 -31.98 -20.39 29.77
N GLY J 103 -31.50 -21.13 28.78
CA GLY J 103 -31.61 -22.58 28.79
C GLY J 103 -32.86 -23.06 28.08
N THR J 104 -32.76 -24.25 27.50
CA THR J 104 -33.88 -24.88 26.82
C THR J 104 -34.04 -26.28 27.39
N LYS J 105 -35.27 -26.64 27.75
CA LYS J 105 -35.56 -27.92 28.37
C LYS J 105 -35.89 -28.89 27.25
N LEU J 106 -34.95 -29.78 26.95
CA LEU J 106 -35.19 -30.82 25.95
C LEU J 106 -35.95 -31.96 26.60
N THR J 107 -37.17 -32.21 26.14
CA THR J 107 -37.93 -33.36 26.60
C THR J 107 -38.01 -34.34 25.43
N VAL J 108 -37.38 -35.50 25.61
CA VAL J 108 -37.59 -36.62 24.69
C VAL J 108 -38.89 -37.31 25.06
N LEU J 109 -39.63 -37.74 24.04
CA LEU J 109 -40.95 -38.32 24.24
C LEU J 109 -40.84 -39.75 24.74
N GLY J 110 -41.91 -40.52 24.63
CA GLY J 110 -41.93 -41.87 25.16
C GLY J 110 -43.16 -41.97 26.03
N GLN J 111 -44.02 -40.97 25.89
CA GLN J 111 -45.22 -40.84 26.69
C GLN J 111 -46.26 -40.13 25.83
N PRO J 112 -47.50 -40.01 26.32
CA PRO J 112 -48.50 -39.23 25.58
C PRO J 112 -48.22 -37.73 25.61
N LYS J 113 -49.16 -36.93 25.13
CA LYS J 113 -48.97 -35.49 25.04
C LYS J 113 -50.09 -34.74 25.76
N ALA J 114 -50.39 -35.15 26.99
CA ALA J 114 -51.49 -34.57 27.75
C ALA J 114 -51.19 -33.12 28.14
N ALA J 115 -52.26 -32.34 28.29
CA ALA J 115 -52.16 -30.93 28.63
C ALA J 115 -52.92 -30.66 29.92
N PRO J 116 -52.72 -29.50 30.55
CA PRO J 116 -53.54 -29.14 31.73
C PRO J 116 -54.98 -28.81 31.31
N SER J 117 -55.98 -29.05 32.19
CA SER J 117 -55.99 -29.46 33.62
C SER J 117 -55.49 -28.35 34.55
N VAL J 118 -55.97 -27.13 34.30
CA VAL J 118 -55.76 -25.99 35.20
C VAL J 118 -57.03 -25.78 36.02
N THR J 119 -56.85 -25.55 37.33
CA THR J 119 -57.94 -25.16 38.23
C THR J 119 -57.49 -23.96 39.05
N LEU J 120 -58.32 -22.92 39.09
CA LEU J 120 -57.93 -21.64 39.67
C LEU J 120 -58.86 -21.28 40.83
N PHE J 121 -58.28 -20.97 41.99
CA PHE J 121 -58.99 -20.57 43.20
C PHE J 121 -58.83 -19.07 43.42
N PRO J 122 -59.92 -18.35 43.70
CA PRO J 122 -59.83 -16.92 44.02
C PRO J 122 -59.54 -16.72 45.49
N PRO J 123 -59.15 -15.51 45.91
CA PRO J 123 -58.81 -15.29 47.32
C PRO J 123 -59.99 -15.62 48.22
N SER J 124 -59.69 -16.25 49.36
CA SER J 124 -60.71 -16.60 50.33
C SER J 124 -61.09 -15.40 51.18
N SER J 125 -62.32 -15.44 51.71
CA SER J 125 -62.78 -14.35 52.55
C SER J 125 -61.90 -14.20 53.79
N GLU J 126 -61.52 -15.33 54.40
CA GLU J 126 -60.77 -15.28 55.65
C GLU J 126 -59.45 -14.52 55.50
N GLU J 127 -58.84 -14.57 54.33
CA GLU J 127 -57.59 -13.87 54.13
C GLU J 127 -57.79 -12.43 53.67
N LEU J 128 -58.92 -12.14 53.04
CA LEU J 128 -59.27 -10.76 52.74
C LEU J 128 -59.45 -9.96 54.02
N GLN J 129 -59.93 -10.60 55.09
CA GLN J 129 -60.06 -9.94 56.39
C GLN J 129 -58.71 -9.56 56.96
N ALA J 130 -57.70 -10.41 56.76
CA ALA J 130 -56.35 -10.12 57.23
C ALA J 130 -55.62 -9.14 56.32
N ASN J 131 -56.35 -8.48 55.41
CA ASN J 131 -55.79 -7.50 54.49
C ASN J 131 -54.74 -8.15 53.58
N LYS J 132 -55.14 -9.23 52.93
CA LYS J 132 -54.28 -9.93 52.00
C LYS J 132 -55.15 -10.51 50.90
N ALA J 133 -54.50 -10.91 49.80
CA ALA J 133 -55.19 -11.57 48.69
C ALA J 133 -54.15 -12.33 47.89
N THR J 134 -54.46 -13.60 47.58
CA THR J 134 -53.54 -14.45 46.81
C THR J 134 -54.35 -15.46 46.01
N LEU J 135 -54.29 -15.35 44.69
CA LEU J 135 -54.97 -16.28 43.79
C LEU J 135 -54.08 -17.48 43.53
N VAL J 136 -54.70 -18.65 43.37
CA VAL J 136 -53.96 -19.91 43.31
C VAL J 136 -54.28 -20.61 41.99
N CYS J 137 -53.26 -20.83 41.16
CA CYS J 137 -53.42 -21.47 39.86
C CYS J 137 -52.74 -22.84 39.91
N LEU J 138 -53.54 -23.91 39.78
CA LEU J 138 -53.04 -25.28 39.89
C LEU J 138 -53.02 -25.93 38.52
N ILE J 139 -51.97 -26.72 38.30
CA ILE J 139 -51.73 -27.40 37.03
C ILE J 139 -51.28 -28.82 37.33
N SER J 140 -51.98 -29.81 36.77
CA SER J 140 -51.62 -31.21 36.93
C SER J 140 -51.75 -31.90 35.58
N ASP J 141 -51.32 -33.16 35.55
CA ASP J 141 -51.55 -34.09 34.44
C ASP J 141 -51.26 -33.46 33.08
N PHE J 142 -49.98 -33.15 32.89
CA PHE J 142 -49.52 -32.65 31.60
C PHE J 142 -48.17 -33.28 31.27
N TYR J 143 -47.96 -33.56 29.98
CA TYR J 143 -46.69 -34.07 29.45
C TYR J 143 -46.45 -33.45 28.07
N PRO J 144 -45.24 -32.93 27.81
CA PRO J 144 -44.11 -32.89 28.74
C PRO J 144 -44.21 -31.83 29.82
N GLY J 145 -43.19 -31.77 30.69
CA GLY J 145 -43.23 -30.92 31.86
C GLY J 145 -42.60 -29.55 31.72
N ALA J 146 -43.17 -28.69 30.88
CA ALA J 146 -42.66 -27.34 30.71
C ALA J 146 -43.80 -26.47 30.22
N VAL J 147 -44.25 -25.55 31.08
CA VAL J 147 -45.38 -24.67 30.76
C VAL J 147 -44.89 -23.23 30.82
N THR J 148 -45.78 -22.31 30.45
CA THR J 148 -45.50 -20.88 30.54
C THR J 148 -46.78 -20.16 30.95
N VAL J 149 -46.82 -19.67 32.19
CA VAL J 149 -48.01 -19.02 32.71
C VAL J 149 -47.97 -17.53 32.38
N ALA J 150 -49.13 -16.89 32.51
CA ALA J 150 -49.27 -15.46 32.29
C ALA J 150 -50.60 -15.04 32.91
N TRP J 151 -50.55 -14.07 33.81
CA TRP J 151 -51.73 -13.61 34.53
C TRP J 151 -52.26 -12.33 33.90
N LYS J 152 -53.59 -12.20 33.88
CA LYS J 152 -54.24 -11.00 33.35
C LYS J 152 -55.36 -10.58 34.28
N ALA J 153 -55.67 -9.28 34.28
CA ALA J 153 -56.85 -8.77 34.98
C ALA J 153 -57.86 -8.36 33.91
N ASP J 154 -58.54 -9.38 33.36
CA ASP J 154 -59.64 -9.29 32.41
C ASP J 154 -59.19 -8.74 31.06
N SER J 155 -58.08 -7.99 31.01
CA SER J 155 -57.41 -7.67 29.76
C SER J 155 -55.89 -7.70 29.86
N SER J 156 -55.36 -7.21 30.99
CA SER J 156 -53.99 -6.73 31.03
C SER J 156 -53.08 -7.64 31.85
N PRO J 157 -51.88 -7.93 31.35
CA PRO J 157 -50.97 -8.82 32.08
C PRO J 157 -50.45 -8.19 33.37
N VAL J 158 -50.04 -9.05 34.30
CA VAL J 158 -49.53 -8.64 35.60
C VAL J 158 -48.12 -9.19 35.76
N LYS J 159 -47.13 -8.30 35.76
CA LYS J 159 -45.73 -8.74 35.79
C LYS J 159 -45.26 -9.07 37.20
N ALA J 160 -45.76 -8.36 38.22
CA ALA J 160 -45.28 -8.50 39.58
C ALA J 160 -46.34 -9.14 40.46
N GLY J 161 -45.88 -9.74 41.57
CA GLY J 161 -46.72 -10.50 42.45
C GLY J 161 -46.78 -11.98 42.15
N VAL J 162 -46.20 -12.43 41.03
CA VAL J 162 -46.30 -13.81 40.57
C VAL J 162 -45.14 -14.63 41.14
N GLU J 163 -45.46 -15.78 41.71
CA GLU J 163 -44.49 -16.79 42.09
C GLU J 163 -44.88 -18.08 41.38
N THR J 164 -43.96 -18.65 40.60
CA THR J 164 -44.28 -19.82 39.79
C THR J 164 -43.35 -20.97 40.15
N THR J 165 -43.94 -22.17 40.29
CA THR J 165 -43.19 -23.29 40.82
C THR J 165 -42.55 -24.09 39.67
N THR J 166 -41.48 -24.79 40.02
CA THR J 166 -40.82 -25.67 39.07
C THR J 166 -41.63 -26.96 38.93
N PRO J 167 -41.85 -27.44 37.71
CA PRO J 167 -42.56 -28.72 37.54
C PRO J 167 -41.80 -29.87 38.18
N SER J 168 -42.55 -30.94 38.49
CA SER J 168 -41.96 -32.13 39.09
C SER J 168 -42.80 -33.34 38.71
N LYS J 169 -42.18 -34.52 38.84
CA LYS J 169 -42.84 -35.75 38.43
C LYS J 169 -43.99 -36.10 39.37
N GLN J 170 -45.17 -36.30 38.80
CA GLN J 170 -46.30 -36.80 39.57
C GLN J 170 -46.07 -38.27 39.94
N SER J 171 -46.93 -38.76 40.84
CA SER J 171 -47.02 -40.20 41.05
C SER J 171 -47.48 -40.91 39.78
N ASN J 172 -48.41 -40.28 38.99
CA ASN J 172 -48.97 -40.80 37.72
C ASN J 172 -47.96 -40.69 36.49
N ASN J 173 -46.74 -40.48 36.90
CA ASN J 173 -45.41 -40.27 36.26
C ASN J 173 -45.55 -38.93 35.41
N LYS J 174 -46.62 -38.19 35.48
CA LYS J 174 -46.71 -36.96 34.63
C LYS J 174 -46.14 -35.81 35.45
N TYR J 175 -46.38 -34.56 35.02
CA TYR J 175 -45.83 -33.42 35.74
C TYR J 175 -46.92 -32.55 36.39
N ALA J 176 -46.50 -31.72 37.35
CA ALA J 176 -47.41 -30.91 38.16
C ALA J 176 -46.74 -29.61 38.57
N ALA J 177 -47.48 -28.50 38.48
CA ALA J 177 -46.93 -27.19 38.81
C ALA J 177 -48.04 -26.23 39.24
N SER J 178 -47.71 -25.36 40.19
CA SER J 178 -48.60 -24.35 40.72
C SER J 178 -47.98 -22.97 40.58
N SER J 179 -48.83 -21.94 40.59
CA SER J 179 -48.37 -20.56 40.50
C SER J 179 -49.34 -19.68 41.29
N TYR J 180 -48.80 -18.85 42.18
CA TYR J 180 -49.58 -18.00 43.07
C TYR J 180 -49.38 -16.53 42.69
N LEU J 181 -50.45 -15.75 42.81
CA LEU J 181 -50.41 -14.31 42.55
C LEU J 181 -50.80 -13.54 43.81
N SER J 182 -49.96 -12.56 44.19
CA SER J 182 -50.17 -11.75 45.39
C SER J 182 -50.80 -10.41 44.99
N LEU J 183 -51.89 -10.06 45.68
CA LEU J 183 -52.63 -8.84 45.39
C LEU J 183 -53.08 -8.18 46.67
N THR J 184 -53.33 -6.87 46.58
CA THR J 184 -54.01 -6.14 47.64
C THR J 184 -55.52 -6.30 47.48
N PRO J 185 -56.28 -6.29 48.59
CA PRO J 185 -57.70 -6.65 48.51
C PRO J 185 -58.52 -5.77 47.57
N GLU J 186 -58.31 -4.45 47.59
CA GLU J 186 -59.08 -3.57 46.72
C GLU J 186 -58.66 -3.74 45.25
N GLN J 187 -57.39 -4.06 44.99
CA GLN J 187 -56.98 -4.40 43.63
C GLN J 187 -57.78 -5.60 43.12
N TRP J 188 -58.00 -6.58 44.00
CA TRP J 188 -58.87 -7.71 43.65
C TRP J 188 -60.30 -7.24 43.41
N LYS J 189 -60.82 -6.35 44.25
CA LYS J 189 -62.20 -5.89 44.09
C LYS J 189 -62.34 -4.93 42.91
N SER J 190 -61.35 -4.08 42.69
CA SER J 190 -61.45 -3.02 41.67
C SER J 190 -60.91 -3.50 40.32
N HIS J 191 -61.55 -4.55 39.80
CA HIS J 191 -61.26 -5.10 38.49
C HIS J 191 -62.40 -6.02 38.11
N ARG J 192 -62.68 -6.10 36.81
CA ARG J 192 -63.78 -6.94 36.35
C ARG J 192 -63.53 -8.40 36.71
N SER J 193 -62.38 -8.93 36.29
CA SER J 193 -62.08 -10.33 36.50
C SER J 193 -60.59 -10.56 36.31
N TYR J 194 -60.14 -11.75 36.71
CA TYR J 194 -58.75 -12.18 36.56
C TYR J 194 -58.69 -13.52 35.84
N SER J 195 -57.55 -13.79 35.20
CA SER J 195 -57.39 -15.00 34.42
C SER J 195 -55.94 -15.46 34.45
N CYS J 196 -55.73 -16.70 34.86
CA CYS J 196 -54.41 -17.35 34.82
C CYS J 196 -54.36 -18.21 33.56
N GLN J 197 -53.65 -17.75 32.54
CA GLN J 197 -53.52 -18.51 31.31
C GLN J 197 -52.19 -19.27 31.32
N VAL J 198 -52.24 -20.52 30.87
CA VAL J 198 -51.10 -21.43 30.92
C VAL J 198 -50.91 -21.99 29.53
N THR J 199 -49.74 -21.77 28.96
CA THR J 199 -49.42 -22.29 27.63
C THR J 199 -48.56 -23.54 27.76
N HIS J 200 -49.07 -24.65 27.25
CA HIS J 200 -48.33 -25.88 26.99
C HIS J 200 -48.07 -25.90 25.48
N GLU J 201 -47.22 -26.81 25.00
CA GLU J 201 -46.49 -26.54 23.75
C GLU J 201 -47.20 -25.70 22.70
N GLY J 202 -48.45 -26.05 22.36
CA GLY J 202 -49.15 -25.28 21.34
C GLY J 202 -50.59 -25.02 21.69
N SER J 203 -50.86 -24.88 22.99
CA SER J 203 -52.22 -24.77 23.51
C SER J 203 -52.22 -23.83 24.70
N THR J 204 -53.08 -22.82 24.66
CA THR J 204 -53.33 -21.98 25.82
C THR J 204 -54.57 -22.49 26.55
N VAL J 205 -54.44 -22.70 27.85
CA VAL J 205 -55.52 -23.16 28.71
C VAL J 205 -55.67 -22.15 29.83
N GLU J 206 -56.86 -21.53 29.93
CA GLU J 206 -57.07 -20.38 30.80
C GLU J 206 -58.24 -20.64 31.75
N LYS J 207 -58.13 -20.09 32.95
CA LYS J 207 -59.22 -20.05 33.91
C LYS J 207 -59.55 -18.59 34.23
N THR J 208 -60.62 -18.38 34.98
CA THR J 208 -61.15 -17.04 35.20
C THR J 208 -61.78 -16.96 36.58
N VAL J 209 -61.68 -15.79 37.20
CA VAL J 209 -62.28 -15.53 38.52
C VAL J 209 -62.76 -14.09 38.58
N ALA J 210 -63.91 -13.89 39.24
CA ALA J 210 -64.50 -12.56 39.42
C ALA J 210 -64.91 -12.38 40.88
N PRO J 211 -64.78 -11.17 41.42
CA PRO J 211 -65.18 -10.95 42.82
C PRO J 211 -66.69 -11.08 42.99
N THR J 212 -67.08 -11.64 44.14
CA THR J 212 -68.49 -11.82 44.46
C THR J 212 -68.75 -11.43 45.92
N LEU K 1 -39.22 12.51 -29.29
CA LEU K 1 -39.73 12.43 -27.92
C LEU K 1 -40.95 13.34 -27.75
N GLN K 2 -41.93 12.90 -26.96
CA GLN K 2 -43.13 13.68 -26.71
C GLN K 2 -43.54 13.55 -25.25
N LEU K 3 -43.75 14.69 -24.59
CA LEU K 3 -44.21 14.74 -23.19
C LEU K 3 -45.47 15.60 -23.10
N GLN K 4 -46.63 14.95 -23.11
CA GLN K 4 -47.92 15.62 -22.99
C GLN K 4 -48.50 15.34 -21.63
N GLU K 5 -49.07 16.37 -20.98
CA GLU K 5 -49.59 16.24 -19.63
C GLU K 5 -50.96 16.90 -19.51
N TRP K 6 -51.89 16.23 -18.83
CA TRP K 6 -53.22 16.80 -18.70
C TRP K 6 -53.67 16.75 -17.23
N GLY K 7 -54.75 17.46 -16.94
CA GLY K 7 -55.31 17.51 -15.61
C GLY K 7 -56.10 18.78 -15.40
N ALA K 8 -56.75 18.85 -14.23
CA ALA K 8 -57.57 20.00 -13.88
C ALA K 8 -56.77 21.30 -13.92
N GLY K 9 -57.38 22.34 -14.51
CA GLY K 9 -56.67 23.60 -14.71
C GLY K 9 -56.92 24.61 -13.60
N LEU K 10 -58.17 24.82 -13.27
CA LEU K 10 -58.54 25.76 -12.21
C LEU K 10 -59.16 24.99 -11.06
N LEU K 11 -58.69 25.29 -9.85
CA LEU K 11 -59.21 24.66 -8.64
C LEU K 11 -59.13 25.64 -7.48
N LYS K 12 -59.93 25.38 -6.44
CA LYS K 12 -59.97 26.25 -5.28
C LYS K 12 -59.14 25.67 -4.16
N PRO K 13 -58.65 26.52 -3.21
CA PRO K 13 -57.78 26.03 -2.13
C PRO K 13 -58.33 24.84 -1.36
N SER K 14 -57.42 24.08 -0.71
CA SER K 14 -57.73 22.87 0.06
C SER K 14 -58.30 21.74 -0.80
N GLU K 15 -58.18 21.85 -2.12
CA GLU K 15 -58.47 20.73 -3.01
C GLU K 15 -57.18 19.97 -3.26
N THR K 16 -57.18 19.08 -4.25
CA THR K 16 -56.02 18.24 -4.53
C THR K 16 -55.67 18.37 -6.00
N LEU K 17 -54.59 19.08 -6.30
CA LEU K 17 -54.02 19.09 -7.66
C LEU K 17 -53.68 17.68 -8.14
N SER K 18 -54.31 17.28 -9.24
CA SER K 18 -53.97 16.02 -9.89
C SER K 18 -53.61 16.30 -11.34
N LEU K 19 -52.43 15.86 -11.75
CA LEU K 19 -51.99 15.91 -13.14
C LEU K 19 -51.45 14.54 -13.50
N THR K 20 -51.19 14.36 -14.80
CA THR K 20 -50.50 13.16 -15.26
C THR K 20 -49.89 13.43 -16.64
N CYS K 21 -48.85 12.65 -16.97
CA CYS K 21 -47.97 12.95 -18.10
C CYS K 21 -47.58 11.67 -18.83
N ALA K 22 -47.58 11.71 -20.17
CA ALA K 22 -47.36 10.55 -21.04
C ALA K 22 -46.09 10.73 -21.87
N VAL K 23 -45.78 9.74 -22.72
CA VAL K 23 -44.48 9.66 -23.38
C VAL K 23 -44.58 9.12 -24.81
N TYR K 24 -43.60 9.51 -25.64
CA TYR K 24 -43.30 8.87 -26.92
C TYR K 24 -42.03 8.04 -26.85
N GLY K 25 -42.08 6.82 -27.38
CA GLY K 25 -40.94 5.92 -27.35
C GLY K 25 -40.48 5.63 -25.93
N GLY K 26 -39.31 6.17 -25.57
CA GLY K 26 -38.79 6.04 -24.22
C GLY K 26 -37.58 5.14 -24.08
N SER K 27 -37.72 4.08 -23.29
CA SER K 27 -38.94 3.84 -22.55
C SER K 27 -38.81 4.47 -21.17
N PHE K 28 -39.72 4.09 -20.27
CA PHE K 28 -39.66 4.53 -18.88
C PHE K 28 -38.39 4.09 -18.16
N SER K 29 -37.69 3.09 -18.71
CA SER K 29 -36.69 2.33 -17.95
C SER K 29 -35.49 3.18 -17.55
N GLY K 30 -34.75 3.70 -18.51
CA GLY K 30 -33.44 4.18 -18.15
C GLY K 30 -33.35 5.55 -17.53
N TYR K 31 -34.48 6.19 -17.20
CA TYR K 31 -34.44 7.59 -16.82
C TYR K 31 -35.34 7.83 -15.61
N TYR K 32 -35.13 8.99 -14.98
CA TYR K 32 -36.00 9.49 -13.92
C TYR K 32 -36.99 10.47 -14.53
N TRP K 33 -38.25 10.35 -14.12
CA TRP K 33 -39.33 11.19 -14.64
C TRP K 33 -39.69 12.21 -13.57
N SER K 34 -39.60 13.48 -13.93
CA SER K 34 -39.67 14.58 -12.99
C SER K 34 -40.93 15.42 -13.20
N TRP K 35 -41.40 16.02 -12.11
CA TRP K 35 -42.41 17.07 -12.11
C TRP K 35 -41.76 18.36 -11.62
N ILE K 36 -41.79 19.40 -12.45
CA ILE K 36 -41.17 20.69 -12.18
C ILE K 36 -42.18 21.79 -12.48
N ARG K 37 -42.28 22.79 -11.60
CA ARG K 37 -43.27 23.86 -11.74
C ARG K 37 -42.60 25.23 -11.79
N GLN K 38 -43.33 26.20 -12.34
CA GLN K 38 -42.83 27.54 -12.58
C GLN K 38 -43.96 28.53 -12.30
N PRO K 39 -44.00 29.13 -11.12
CA PRO K 39 -45.00 30.18 -10.84
C PRO K 39 -44.95 31.24 -11.92
N PRO K 40 -46.11 31.65 -12.43
CA PRO K 40 -46.14 32.46 -13.67
C PRO K 40 -45.29 33.71 -13.61
N GLY K 41 -45.19 34.35 -12.45
CA GLY K 41 -44.30 35.49 -12.31
C GLY K 41 -42.86 35.14 -12.64
N LYS K 42 -42.21 34.35 -11.79
CA LYS K 42 -40.78 34.13 -11.92
C LYS K 42 -40.35 32.98 -11.02
N GLY K 43 -39.50 32.10 -11.54
CA GLY K 43 -38.94 31.01 -10.76
C GLY K 43 -39.20 29.64 -11.33
N LEU K 44 -38.35 28.67 -10.95
CA LEU K 44 -38.44 27.28 -11.41
C LEU K 44 -38.14 26.38 -10.23
N GLU K 45 -39.09 25.53 -9.85
CA GLU K 45 -39.00 24.72 -8.64
C GLU K 45 -39.21 23.25 -8.98
N TRP K 46 -38.33 22.40 -8.49
CA TRP K 46 -38.39 20.97 -8.78
C TRP K 46 -39.24 20.29 -7.71
N ILE K 47 -40.32 19.65 -8.10
CA ILE K 47 -41.20 19.15 -7.05
C ILE K 47 -41.04 17.65 -6.85
N GLY K 48 -40.60 16.90 -7.87
CA GLY K 48 -40.33 15.51 -7.56
C GLY K 48 -39.89 14.70 -8.77
N GLU K 49 -39.63 13.42 -8.53
CA GLU K 49 -39.26 12.52 -9.63
C GLU K 49 -39.42 11.07 -9.19
N ILE K 50 -39.56 10.19 -10.19
CA ILE K 50 -39.82 8.79 -9.93
C ILE K 50 -39.21 7.97 -11.06
N ASN K 51 -38.79 6.75 -10.73
CA ASN K 51 -38.24 5.82 -11.71
C ASN K 51 -39.30 4.81 -12.13
N HIS K 52 -38.95 3.99 -13.12
CA HIS K 52 -39.89 3.02 -13.65
C HIS K 52 -40.27 1.96 -12.61
N SER K 53 -39.42 1.77 -11.60
CA SER K 53 -39.68 0.79 -10.56
C SER K 53 -40.59 1.30 -9.46
N GLY K 54 -40.85 2.62 -9.41
CA GLY K 54 -41.62 3.22 -8.35
C GLY K 54 -40.80 3.96 -7.32
N GLY K 55 -39.48 3.96 -7.44
CA GLY K 55 -38.65 4.66 -6.47
C GLY K 55 -38.79 6.16 -6.62
N THR K 56 -39.11 6.83 -5.52
CA THR K 56 -39.39 8.25 -5.55
C THR K 56 -38.16 9.06 -5.13
N ASN K 57 -38.27 10.38 -5.34
CA ASN K 57 -37.27 11.35 -4.91
C ASN K 57 -38.02 12.68 -4.81
N TYR K 58 -38.37 13.09 -3.60
CA TYR K 58 -39.22 14.26 -3.43
C TYR K 58 -38.44 15.47 -2.96
N ASN K 59 -38.95 16.66 -3.31
CA ASN K 59 -38.55 17.88 -2.64
C ASN K 59 -39.10 17.82 -1.22
N PRO K 60 -38.26 17.76 -0.19
CA PRO K 60 -38.79 17.58 1.18
C PRO K 60 -39.65 18.75 1.65
N SER K 61 -39.41 19.96 1.15
CA SER K 61 -40.27 21.11 1.50
C SER K 61 -41.69 20.92 1.02
N LEU K 62 -41.91 20.05 0.04
CA LEU K 62 -43.22 19.75 -0.49
C LEU K 62 -43.73 18.36 -0.12
N LYS K 63 -42.87 17.50 0.42
CA LYS K 63 -43.34 16.24 0.96
C LYS K 63 -44.33 16.50 2.11
N SER K 64 -45.02 15.43 2.52
CA SER K 64 -46.24 15.47 3.32
C SER K 64 -47.40 16.00 2.51
N ARG K 65 -47.15 16.40 1.29
CA ARG K 65 -48.15 16.86 0.35
C ARG K 65 -48.11 16.10 -0.97
N VAL K 66 -46.89 15.80 -1.49
CA VAL K 66 -46.71 15.31 -2.85
C VAL K 66 -46.91 13.81 -2.85
N THR K 67 -47.48 13.27 -3.92
CA THR K 67 -47.50 11.81 -4.11
C THR K 67 -47.44 11.53 -5.61
N ILE K 68 -46.23 11.25 -6.11
CA ILE K 68 -46.00 10.92 -7.52
C ILE K 68 -46.15 9.42 -7.71
N SER K 69 -46.85 9.04 -8.77
CA SER K 69 -47.06 7.63 -9.07
C SER K 69 -46.61 7.36 -10.50
N VAL K 70 -46.68 6.10 -10.90
CA VAL K 70 -46.28 5.71 -12.24
C VAL K 70 -47.12 4.53 -12.72
N ASP K 71 -47.78 4.70 -13.87
CA ASP K 71 -48.50 3.62 -14.54
C ASP K 71 -47.61 3.13 -15.68
N THR K 72 -46.68 2.25 -15.31
CA THR K 72 -45.70 1.77 -16.29
C THR K 72 -46.36 0.97 -17.40
N SER K 73 -47.55 0.43 -17.17
CA SER K 73 -48.25 -0.32 -18.20
C SER K 73 -48.66 0.58 -19.36
N ASN K 74 -49.32 1.69 -19.06
CA ASN K 74 -49.80 2.63 -20.07
C ASN K 74 -48.86 3.80 -20.29
N ASN K 75 -47.65 3.76 -19.73
CA ASN K 75 -46.59 4.74 -20.01
C ASN K 75 -47.06 6.16 -19.72
N GLN K 76 -47.31 6.39 -18.43
CA GLN K 76 -47.61 7.72 -17.90
C GLN K 76 -47.29 7.75 -16.40
N PHE K 77 -46.92 8.93 -15.92
CA PHE K 77 -46.63 9.13 -14.50
C PHE K 77 -47.37 10.37 -14.01
N SER K 78 -47.92 10.27 -12.80
CA SER K 78 -48.89 11.22 -12.29
C SER K 78 -48.26 12.13 -11.22
N LEU K 79 -49.09 13.04 -10.71
CA LEU K 79 -48.69 13.98 -9.65
C LEU K 79 -49.94 14.40 -8.90
N LYS K 80 -49.90 14.30 -7.57
CA LYS K 80 -51.04 14.71 -6.74
C LYS K 80 -50.53 15.49 -5.53
N LEU K 81 -51.07 16.69 -5.31
CA LEU K 81 -50.77 17.40 -4.07
C LEU K 81 -51.70 18.60 -3.89
N SER K 82 -51.95 18.94 -2.64
CA SER K 82 -52.34 18.00 -1.62
C SER K 82 -53.52 18.65 -0.92
N SER K 83 -53.16 19.85 -0.48
CA SER K 83 -54.01 20.80 0.22
C SER K 83 -53.68 22.17 -0.37
N VAL K 84 -53.73 22.21 -1.70
CA VAL K 84 -53.21 23.30 -2.51
C VAL K 84 -53.59 24.67 -1.97
N THR K 85 -52.59 25.49 -1.69
CA THR K 85 -52.78 26.88 -1.35
C THR K 85 -52.70 27.73 -2.61
N ALA K 86 -53.01 29.02 -2.47
CA ALA K 86 -52.89 29.95 -3.60
C ALA K 86 -51.45 30.04 -4.11
N ALA K 87 -50.46 29.63 -3.32
CA ALA K 87 -49.08 29.65 -3.77
C ALA K 87 -48.85 28.67 -4.92
N ASP K 88 -49.55 27.54 -4.91
CA ASP K 88 -49.34 26.47 -5.88
C ASP K 88 -49.76 26.85 -7.29
N THR K 89 -50.31 28.05 -7.50
CA THR K 89 -50.58 28.54 -8.85
C THR K 89 -49.27 28.62 -9.63
N ALA K 90 -49.13 27.80 -10.67
CA ALA K 90 -47.87 27.72 -11.40
C ALA K 90 -48.06 26.90 -12.67
N VAL K 91 -47.06 26.95 -13.54
CA VAL K 91 -47.00 26.13 -14.74
C VAL K 91 -46.34 24.80 -14.39
N TYR K 92 -47.04 23.70 -14.62
CA TYR K 92 -46.52 22.39 -14.25
C TYR K 92 -46.02 21.67 -15.49
N TYR K 93 -44.71 21.70 -15.69
CA TYR K 93 -44.03 20.85 -16.66
C TYR K 93 -43.75 19.46 -16.09
N CYS K 94 -43.76 18.47 -16.98
CA CYS K 94 -43.14 17.19 -16.69
C CYS K 94 -41.92 17.04 -17.59
N ALA K 95 -40.82 16.54 -17.02
CA ALA K 95 -39.54 16.53 -17.70
C ALA K 95 -38.88 15.17 -17.52
N ARG K 96 -38.00 14.83 -18.46
CA ARG K 96 -37.15 13.65 -18.34
C ARG K 96 -35.79 14.06 -17.81
N GLY K 97 -35.45 13.59 -16.62
CA GLY K 97 -34.14 13.80 -16.03
C GLY K 97 -33.32 12.53 -16.18
N VAL K 98 -32.03 12.70 -16.45
CA VAL K 98 -31.13 11.58 -16.72
C VAL K 98 -30.61 11.03 -15.40
N TRP K 99 -30.62 9.71 -15.29
CA TRP K 99 -30.28 9.02 -14.05
C TRP K 99 -28.76 9.00 -13.89
N GLU K 100 -28.22 9.71 -12.90
CA GLU K 100 -26.78 9.74 -12.72
C GLU K 100 -26.31 9.08 -11.43
N GLY K 101 -26.63 9.61 -10.26
CA GLY K 101 -26.31 8.78 -9.13
C GLY K 101 -27.56 8.10 -8.63
N SER K 102 -28.42 9.02 -8.23
CA SER K 102 -29.82 8.89 -7.90
C SER K 102 -30.37 10.28 -8.15
N GLY K 103 -31.69 10.42 -8.19
CA GLY K 103 -32.12 11.72 -8.70
C GLY K 103 -31.63 11.96 -10.14
N SER K 104 -31.60 13.23 -10.53
CA SER K 104 -31.47 13.38 -11.97
C SER K 104 -30.30 14.23 -12.41
N ASP K 105 -29.97 15.30 -11.67
CA ASP K 105 -28.80 16.09 -11.99
C ASP K 105 -28.92 16.92 -13.28
N ASN K 106 -29.86 16.59 -14.17
CA ASN K 106 -30.27 17.45 -15.28
C ASN K 106 -31.40 16.76 -16.05
N PHE K 107 -32.20 17.57 -16.74
CA PHE K 107 -33.38 17.10 -17.46
C PHE K 107 -33.30 17.55 -18.92
N ASP K 108 -33.41 16.61 -19.85
CA ASP K 108 -33.42 16.91 -21.27
C ASP K 108 -34.83 16.71 -21.84
N TYR K 109 -35.24 17.60 -22.73
CA TYR K 109 -36.54 17.53 -23.40
C TYR K 109 -37.70 17.51 -22.39
N TRP K 110 -37.92 18.69 -21.80
CA TRP K 110 -39.11 18.94 -21.02
C TRP K 110 -40.39 18.83 -21.88
N GLY K 111 -41.53 18.71 -21.20
CA GLY K 111 -42.81 18.86 -21.85
C GLY K 111 -43.25 20.32 -21.89
N GLN K 112 -44.28 20.59 -22.69
CA GLN K 112 -44.62 21.99 -22.95
C GLN K 112 -45.34 22.66 -21.80
N GLY K 113 -45.89 21.89 -20.87
CA GLY K 113 -46.44 22.45 -19.65
C GLY K 113 -47.94 22.62 -19.69
N THR K 114 -48.53 22.75 -18.50
CA THR K 114 -49.94 23.05 -18.34
C THR K 114 -50.09 23.98 -17.15
N LEU K 115 -50.86 25.05 -17.34
CA LEU K 115 -51.11 26.00 -16.27
C LEU K 115 -52.17 25.46 -15.32
N VAL K 116 -51.92 25.62 -14.03
CA VAL K 116 -52.87 25.27 -13.00
C VAL K 116 -52.95 26.45 -12.04
N THR K 117 -54.12 27.08 -11.95
CA THR K 117 -54.36 28.23 -11.09
C THR K 117 -55.21 27.80 -9.90
N VAL K 118 -54.88 28.33 -8.72
CA VAL K 118 -55.67 28.07 -7.52
C VAL K 118 -56.09 29.42 -6.93
N SER K 119 -57.39 29.69 -6.93
CA SER K 119 -57.89 30.98 -6.45
C SER K 119 -59.34 30.80 -6.07
N SER K 120 -59.91 31.85 -5.45
CA SER K 120 -61.32 31.92 -5.07
C SER K 120 -62.09 32.75 -6.09
N ALA K 121 -63.20 32.20 -6.58
CA ALA K 121 -63.85 32.60 -7.83
C ALA K 121 -63.94 34.11 -7.98
N SER K 122 -64.73 34.74 -7.11
CA SER K 122 -64.77 36.19 -6.96
C SER K 122 -65.21 36.88 -8.26
N THR K 123 -66.48 36.66 -8.58
CA THR K 123 -67.03 37.43 -9.71
C THR K 123 -67.15 38.97 -9.39
N LYS K 124 -66.59 39.37 -8.24
CA LYS K 124 -66.65 40.73 -7.72
C LYS K 124 -66.30 41.78 -8.77
N GLY K 125 -66.91 42.96 -8.64
CA GLY K 125 -66.55 44.13 -9.41
C GLY K 125 -65.50 44.98 -8.70
N PRO K 126 -65.16 46.13 -9.26
CA PRO K 126 -64.02 46.91 -8.76
C PRO K 126 -64.38 47.91 -7.67
N SER K 127 -63.32 48.37 -7.00
CA SER K 127 -63.33 49.53 -6.13
C SER K 127 -62.37 50.54 -6.74
N VAL K 128 -62.85 51.73 -7.07
CA VAL K 128 -62.09 52.71 -7.83
C VAL K 128 -61.81 53.93 -6.97
N PHE K 129 -60.54 54.33 -6.90
CA PHE K 129 -60.08 55.45 -6.11
C PHE K 129 -59.38 56.47 -6.98
N PRO K 130 -59.41 57.74 -6.61
CA PRO K 130 -58.74 58.78 -7.39
C PRO K 130 -57.28 58.97 -7.01
N LEU K 131 -56.50 59.46 -7.97
CA LEU K 131 -55.08 59.72 -7.77
C LEU K 131 -54.84 61.23 -7.88
N ALA K 132 -54.33 61.82 -6.82
CA ALA K 132 -54.14 63.26 -6.79
C ALA K 132 -52.88 63.65 -7.52
N PRO K 133 -52.93 64.65 -8.40
CA PRO K 133 -51.70 65.12 -9.06
C PRO K 133 -50.81 65.91 -8.10
N SER K 134 -49.51 65.61 -8.13
CA SER K 134 -48.56 66.28 -7.24
C SER K 134 -48.49 67.77 -7.54
N SER K 135 -48.28 68.12 -8.81
CA SER K 135 -48.05 69.51 -9.26
C SER K 135 -46.81 70.07 -8.56
N GLY K 141 -43.70 72.97 -17.00
CA GLY K 141 -43.86 71.54 -16.76
C GLY K 141 -45.32 71.11 -16.68
N THR K 142 -45.56 69.80 -16.70
CA THR K 142 -46.89 69.22 -16.61
C THR K 142 -47.00 68.33 -15.37
N ALA K 143 -48.19 67.75 -15.17
CA ALA K 143 -48.41 66.82 -14.06
C ALA K 143 -49.45 65.78 -14.47
N ALA K 144 -49.49 64.68 -13.72
CA ALA K 144 -50.28 63.52 -14.09
C ALA K 144 -51.18 63.10 -12.95
N LEU K 145 -52.32 62.50 -13.30
CA LEU K 145 -53.26 61.96 -12.33
C LEU K 145 -53.91 60.74 -12.95
N GLY K 146 -54.81 60.10 -12.21
CA GLY K 146 -55.52 58.96 -12.77
C GLY K 146 -56.47 58.33 -11.78
N CYS K 147 -57.03 57.21 -12.21
CA CYS K 147 -57.89 56.40 -11.35
C CYS K 147 -57.11 55.18 -10.87
N LEU K 148 -57.78 54.33 -10.11
CA LEU K 148 -57.13 53.15 -9.53
C LEU K 148 -58.20 52.07 -9.40
N VAL K 149 -58.31 51.23 -10.42
CA VAL K 149 -59.25 50.12 -10.36
C VAL K 149 -58.64 49.05 -9.47
N LYS K 150 -59.35 48.66 -8.42
CA LYS K 150 -58.78 47.79 -7.39
C LYS K 150 -59.69 46.60 -7.13
N ASP K 151 -59.11 45.41 -7.05
CA ASP K 151 -59.75 44.19 -6.54
C ASP K 151 -61.01 43.82 -7.32
N TYR K 152 -60.81 43.49 -8.59
CA TYR K 152 -61.86 43.02 -9.47
C TYR K 152 -61.47 41.70 -10.12
N PHE K 153 -62.48 40.96 -10.55
CA PHE K 153 -62.28 39.73 -11.31
C PHE K 153 -63.54 39.42 -12.08
N PRO K 154 -63.44 38.87 -13.30
CA PRO K 154 -62.22 38.65 -14.09
C PRO K 154 -61.88 39.88 -14.90
N GLU K 155 -61.04 39.72 -15.91
CA GLU K 155 -60.77 40.80 -16.84
C GLU K 155 -61.75 40.73 -18.00
N PRO K 156 -61.84 41.79 -18.83
CA PRO K 156 -61.18 43.10 -18.82
C PRO K 156 -62.01 44.16 -18.14
N VAL K 157 -61.53 45.40 -18.15
CA VAL K 157 -62.27 46.53 -17.61
C VAL K 157 -62.08 47.72 -18.54
N THR K 158 -63.15 48.16 -19.18
CA THR K 158 -63.12 49.37 -19.98
C THR K 158 -62.92 50.58 -19.08
N VAL K 159 -61.98 51.44 -19.45
CA VAL K 159 -61.71 52.68 -18.73
C VAL K 159 -61.84 53.82 -19.74
N SER K 160 -62.63 54.83 -19.38
CA SER K 160 -62.77 56.03 -20.20
C SER K 160 -62.27 57.23 -19.41
N TRP K 161 -62.30 58.39 -20.06
CA TRP K 161 -61.98 59.66 -19.41
C TRP K 161 -62.86 60.73 -20.02
N ASN K 162 -63.69 61.38 -19.18
CA ASN K 162 -64.64 62.39 -19.66
C ASN K 162 -65.54 61.78 -20.74
N SER K 163 -66.04 60.58 -20.44
CA SER K 163 -66.89 59.77 -21.32
C SER K 163 -66.22 59.41 -22.64
N GLY K 164 -64.93 59.73 -22.79
CA GLY K 164 -64.22 59.40 -24.01
C GLY K 164 -63.89 60.61 -24.85
N ALA K 165 -63.79 61.78 -24.23
CA ALA K 165 -63.45 63.01 -24.92
C ALA K 165 -62.04 63.48 -24.61
N LEU K 166 -61.22 62.65 -23.99
CA LEU K 166 -59.83 63.01 -23.70
C LEU K 166 -59.01 61.73 -23.79
N THR K 167 -58.34 61.55 -24.94
CA THR K 167 -57.44 60.41 -25.13
C THR K 167 -55.97 60.83 -25.21
N SER K 168 -55.69 62.11 -25.45
CA SER K 168 -54.32 62.58 -25.49
C SER K 168 -53.76 62.63 -24.07
N GLY K 169 -52.84 61.71 -23.76
CA GLY K 169 -52.22 61.63 -22.45
C GLY K 169 -52.63 60.42 -21.63
N VAL K 170 -53.71 59.74 -22.03
CA VAL K 170 -54.21 58.58 -21.28
C VAL K 170 -53.25 57.40 -21.43
N HIS K 171 -53.11 56.62 -20.36
CA HIS K 171 -52.27 55.41 -20.33
C HIS K 171 -52.91 54.43 -19.35
N THR K 172 -53.74 53.53 -19.89
CA THR K 172 -54.35 52.49 -19.07
C THR K 172 -53.36 51.33 -18.96
N PHE K 173 -52.84 51.10 -17.77
CA PHE K 173 -51.83 50.08 -17.55
C PHE K 173 -52.43 48.69 -17.58
N PRO K 174 -51.61 47.66 -17.78
CA PRO K 174 -52.12 46.29 -17.62
C PRO K 174 -52.30 45.93 -16.17
N ALA K 175 -53.18 44.97 -15.94
CA ALA K 175 -53.53 44.56 -14.59
C ALA K 175 -52.34 43.85 -13.91
N VAL K 176 -52.50 43.60 -12.62
CA VAL K 176 -51.63 42.69 -11.87
C VAL K 176 -52.52 41.62 -11.26
N LEU K 177 -52.13 40.37 -11.42
CA LEU K 177 -52.91 39.28 -10.84
C LEU K 177 -52.39 39.10 -9.41
N GLN K 178 -53.04 39.79 -8.47
CA GLN K 178 -52.65 39.68 -7.07
C GLN K 178 -52.72 38.23 -6.62
N SER K 179 -52.05 37.94 -5.50
CA SER K 179 -52.05 36.59 -4.95
C SER K 179 -53.48 36.12 -4.66
N SER K 180 -54.33 37.01 -4.13
CA SER K 180 -55.71 36.73 -3.74
C SER K 180 -56.59 36.33 -4.92
N GLY K 181 -56.05 36.38 -6.14
CA GLY K 181 -56.82 36.10 -7.33
C GLY K 181 -57.61 37.26 -7.87
N LEU K 182 -57.33 38.48 -7.41
CA LEU K 182 -58.07 39.68 -7.75
C LEU K 182 -57.18 40.62 -8.56
N TYR K 183 -57.55 40.83 -9.82
CA TYR K 183 -56.85 41.78 -10.68
C TYR K 183 -56.94 43.19 -10.10
N SER K 184 -56.05 44.06 -10.60
CA SER K 184 -56.04 45.48 -10.23
C SER K 184 -55.16 46.25 -11.20
N LEU K 185 -55.70 47.30 -11.82
CA LEU K 185 -54.92 48.14 -12.71
C LEU K 185 -55.07 49.60 -12.30
N SER K 186 -54.48 50.49 -13.10
CA SER K 186 -54.60 51.92 -12.83
C SER K 186 -54.29 52.67 -14.12
N SER K 187 -55.26 53.45 -14.60
CA SER K 187 -55.09 54.33 -15.74
C SER K 187 -54.53 55.68 -15.28
N VAL K 188 -53.82 56.34 -16.19
CA VAL K 188 -53.17 57.61 -15.87
C VAL K 188 -53.21 58.51 -17.10
N VAL K 189 -53.45 59.81 -16.86
CA VAL K 189 -53.43 60.84 -17.89
C VAL K 189 -52.46 61.93 -17.45
N THR K 190 -51.64 62.39 -18.39
CA THR K 190 -50.76 63.54 -18.18
C THR K 190 -51.40 64.77 -18.82
N VAL K 191 -51.47 65.86 -18.06
CA VAL K 191 -51.99 67.12 -18.57
C VAL K 191 -51.11 68.26 -18.05
N PRO K 192 -51.16 69.43 -18.71
CA PRO K 192 -50.28 70.53 -18.29
C PRO K 192 -50.59 70.99 -16.87
N SER K 193 -49.53 71.37 -16.14
CA SER K 193 -49.67 71.78 -14.75
C SER K 193 -50.41 73.09 -14.59
N SER K 194 -50.69 73.80 -15.69
CA SER K 194 -51.38 75.08 -15.63
C SER K 194 -52.89 74.96 -15.74
N SER K 195 -53.40 73.93 -16.44
CA SER K 195 -54.84 73.76 -16.57
C SER K 195 -55.48 73.03 -15.37
N LEU K 196 -54.76 72.98 -14.25
CA LEU K 196 -55.26 72.34 -13.04
C LEU K 196 -56.36 73.15 -12.39
N GLY K 197 -57.26 72.46 -11.69
CA GLY K 197 -58.29 73.12 -10.89
C GLY K 197 -59.49 73.62 -11.68
N THR K 198 -59.30 73.93 -12.96
CA THR K 198 -60.34 74.51 -13.78
C THR K 198 -60.95 73.53 -14.79
N GLN K 199 -60.32 72.39 -15.01
CA GLN K 199 -60.85 71.38 -15.92
C GLN K 199 -61.40 70.21 -15.11
N THR K 200 -62.54 69.67 -15.56
CA THR K 200 -63.17 68.52 -14.93
C THR K 200 -62.61 67.22 -15.49
N TYR K 201 -62.16 66.33 -14.61
CA TYR K 201 -61.55 65.06 -14.99
C TYR K 201 -62.34 63.92 -14.34
N ILE K 202 -63.31 63.39 -15.08
CA ILE K 202 -64.02 62.16 -14.73
C ILE K 202 -63.20 61.00 -15.24
N CYS K 203 -63.50 59.78 -14.79
CA CYS K 203 -63.01 58.59 -15.46
C CYS K 203 -64.11 57.53 -15.35
N ASN K 204 -64.39 56.86 -16.46
CA ASN K 204 -65.57 56.00 -16.59
C ASN K 204 -65.10 54.56 -16.61
N VAL K 205 -64.94 53.98 -15.42
CA VAL K 205 -64.61 52.56 -15.31
C VAL K 205 -65.86 51.74 -15.63
N ASN K 206 -65.66 50.59 -16.25
CA ASN K 206 -66.78 49.73 -16.63
C ASN K 206 -66.32 48.28 -16.59
N HIS K 207 -66.99 47.47 -15.77
CA HIS K 207 -66.68 46.05 -15.59
C HIS K 207 -67.89 45.24 -16.02
N LYS K 208 -67.84 44.76 -17.26
CA LYS K 208 -68.96 44.06 -17.88
C LYS K 208 -69.21 42.65 -17.31
N PRO K 209 -68.18 41.91 -16.89
CA PRO K 209 -68.48 40.60 -16.26
C PRO K 209 -69.25 40.72 -14.95
N SER K 210 -69.10 41.82 -14.22
CA SER K 210 -69.85 42.03 -12.98
C SER K 210 -70.98 43.04 -13.14
N ASN K 211 -71.27 43.44 -14.38
CA ASN K 211 -72.39 44.32 -14.71
C ASN K 211 -72.33 45.65 -13.95
N THR K 212 -71.13 46.10 -13.59
CA THR K 212 -70.99 47.33 -12.82
C THR K 212 -70.35 48.43 -13.66
N LYS K 213 -70.80 49.67 -13.46
CA LYS K 213 -70.23 50.84 -14.11
C LYS K 213 -70.00 51.91 -13.05
N VAL K 214 -68.91 52.64 -13.19
CA VAL K 214 -68.56 53.68 -12.23
C VAL K 214 -68.08 54.91 -12.99
N ASP K 215 -68.63 56.08 -12.64
CA ASP K 215 -68.12 57.37 -13.09
C ASP K 215 -67.60 58.09 -11.85
N LYS K 216 -66.28 58.22 -11.73
CA LYS K 216 -65.65 58.78 -10.55
C LYS K 216 -64.73 59.92 -10.97
N LYS K 217 -64.98 61.12 -10.44
CA LYS K 217 -64.18 62.27 -10.84
C LYS K 217 -62.94 62.39 -9.97
N VAL K 218 -61.93 63.07 -10.50
CA VAL K 218 -60.64 63.23 -9.85
C VAL K 218 -60.35 64.70 -9.65
N GLU K 219 -59.94 65.06 -8.44
CA GLU K 219 -59.73 66.45 -8.06
C GLU K 219 -58.46 66.55 -7.23
N PRO K 220 -57.61 67.55 -7.51
CA PRO K 220 -56.41 67.76 -6.67
C PRO K 220 -56.79 68.13 -5.24
N LYS K 221 -55.79 68.07 -4.36
CA LYS K 221 -56.01 68.31 -2.94
C LYS K 221 -56.46 69.74 -2.65
N ALA L 1 -31.81 29.61 -4.14
CA ALA L 1 -30.50 29.37 -3.55
C ALA L 1 -29.37 29.51 -4.56
N LEU L 2 -29.71 29.98 -5.76
CA LEU L 2 -28.74 30.24 -6.83
C LEU L 2 -29.07 31.60 -7.43
N THR L 3 -28.18 32.58 -7.24
CA THR L 3 -28.44 33.97 -7.61
C THR L 3 -27.95 34.25 -9.03
N GLN L 4 -28.89 34.51 -9.94
CA GLN L 4 -28.62 34.97 -11.30
C GLN L 4 -28.98 36.44 -11.40
N PRO L 5 -28.39 37.18 -12.35
CA PRO L 5 -28.82 38.55 -12.58
C PRO L 5 -30.22 38.60 -13.16
N PRO L 6 -30.95 39.70 -12.97
CA PRO L 6 -32.33 39.74 -13.49
C PRO L 6 -32.37 39.79 -15.01
N SER L 7 -31.45 40.51 -15.64
CA SER L 7 -31.42 40.62 -17.09
C SER L 7 -30.04 41.07 -17.53
N VAL L 8 -29.74 40.80 -18.81
CA VAL L 8 -28.54 41.32 -19.47
C VAL L 8 -28.93 41.80 -20.87
N SER L 9 -28.51 43.01 -21.20
CA SER L 9 -28.67 43.57 -22.54
C SER L 9 -27.65 42.93 -23.49
N GLY L 10 -27.91 43.10 -24.78
CA GLY L 10 -27.01 42.55 -25.78
C GLY L 10 -26.72 43.49 -26.93
N ALA L 11 -26.04 42.98 -27.95
CA ALA L 11 -25.84 43.66 -29.22
C ALA L 11 -25.44 42.60 -30.24
N PRO L 12 -26.21 42.43 -31.33
CA PRO L 12 -25.96 41.29 -32.22
C PRO L 12 -24.49 41.16 -32.60
N GLY L 13 -23.99 39.93 -32.51
CA GLY L 13 -22.57 39.64 -32.64
C GLY L 13 -21.78 39.62 -31.33
N GLN L 14 -22.02 40.60 -30.47
CA GLN L 14 -21.24 40.72 -29.23
C GLN L 14 -21.48 39.52 -28.30
N ARG L 15 -20.74 39.50 -27.19
CA ARG L 15 -20.73 38.38 -26.27
C ARG L 15 -21.08 38.86 -24.87
N VAL L 16 -21.84 38.04 -24.15
CA VAL L 16 -22.37 38.43 -22.84
C VAL L 16 -22.25 37.26 -21.87
N THR L 17 -22.11 37.59 -20.58
CA THR L 17 -21.88 36.63 -19.50
C THR L 17 -23.04 36.63 -18.51
N ILE L 18 -23.44 35.44 -18.08
CA ILE L 18 -24.53 35.24 -17.13
C ILE L 18 -23.98 34.55 -15.89
N SER L 19 -24.20 35.17 -14.72
CA SER L 19 -23.56 34.78 -13.46
C SER L 19 -24.52 33.91 -12.64
N CYS L 20 -24.18 32.64 -12.48
CA CYS L 20 -24.90 31.75 -11.56
C CYS L 20 -24.11 31.72 -10.25
N THR L 21 -24.54 32.52 -9.29
CA THR L 21 -23.81 32.75 -8.04
C THR L 21 -24.41 31.86 -6.96
N GLY L 22 -23.79 30.70 -6.75
CA GLY L 22 -24.25 29.76 -5.76
C GLY L 22 -23.50 29.87 -4.43
N SER L 23 -23.96 29.05 -3.48
CA SER L 23 -23.42 29.01 -2.13
C SER L 23 -22.45 27.84 -1.97
N SER L 24 -21.97 27.65 -0.75
CA SER L 24 -21.05 26.53 -0.49
C SER L 24 -21.77 25.21 -0.33
N SER L 25 -23.10 25.25 -0.24
CA SER L 25 -23.89 24.03 -0.05
C SER L 25 -24.19 23.31 -1.36
N ASN L 26 -24.18 24.02 -2.49
CA ASN L 26 -24.59 23.42 -3.77
C ASN L 26 -23.45 23.34 -4.77
N ILE L 27 -22.85 24.47 -5.15
CA ILE L 27 -21.70 24.40 -6.04
C ILE L 27 -20.41 24.33 -5.24
N GLY L 28 -20.45 24.67 -3.94
CA GLY L 28 -19.30 24.42 -3.08
C GLY L 28 -18.91 22.96 -3.04
N ALA L 29 -19.90 22.08 -2.90
CA ALA L 29 -19.66 20.67 -3.19
C ALA L 29 -19.51 20.47 -4.70
N GLY L 30 -19.05 19.30 -5.07
CA GLY L 30 -18.70 19.08 -6.47
C GLY L 30 -19.90 18.84 -7.37
N PHE L 31 -21.05 19.40 -7.01
CA PHE L 31 -22.25 19.24 -7.81
C PHE L 31 -22.15 20.08 -9.07
N ASP L 32 -22.45 19.46 -10.21
CA ASP L 32 -22.34 20.16 -11.48
C ASP L 32 -23.49 21.14 -11.66
N VAL L 33 -23.23 22.19 -12.43
CA VAL L 33 -24.18 23.27 -12.69
C VAL L 33 -24.48 23.34 -14.18
N HIS L 34 -25.76 23.47 -14.52
CA HIS L 34 -26.25 23.33 -15.87
C HIS L 34 -27.06 24.55 -16.28
N TRP L 35 -27.44 24.60 -17.55
CA TRP L 35 -28.23 25.71 -18.03
C TRP L 35 -29.37 25.21 -18.92
N TYR L 36 -30.44 26.01 -18.94
CA TYR L 36 -31.65 25.76 -19.71
C TYR L 36 -32.07 27.05 -20.38
N GLN L 37 -32.52 26.91 -21.64
CA GLN L 37 -32.94 28.03 -22.47
C GLN L 37 -34.46 27.98 -22.62
N GLN L 38 -35.14 29.02 -22.18
CA GLN L 38 -36.59 29.10 -22.23
C GLN L 38 -36.95 30.24 -23.17
N LEU L 39 -37.43 29.88 -24.37
CA LEU L 39 -38.04 30.80 -25.31
C LEU L 39 -39.47 31.12 -24.85
N PRO L 40 -39.99 32.30 -25.21
CA PRO L 40 -41.27 32.72 -24.63
C PRO L 40 -42.39 31.76 -24.99
N GLY L 41 -43.19 31.40 -23.98
CA GLY L 41 -44.33 30.52 -24.18
C GLY L 41 -43.99 29.09 -24.61
N THR L 42 -42.70 28.75 -24.57
CA THR L 42 -42.23 27.41 -24.90
C THR L 42 -41.73 26.71 -23.64
N ALA L 43 -41.36 25.45 -23.82
CA ALA L 43 -40.72 24.69 -22.78
C ALA L 43 -39.24 25.02 -22.70
N PRO L 44 -38.60 24.77 -21.57
CA PRO L 44 -37.13 24.88 -21.52
C PRO L 44 -36.45 23.79 -22.33
N LYS L 45 -35.35 24.20 -22.98
CA LYS L 45 -34.48 23.32 -23.75
C LYS L 45 -33.19 23.16 -22.97
N LEU L 46 -32.59 21.98 -23.08
CA LEU L 46 -31.36 21.70 -22.38
C LEU L 46 -30.19 22.32 -23.13
N LEU L 47 -29.57 23.32 -22.50
CA LEU L 47 -28.26 23.87 -22.84
C LEU L 47 -27.14 23.13 -22.11
N ILE L 48 -26.11 23.88 -21.75
CA ILE L 48 -24.74 23.52 -21.38
C ILE L 48 -24.55 22.46 -20.27
N TYR L 49 -25.54 21.60 -20.03
CA TYR L 49 -25.42 20.45 -19.10
C TYR L 49 -23.99 19.88 -18.93
N GLY L 50 -23.58 19.62 -17.69
CA GLY L 50 -22.24 19.17 -17.40
C GLY L 50 -21.22 20.28 -17.25
N ASN L 51 -21.68 21.51 -17.00
CA ASN L 51 -20.91 22.75 -16.84
C ASN L 51 -20.28 23.25 -18.14
N SER L 52 -20.11 22.37 -19.13
CA SER L 52 -19.45 22.79 -20.36
C SER L 52 -20.00 22.09 -21.60
N PHE L 53 -20.70 20.98 -21.40
CA PHE L 53 -21.00 20.05 -22.49
C PHE L 53 -22.29 20.48 -23.21
N ARG L 54 -22.16 20.87 -24.47
CA ARG L 54 -23.35 21.22 -25.25
C ARG L 54 -24.01 19.96 -25.79
N PRO L 55 -25.30 19.78 -25.57
CA PRO L 55 -25.96 18.59 -26.10
C PRO L 55 -26.09 18.62 -27.62
N SER L 56 -26.68 17.56 -28.18
CA SER L 56 -26.83 17.49 -29.62
C SER L 56 -27.80 18.57 -30.09
N GLY L 57 -27.31 19.52 -30.88
CA GLY L 57 -28.14 20.58 -31.42
C GLY L 57 -27.81 21.98 -30.96
N VAL L 58 -26.81 22.17 -30.11
CA VAL L 58 -26.49 23.51 -29.61
C VAL L 58 -25.32 24.05 -30.42
N PRO L 59 -25.30 25.34 -30.74
CA PRO L 59 -24.16 25.92 -31.45
C PRO L 59 -22.97 26.16 -30.52
N ASP L 60 -21.79 26.18 -31.14
CA ASP L 60 -20.54 26.42 -30.42
C ASP L 60 -20.53 27.75 -29.67
N ARG L 61 -21.39 28.69 -30.09
CA ARG L 61 -21.42 30.02 -29.48
C ARG L 61 -21.60 29.93 -27.97
N PHE L 62 -22.37 28.95 -27.51
CA PHE L 62 -22.71 28.76 -26.11
C PHE L 62 -21.59 28.00 -25.42
N SER L 63 -20.74 28.71 -24.69
CA SER L 63 -19.72 28.10 -23.86
C SER L 63 -20.15 28.18 -22.40
N GLY L 64 -19.59 27.30 -21.57
CA GLY L 64 -19.93 27.27 -20.16
C GLY L 64 -18.77 26.90 -19.26
N SER L 65 -18.67 27.57 -18.11
CA SER L 65 -17.58 27.35 -17.17
C SER L 65 -18.14 27.14 -15.77
N LYS L 66 -17.23 26.84 -14.83
CA LYS L 66 -17.52 26.70 -13.41
C LYS L 66 -16.19 26.80 -12.65
N SER L 67 -16.20 27.54 -11.56
CA SER L 67 -14.97 27.68 -10.76
C SER L 67 -15.36 28.08 -9.34
N GLY L 68 -15.28 27.12 -8.43
CA GLY L 68 -15.50 27.42 -7.01
C GLY L 68 -16.99 27.32 -6.64
N THR L 69 -17.59 28.48 -6.36
CA THR L 69 -19.00 28.54 -5.93
C THR L 69 -19.89 29.24 -6.94
N SER L 70 -19.46 29.33 -8.20
CA SER L 70 -20.21 30.09 -9.19
C SER L 70 -19.87 29.57 -10.59
N ALA L 71 -20.72 29.94 -11.56
CA ALA L 71 -20.52 29.58 -12.95
C ALA L 71 -20.90 30.76 -13.83
N SER L 72 -20.46 30.71 -15.09
CA SER L 72 -20.80 31.73 -16.09
C SER L 72 -21.22 31.08 -17.39
N LEU L 73 -22.33 31.55 -17.94
CA LEU L 73 -22.71 31.23 -19.30
C LEU L 73 -22.19 32.33 -20.22
N ALA L 74 -21.73 31.94 -21.41
CA ALA L 74 -21.19 32.88 -22.39
C ALA L 74 -21.97 32.74 -23.68
N ILE L 75 -22.62 33.83 -24.10
CA ILE L 75 -23.32 33.91 -25.37
C ILE L 75 -22.44 34.69 -26.34
N ALA L 76 -22.09 34.06 -27.45
CA ALA L 76 -21.27 34.67 -28.49
C ALA L 76 -22.07 34.77 -29.78
N GLY L 77 -21.83 35.85 -30.52
CA GLY L 77 -22.54 36.04 -31.77
C GLY L 77 -24.04 36.05 -31.58
N LEU L 78 -24.53 37.07 -30.88
CA LEU L 78 -25.95 37.11 -30.50
C LEU L 78 -26.85 37.12 -31.72
N GLN L 79 -27.99 36.45 -31.58
CA GLN L 79 -29.02 36.38 -32.61
C GLN L 79 -30.35 36.80 -32.02
N ALA L 80 -31.28 37.16 -32.92
CA ALA L 80 -32.66 37.35 -32.49
C ALA L 80 -33.25 36.06 -31.96
N GLU L 81 -32.71 34.92 -32.37
CA GLU L 81 -33.16 33.62 -31.86
C GLU L 81 -32.71 33.36 -30.43
N ASP L 82 -31.81 34.20 -29.90
CA ASP L 82 -31.27 34.03 -28.55
C ASP L 82 -32.00 34.85 -27.50
N GLU L 83 -32.94 35.69 -27.90
CA GLU L 83 -33.72 36.50 -26.96
C GLU L 83 -34.63 35.58 -26.15
N ALA L 84 -34.32 35.38 -24.88
CA ALA L 84 -35.02 34.36 -24.09
C ALA L 84 -34.58 34.47 -22.62
N ASP L 85 -35.24 33.68 -21.77
CA ASP L 85 -34.87 33.57 -20.37
C ASP L 85 -33.97 32.36 -20.17
N TYR L 86 -32.95 32.50 -19.31
CA TYR L 86 -31.97 31.45 -19.08
C TYR L 86 -31.91 31.07 -17.60
N TYR L 87 -31.88 29.77 -17.32
CA TYR L 87 -31.85 29.29 -15.94
C TYR L 87 -30.66 28.37 -15.73
N CYS L 88 -29.95 28.56 -14.61
CA CYS L 88 -28.94 27.59 -14.17
C CYS L 88 -29.54 26.66 -13.12
N GLN L 89 -29.04 25.42 -13.09
CA GLN L 89 -29.65 24.40 -12.26
C GLN L 89 -28.58 23.46 -11.73
N SER L 90 -28.62 23.15 -10.45
CA SER L 90 -27.65 22.23 -9.86
C SER L 90 -28.35 21.49 -8.71
N TYR L 91 -27.59 20.85 -7.83
CA TYR L 91 -28.11 20.14 -6.68
C TYR L 91 -27.65 20.83 -5.40
N ASP L 92 -28.51 20.81 -4.39
CA ASP L 92 -28.14 21.37 -3.08
C ASP L 92 -28.44 20.34 -2.00
N SER L 93 -27.41 20.03 -1.20
CA SER L 93 -27.51 19.02 -0.14
C SER L 93 -28.12 19.58 1.14
N SER L 94 -27.85 20.85 1.45
CA SER L 94 -28.51 21.45 2.62
C SER L 94 -30.02 21.48 2.45
N LEU L 95 -30.53 21.37 1.22
CA LEU L 95 -31.97 21.27 0.99
C LEU L 95 -32.37 19.90 0.46
N SER L 96 -31.40 19.03 0.18
CA SER L 96 -31.63 17.66 -0.26
C SER L 96 -32.49 17.59 -1.52
N GLY L 97 -31.99 18.22 -2.58
CA GLY L 97 -32.67 18.17 -3.86
C GLY L 97 -32.15 19.22 -4.81
N VAL L 98 -32.68 19.19 -6.03
CA VAL L 98 -32.14 20.04 -7.09
C VAL L 98 -32.74 21.43 -7.00
N VAL L 99 -31.97 22.42 -7.44
CA VAL L 99 -32.34 23.82 -7.33
C VAL L 99 -32.04 24.52 -8.65
N PHE L 100 -32.94 25.42 -9.05
CA PHE L 100 -32.78 26.29 -10.21
C PHE L 100 -32.48 27.71 -9.75
N GLY L 101 -32.14 28.56 -10.71
CA GLY L 101 -31.85 29.95 -10.44
C GLY L 101 -33.07 30.84 -10.61
N GLY L 102 -32.85 32.14 -10.37
CA GLY L 102 -33.91 33.12 -10.53
C GLY L 102 -34.28 33.40 -11.97
N GLY L 103 -33.42 33.01 -12.91
CA GLY L 103 -33.69 33.34 -14.30
C GLY L 103 -33.04 34.64 -14.70
N THR L 104 -32.58 34.70 -15.95
CA THR L 104 -31.94 35.87 -16.53
C THR L 104 -32.64 36.18 -17.85
N LYS L 105 -33.08 37.43 -18.01
CA LYS L 105 -33.74 37.83 -19.24
C LYS L 105 -32.70 38.35 -20.22
N LEU L 106 -32.60 37.71 -21.37
CA LEU L 106 -31.63 38.05 -22.40
C LEU L 106 -32.39 38.74 -23.53
N THR L 107 -32.24 40.06 -23.61
CA THR L 107 -32.90 40.91 -24.59
C THR L 107 -31.89 41.30 -25.65
N VAL L 108 -32.11 40.84 -26.88
CA VAL L 108 -31.28 41.19 -28.02
C VAL L 108 -31.82 42.46 -28.66
N LEU L 109 -30.92 43.42 -28.88
CA LEU L 109 -31.25 44.70 -29.51
C LEU L 109 -31.65 44.44 -30.99
N GLY L 110 -31.95 45.49 -31.80
CA GLY L 110 -31.67 46.90 -31.60
C GLY L 110 -32.81 47.87 -31.34
N GLN L 111 -32.50 48.82 -30.47
CA GLN L 111 -33.32 49.95 -30.10
C GLN L 111 -32.44 50.90 -29.28
N PRO L 112 -32.93 52.07 -28.89
CA PRO L 112 -32.18 52.89 -27.93
C PRO L 112 -32.26 52.32 -26.53
N LYS L 113 -31.49 52.94 -25.63
CA LYS L 113 -31.45 52.57 -24.23
C LYS L 113 -32.32 53.57 -23.48
N ALA L 114 -33.62 53.30 -23.47
CA ALA L 114 -34.60 54.23 -22.92
C ALA L 114 -34.69 54.05 -21.41
N ALA L 115 -34.24 55.05 -20.66
CA ALA L 115 -34.40 55.05 -19.22
C ALA L 115 -35.89 55.10 -18.86
N PRO L 116 -36.27 54.61 -17.70
CA PRO L 116 -37.70 54.49 -17.38
C PRO L 116 -38.30 55.81 -16.91
N SER L 117 -39.59 55.97 -17.20
CA SER L 117 -40.38 57.10 -16.76
C SER L 117 -41.28 56.60 -15.63
N VAL L 118 -41.07 57.13 -14.42
CA VAL L 118 -41.73 56.63 -13.22
C VAL L 118 -42.56 57.75 -12.60
N THR L 119 -43.81 57.44 -12.27
CA THR L 119 -44.63 58.33 -11.45
C THR L 119 -45.19 57.56 -10.25
N LEU L 120 -45.17 58.17 -9.08
CA LEU L 120 -45.46 57.50 -7.83
C LEU L 120 -46.60 58.20 -7.10
N PHE L 121 -47.65 57.43 -6.77
CA PHE L 121 -48.86 57.95 -6.14
C PHE L 121 -49.01 57.41 -4.73
N PRO L 122 -49.37 58.26 -3.77
CA PRO L 122 -49.71 57.79 -2.42
C PRO L 122 -51.13 57.28 -2.38
N PRO L 123 -51.53 56.59 -1.30
CA PRO L 123 -52.89 56.05 -1.24
C PRO L 123 -53.90 57.18 -1.27
N SER L 124 -55.02 56.92 -1.93
CA SER L 124 -56.05 57.95 -2.03
C SER L 124 -56.60 58.30 -0.67
N SER L 125 -56.96 59.58 -0.49
CA SER L 125 -57.56 60.02 0.75
C SER L 125 -58.76 59.15 1.13
N GLU L 126 -59.51 58.70 0.13
CA GLU L 126 -60.66 57.86 0.39
C GLU L 126 -60.24 56.46 0.86
N GLU L 127 -59.22 55.90 0.24
CA GLU L 127 -58.81 54.54 0.60
C GLU L 127 -58.30 54.47 2.02
N LEU L 128 -57.56 55.50 2.46
CA LEU L 128 -57.11 55.55 3.83
C LEU L 128 -58.28 55.39 4.80
N GLN L 129 -59.42 56.00 4.48
CA GLN L 129 -60.59 55.97 5.33
C GLN L 129 -61.48 54.77 5.05
N ALA L 130 -61.19 54.00 4.01
CA ALA L 130 -61.71 52.64 3.92
C ALA L 130 -60.81 51.65 4.64
N ASN L 131 -59.87 52.14 5.45
CA ASN L 131 -58.93 51.31 6.20
C ASN L 131 -58.07 50.45 5.29
N LYS L 132 -57.42 51.10 4.33
CA LYS L 132 -56.53 50.44 3.38
C LYS L 132 -55.53 51.47 2.87
N ALA L 133 -54.41 50.99 2.35
CA ALA L 133 -53.43 51.89 1.75
C ALA L 133 -52.77 51.18 0.57
N THR L 134 -52.64 51.90 -0.55
CA THR L 134 -52.03 51.36 -1.76
C THR L 134 -51.18 52.44 -2.40
N LEU L 135 -49.87 52.20 -2.48
CA LEU L 135 -48.94 53.05 -3.19
C LEU L 135 -48.75 52.51 -4.60
N VAL L 136 -48.72 53.42 -5.58
CA VAL L 136 -48.76 53.02 -6.99
C VAL L 136 -47.52 53.58 -7.69
N CYS L 137 -46.68 52.67 -8.22
CA CYS L 137 -45.45 53.02 -8.92
C CYS L 137 -45.61 52.63 -10.38
N LEU L 138 -45.86 53.62 -11.25
CA LEU L 138 -46.08 53.39 -12.68
C LEU L 138 -44.78 53.61 -13.44
N ILE L 139 -44.40 52.61 -14.24
CA ILE L 139 -43.16 52.63 -15.01
C ILE L 139 -43.51 52.46 -16.49
N SER L 140 -43.07 53.41 -17.30
CA SER L 140 -43.36 53.38 -18.73
C SER L 140 -42.14 53.81 -19.53
N ASP L 141 -42.18 53.48 -20.83
CA ASP L 141 -41.22 53.96 -21.82
C ASP L 141 -39.78 53.60 -21.43
N PHE L 142 -39.53 52.30 -21.35
CA PHE L 142 -38.16 51.83 -21.15
C PHE L 142 -37.89 50.66 -22.08
N TYR L 143 -36.61 50.49 -22.42
CA TYR L 143 -36.11 49.40 -23.21
C TYR L 143 -34.70 49.11 -22.70
N PRO L 144 -34.32 47.84 -22.52
CA PRO L 144 -35.13 46.64 -22.78
C PRO L 144 -36.23 46.38 -21.74
N GLY L 145 -37.05 45.35 -21.99
CA GLY L 145 -38.19 45.06 -21.15
C GLY L 145 -37.86 44.30 -19.88
N ALA L 146 -37.14 44.97 -18.97
CA ALA L 146 -36.71 44.35 -17.72
C ALA L 146 -36.33 45.45 -16.74
N VAL L 147 -36.85 45.36 -15.53
CA VAL L 147 -36.66 46.35 -14.49
C VAL L 147 -36.48 45.63 -13.16
N THR L 148 -36.25 46.41 -12.09
CA THR L 148 -36.12 45.84 -10.75
C THR L 148 -36.63 46.87 -9.74
N VAL L 149 -37.84 46.64 -9.22
CA VAL L 149 -38.46 47.58 -8.28
C VAL L 149 -38.09 47.20 -6.86
N ALA L 150 -37.71 48.20 -6.08
CA ALA L 150 -37.46 48.02 -4.65
C ALA L 150 -38.15 49.14 -3.89
N TRP L 151 -38.73 48.80 -2.75
CA TRP L 151 -39.45 49.76 -1.94
C TRP L 151 -38.66 50.05 -0.66
N LYS L 152 -38.88 51.24 -0.10
CA LYS L 152 -38.08 51.73 1.03
C LYS L 152 -38.97 52.45 2.03
N ALA L 153 -38.94 51.99 3.29
CA ALA L 153 -39.69 52.59 4.39
C ALA L 153 -38.79 53.57 5.15
N ASP L 154 -38.62 54.75 4.53
CA ASP L 154 -37.84 55.90 4.99
C ASP L 154 -36.34 55.68 4.94
N SER L 155 -35.89 54.44 5.07
CA SER L 155 -34.55 54.05 4.70
C SER L 155 -34.57 52.61 4.19
N SER L 156 -35.47 51.81 4.78
CA SER L 156 -35.39 50.37 4.91
C SER L 156 -36.17 49.67 3.82
N PRO L 157 -35.61 48.59 3.28
CA PRO L 157 -36.32 47.79 2.27
C PRO L 157 -37.62 47.22 2.84
N VAL L 158 -38.51 46.85 1.92
CA VAL L 158 -39.82 46.32 2.26
C VAL L 158 -40.03 45.06 1.45
N LYS L 159 -40.08 43.91 2.13
CA LYS L 159 -40.19 42.64 1.41
C LYS L 159 -41.61 42.40 0.92
N ALA L 160 -42.56 42.29 1.83
CA ALA L 160 -43.92 41.88 1.49
C ALA L 160 -44.84 43.09 1.42
N GLY L 161 -46.04 42.85 0.88
CA GLY L 161 -46.95 43.91 0.52
C GLY L 161 -46.80 44.39 -0.91
N VAL L 162 -45.79 43.88 -1.63
CA VAL L 162 -45.44 44.34 -2.97
C VAL L 162 -46.00 43.37 -4.01
N GLU L 163 -46.46 43.90 -5.13
CA GLU L 163 -47.00 43.11 -6.23
C GLU L 163 -46.67 43.84 -7.52
N THR L 164 -45.78 43.27 -8.33
CA THR L 164 -45.36 43.88 -9.58
C THR L 164 -45.77 42.97 -10.72
N THR L 165 -46.00 43.57 -11.88
CA THR L 165 -46.47 42.84 -13.05
C THR L 165 -45.33 42.58 -14.04
N THR L 166 -45.62 41.73 -15.00
CA THR L 166 -44.69 41.43 -16.07
C THR L 166 -44.51 42.67 -16.94
N PRO L 167 -43.28 43.05 -17.29
CA PRO L 167 -43.10 44.12 -18.29
C PRO L 167 -43.77 43.74 -19.59
N SER L 168 -44.64 44.62 -20.09
CA SER L 168 -45.43 44.38 -21.29
C SER L 168 -45.18 45.47 -22.32
N LYS L 169 -45.49 45.14 -23.57
CA LYS L 169 -45.26 46.06 -24.68
C LYS L 169 -46.20 47.25 -24.61
N GLN L 170 -45.78 48.33 -25.26
CA GLN L 170 -46.62 49.49 -25.51
C GLN L 170 -46.95 49.57 -27.00
N SER L 171 -47.95 50.39 -27.33
CA SER L 171 -48.15 50.75 -28.72
C SER L 171 -46.95 51.54 -29.24
N ASN L 172 -46.26 52.26 -28.35
CA ASN L 172 -45.03 53.00 -28.63
C ASN L 172 -43.85 52.08 -28.86
N ASN L 173 -44.06 50.77 -28.90
CA ASN L 173 -43.01 49.76 -29.07
C ASN L 173 -41.94 49.82 -27.99
N LYS L 174 -42.27 50.36 -26.83
CA LYS L 174 -41.44 50.27 -25.62
C LYS L 174 -42.12 49.34 -24.63
N TYR L 175 -41.48 49.15 -23.49
CA TYR L 175 -42.06 48.34 -22.44
C TYR L 175 -42.53 49.22 -21.28
N ALA L 176 -43.42 48.66 -20.46
CA ALA L 176 -44.01 49.38 -19.34
C ALA L 176 -44.67 48.40 -18.39
N ALA L 177 -44.50 48.64 -17.10
CA ALA L 177 -45.14 47.81 -16.09
C ALA L 177 -45.35 48.63 -14.83
N SER L 178 -46.16 48.09 -13.93
CA SER L 178 -46.58 48.76 -12.71
C SER L 178 -46.22 47.91 -11.50
N SER L 179 -46.10 48.57 -10.34
CA SER L 179 -45.85 47.90 -9.08
C SER L 179 -46.67 48.57 -7.97
N TYR L 180 -47.38 47.77 -7.18
CA TYR L 180 -48.24 48.26 -6.12
C TYR L 180 -47.76 47.79 -4.77
N LEU L 181 -47.80 48.68 -3.77
CA LEU L 181 -47.46 48.33 -2.39
C LEU L 181 -48.70 48.48 -1.51
N SER L 182 -49.13 47.38 -0.88
CA SER L 182 -50.26 47.40 0.03
C SER L 182 -49.77 47.59 1.46
N LEU L 183 -50.32 48.59 2.15
CA LEU L 183 -49.95 48.89 3.52
C LEU L 183 -51.20 49.24 4.33
N THR L 184 -51.06 49.15 5.66
CA THR L 184 -52.12 49.59 6.57
C THR L 184 -52.01 51.10 6.80
N PRO L 185 -53.15 51.77 6.99
CA PRO L 185 -53.09 53.23 7.18
C PRO L 185 -52.06 53.68 8.21
N GLU L 186 -51.88 52.90 9.28
CA GLU L 186 -50.94 53.28 10.33
C GLU L 186 -49.50 53.14 9.86
N GLN L 187 -49.19 52.11 9.05
CA GLN L 187 -47.86 51.98 8.48
C GLN L 187 -47.53 53.18 7.60
N TRP L 188 -48.49 53.65 6.82
CA TRP L 188 -48.28 54.81 5.97
C TRP L 188 -48.11 56.08 6.81
N LYS L 189 -48.89 56.21 7.88
CA LYS L 189 -48.83 57.42 8.70
C LYS L 189 -47.65 57.42 9.66
N SER L 190 -47.19 56.25 10.09
CA SER L 190 -46.07 56.14 11.03
C SER L 190 -44.74 55.99 10.30
N HIS L 191 -44.47 56.90 9.36
CA HIS L 191 -43.25 56.86 8.58
C HIS L 191 -43.05 58.20 7.89
N ARG L 192 -41.79 58.63 7.82
CA ARG L 192 -41.45 59.93 7.24
C ARG L 192 -41.91 60.03 5.79
N SER L 193 -41.40 59.14 4.93
CA SER L 193 -41.69 59.21 3.50
C SER L 193 -41.31 57.89 2.85
N TYR L 194 -42.29 57.22 2.23
CA TYR L 194 -42.02 55.99 1.51
C TYR L 194 -41.39 56.28 0.15
N SER L 195 -40.63 55.31 -0.35
CA SER L 195 -39.89 55.51 -1.59
C SER L 195 -39.99 54.28 -2.48
N CYS L 196 -40.33 54.48 -3.75
CA CYS L 196 -40.24 53.46 -4.78
C CYS L 196 -39.05 53.76 -5.68
N GLN L 197 -38.15 52.79 -5.85
CA GLN L 197 -36.99 52.99 -6.72
C GLN L 197 -36.89 51.86 -7.72
N VAL L 198 -36.77 52.22 -9.00
CA VAL L 198 -36.67 51.26 -10.10
C VAL L 198 -35.23 51.28 -10.60
N THR L 199 -34.64 50.10 -10.77
CA THR L 199 -33.33 49.97 -11.38
C THR L 199 -33.46 49.32 -12.75
N HIS L 200 -32.71 49.85 -13.71
CA HIS L 200 -32.80 49.43 -15.11
C HIS L 200 -31.45 49.74 -15.77
N GLU L 201 -30.71 48.68 -16.12
CA GLU L 201 -29.39 48.80 -16.74
C GLU L 201 -28.46 49.65 -15.88
N GLY L 202 -28.37 49.31 -14.60
CA GLY L 202 -27.55 50.05 -13.67
C GLY L 202 -28.07 51.43 -13.32
N SER L 203 -29.15 51.87 -13.95
CA SER L 203 -29.77 53.14 -13.62
C SER L 203 -30.72 52.95 -12.43
N THR L 204 -30.90 54.02 -11.65
CA THR L 204 -31.75 53.97 -10.46
C THR L 204 -32.62 55.22 -10.42
N VAL L 205 -33.85 55.08 -10.93
CA VAL L 205 -34.85 56.14 -10.88
C VAL L 205 -35.63 56.00 -9.57
N GLU L 206 -35.38 56.91 -8.63
CA GLU L 206 -36.06 56.90 -7.34
C GLU L 206 -37.12 57.98 -7.29
N LYS L 207 -38.29 57.62 -6.77
CA LYS L 207 -39.40 58.53 -6.53
C LYS L 207 -39.90 58.30 -5.10
N THR L 208 -40.49 59.35 -4.51
CA THR L 208 -40.85 59.22 -3.11
C THR L 208 -42.10 60.06 -2.83
N VAL L 209 -42.82 59.68 -1.77
CA VAL L 209 -44.02 60.39 -1.31
C VAL L 209 -44.05 60.39 0.21
N ALA L 210 -44.77 61.38 0.76
CA ALA L 210 -44.81 61.58 2.20
C ALA L 210 -46.23 61.86 2.64
N PRO L 211 -46.59 61.45 3.87
CA PRO L 211 -47.93 61.74 4.41
C PRO L 211 -48.05 63.20 4.79
N THR L 212 -48.98 63.91 4.14
CA THR L 212 -49.16 65.33 4.40
C THR L 212 -50.65 65.69 4.29
#